data_6Z3K
#
_entry.id   6Z3K
#
_cell.length_a   292.350
_cell.length_b   87.130
_cell.length_c   177.030
_cell.angle_alpha   90.000
_cell.angle_beta   90.000
_cell.angle_gamma   90.000
#
_symmetry.space_group_name_H-M   'P 21 21 2'
#
loop_
_entity.id
_entity.type
_entity.pdbx_description
1 polymer 'Heavy chain'
2 polymer 'Light Chain'
3 non-polymer 1,2-ETHANEDIOL
4 water water
#
loop_
_entity_poly.entity_id
_entity_poly.type
_entity_poly.pdbx_seq_one_letter_code
_entity_poly.pdbx_strand_id
1 'polypeptide(L)'
;MGCVAQLQLQESGPGLVKPSETLSLTCTVSGGSISSSSYYWGWIRQPPGKGLEWIGSIYYSGSTYYNPSLKSRVTISVDT
SKNQFSLKLSSVTAADTAVYYCAREITMIAWFDPWGQGTLVTVSSASTKGPSVFPLAPSSKSTSGGTAALGCLVKDYFPE
PVTVSWNSGALTSGVHTFPAVLQSSGLYSLSSVVTVPSSSLGTQTYICNVNHKPSNTKVDKKVEPKSCDKHHHHHH
;
H,A,C,E,G,J,M,O,Q
2 'polypeptide(L)'
;MGCVADIQMTQSPSSLSASVGDRVTITCRASQGIRNDLGWYQQKPGKAPKLLIYAASSLQSGVPSRFSGSGSGTDFTLTI
SSLQPEDFATYYCLQDYNYLLTFGGGTKVEIKRTVAAPSVFIFPPSDEQLKSGTASVVCLLNNFYPREAKVQWKVDNALQ
SGNSQESVTEQDSKDSTYSLSSTLTLSKADYEKHKVYACEVTHQGLSSPVTKSFNRGEC
;
L,B,D,F,I,K,N,P,R
#
# COMPACT_ATOMS: atom_id res chain seq x y z
N GLN A 6 -1.98 -14.37 -6.05
CA GLN A 6 -0.58 -13.96 -5.89
C GLN A 6 -0.51 -12.43 -5.74
N LEU A 7 -0.05 -12.00 -4.57
CA LEU A 7 -0.01 -10.58 -4.27
C LEU A 7 1.04 -9.85 -5.10
N GLN A 8 0.61 -8.72 -5.65
CA GLN A 8 1.46 -7.87 -6.48
C GLN A 8 1.34 -6.43 -5.99
N LEU A 9 2.46 -5.72 -6.01
CA LEU A 9 2.52 -4.33 -5.60
C LEU A 9 2.98 -3.50 -6.79
N GLN A 10 2.17 -2.51 -7.15
CA GLN A 10 2.51 -1.56 -8.21
C GLN A 10 2.56 -0.17 -7.59
N GLU A 11 3.71 0.47 -7.64
CA GLU A 11 3.85 1.81 -7.10
C GLU A 11 3.87 2.85 -8.21
N SER A 12 3.43 4.06 -7.87
CA SER A 12 3.29 5.12 -8.86
C SER A 12 3.60 6.46 -8.21
N GLY A 13 3.95 7.42 -9.06
CA GLY A 13 4.33 8.73 -8.61
C GLY A 13 5.49 9.28 -9.41
N PRO A 14 5.62 10.61 -9.43
CA PRO A 14 6.67 11.24 -10.23
C PRO A 14 8.06 10.90 -9.70
N GLY A 15 8.99 10.71 -10.63
CA GLY A 15 10.38 10.48 -10.33
C GLY A 15 11.23 11.72 -10.19
N LEU A 16 10.64 12.91 -10.28
CA LEU A 16 11.37 14.18 -10.17
C LEU A 16 10.61 15.10 -9.23
N VAL A 17 11.26 15.54 -8.16
CA VAL A 17 10.66 16.42 -7.17
C VAL A 17 11.61 17.58 -6.91
N LYS A 18 11.08 18.80 -6.94
CA LYS A 18 11.92 19.97 -6.68
C LYS A 18 12.26 20.08 -5.19
N PRO A 19 13.40 20.68 -4.84
CA PRO A 19 13.78 20.80 -3.43
C PRO A 19 12.73 21.56 -2.64
N SER A 20 12.62 21.18 -1.36
CA SER A 20 11.70 21.77 -0.38
C SER A 20 10.25 21.36 -0.65
N GLU A 21 10.00 20.75 -1.81
CA GLU A 21 8.67 20.29 -2.15
C GLU A 21 8.44 18.92 -1.52
N THR A 22 7.29 18.33 -1.80
CA THR A 22 6.88 17.09 -1.14
C THR A 22 6.92 15.92 -2.11
N LEU A 23 7.64 14.87 -1.73
CA LEU A 23 7.66 13.64 -2.48
C LEU A 23 6.39 12.85 -2.17
N SER A 24 5.75 12.34 -3.21
CA SER A 24 4.48 11.62 -3.05
C SER A 24 4.53 10.34 -3.87
N LEU A 25 4.19 9.22 -3.23
CA LEU A 25 4.18 7.91 -3.87
C LEU A 25 2.99 7.11 -3.36
N THR A 26 2.44 6.26 -4.23
CA THR A 26 1.29 5.41 -3.93
C THR A 26 1.60 3.98 -4.33
N CYS A 27 1.18 3.03 -3.50
CA CYS A 27 1.35 1.61 -3.77
C CYS A 27 -0.03 0.97 -3.90
N THR A 28 -0.31 0.36 -5.05
CA THR A 28 -1.59 -0.30 -5.30
C THR A 28 -1.43 -1.82 -5.19
N VAL A 29 -2.29 -2.45 -4.40
CA VAL A 29 -2.23 -3.88 -4.11
C VAL A 29 -3.21 -4.63 -5.00
N SER A 30 -2.72 -5.58 -5.78
CA SER A 30 -3.56 -6.47 -6.56
C SER A 30 -3.34 -7.91 -6.11
N GLY A 31 -4.30 -8.78 -6.46
CA GLY A 31 -4.23 -10.17 -6.09
C GLY A 31 -4.48 -10.46 -4.63
N GLY A 32 -5.01 -9.50 -3.88
CA GLY A 32 -5.26 -9.69 -2.46
C GLY A 32 -5.74 -8.39 -1.86
N SER A 33 -6.19 -8.49 -0.62
CA SER A 33 -6.79 -7.35 0.08
C SER A 33 -5.77 -6.69 0.98
N ILE A 34 -5.71 -5.36 0.92
CA ILE A 34 -4.87 -4.62 1.87
C ILE A 34 -5.47 -4.67 3.26
N SER A 35 -6.74 -5.06 3.39
CA SER A 35 -7.43 -5.14 4.68
C SER A 35 -7.23 -6.52 5.31
N SER A 36 -5.97 -6.85 5.55
CA SER A 36 -5.60 -8.12 6.16
C SER A 36 -5.00 -7.87 7.54
N SER A 37 -5.51 -8.59 8.53
CA SER A 37 -5.01 -8.43 9.89
C SER A 37 -3.66 -9.07 10.11
N SER A 38 -3.10 -9.75 9.10
CA SER A 38 -1.85 -10.47 9.25
C SER A 38 -0.65 -9.73 8.68
N TYR A 39 -0.85 -8.53 8.13
CA TYR A 39 0.20 -7.85 7.39
C TYR A 39 0.23 -6.38 7.74
N TYR A 40 1.44 -5.82 7.71
CA TYR A 40 1.66 -4.39 7.67
C TYR A 40 2.15 -4.03 6.28
N TRP A 41 2.16 -2.72 5.98
CA TRP A 41 2.48 -2.22 4.65
C TRP A 41 3.50 -1.10 4.81
N GLY A 42 4.71 -1.31 4.25
CA GLY A 42 5.84 -0.47 4.55
C GLY A 42 6.48 0.17 3.33
N TRP A 43 7.31 1.18 3.62
CA TRP A 43 8.12 1.87 2.63
C TRP A 43 9.59 1.74 3.03
N ILE A 44 10.43 1.37 2.06
CA ILE A 44 11.87 1.29 2.23
C ILE A 44 12.51 2.08 1.09
N ARG A 45 13.59 2.79 1.38
CA ARG A 45 14.28 3.53 0.33
C ARG A 45 15.76 3.15 0.30
N GLN A 46 16.37 3.42 -0.85
CA GLN A 46 17.77 3.06 -1.09
C GLN A 46 18.42 4.13 -1.94
N PRO A 47 19.25 4.98 -1.34
CA PRO A 47 19.99 5.95 -2.14
C PRO A 47 20.90 5.26 -3.11
N PRO A 48 21.19 5.88 -4.26
CA PRO A 48 22.02 5.23 -5.28
C PRO A 48 23.39 4.84 -4.75
N GLY A 49 23.72 3.56 -4.89
CA GLY A 49 24.99 3.04 -4.43
C GLY A 49 25.08 2.79 -2.95
N LYS A 50 23.98 2.95 -2.22
CA LYS A 50 23.97 2.85 -0.77
C LYS A 50 23.05 1.71 -0.34
N GLY A 51 22.80 1.63 0.96
CA GLY A 51 22.06 0.54 1.56
C GLY A 51 20.57 0.83 1.65
N LEU A 52 19.89 -0.02 2.40
CA LEU A 52 18.44 0.04 2.58
C LEU A 52 18.06 0.75 3.87
N GLU A 53 17.05 1.62 3.79
CA GLU A 53 16.56 2.32 4.97
C GLU A 53 15.03 2.19 5.02
N TRP A 54 14.53 1.66 6.13
CA TRP A 54 13.10 1.57 6.36
C TRP A 54 12.53 2.95 6.71
N ILE A 55 11.46 3.33 6.05
CA ILE A 55 10.82 4.63 6.29
C ILE A 55 9.70 4.51 7.30
N GLY A 56 8.77 3.58 7.08
CA GLY A 56 7.68 3.37 8.03
C GLY A 56 6.74 2.31 7.50
N SER A 57 5.84 1.88 8.39
CA SER A 57 4.85 0.87 8.04
C SER A 57 3.49 1.30 8.57
N ILE A 58 2.44 0.75 7.96
CA ILE A 58 1.08 1.10 8.34
C ILE A 58 0.21 -0.15 8.37
N TYR A 59 -0.68 -0.21 9.34
CA TYR A 59 -1.69 -1.25 9.44
C TYR A 59 -2.96 -0.79 8.76
N TYR A 60 -3.77 -1.75 8.29
CA TYR A 60 -4.97 -1.39 7.53
C TYR A 60 -5.96 -0.59 8.36
N SER A 61 -5.91 -0.70 9.68
CA SER A 61 -6.74 0.16 10.53
C SER A 61 -6.25 1.60 10.54
N GLY A 62 -4.98 1.83 10.25
CA GLY A 62 -4.41 3.16 10.24
C GLY A 62 -3.27 3.38 11.20
N SER A 63 -3.02 2.50 12.16
CA SER A 63 -1.89 2.67 13.06
C SER A 63 -0.58 2.61 12.28
N THR A 64 0.34 3.49 12.65
CA THR A 64 1.59 3.65 11.91
C THR A 64 2.79 3.44 12.84
N TYR A 65 3.88 2.98 12.23
CA TYR A 65 5.20 2.91 12.87
C TYR A 65 6.19 3.57 11.92
N TYR A 66 6.92 4.56 12.39
CA TYR A 66 7.82 5.34 11.55
C TYR A 66 9.26 5.14 11.98
N ASN A 67 10.17 5.32 11.02
CA ASN A 67 11.58 5.44 11.33
C ASN A 67 11.77 6.75 12.08
N PRO A 68 12.22 6.73 13.33
CA PRO A 68 12.29 8.00 14.08
C PRO A 68 13.23 9.02 13.48
N SER A 69 14.17 8.62 12.63
CA SER A 69 15.05 9.60 12.02
C SER A 69 14.38 10.41 10.91
N LEU A 70 13.15 10.03 10.52
CA LEU A 70 12.40 10.75 9.48
C LEU A 70 10.97 11.04 9.91
N LYS A 71 10.64 10.83 11.19
CA LYS A 71 9.25 10.89 11.63
C LYS A 71 8.64 12.28 11.42
N SER A 72 9.43 13.34 11.60
CA SER A 72 8.90 14.69 11.49
C SER A 72 8.53 15.05 10.06
N ARG A 73 9.05 14.31 9.08
CA ARG A 73 8.90 14.63 7.67
C ARG A 73 8.08 13.61 6.90
N VAL A 74 7.58 12.57 7.55
CA VAL A 74 6.97 11.43 6.87
C VAL A 74 5.52 11.32 7.29
N THR A 75 4.67 11.03 6.32
CA THR A 75 3.31 10.61 6.57
C THR A 75 3.02 9.40 5.70
N ILE A 76 2.50 8.34 6.31
CA ILE A 76 2.05 7.16 5.59
C ILE A 76 0.56 6.98 5.86
N SER A 77 -0.22 6.88 4.80
CA SER A 77 -1.65 6.69 4.89
C SER A 77 -2.04 5.40 4.18
N VAL A 78 -3.25 4.93 4.47
CA VAL A 78 -3.79 3.72 3.85
C VAL A 78 -5.21 4.01 3.40
N ASP A 79 -5.57 3.45 2.25
CA ASP A 79 -6.91 3.62 1.66
C ASP A 79 -7.45 2.22 1.38
N THR A 80 -8.16 1.65 2.36
CA THR A 80 -8.64 0.28 2.21
C THR A 80 -9.69 0.15 1.12
N SER A 81 -10.46 1.21 0.89
CA SER A 81 -11.50 1.16 -0.14
C SER A 81 -10.91 1.07 -1.54
N LYS A 82 -9.77 1.72 -1.77
CA LYS A 82 -9.09 1.67 -3.06
C LYS A 82 -7.89 0.73 -3.05
N ASN A 83 -7.70 -0.03 -1.96
CA ASN A 83 -6.63 -1.03 -1.86
C ASN A 83 -5.25 -0.44 -2.15
N GLN A 84 -4.98 0.73 -1.59
CA GLN A 84 -3.72 1.43 -1.77
C GLN A 84 -3.19 1.89 -0.42
N PHE A 85 -1.88 2.13 -0.37
CA PHE A 85 -1.29 2.91 0.70
C PHE A 85 -0.23 3.83 0.09
N SER A 86 -0.03 4.98 0.72
CA SER A 86 0.75 6.05 0.12
C SER A 86 1.82 6.54 1.08
N LEU A 87 2.78 7.29 0.52
CA LEU A 87 3.89 7.88 1.25
C LEU A 87 4.01 9.36 0.89
N LYS A 88 4.23 10.19 1.91
CA LYS A 88 4.52 11.60 1.71
C LYS A 88 5.77 11.96 2.51
N LEU A 89 6.74 12.57 1.83
CA LEU A 89 7.98 13.02 2.46
C LEU A 89 8.13 14.52 2.19
N SER A 90 8.15 15.31 3.26
CA SER A 90 8.14 16.76 3.14
C SER A 90 9.55 17.33 3.06
N SER A 91 9.63 18.55 2.53
CA SER A 91 10.87 19.33 2.47
C SER A 91 12.05 18.51 1.97
N VAL A 92 11.85 17.86 0.82
CA VAL A 92 12.88 16.95 0.33
C VAL A 92 14.12 17.75 -0.07
N THR A 93 15.26 17.12 0.09
CA THR A 93 16.56 17.64 -0.32
C THR A 93 17.23 16.61 -1.22
N ALA A 94 18.40 16.97 -1.75
CA ALA A 94 19.13 16.03 -2.60
C ALA A 94 19.46 14.75 -1.85
N ALA A 95 19.55 14.82 -0.52
CA ALA A 95 19.80 13.64 0.29
C ALA A 95 18.64 12.66 0.27
N ASP A 96 17.49 13.07 -0.27
CA ASP A 96 16.33 12.20 -0.38
C ASP A 96 16.21 11.54 -1.76
N THR A 97 17.12 11.84 -2.67
CA THR A 97 17.21 11.10 -3.93
C THR A 97 17.49 9.64 -3.63
N ALA A 98 16.59 8.77 -4.04
CA ALA A 98 16.70 7.35 -3.74
C ALA A 98 15.68 6.58 -4.58
N VAL A 99 15.83 5.27 -4.59
CA VAL A 99 14.81 4.38 -5.08
C VAL A 99 13.91 4.01 -3.91
N TYR A 100 12.61 4.22 -4.07
CA TYR A 100 11.64 3.97 -3.02
C TYR A 100 10.88 2.69 -3.36
N TYR A 101 10.76 1.81 -2.36
CA TYR A 101 10.08 0.53 -2.52
C TYR A 101 8.92 0.46 -1.55
N CYS A 102 7.82 -0.14 -2.00
CA CYS A 102 6.79 -0.58 -1.07
C CYS A 102 6.87 -2.10 -0.91
N ALA A 103 6.46 -2.58 0.26
CA ALA A 103 6.51 -4.00 0.54
C ALA A 103 5.43 -4.35 1.54
N ARG A 104 5.03 -5.62 1.49
CA ARG A 104 4.12 -6.18 2.48
C ARG A 104 4.96 -6.75 3.62
N GLU A 105 4.59 -6.43 4.86
CA GLU A 105 5.40 -6.72 6.02
C GLU A 105 4.68 -7.66 6.98
N ILE A 106 5.44 -8.58 7.58
CA ILE A 106 5.01 -9.31 8.76
C ILE A 106 5.92 -8.90 9.91
N THR A 107 5.33 -8.45 11.01
CA THR A 107 6.13 -7.90 12.11
C THR A 107 6.90 -9.01 12.83
N MET A 108 7.94 -8.58 13.56
CA MET A 108 8.74 -9.38 14.47
C MET A 108 9.66 -10.37 13.76
N ILE A 109 9.25 -10.96 12.65
CA ILE A 109 10.06 -11.94 11.96
C ILE A 109 10.88 -11.33 10.82
N ALA A 110 10.85 -10.00 10.68
CA ALA A 110 11.63 -9.28 9.67
C ALA A 110 11.31 -9.75 8.25
N TRP A 111 10.02 -9.82 7.95
CA TRP A 111 9.50 -10.33 6.68
C TRP A 111 9.01 -9.17 5.82
N PHE A 112 9.60 -9.03 4.63
CA PHE A 112 9.15 -8.09 3.61
C PHE A 112 8.96 -8.88 2.31
N ASP A 113 7.70 -9.20 1.98
CA ASP A 113 7.42 -9.98 0.78
C ASP A 113 5.95 -9.91 0.43
N PRO A 114 5.60 -9.51 -0.80
CA PRO A 114 6.53 -9.11 -1.86
C PRO A 114 6.89 -7.63 -1.85
N TRP A 115 7.65 -7.20 -2.86
CA TRP A 115 8.07 -5.82 -3.00
C TRP A 115 7.53 -5.22 -4.29
N GLY A 116 7.41 -3.91 -4.30
CA GLY A 116 7.24 -3.20 -5.55
C GLY A 116 8.52 -3.19 -6.34
N GLN A 117 8.39 -2.83 -7.62
CA GLN A 117 9.58 -2.83 -8.47
C GLN A 117 10.51 -1.67 -8.16
N GLY A 118 10.10 -0.73 -7.32
CA GLY A 118 10.94 0.38 -6.96
C GLY A 118 10.84 1.54 -7.93
N THR A 119 10.67 2.74 -7.41
CA THR A 119 10.61 3.96 -8.19
C THR A 119 11.77 4.86 -7.77
N LEU A 120 12.60 5.23 -8.73
CA LEU A 120 13.67 6.19 -8.48
C LEU A 120 13.10 7.61 -8.46
N VAL A 121 13.35 8.34 -7.39
CA VAL A 121 12.94 9.74 -7.27
C VAL A 121 14.19 10.60 -7.18
N THR A 122 14.33 11.53 -8.11
CA THR A 122 15.44 12.46 -8.16
C THR A 122 14.98 13.80 -7.59
N VAL A 123 15.66 14.27 -6.55
CA VAL A 123 15.36 15.58 -5.97
C VAL A 123 16.27 16.59 -6.65
N SER A 124 15.70 17.46 -7.46
CA SER A 124 16.47 18.42 -8.23
C SER A 124 15.52 19.49 -8.75
N SER A 125 16.01 20.74 -8.80
CA SER A 125 15.24 21.80 -9.42
C SER A 125 15.39 21.84 -10.93
N ALA A 126 16.24 20.99 -11.50
CA ALA A 126 16.51 21.03 -12.92
C ALA A 126 15.30 20.57 -13.72
N SER A 127 15.30 20.96 -15.00
CA SER A 127 14.21 20.65 -15.91
C SER A 127 14.41 19.27 -16.53
N THR A 128 13.29 18.65 -16.88
CA THR A 128 13.30 17.35 -17.53
C THR A 128 13.72 17.48 -19.00
N LYS A 129 14.50 16.52 -19.47
CA LYS A 129 14.97 16.51 -20.85
C LYS A 129 14.89 15.10 -21.41
N GLY A 130 14.30 14.97 -22.59
CA GLY A 130 14.18 13.69 -23.25
C GLY A 130 15.43 13.35 -24.04
N PRO A 131 15.68 12.06 -24.23
CA PRO A 131 16.92 11.63 -24.88
C PRO A 131 16.82 11.57 -26.41
N SER A 132 17.99 11.68 -27.03
CA SER A 132 18.18 11.36 -28.44
C SER A 132 18.73 9.94 -28.55
N VAL A 133 18.24 9.18 -29.53
CA VAL A 133 18.61 7.78 -29.70
C VAL A 133 19.26 7.61 -31.05
N PHE A 134 20.49 7.08 -31.06
CA PHE A 134 21.27 6.87 -32.26
C PHE A 134 21.65 5.39 -32.39
N PRO A 135 21.66 4.85 -33.61
CA PRO A 135 21.98 3.42 -33.78
C PRO A 135 23.48 3.16 -33.70
N LEU A 136 23.84 2.09 -33.03
CA LEU A 136 25.20 1.56 -33.12
C LEU A 136 25.17 0.48 -34.20
N ALA A 137 25.42 0.90 -35.43
CA ALA A 137 25.21 0.02 -36.58
C ALA A 137 26.21 -1.13 -36.57
N PRO A 138 25.76 -2.36 -36.83
CA PRO A 138 26.72 -3.48 -36.91
C PRO A 138 27.56 -3.39 -38.16
N SER A 139 28.88 -3.48 -38.00
CA SER A 139 29.83 -3.44 -39.10
C SER A 139 30.78 -4.62 -38.97
N SER A 140 30.71 -5.55 -39.92
CA SER A 140 31.64 -6.68 -39.95
C SER A 140 31.84 -7.21 -41.38
N GLY A 146 31.09 -14.89 -37.36
CA GLY A 146 29.84 -15.59 -37.11
C GLY A 146 28.79 -14.74 -36.41
N THR A 147 29.21 -13.99 -35.40
CA THR A 147 28.29 -13.15 -34.64
C THR A 147 28.64 -11.67 -34.81
N ALA A 148 27.61 -10.83 -34.74
CA ALA A 148 27.75 -9.39 -34.91
C ALA A 148 27.17 -8.68 -33.69
N ALA A 149 27.67 -7.48 -33.42
CA ALA A 149 27.20 -6.67 -32.32
C ALA A 149 26.54 -5.41 -32.86
N LEU A 150 25.41 -5.04 -32.29
CA LEU A 150 24.71 -3.83 -32.66
C LEU A 150 24.06 -3.25 -31.42
N GLY A 151 23.69 -1.97 -31.48
CA GLY A 151 23.10 -1.38 -30.30
C GLY A 151 22.55 0.01 -30.54
N CYS A 152 22.18 0.64 -29.43
CA CYS A 152 21.58 1.97 -29.43
C CYS A 152 22.35 2.86 -28.46
N LEU A 153 22.55 4.11 -28.86
CA LEU A 153 23.15 5.14 -28.01
C LEU A 153 22.03 6.08 -27.57
N VAL A 154 21.76 6.09 -26.27
CA VAL A 154 20.70 6.93 -25.68
C VAL A 154 21.41 8.11 -25.03
N LYS A 155 21.36 9.27 -25.67
CA LYS A 155 22.22 10.39 -25.30
C LYS A 155 21.41 11.59 -24.80
N ASP A 156 21.93 12.24 -23.76
CA ASP A 156 21.49 13.57 -23.31
C ASP A 156 20.05 13.61 -22.80
N TYR A 157 19.82 13.04 -21.61
CA TYR A 157 18.51 13.08 -20.97
C TYR A 157 18.67 13.43 -19.50
N PHE A 158 17.56 13.84 -18.89
CA PHE A 158 17.54 14.14 -17.45
C PHE A 158 16.09 14.10 -16.99
N PRO A 159 15.80 13.49 -15.81
CA PRO A 159 16.80 12.77 -15.04
C PRO A 159 16.79 11.29 -15.37
N GLU A 160 17.49 10.50 -14.57
CA GLU A 160 17.40 9.06 -14.67
C GLU A 160 16.01 8.62 -14.22
N PRO A 161 15.55 7.44 -14.68
CA PRO A 161 16.17 6.50 -15.59
C PRO A 161 15.52 6.41 -16.98
N VAL A 162 16.20 5.74 -17.91
CA VAL A 162 15.57 5.29 -19.15
C VAL A 162 15.52 3.76 -19.13
N THR A 163 14.52 3.22 -19.79
CA THR A 163 14.35 1.78 -19.95
C THR A 163 14.66 1.41 -21.40
N VAL A 164 15.43 0.35 -21.59
CA VAL A 164 15.75 -0.13 -22.93
C VAL A 164 15.40 -1.60 -23.03
N SER A 165 14.57 -1.94 -24.01
CA SER A 165 14.30 -3.32 -24.38
C SER A 165 14.59 -3.49 -25.86
N TRP A 166 14.60 -4.74 -26.31
CA TRP A 166 14.87 -5.06 -27.70
C TRP A 166 13.73 -5.91 -28.23
N ASN A 167 13.22 -5.52 -29.39
CA ASN A 167 12.09 -6.18 -30.01
C ASN A 167 10.92 -6.30 -29.04
N SER A 168 10.64 -5.19 -28.35
CA SER A 168 9.53 -5.11 -27.41
C SER A 168 9.63 -6.16 -26.31
N GLY A 169 10.86 -6.57 -26.00
CA GLY A 169 11.09 -7.58 -24.99
C GLY A 169 11.36 -8.96 -25.52
N ALA A 170 11.12 -9.20 -26.82
CA ALA A 170 11.29 -10.53 -27.39
C ALA A 170 12.76 -10.94 -27.48
N LEU A 171 13.68 -9.99 -27.51
CA LEU A 171 15.11 -10.29 -27.58
C LEU A 171 15.74 -9.90 -26.25
N THR A 172 16.20 -10.90 -25.50
CA THR A 172 16.80 -10.63 -24.20
C THR A 172 18.18 -11.25 -24.07
N SER A 173 18.38 -12.41 -24.70
CA SER A 173 19.67 -13.10 -24.62
C SER A 173 20.73 -12.30 -25.36
N GLY A 174 21.88 -12.13 -24.71
CA GLY A 174 22.97 -11.39 -25.27
C GLY A 174 22.88 -9.88 -25.11
N VAL A 175 21.81 -9.38 -24.52
CA VAL A 175 21.62 -7.94 -24.36
C VAL A 175 22.44 -7.44 -23.18
N HIS A 176 23.13 -6.33 -23.37
CA HIS A 176 23.84 -5.63 -22.30
C HIS A 176 23.45 -4.16 -22.37
N THR A 177 22.66 -3.71 -21.39
CA THR A 177 22.37 -2.29 -21.23
C THR A 177 23.28 -1.75 -20.14
N PHE A 178 24.10 -0.78 -20.49
CA PHE A 178 25.15 -0.32 -19.59
C PHE A 178 24.62 0.74 -18.62
N PRO A 179 25.24 0.85 -17.44
CA PRO A 179 24.85 1.90 -16.50
C PRO A 179 24.97 3.28 -17.13
N ALA A 180 24.04 4.16 -16.78
CA ALA A 180 24.05 5.52 -17.29
C ALA A 180 25.32 6.23 -16.85
N VAL A 181 25.73 7.21 -17.65
CA VAL A 181 26.96 7.95 -17.40
C VAL A 181 26.63 9.44 -17.36
N LEU A 182 27.08 10.10 -16.30
CA LEU A 182 26.86 11.53 -16.14
C LEU A 182 27.91 12.31 -16.91
N GLN A 183 27.47 13.24 -17.76
CA GLN A 183 28.38 14.03 -18.58
C GLN A 183 28.62 15.40 -17.95
N SER A 184 29.61 16.12 -18.50
CA SER A 184 30.00 17.41 -17.96
C SER A 184 28.85 18.41 -17.93
N SER A 185 27.90 18.31 -18.88
CA SER A 185 26.77 19.22 -18.91
C SER A 185 25.77 18.95 -17.80
N GLY A 186 25.89 17.82 -17.11
CA GLY A 186 24.90 17.40 -16.14
C GLY A 186 23.82 16.50 -16.66
N LEU A 187 23.85 16.17 -17.95
CA LEU A 187 22.88 15.27 -18.56
C LEU A 187 23.45 13.86 -18.66
N TYR A 188 22.55 12.89 -18.72
CA TYR A 188 22.90 11.47 -18.71
C TYR A 188 22.98 10.89 -20.11
N SER A 189 23.66 9.76 -20.21
CA SER A 189 23.85 9.07 -21.49
C SER A 189 24.18 7.62 -21.22
N LEU A 190 23.55 6.71 -21.98
CA LEU A 190 23.88 5.30 -21.90
C LEU A 190 23.80 4.67 -23.28
N SER A 191 24.28 3.43 -23.35
CA SER A 191 24.22 2.62 -24.55
C SER A 191 23.66 1.26 -24.17
N SER A 192 22.97 0.64 -25.13
CA SER A 192 22.52 -0.74 -24.99
C SER A 192 22.97 -1.50 -26.23
N VAL A 193 23.57 -2.67 -26.03
CA VAL A 193 24.09 -3.47 -27.14
C VAL A 193 23.55 -4.88 -27.03
N VAL A 194 23.58 -5.59 -28.14
CA VAL A 194 23.19 -6.99 -28.20
C VAL A 194 24.03 -7.68 -29.28
N THR A 195 24.45 -8.92 -29.01
CA THR A 195 25.16 -9.72 -29.99
C THR A 195 24.20 -10.69 -30.65
N VAL A 196 24.22 -10.73 -31.97
CA VAL A 196 23.31 -11.59 -32.74
C VAL A 196 24.12 -12.31 -33.82
N PRO A 197 23.60 -13.40 -34.36
CA PRO A 197 24.27 -14.04 -35.50
C PRO A 197 24.28 -13.11 -36.70
N SER A 198 25.42 -13.06 -37.38
CA SER A 198 25.56 -12.18 -38.53
C SER A 198 24.60 -12.56 -39.65
N SER A 199 24.24 -13.84 -39.74
CA SER A 199 23.36 -14.31 -40.80
C SER A 199 21.94 -13.77 -40.69
N SER A 200 21.59 -13.24 -39.51
CA SER A 200 20.26 -12.70 -39.28
C SER A 200 20.16 -11.21 -39.59
N LEU A 201 21.24 -10.58 -40.05
CA LEU A 201 21.25 -9.12 -40.15
C LEU A 201 20.32 -8.62 -41.25
N GLY A 202 20.33 -9.25 -42.41
CA GLY A 202 19.51 -8.77 -43.51
C GLY A 202 18.08 -9.27 -43.52
N THR A 203 17.74 -10.20 -42.63
CA THR A 203 16.40 -10.76 -42.54
C THR A 203 15.72 -10.44 -41.22
N GLN A 204 16.39 -10.68 -40.10
CA GLN A 204 15.78 -10.41 -38.81
C GLN A 204 15.85 -8.92 -38.51
N THR A 205 14.80 -8.41 -37.87
CA THR A 205 14.74 -7.01 -37.52
C THR A 205 15.15 -6.84 -36.07
N TYR A 206 15.96 -5.84 -35.81
CA TYR A 206 16.45 -5.54 -34.47
C TYR A 206 16.05 -4.09 -34.18
N ILE A 207 15.12 -3.94 -33.24
CA ILE A 207 14.60 -2.63 -32.85
C ILE A 207 14.83 -2.45 -31.36
N CYS A 208 15.46 -1.35 -30.98
CA CYS A 208 15.58 -1.01 -29.57
C CYS A 208 14.46 -0.04 -29.19
N ASN A 209 13.84 -0.30 -28.04
CA ASN A 209 12.71 0.46 -27.54
C ASN A 209 13.18 1.22 -26.31
N VAL A 210 13.30 2.55 -26.42
CA VAL A 210 13.76 3.40 -25.34
C VAL A 210 12.56 4.11 -24.73
N ASN A 211 12.42 4.01 -23.42
CA ASN A 211 11.33 4.63 -22.68
C ASN A 211 11.92 5.52 -21.59
N HIS A 212 11.47 6.77 -21.55
CA HIS A 212 11.89 7.76 -20.56
C HIS A 212 10.62 8.37 -19.95
N LYS A 213 10.13 7.75 -18.88
CA LYS A 213 8.87 8.19 -18.28
C LYS A 213 8.88 9.63 -17.77
N PRO A 214 9.98 10.18 -17.21
CA PRO A 214 9.93 11.59 -16.78
C PRO A 214 9.48 12.55 -17.87
N SER A 215 9.88 12.31 -19.12
CA SER A 215 9.45 13.15 -20.24
C SER A 215 8.35 12.53 -21.07
N ASN A 216 7.88 11.33 -20.72
CA ASN A 216 6.82 10.63 -21.45
C ASN A 216 7.18 10.40 -22.91
N THR A 217 8.46 10.18 -23.19
CA THR A 217 8.96 9.95 -24.54
C THR A 217 9.30 8.47 -24.72
N LYS A 218 8.72 7.85 -25.75
CA LYS A 218 9.02 6.47 -26.12
C LYS A 218 9.42 6.45 -27.58
N VAL A 219 10.60 5.92 -27.89
CA VAL A 219 11.15 5.95 -29.24
C VAL A 219 11.58 4.54 -29.63
N ASP A 220 11.34 4.19 -30.89
CA ASP A 220 11.78 2.93 -31.47
C ASP A 220 12.73 3.22 -32.62
N LYS A 221 13.98 2.85 -32.45
CA LYS A 221 15.00 3.05 -33.48
C LYS A 221 15.36 1.68 -34.04
N LYS A 222 15.18 1.51 -35.35
CA LYS A 222 15.54 0.28 -36.02
C LYS A 222 17.01 0.36 -36.41
N VAL A 223 17.77 -0.68 -36.08
CA VAL A 223 19.21 -0.69 -36.30
C VAL A 223 19.48 -1.51 -37.55
N GLU A 224 20.09 -0.88 -38.55
CA GLU A 224 20.39 -1.47 -39.84
C GLU A 224 21.90 -1.37 -40.08
N PRO A 225 22.48 -2.30 -40.84
CA PRO A 225 23.90 -2.15 -41.19
C PRO A 225 24.09 -0.98 -42.15
N LYS A 226 25.00 -0.08 -41.78
CA LYS A 226 25.27 1.10 -42.59
C LYS A 226 25.84 0.75 -43.96
N ASP B 6 19.58 3.67 18.51
CA ASP B 6 18.93 2.58 17.81
C ASP B 6 19.84 1.36 17.72
N ILE B 7 19.22 0.20 17.51
CA ILE B 7 19.97 -1.04 17.35
C ILE B 7 20.68 -1.04 16.01
N GLN B 8 21.97 -1.35 16.04
CA GLN B 8 22.85 -1.30 14.88
C GLN B 8 23.20 -2.71 14.43
N MET B 9 23.11 -2.95 13.13
CA MET B 9 23.51 -4.23 12.56
C MET B 9 24.85 -4.03 11.87
N THR B 10 25.88 -4.71 12.37
CA THR B 10 27.20 -4.66 11.75
C THR B 10 27.32 -5.89 10.87
N GLN B 11 27.30 -5.66 9.55
CA GLN B 11 27.36 -6.75 8.58
C GLN B 11 28.78 -6.89 8.05
N SER B 12 29.21 -8.14 7.86
CA SER B 12 30.59 -8.37 7.46
C SER B 12 30.72 -9.69 6.69
N PRO B 13 31.58 -9.74 5.67
CA PRO B 13 32.42 -8.64 5.18
C PRO B 13 31.65 -7.68 4.27
N SER B 14 32.29 -6.60 3.82
CA SER B 14 31.64 -5.69 2.88
C SER B 14 31.50 -6.32 1.50
N SER B 15 32.52 -7.05 1.07
CA SER B 15 32.50 -7.74 -0.22
C SER B 15 33.37 -8.97 -0.12
N LEU B 16 33.02 -10.01 -0.88
CA LEU B 16 33.80 -11.24 -0.91
C LEU B 16 33.79 -11.80 -2.32
N SER B 17 34.79 -12.64 -2.61
CA SER B 17 34.93 -13.28 -3.90
C SER B 17 35.08 -14.79 -3.68
N ALA B 18 34.17 -15.57 -4.26
CA ALA B 18 34.19 -17.01 -4.07
C ALA B 18 33.93 -17.73 -5.39
N SER B 19 34.43 -18.96 -5.48
CA SER B 19 34.23 -19.78 -6.66
C SER B 19 32.92 -20.54 -6.59
N VAL B 20 32.44 -20.97 -7.76
CA VAL B 20 31.23 -21.78 -7.82
C VAL B 20 31.47 -23.09 -7.08
N GLY B 21 30.53 -23.44 -6.20
CA GLY B 21 30.65 -24.61 -5.37
C GLY B 21 31.19 -24.35 -3.97
N ASP B 22 31.76 -23.18 -3.73
CA ASP B 22 32.29 -22.84 -2.42
C ASP B 22 31.17 -22.54 -1.44
N ARG B 23 31.55 -22.43 -0.17
CA ARG B 23 30.65 -22.04 0.89
C ARG B 23 30.87 -20.57 1.24
N VAL B 24 29.83 -19.77 1.10
CA VAL B 24 29.86 -18.35 1.42
C VAL B 24 29.27 -18.17 2.81
N THR B 25 29.97 -17.43 3.66
CA THR B 25 29.50 -17.14 5.02
C THR B 25 29.49 -15.64 5.23
N ILE B 26 28.31 -15.10 5.53
CA ILE B 26 28.13 -13.69 5.83
C ILE B 26 27.62 -13.60 7.27
N THR B 27 28.22 -12.71 8.06
CA THR B 27 27.82 -12.54 9.45
C THR B 27 27.23 -11.16 9.68
N CYS B 28 26.35 -11.09 10.66
CA CYS B 28 25.67 -9.84 10.99
C CYS B 28 25.53 -9.80 12.51
N ARG B 29 26.05 -8.73 13.12
CA ARG B 29 26.08 -8.60 14.58
C ARG B 29 25.19 -7.45 15.01
N ALA B 30 24.32 -7.71 15.97
CA ALA B 30 23.43 -6.69 16.51
C ALA B 30 24.08 -6.03 17.72
N SER B 31 23.84 -4.72 17.87
CA SER B 31 24.47 -3.98 18.95
C SER B 31 23.92 -4.40 20.31
N GLN B 32 22.69 -4.93 20.35
CA GLN B 32 22.18 -5.55 21.55
C GLN B 32 21.32 -6.74 21.14
N GLY B 33 20.87 -7.53 22.12
CA GLY B 33 20.10 -8.72 21.81
C GLY B 33 18.77 -8.45 21.14
N ILE B 34 18.44 -9.20 20.09
CA ILE B 34 17.20 -9.02 19.35
C ILE B 34 16.49 -10.35 19.17
N ARG B 35 16.77 -11.30 20.06
CA ARG B 35 16.21 -12.65 19.94
C ARG B 35 16.46 -13.20 18.54
N ASN B 36 15.40 -13.46 17.77
CA ASN B 36 15.57 -13.97 16.43
C ASN B 36 14.83 -13.10 15.42
N ASP B 37 14.71 -11.81 15.71
CA ASP B 37 14.01 -10.87 14.84
C ASP B 37 14.94 -10.38 13.72
N LEU B 38 15.39 -11.34 12.91
CA LEU B 38 16.39 -11.11 11.87
C LEU B 38 15.91 -11.70 10.56
N GLY B 39 16.12 -10.95 9.48
CA GLY B 39 15.82 -11.44 8.14
C GLY B 39 16.99 -11.22 7.22
N TRP B 40 17.11 -12.11 6.22
CA TRP B 40 18.19 -12.05 5.24
C TRP B 40 17.61 -11.81 3.85
N TYR B 41 18.19 -10.85 3.12
CA TYR B 41 17.66 -10.42 1.84
C TYR B 41 18.74 -10.44 0.78
N GLN B 42 18.33 -10.78 -0.44
CA GLN B 42 19.21 -10.85 -1.60
C GLN B 42 18.74 -9.85 -2.65
N GLN B 43 19.65 -9.02 -3.14
CA GLN B 43 19.33 -7.98 -4.12
C GLN B 43 20.21 -8.14 -5.36
N LYS B 44 19.59 -8.51 -6.46
CA LYS B 44 20.30 -8.59 -7.72
C LYS B 44 20.23 -7.25 -8.46
N PRO B 45 21.14 -7.00 -9.39
CA PRO B 45 21.23 -5.66 -9.99
C PRO B 45 19.91 -5.19 -10.58
N GLY B 46 19.51 -3.97 -10.21
CA GLY B 46 18.31 -3.34 -10.71
C GLY B 46 17.01 -3.93 -10.23
N LYS B 47 17.04 -4.79 -9.22
CA LYS B 47 15.83 -5.44 -8.73
C LYS B 47 15.62 -5.12 -7.25
N ALA B 48 14.40 -5.33 -6.80
CA ALA B 48 14.10 -5.13 -5.39
C ALA B 48 14.73 -6.26 -4.56
N PRO B 49 15.02 -6.01 -3.29
CA PRO B 49 15.50 -7.10 -2.43
C PRO B 49 14.48 -8.22 -2.35
N LYS B 50 14.99 -9.45 -2.34
CA LYS B 50 14.20 -10.66 -2.24
C LYS B 50 14.44 -11.32 -0.89
N LEU B 51 13.36 -11.72 -0.22
CA LEU B 51 13.49 -12.37 1.07
C LEU B 51 14.01 -13.81 0.89
N LEU B 52 15.07 -14.15 1.62
CA LEU B 52 15.64 -15.49 1.65
C LEU B 52 15.31 -16.24 2.94
N ILE B 53 15.57 -15.62 4.09
CA ILE B 53 15.31 -16.22 5.39
C ILE B 53 14.62 -15.17 6.27
N TYR B 54 13.60 -15.60 7.01
CA TYR B 54 12.97 -14.78 8.02
C TYR B 54 13.09 -15.47 9.37
N ALA B 55 12.97 -14.67 10.44
CA ALA B 55 13.12 -15.17 11.81
C ALA B 55 14.46 -15.92 11.97
N ALA B 56 15.52 -15.34 11.41
CA ALA B 56 16.92 -15.79 11.55
C ALA B 56 17.22 -17.09 10.82
N SER B 57 16.31 -18.07 10.86
CA SER B 57 16.63 -19.40 10.35
C SER B 57 15.50 -20.08 9.57
N SER B 58 14.38 -19.40 9.30
CA SER B 58 13.27 -20.00 8.57
C SER B 58 13.43 -19.68 7.08
N LEU B 59 13.52 -20.72 6.26
CA LEU B 59 13.70 -20.55 4.83
C LEU B 59 12.38 -20.21 4.14
N GLN B 60 12.39 -19.16 3.33
CA GLN B 60 11.20 -18.76 2.59
C GLN B 60 10.86 -19.78 1.50
N SER B 61 9.57 -19.98 1.26
CA SER B 61 9.15 -20.90 0.20
C SER B 61 9.72 -20.48 -1.14
N GLY B 62 10.16 -21.47 -1.91
CA GLY B 62 10.76 -21.26 -3.20
C GLY B 62 12.26 -21.00 -3.17
N VAL B 63 12.80 -20.57 -2.05
CA VAL B 63 14.25 -20.32 -1.94
C VAL B 63 14.99 -21.66 -1.95
N PRO B 64 16.06 -21.81 -2.72
CA PRO B 64 16.81 -23.07 -2.73
C PRO B 64 17.39 -23.40 -1.35
N SER B 65 17.46 -24.69 -1.07
CA SER B 65 17.88 -25.17 0.24
C SER B 65 19.35 -24.90 0.55
N ARG B 66 20.14 -24.48 -0.43
CA ARG B 66 21.54 -24.14 -0.18
C ARG B 66 21.70 -22.87 0.64
N PHE B 67 20.64 -22.08 0.80
CA PHE B 67 20.65 -20.94 1.70
C PHE B 67 20.20 -21.38 3.09
N SER B 68 20.85 -20.86 4.11
CA SER B 68 20.48 -21.19 5.48
C SER B 68 20.97 -20.08 6.40
N GLY B 69 20.17 -19.80 7.42
CA GLY B 69 20.52 -18.81 8.42
C GLY B 69 20.57 -19.45 9.79
N SER B 70 21.35 -18.84 10.68
CA SER B 70 21.48 -19.35 12.03
C SER B 70 21.76 -18.19 12.96
N GLY B 71 21.56 -18.46 14.25
CA GLY B 71 21.87 -17.49 15.28
C GLY B 71 20.69 -16.99 16.07
N SER B 72 20.97 -16.46 17.25
CA SER B 72 19.97 -15.90 18.12
C SER B 72 20.68 -14.95 19.07
N GLY B 73 20.04 -13.85 19.42
CA GLY B 73 20.63 -12.88 20.30
C GLY B 73 21.34 -11.75 19.56
N THR B 74 22.65 -11.86 19.37
CA THR B 74 23.40 -10.81 18.70
C THR B 74 24.18 -11.29 17.48
N ASP B 75 24.41 -12.59 17.32
CA ASP B 75 25.26 -13.11 16.26
C ASP B 75 24.41 -13.93 15.32
N PHE B 76 24.39 -13.55 14.04
CA PHE B 76 23.59 -14.22 13.03
C PHE B 76 24.47 -14.51 11.83
N THR B 77 24.15 -15.58 11.12
CA THR B 77 24.99 -16.03 10.02
C THR B 77 24.13 -16.48 8.86
N LEU B 78 24.37 -15.89 7.70
CA LEU B 78 23.80 -16.39 6.45
C LEU B 78 24.86 -17.21 5.73
N THR B 79 24.49 -18.42 5.32
CA THR B 79 25.42 -19.35 4.68
C THR B 79 24.83 -19.81 3.36
N ILE B 80 25.62 -19.71 2.31
CA ILE B 80 25.30 -20.30 1.01
C ILE B 80 26.22 -21.49 0.86
N SER B 81 25.66 -22.70 0.95
CA SER B 81 26.50 -23.89 1.07
C SER B 81 27.27 -24.19 -0.22
N SER B 82 26.64 -23.98 -1.38
CA SER B 82 27.24 -24.30 -2.67
C SER B 82 26.96 -23.14 -3.63
N LEU B 83 27.92 -22.23 -3.73
CA LEU B 83 27.70 -20.99 -4.46
C LEU B 83 27.45 -21.26 -5.94
N GLN B 84 26.45 -20.57 -6.49
CA GLN B 84 26.05 -20.70 -7.87
C GLN B 84 26.22 -19.37 -8.59
N PRO B 85 26.39 -19.39 -9.92
CA PRO B 85 26.55 -18.13 -10.65
C PRO B 85 25.40 -17.15 -10.46
N GLU B 86 24.15 -17.64 -10.41
CA GLU B 86 23.03 -16.72 -10.24
C GLU B 86 22.99 -16.09 -8.85
N ASP B 87 23.79 -16.56 -7.92
CA ASP B 87 23.83 -16.02 -6.57
C ASP B 87 24.60 -14.71 -6.47
N PHE B 88 25.19 -14.22 -7.56
CA PHE B 88 25.79 -12.90 -7.55
C PHE B 88 24.74 -11.88 -7.18
N ALA B 89 24.97 -11.19 -6.06
CA ALA B 89 24.02 -10.21 -5.54
C ALA B 89 24.68 -9.50 -4.37
N THR B 90 23.96 -8.52 -3.82
CA THR B 90 24.30 -7.92 -2.54
C THR B 90 23.28 -8.42 -1.51
N TYR B 91 23.78 -8.93 -0.38
CA TYR B 91 22.96 -9.53 0.65
C TYR B 91 22.88 -8.59 1.85
N TYR B 92 21.69 -8.52 2.46
CA TYR B 92 21.40 -7.60 3.55
C TYR B 92 20.72 -8.34 4.70
N CYS B 93 21.15 -8.05 5.93
CA CYS B 93 20.38 -8.47 7.09
C CYS B 93 19.42 -7.35 7.49
N LEU B 94 18.32 -7.74 8.12
CA LEU B 94 17.34 -6.80 8.62
C LEU B 94 16.84 -7.27 9.98
N GLN B 95 16.82 -6.38 10.95
CA GLN B 95 16.23 -6.65 12.26
C GLN B 95 15.03 -5.75 12.44
N ASP B 96 14.02 -6.25 13.14
CA ASP B 96 12.84 -5.45 13.43
C ASP B 96 12.45 -5.57 14.89
N TYR B 97 13.45 -5.67 15.77
CA TYR B 97 13.21 -5.73 17.20
C TYR B 97 12.69 -4.38 17.70
N ASN B 98 11.76 -4.44 18.65
CA ASN B 98 11.11 -3.26 19.23
C ASN B 98 10.42 -2.40 18.15
N TYR B 99 10.07 -3.00 17.02
CA TYR B 99 9.37 -2.31 15.93
C TYR B 99 10.16 -1.13 15.38
N LEU B 100 11.47 -1.16 15.50
CA LEU B 100 12.33 -0.16 14.88
C LEU B 100 13.30 -0.90 13.97
N LEU B 101 13.18 -0.71 12.67
CA LEU B 101 13.88 -1.57 11.72
C LEU B 101 15.20 -0.92 11.30
N THR B 102 16.21 -1.77 11.15
CA THR B 102 17.53 -1.35 10.74
C THR B 102 18.13 -2.41 9.85
N PHE B 103 18.79 -1.98 8.79
CA PHE B 103 19.47 -2.89 7.88
C PHE B 103 20.97 -2.89 8.15
N GLY B 104 21.61 -4.00 7.83
CA GLY B 104 23.06 -4.04 7.77
C GLY B 104 23.57 -3.33 6.53
N GLY B 105 24.88 -3.10 6.51
CA GLY B 105 25.50 -2.38 5.40
C GLY B 105 25.51 -3.13 4.08
N GLY B 106 25.30 -4.44 4.11
CA GLY B 106 25.28 -5.16 2.86
C GLY B 106 26.59 -5.88 2.58
N THR B 107 26.49 -7.01 1.89
CA THR B 107 27.67 -7.77 1.47
C THR B 107 27.54 -8.06 -0.02
N LYS B 108 28.47 -7.50 -0.80
CA LYS B 108 28.54 -7.74 -2.23
C LYS B 108 29.28 -9.06 -2.46
N VAL B 109 28.59 -10.04 -3.05
CA VAL B 109 29.16 -11.35 -3.30
C VAL B 109 29.51 -11.46 -4.78
N GLU B 110 30.80 -11.56 -5.08
CA GLU B 110 31.31 -11.70 -6.45
C GLU B 110 31.71 -13.15 -6.72
N ILE B 111 31.54 -13.58 -7.96
CA ILE B 111 31.84 -14.94 -8.37
C ILE B 111 33.22 -14.98 -8.99
N LYS B 112 34.07 -15.90 -8.53
CA LYS B 112 35.40 -16.06 -9.10
C LYS B 112 35.37 -17.22 -10.10
N ARG B 113 35.84 -16.93 -11.33
CA ARG B 113 35.78 -17.88 -12.43
C ARG B 113 37.06 -17.76 -13.24
N THR B 114 37.15 -18.54 -14.31
CA THR B 114 38.33 -18.54 -15.17
C THR B 114 38.43 -17.25 -15.97
N VAL B 115 39.65 -16.96 -16.42
CA VAL B 115 39.89 -15.77 -17.22
C VAL B 115 39.17 -15.92 -18.55
N ALA B 116 38.46 -14.88 -18.98
CA ALA B 116 37.81 -14.85 -20.27
C ALA B 116 38.23 -13.57 -20.98
N ALA B 117 38.74 -13.71 -22.19
CA ALA B 117 39.17 -12.54 -22.94
C ALA B 117 37.97 -11.82 -23.56
N PRO B 118 38.03 -10.50 -23.66
CA PRO B 118 36.90 -9.76 -24.22
C PRO B 118 36.84 -9.84 -25.74
N SER B 119 35.63 -9.78 -26.26
CA SER B 119 35.39 -9.55 -27.68
C SER B 119 35.20 -8.05 -27.89
N VAL B 120 35.89 -7.50 -28.88
CA VAL B 120 35.96 -6.05 -29.04
C VAL B 120 35.25 -5.66 -30.32
N PHE B 121 34.38 -4.66 -30.22
CA PHE B 121 33.67 -4.10 -31.36
C PHE B 121 33.76 -2.58 -31.30
N ILE B 122 33.84 -1.96 -32.48
CA ILE B 122 33.89 -0.50 -32.61
C ILE B 122 32.75 -0.06 -33.51
N PHE B 123 32.07 1.01 -33.11
CA PHE B 123 30.91 1.54 -33.82
C PHE B 123 31.17 2.97 -34.25
N PRO B 124 31.03 3.28 -35.54
CA PRO B 124 31.23 4.65 -36.00
C PRO B 124 30.05 5.53 -35.58
N PRO B 125 30.21 6.85 -35.60
CA PRO B 125 29.07 7.72 -35.30
C PRO B 125 28.00 7.56 -36.36
N SER B 126 26.74 7.57 -35.92
CA SER B 126 25.60 7.51 -36.82
C SER B 126 25.52 8.79 -37.65
N ASP B 127 24.86 8.67 -38.80
CA ASP B 127 24.71 9.81 -39.70
C ASP B 127 23.80 10.89 -39.12
N GLU B 128 22.73 10.48 -38.42
CA GLU B 128 21.82 11.48 -37.89
C GLU B 128 22.37 12.18 -36.66
N GLN B 129 23.39 11.62 -36.00
CA GLN B 129 24.05 12.40 -34.96
C GLN B 129 25.03 13.41 -35.53
N LEU B 130 25.67 13.11 -36.66
CA LEU B 130 26.56 14.09 -37.26
C LEU B 130 25.80 15.32 -37.74
N LYS B 131 24.49 15.24 -37.85
CA LYS B 131 23.65 16.38 -38.19
C LYS B 131 23.45 17.32 -37.00
N SER B 132 23.62 16.83 -35.77
CA SER B 132 23.49 17.64 -34.57
C SER B 132 24.78 18.38 -34.19
N GLY B 133 25.92 18.02 -34.79
CA GLY B 133 27.16 18.70 -34.52
C GLY B 133 28.15 17.98 -33.62
N THR B 134 27.82 16.80 -33.10
CA THR B 134 28.75 16.01 -32.30
C THR B 134 28.84 14.59 -32.84
N ALA B 135 29.99 13.97 -32.64
CA ALA B 135 30.25 12.60 -33.07
C ALA B 135 30.61 11.75 -31.86
N SER B 136 29.98 10.57 -31.76
CA SER B 136 30.22 9.63 -30.68
C SER B 136 30.72 8.31 -31.25
N VAL B 137 31.95 7.95 -30.92
CA VAL B 137 32.51 6.66 -31.29
C VAL B 137 32.44 5.75 -30.07
N VAL B 138 31.92 4.54 -30.25
CA VAL B 138 31.68 3.63 -29.14
C VAL B 138 32.52 2.38 -29.34
N CYS B 139 33.15 1.92 -28.26
CA CYS B 139 33.92 0.69 -28.26
C CYS B 139 33.30 -0.27 -27.26
N LEU B 140 33.04 -1.50 -27.69
CA LEU B 140 32.39 -2.51 -26.87
C LEU B 140 33.38 -3.61 -26.52
N LEU B 141 33.48 -3.92 -25.22
CA LEU B 141 34.25 -5.06 -24.72
C LEU B 141 33.25 -6.04 -24.11
N ASN B 142 33.11 -7.21 -24.71
CA ASN B 142 32.00 -8.10 -24.44
C ASN B 142 32.47 -9.37 -23.74
N ASN B 143 31.85 -9.67 -22.59
CA ASN B 143 31.95 -10.95 -21.88
C ASN B 143 33.40 -11.33 -21.59
N PHE B 144 33.97 -10.63 -20.61
CA PHE B 144 35.33 -10.89 -20.17
C PHE B 144 35.37 -11.04 -18.66
N TYR B 145 36.47 -11.64 -18.18
CA TYR B 145 36.77 -11.81 -16.77
C TYR B 145 38.27 -11.93 -16.65
N PRO B 146 38.91 -11.27 -15.67
CA PRO B 146 38.32 -10.42 -14.64
C PRO B 146 37.95 -9.02 -15.14
N ARG B 147 37.55 -8.16 -14.20
CA ARG B 147 36.97 -6.87 -14.55
C ARG B 147 37.99 -5.86 -15.05
N GLU B 148 39.26 -6.01 -14.69
CA GLU B 148 40.29 -5.05 -15.07
C GLU B 148 40.52 -5.07 -16.58
N ALA B 149 40.37 -3.91 -17.20
CA ALA B 149 40.62 -3.75 -18.63
C ALA B 149 40.96 -2.30 -18.92
N LYS B 150 41.81 -2.10 -19.93
CA LYS B 150 42.23 -0.77 -20.34
C LYS B 150 41.79 -0.53 -21.79
N VAL B 151 41.25 0.66 -22.04
CA VAL B 151 40.84 1.06 -23.39
C VAL B 151 41.49 2.39 -23.71
N GLN B 152 42.13 2.46 -24.88
CA GLN B 152 42.76 3.66 -25.38
C GLN B 152 42.21 3.99 -26.76
N TRP B 153 41.94 5.27 -26.98
CA TRP B 153 41.45 5.76 -28.26
C TRP B 153 42.57 6.42 -29.04
N LYS B 154 42.62 6.13 -30.33
CA LYS B 154 43.64 6.69 -31.22
C LYS B 154 42.95 7.32 -32.42
N VAL B 155 43.14 8.62 -32.59
CA VAL B 155 42.61 9.35 -33.73
C VAL B 155 43.79 9.67 -34.65
N ASP B 156 43.85 8.96 -35.78
CA ASP B 156 45.01 9.01 -36.68
C ASP B 156 46.28 8.62 -35.91
N ASN B 157 46.16 7.57 -35.11
CA ASN B 157 47.22 7.04 -34.27
C ASN B 157 47.79 8.14 -33.35
N ALA B 158 46.89 8.89 -32.74
CA ALA B 158 47.22 9.86 -31.71
C ALA B 158 46.35 9.58 -30.49
N LEU B 159 46.96 9.42 -29.32
CA LEU B 159 46.22 9.05 -28.12
C LEU B 159 45.28 10.16 -27.69
N GLN B 160 44.15 9.77 -27.11
CA GLN B 160 43.13 10.71 -26.65
C GLN B 160 43.01 10.63 -25.14
N SER B 161 42.64 11.77 -24.53
CA SER B 161 42.40 11.83 -23.10
C SER B 161 41.34 12.89 -22.81
N GLY B 162 40.56 12.65 -21.77
CA GLY B 162 39.56 13.60 -21.31
C GLY B 162 38.32 13.72 -22.17
N ASN B 163 38.23 12.99 -23.29
CA ASN B 163 37.08 13.06 -24.16
C ASN B 163 36.33 11.74 -24.24
N SER B 164 36.53 10.84 -23.28
CA SER B 164 35.89 9.54 -23.30
C SER B 164 35.42 9.17 -21.90
N GLN B 165 34.36 8.35 -21.83
CA GLN B 165 33.88 7.82 -20.57
C GLN B 165 33.60 6.35 -20.76
N GLU B 166 33.67 5.60 -19.67
CA GLU B 166 33.48 4.15 -19.70
C GLU B 166 32.35 3.75 -18.76
N SER B 167 31.72 2.62 -19.07
CA SER B 167 30.68 2.04 -18.24
C SER B 167 30.83 0.52 -18.24
N VAL B 168 30.65 -0.09 -17.07
CA VAL B 168 30.82 -1.53 -16.89
C VAL B 168 29.54 -2.11 -16.32
N THR B 169 29.04 -3.17 -16.95
CA THR B 169 27.90 -3.91 -16.40
C THR B 169 28.32 -4.64 -15.12
N GLU B 170 27.32 -5.08 -14.37
CA GLU B 170 27.64 -5.93 -13.24
C GLU B 170 27.80 -7.37 -13.72
N GLN B 171 28.31 -8.22 -12.82
CA GLN B 171 28.65 -9.58 -13.20
C GLN B 171 27.41 -10.31 -13.71
N ASP B 172 27.55 -10.93 -14.88
CA ASP B 172 26.44 -11.63 -15.50
C ASP B 172 26.02 -12.83 -14.64
N SER B 173 24.72 -12.98 -14.45
CA SER B 173 24.18 -14.01 -13.59
C SER B 173 24.33 -15.42 -14.17
N LYS B 174 24.77 -15.56 -15.42
CA LYS B 174 24.91 -16.88 -16.03
C LYS B 174 26.36 -17.27 -16.27
N ASP B 175 27.15 -16.45 -16.96
CA ASP B 175 28.55 -16.77 -17.21
C ASP B 175 29.52 -16.02 -16.29
N SER B 176 29.03 -15.15 -15.42
CA SER B 176 29.84 -14.44 -14.44
C SER B 176 30.88 -13.53 -15.09
N THR B 177 30.64 -13.08 -16.31
CA THR B 177 31.56 -12.19 -16.99
C THR B 177 31.07 -10.75 -16.89
N TYR B 178 31.93 -9.83 -17.35
CA TYR B 178 31.64 -8.41 -17.40
C TYR B 178 31.61 -7.95 -18.86
N SER B 179 30.95 -6.81 -19.07
CA SER B 179 31.00 -6.10 -20.34
C SER B 179 31.25 -4.62 -20.06
N LEU B 180 31.95 -3.97 -20.97
CA LEU B 180 32.36 -2.58 -20.84
C LEU B 180 32.11 -1.87 -22.16
N SER B 181 31.68 -0.61 -22.09
CA SER B 181 31.52 0.23 -23.26
C SER B 181 32.27 1.53 -23.03
N SER B 182 33.07 1.94 -24.00
CA SER B 182 33.77 3.21 -23.96
C SER B 182 33.27 4.09 -25.08
N THR B 183 32.85 5.31 -24.73
CA THR B 183 32.29 6.26 -25.66
C THR B 183 33.24 7.44 -25.80
N LEU B 184 33.81 7.61 -26.99
CA LEU B 184 34.61 8.77 -27.32
C LEU B 184 33.72 9.78 -28.04
N THR B 185 33.60 10.98 -27.47
CA THR B 185 32.73 12.01 -28.03
C THR B 185 33.60 13.14 -28.57
N LEU B 186 33.41 13.45 -29.85
CA LEU B 186 34.09 14.54 -30.51
C LEU B 186 33.07 15.47 -31.14
N SER B 187 33.53 16.67 -31.48
CA SER B 187 32.71 17.57 -32.28
C SER B 187 32.70 17.09 -33.73
N LYS B 188 31.64 17.45 -34.45
CA LYS B 188 31.58 17.08 -35.85
C LYS B 188 32.74 17.69 -36.62
N ALA B 189 33.11 18.92 -36.29
CA ALA B 189 34.19 19.59 -37.01
C ALA B 189 35.50 18.84 -36.87
N ASP B 190 35.74 18.28 -35.69
CA ASP B 190 36.98 17.56 -35.45
C ASP B 190 36.91 16.11 -35.90
N TYR B 191 35.70 15.53 -35.94
CA TYR B 191 35.57 14.16 -36.43
C TYR B 191 35.92 14.06 -37.90
N GLU B 192 35.72 15.15 -38.66
CA GLU B 192 35.95 15.11 -40.09
C GLU B 192 37.38 15.47 -40.47
N LYS B 193 38.18 15.96 -39.54
CA LYS B 193 39.58 16.27 -39.82
C LYS B 193 40.45 15.03 -39.95
N HIS B 194 39.99 13.89 -39.46
CA HIS B 194 40.82 12.70 -39.35
C HIS B 194 40.13 11.51 -40.00
N LYS B 195 40.92 10.48 -40.28
CA LYS B 195 40.45 9.30 -41.00
C LYS B 195 40.42 8.05 -40.13
N VAL B 196 41.49 7.78 -39.39
CA VAL B 196 41.64 6.53 -38.65
C VAL B 196 41.13 6.70 -37.23
N TYR B 197 40.17 5.87 -36.84
CA TYR B 197 39.65 5.81 -35.47
C TYR B 197 39.84 4.40 -34.95
N ALA B 198 40.68 4.25 -33.94
CA ALA B 198 41.07 2.95 -33.42
C ALA B 198 40.69 2.84 -31.95
N CYS B 199 40.29 1.63 -31.55
CA CYS B 199 40.04 1.30 -30.15
C CYS B 199 41.01 0.19 -29.76
N GLU B 200 41.81 0.42 -28.73
CA GLU B 200 42.86 -0.51 -28.33
C GLU B 200 42.57 -0.99 -26.92
N VAL B 201 42.49 -2.31 -26.74
CA VAL B 201 42.14 -2.89 -25.45
C VAL B 201 43.26 -3.82 -25.00
N THR B 202 43.59 -3.75 -23.72
CA THR B 202 44.52 -4.68 -23.11
C THR B 202 43.79 -5.37 -21.97
N HIS B 203 43.92 -6.70 -21.91
CA HIS B 203 43.23 -7.46 -20.89
C HIS B 203 44.05 -8.70 -20.58
N GLN B 204 43.84 -9.24 -19.38
CA GLN B 204 44.61 -10.39 -18.92
C GLN B 204 44.45 -11.59 -19.86
N GLY B 205 43.27 -11.76 -20.46
CA GLY B 205 42.99 -12.88 -21.33
C GLY B 205 43.50 -12.79 -22.75
N LEU B 206 44.13 -11.69 -23.13
CA LEU B 206 44.65 -11.50 -24.48
C LEU B 206 46.17 -11.61 -24.46
N SER B 207 46.71 -12.40 -25.39
CA SER B 207 48.16 -12.56 -25.47
C SER B 207 48.85 -11.23 -25.77
N SER B 208 48.16 -10.32 -26.45
CA SER B 208 48.69 -9.02 -26.79
C SER B 208 47.53 -8.08 -27.09
N PRO B 209 47.71 -6.77 -26.96
CA PRO B 209 46.58 -5.84 -27.11
C PRO B 209 45.85 -6.03 -28.42
N VAL B 210 44.52 -5.99 -28.36
CA VAL B 210 43.66 -6.13 -29.53
C VAL B 210 43.18 -4.75 -29.92
N THR B 211 43.24 -4.44 -31.23
CA THR B 211 42.84 -3.15 -31.74
C THR B 211 41.77 -3.34 -32.81
N LYS B 212 40.63 -2.70 -32.61
CA LYS B 212 39.60 -2.59 -33.64
C LYS B 212 39.54 -1.14 -34.12
N SER B 213 39.41 -0.96 -35.43
CA SER B 213 39.43 0.38 -35.99
C SER B 213 38.59 0.44 -37.24
N PHE B 214 38.31 1.68 -37.68
CA PHE B 214 37.62 1.93 -38.93
C PHE B 214 38.17 3.22 -39.51
N ASN B 215 37.85 3.47 -40.77
CA ASN B 215 38.19 4.73 -41.42
C ASN B 215 36.91 5.44 -41.78
N ARG B 216 36.87 6.75 -41.51
CA ARG B 216 35.68 7.55 -41.76
C ARG B 216 35.21 7.37 -43.20
N GLY B 217 34.01 6.83 -43.35
CA GLY B 217 33.49 6.44 -44.64
C GLY B 217 33.54 4.93 -44.82
N GLU B 218 33.84 4.49 -46.05
CA GLU B 218 34.01 3.07 -46.35
C GLU B 218 32.85 2.21 -45.85
N GLN C 6 113.39 -46.52 -35.78
CA GLN C 6 113.09 -45.26 -35.12
C GLN C 6 114.38 -44.53 -34.70
N LEU C 7 115.10 -43.99 -35.68
CA LEU C 7 116.23 -43.14 -35.36
C LEU C 7 115.73 -41.91 -34.59
N GLN C 8 116.35 -41.63 -33.45
CA GLN C 8 115.93 -40.56 -32.57
C GLN C 8 117.12 -39.72 -32.14
N LEU C 9 116.90 -38.41 -31.98
CA LEU C 9 117.94 -37.48 -31.57
C LEU C 9 117.56 -36.88 -30.23
N GLN C 10 118.46 -36.99 -29.25
CA GLN C 10 118.25 -36.43 -27.92
C GLN C 10 119.34 -35.42 -27.63
N GLU C 11 118.95 -34.17 -27.38
CA GLU C 11 119.91 -33.12 -27.07
C GLU C 11 119.83 -32.72 -25.60
N SER C 12 120.96 -32.27 -25.07
CA SER C 12 121.11 -31.92 -23.66
C SER C 12 122.08 -30.77 -23.53
N GLY C 13 122.02 -30.09 -22.39
CA GLY C 13 122.83 -28.91 -22.14
C GLY C 13 122.04 -27.87 -21.40
N PRO C 14 122.73 -26.94 -20.73
CA PRO C 14 122.03 -25.93 -19.93
C PRO C 14 121.18 -25.02 -20.81
N GLY C 15 120.00 -24.69 -20.31
CA GLY C 15 119.11 -23.74 -20.94
C GLY C 15 119.29 -22.31 -20.53
N LEU C 16 120.28 -22.03 -19.66
CA LEU C 16 120.60 -20.69 -19.19
C LEU C 16 122.11 -20.51 -19.30
N VAL C 17 122.53 -19.49 -20.04
CA VAL C 17 123.94 -19.20 -20.24
C VAL C 17 124.17 -17.74 -19.91
N LYS C 18 125.18 -17.46 -19.09
CA LYS C 18 125.48 -16.07 -18.77
C LYS C 18 126.13 -15.41 -19.97
N PRO C 19 125.92 -14.11 -20.16
CA PRO C 19 126.51 -13.46 -21.34
C PRO C 19 128.03 -13.57 -21.34
N SER C 20 128.59 -13.60 -22.55
CA SER C 20 130.03 -13.71 -22.80
C SER C 20 130.58 -15.12 -22.58
N GLU C 21 129.82 -15.99 -21.94
CA GLU C 21 130.26 -17.35 -21.73
C GLU C 21 129.89 -18.19 -22.95
N THR C 22 130.12 -19.49 -22.88
CA THR C 22 130.00 -20.37 -24.04
C THR C 22 128.77 -21.25 -23.93
N LEU C 23 127.94 -21.21 -24.97
CA LEU C 23 126.80 -22.10 -25.07
C LEU C 23 127.27 -23.48 -25.52
N SER C 24 126.77 -24.53 -24.88
CA SER C 24 127.20 -25.88 -25.17
C SER C 24 125.98 -26.79 -25.25
N LEU C 25 125.90 -27.57 -26.33
CA LEU C 25 124.83 -28.55 -26.50
C LEU C 25 125.39 -29.79 -27.17
N THR C 26 124.82 -30.94 -26.80
CA THR C 26 125.21 -32.23 -27.33
C THR C 26 123.96 -32.96 -27.81
N CYS C 27 124.08 -33.62 -28.96
CA CYS C 27 123.00 -34.42 -29.54
C CYS C 27 123.45 -35.87 -29.55
N THR C 28 122.70 -36.73 -28.86
CA THR C 28 123.00 -38.14 -28.78
C THR C 28 122.09 -38.92 -29.73
N VAL C 29 122.69 -39.75 -30.57
CA VAL C 29 121.96 -40.49 -31.60
C VAL C 29 121.70 -41.89 -31.08
N SER C 30 120.42 -42.24 -30.96
CA SER C 30 119.99 -43.57 -30.58
C SER C 30 119.16 -44.16 -31.72
N GLY C 31 119.01 -45.49 -31.70
CA GLY C 31 118.28 -46.14 -32.77
C GLY C 31 119.01 -46.16 -34.09
N GLY C 32 120.30 -45.88 -34.10
CA GLY C 32 121.08 -45.87 -35.31
C GLY C 32 122.47 -45.36 -35.02
N SER C 33 123.34 -45.53 -36.00
CA SER C 33 124.75 -45.19 -35.87
C SER C 33 125.01 -43.83 -36.50
N ILE C 34 125.74 -42.98 -35.78
CA ILE C 34 126.18 -41.71 -36.35
C ILE C 34 127.24 -41.93 -37.42
N SER C 35 127.86 -43.11 -37.46
CA SER C 35 128.92 -43.40 -38.43
C SER C 35 128.34 -43.96 -39.72
N SER C 36 127.51 -43.14 -40.37
CA SER C 36 126.92 -43.45 -41.65
C SER C 36 127.46 -42.46 -42.69
N SER C 37 127.94 -43.00 -43.81
CA SER C 37 128.49 -42.17 -44.86
C SER C 37 127.44 -41.42 -45.67
N SER C 38 126.16 -41.65 -45.39
CA SER C 38 125.09 -41.08 -46.17
C SER C 38 124.44 -39.88 -45.50
N TYR C 39 124.95 -39.45 -44.35
CA TYR C 39 124.28 -38.42 -43.57
C TYR C 39 125.30 -37.42 -43.06
N TYR C 40 124.85 -36.17 -42.97
CA TYR C 40 125.48 -35.14 -42.17
C TYR C 40 124.65 -34.89 -40.92
N TRP C 41 125.24 -34.17 -39.97
CA TRP C 41 124.60 -33.92 -38.69
C TRP C 41 124.72 -32.43 -38.40
N GLY C 42 123.58 -31.74 -38.36
CA GLY C 42 123.56 -30.29 -38.34
C GLY C 42 122.84 -29.73 -37.13
N TRP C 43 123.04 -28.44 -36.92
CA TRP C 43 122.38 -27.67 -35.88
C TRP C 43 121.61 -26.53 -36.52
N ILE C 44 120.36 -26.35 -36.08
CA ILE C 44 119.50 -25.25 -36.53
C ILE C 44 118.97 -24.54 -35.29
N ARG C 45 118.87 -23.21 -35.36
CA ARG C 45 118.31 -22.47 -34.24
C ARG C 45 117.16 -21.58 -34.71
N GLN C 46 116.31 -21.22 -33.76
CA GLN C 46 115.11 -20.44 -34.02
C GLN C 46 114.85 -19.53 -32.84
N PRO C 47 115.12 -18.24 -32.96
CA PRO C 47 114.75 -17.31 -31.89
C PRO C 47 113.28 -17.36 -31.64
N PRO C 48 112.84 -17.14 -30.40
CA PRO C 48 111.41 -17.26 -30.09
C PRO C 48 110.59 -16.27 -30.92
N GLY C 49 109.62 -16.82 -31.65
CA GLY C 49 108.76 -16.04 -32.50
C GLY C 49 109.36 -15.62 -33.83
N LYS C 50 110.56 -16.08 -34.16
CA LYS C 50 111.26 -15.68 -35.36
C LYS C 50 111.42 -16.89 -36.28
N GLY C 51 112.24 -16.73 -37.33
CA GLY C 51 112.44 -17.76 -38.33
C GLY C 51 113.57 -18.71 -37.99
N LEU C 52 113.91 -19.54 -38.97
CA LEU C 52 114.93 -20.57 -38.82
C LEU C 52 116.26 -20.11 -39.41
N GLU C 53 117.34 -20.40 -38.69
CA GLU C 53 118.69 -20.08 -39.12
C GLU C 53 119.56 -21.32 -39.01
N TRP C 54 120.17 -21.73 -40.11
CA TRP C 54 121.10 -22.86 -40.12
C TRP C 54 122.42 -22.41 -39.51
N ILE C 55 122.93 -23.21 -38.57
CA ILE C 55 124.21 -22.91 -37.92
C ILE C 55 125.37 -23.62 -38.61
N GLY C 56 125.25 -24.92 -38.80
CA GLY C 56 126.31 -25.67 -39.44
C GLY C 56 125.97 -27.14 -39.48
N SER C 57 126.79 -27.88 -40.22
CA SER C 57 126.66 -29.33 -40.34
C SER C 57 128.03 -29.96 -40.16
N ILE C 58 128.03 -31.23 -39.79
CA ILE C 58 129.28 -31.97 -39.60
C ILE C 58 129.13 -33.36 -40.19
N TYR C 59 130.21 -33.84 -40.80
CA TYR C 59 130.27 -35.20 -41.28
C TYR C 59 130.89 -36.06 -40.18
N TYR C 60 130.53 -37.34 -40.18
CA TYR C 60 131.01 -38.24 -39.14
C TYR C 60 132.54 -38.37 -39.18
N SER C 61 133.14 -38.10 -40.34
CA SER C 61 134.60 -38.06 -40.47
C SER C 61 135.21 -36.82 -39.85
N GLY C 62 134.45 -35.73 -39.72
CA GLY C 62 134.98 -34.48 -39.21
C GLY C 62 134.84 -33.32 -40.16
N SER C 63 134.46 -33.57 -41.42
CA SER C 63 134.23 -32.48 -42.34
C SER C 63 133.06 -31.63 -41.88
N THR C 64 133.24 -30.31 -41.91
CA THR C 64 132.23 -29.38 -41.42
C THR C 64 131.89 -28.36 -42.49
N TYR C 65 130.66 -27.88 -42.45
CA TYR C 65 130.21 -26.70 -43.18
C TYR C 65 129.50 -25.79 -42.20
N TYR C 66 129.95 -24.54 -42.13
CA TYR C 66 129.42 -23.57 -41.18
C TYR C 66 128.64 -22.49 -41.93
N ASN C 67 127.68 -21.91 -41.24
CA ASN C 67 126.99 -20.72 -41.75
C ASN C 67 127.98 -19.57 -41.75
N PRO C 68 128.26 -18.94 -42.89
CA PRO C 68 129.28 -17.88 -42.90
C PRO C 68 128.96 -16.69 -42.01
N SER C 69 127.71 -16.49 -41.62
CA SER C 69 127.40 -15.42 -40.67
C SER C 69 127.74 -15.81 -39.23
N LEU C 70 128.09 -17.06 -38.97
CA LEU C 70 128.44 -17.51 -37.63
C LEU C 70 129.74 -18.30 -37.56
N LYS C 71 130.53 -18.35 -38.64
CA LYS C 71 131.71 -19.22 -38.62
C LYS C 71 132.71 -18.81 -37.55
N SER C 72 132.82 -17.52 -37.25
CA SER C 72 133.84 -17.08 -36.31
C SER C 72 133.56 -17.54 -34.89
N ARG C 73 132.31 -17.86 -34.55
CA ARG C 73 131.96 -18.22 -33.19
C ARG C 73 131.39 -19.63 -33.02
N VAL C 74 131.39 -20.45 -34.06
CA VAL C 74 130.74 -21.76 -34.02
C VAL C 74 131.79 -22.85 -34.16
N THR C 75 131.65 -23.90 -33.34
CA THR C 75 132.41 -25.13 -33.46
C THR C 75 131.46 -26.32 -33.35
N ILE C 76 131.55 -27.24 -34.30
CA ILE C 76 130.75 -28.47 -34.27
C ILE C 76 131.71 -29.65 -34.22
N SER C 77 131.52 -30.52 -33.22
CA SER C 77 132.35 -31.70 -33.05
C SER C 77 131.48 -32.95 -33.15
N VAL C 78 132.15 -34.09 -33.36
CA VAL C 78 131.49 -35.38 -33.43
C VAL C 78 132.31 -36.37 -32.58
N ASP C 79 131.61 -37.21 -31.83
CA ASP C 79 132.24 -38.24 -30.99
C ASP C 79 131.56 -39.55 -31.35
N THR C 80 132.13 -40.26 -32.33
CA THR C 80 131.55 -41.50 -32.81
C THR C 80 131.57 -42.60 -31.75
N SER C 81 132.54 -42.55 -30.84
CA SER C 81 132.61 -43.58 -29.80
C SER C 81 131.44 -43.47 -28.84
N LYS C 82 130.85 -42.28 -28.69
CA LYS C 82 129.69 -42.08 -27.83
C LYS C 82 128.43 -41.79 -28.62
N ASN C 83 128.48 -41.85 -29.96
CA ASN C 83 127.32 -41.63 -30.83
C ASN C 83 126.70 -40.25 -30.58
N GLN C 84 127.54 -39.23 -30.51
CA GLN C 84 127.11 -37.88 -30.26
C GLN C 84 127.73 -36.92 -31.28
N PHE C 85 127.07 -35.78 -31.46
CA PHE C 85 127.72 -34.62 -32.06
C PHE C 85 127.23 -33.40 -31.29
N SER C 86 128.10 -32.40 -31.16
CA SER C 86 127.87 -31.27 -30.27
C SER C 86 128.04 -29.95 -30.99
N LEU C 87 127.57 -28.90 -30.34
CA LEU C 87 127.67 -27.54 -30.84
C LEU C 87 128.21 -26.65 -29.74
N LYS C 88 129.12 -25.75 -30.10
CA LYS C 88 129.68 -24.79 -29.17
C LYS C 88 129.63 -23.41 -29.79
N LEU C 89 129.13 -22.44 -29.03
CA LEU C 89 128.97 -21.07 -29.48
C LEU C 89 129.66 -20.19 -28.44
N SER C 90 130.65 -19.42 -28.87
CA SER C 90 131.47 -18.65 -27.95
C SER C 90 130.78 -17.34 -27.58
N SER C 91 131.24 -16.75 -26.46
CA SER C 91 130.93 -15.38 -26.01
C SER C 91 129.47 -14.94 -26.28
N VAL C 92 128.48 -15.69 -25.81
CA VAL C 92 127.10 -15.44 -26.26
C VAL C 92 126.54 -14.09 -25.82
N THR C 93 125.60 -13.59 -26.62
CA THR C 93 124.85 -12.36 -26.34
C THR C 93 123.36 -12.66 -26.33
N ALA C 94 122.58 -11.62 -25.97
CA ALA C 94 121.13 -11.76 -25.91
C ALA C 94 120.53 -12.11 -27.26
N ALA C 95 121.20 -11.74 -28.36
CA ALA C 95 120.73 -12.09 -29.69
C ALA C 95 120.83 -13.59 -29.99
N ASP C 96 121.50 -14.35 -29.13
CA ASP C 96 121.63 -15.80 -29.30
C ASP C 96 120.59 -16.59 -28.53
N THR C 97 119.72 -15.92 -27.77
CA THR C 97 118.58 -16.60 -27.17
C THR C 97 117.70 -17.19 -28.25
N ALA C 98 117.55 -18.51 -28.24
CA ALA C 98 116.81 -19.20 -29.30
C ALA C 98 116.56 -20.63 -28.85
N VAL C 99 115.71 -21.32 -29.61
CA VAL C 99 115.55 -22.75 -29.52
C VAL C 99 116.52 -23.39 -30.50
N TYR C 100 117.35 -24.31 -30.01
CA TYR C 100 118.37 -24.96 -30.82
C TYR C 100 117.97 -26.39 -31.12
N TYR C 101 118.06 -26.77 -32.39
CA TYR C 101 117.71 -28.10 -32.85
C TYR C 101 118.93 -28.79 -33.43
N CYS C 102 119.03 -30.08 -33.21
CA CYS C 102 119.91 -30.94 -33.99
C CYS C 102 119.07 -31.78 -34.94
N ALA C 103 119.65 -32.13 -36.09
CA ALA C 103 118.92 -32.90 -37.09
C ALA C 103 119.89 -33.71 -37.94
N ARG C 104 119.38 -34.81 -38.49
CA ARG C 104 120.11 -35.62 -39.46
C ARG C 104 119.83 -35.11 -40.87
N GLU C 105 120.88 -34.96 -41.67
CA GLU C 105 120.78 -34.31 -42.97
C GLU C 105 121.18 -35.27 -44.10
N ILE C 106 120.45 -35.18 -45.20
CA ILE C 106 120.88 -35.75 -46.48
C ILE C 106 121.12 -34.58 -47.43
N THR C 107 122.32 -34.52 -47.99
CA THR C 107 122.72 -33.37 -48.78
C THR C 107 121.97 -33.30 -50.11
N MET C 108 122.04 -32.13 -50.74
CA MET C 108 121.53 -31.86 -52.09
C MET C 108 120.01 -31.87 -52.20
N ILE C 109 119.32 -32.65 -51.37
CA ILE C 109 117.86 -32.74 -51.44
C ILE C 109 117.19 -31.92 -50.34
N ALA C 110 117.96 -31.15 -49.56
CA ALA C 110 117.42 -30.30 -48.51
C ALA C 110 116.64 -31.13 -47.48
N TRP C 111 117.28 -32.18 -46.98
CA TRP C 111 116.65 -33.15 -46.09
C TRP C 111 117.14 -32.91 -44.66
N PHE C 112 116.20 -32.65 -43.75
CA PHE C 112 116.45 -32.59 -42.32
C PHE C 112 115.42 -33.50 -41.64
N ASP C 113 115.83 -34.73 -41.32
CA ASP C 113 114.90 -35.69 -40.72
C ASP C 113 115.69 -36.87 -40.15
N PRO C 114 115.51 -37.22 -38.87
CA PRO C 114 114.60 -36.52 -37.96
C PRO C 114 115.25 -35.34 -37.24
N TRP C 115 114.50 -34.73 -36.32
CA TRP C 115 114.97 -33.59 -35.55
C TRP C 115 115.00 -33.92 -34.07
N GLY C 116 115.82 -33.18 -33.34
CA GLY C 116 115.75 -33.20 -31.89
C GLY C 116 114.51 -32.48 -31.39
N GLN C 117 114.29 -32.59 -30.08
CA GLN C 117 113.14 -31.97 -29.44
C GLN C 117 113.27 -30.45 -29.35
N GLY C 118 114.48 -29.93 -29.50
CA GLY C 118 114.70 -28.50 -29.40
C GLY C 118 114.93 -28.10 -27.96
N THR C 119 115.99 -27.33 -27.72
CA THR C 119 116.31 -26.81 -26.40
C THR C 119 116.30 -25.30 -26.46
N LEU C 120 115.47 -24.67 -25.63
CA LEU C 120 115.49 -23.22 -25.51
C LEU C 120 116.67 -22.83 -24.64
N VAL C 121 117.56 -21.99 -25.18
CA VAL C 121 118.70 -21.49 -24.43
C VAL C 121 118.54 -19.98 -24.28
N THR C 122 118.46 -19.52 -23.04
CA THR C 122 118.33 -18.10 -22.73
C THR C 122 119.69 -17.57 -22.30
N VAL C 123 120.15 -16.53 -22.99
CA VAL C 123 121.39 -15.85 -22.65
C VAL C 123 121.02 -14.68 -21.73
N SER C 124 121.40 -14.78 -20.47
CA SER C 124 121.01 -13.81 -19.46
C SER C 124 121.93 -13.94 -18.25
N SER C 125 122.20 -12.81 -17.61
CA SER C 125 122.97 -12.81 -16.38
C SER C 125 122.12 -13.11 -15.16
N ALA C 126 120.80 -13.22 -15.31
CA ALA C 126 119.93 -13.47 -14.17
C ALA C 126 120.08 -14.90 -13.67
N SER C 127 119.67 -15.10 -12.42
CA SER C 127 119.74 -16.39 -11.76
C SER C 127 118.50 -17.21 -12.06
N THR C 128 118.66 -18.53 -11.95
CA THR C 128 117.54 -19.43 -12.12
C THR C 128 116.63 -19.33 -10.89
N LYS C 129 115.31 -19.33 -11.13
CA LYS C 129 114.33 -19.18 -10.07
C LYS C 129 113.14 -20.08 -10.35
N GLY C 130 112.68 -20.79 -9.32
CA GLY C 130 111.55 -21.67 -9.45
C GLY C 130 110.22 -20.94 -9.36
N PRO C 131 109.18 -21.52 -9.95
CA PRO C 131 107.88 -20.85 -10.00
C PRO C 131 107.04 -21.08 -8.75
N SER C 132 106.13 -20.15 -8.52
CA SER C 132 105.05 -20.33 -7.56
C SER C 132 103.80 -20.77 -8.33
N VAL C 133 103.05 -21.70 -7.76
CA VAL C 133 101.86 -22.24 -8.41
C VAL C 133 100.65 -21.91 -7.53
N PHE C 134 99.68 -21.21 -8.11
CA PHE C 134 98.48 -20.82 -7.41
C PHE C 134 97.26 -21.34 -8.14
N PRO C 135 96.23 -21.78 -7.43
CA PRO C 135 95.04 -22.30 -8.09
C PRO C 135 94.14 -21.19 -8.61
N LEU C 136 93.63 -21.38 -9.83
CA LEU C 136 92.55 -20.57 -10.39
C LEU C 136 91.27 -21.34 -10.10
N ALA C 137 90.68 -21.05 -8.94
CA ALA C 137 89.56 -21.84 -8.42
C ALA C 137 88.32 -21.70 -9.30
N PRO C 138 87.61 -22.79 -9.56
CA PRO C 138 86.38 -22.71 -10.36
C PRO C 138 85.28 -21.97 -9.61
N SER C 139 84.52 -21.17 -10.36
CA SER C 139 83.43 -20.38 -9.80
C SER C 139 82.10 -20.75 -10.45
N GLY C 146 76.59 -24.88 -17.26
CA GLY C 146 76.82 -26.28 -17.51
C GLY C 146 78.28 -26.71 -17.37
N THR C 147 79.19 -25.87 -17.89
CA THR C 147 80.62 -26.14 -17.84
C THR C 147 81.32 -25.09 -17.01
N ALA C 148 82.40 -25.51 -16.33
CA ALA C 148 83.17 -24.64 -15.46
C ALA C 148 84.63 -24.60 -15.89
N ALA C 149 85.30 -23.50 -15.57
CA ALA C 149 86.70 -23.31 -15.90
C ALA C 149 87.51 -23.20 -14.61
N LEU C 150 88.66 -23.87 -14.60
CA LEU C 150 89.60 -23.82 -13.49
C LEU C 150 91.00 -23.91 -14.05
N GLY C 151 91.99 -23.54 -13.24
CA GLY C 151 93.34 -23.54 -13.74
C GLY C 151 94.38 -23.32 -12.68
N CYS C 152 95.61 -23.11 -13.16
CA CYS C 152 96.78 -22.86 -12.32
C CYS C 152 97.49 -21.62 -12.81
N LEU C 153 97.96 -20.81 -11.87
CA LEU C 153 98.76 -19.63 -12.16
C LEU C 153 100.21 -19.97 -11.81
N VAL C 154 101.08 -20.05 -12.82
CA VAL C 154 102.49 -20.39 -12.63
C VAL C 154 103.28 -19.08 -12.70
N LYS C 155 103.68 -18.58 -11.54
CA LYS C 155 104.17 -17.21 -11.41
C LYS C 155 105.62 -17.18 -10.94
N ASP C 156 106.38 -16.23 -11.50
CA ASP C 156 107.69 -15.81 -11.03
C ASP C 156 108.75 -16.90 -11.15
N TYR C 157 109.12 -17.23 -12.38
CA TYR C 157 110.16 -18.22 -12.63
C TYR C 157 111.09 -17.70 -13.72
N PHE C 158 112.30 -18.29 -13.77
CA PHE C 158 113.32 -17.94 -14.75
C PHE C 158 114.32 -19.07 -14.81
N PRO C 159 114.77 -19.47 -16.01
CA PRO C 159 114.21 -18.94 -17.25
C PRO C 159 113.11 -19.86 -17.76
N GLU C 160 112.66 -19.63 -18.99
CA GLU C 160 111.75 -20.54 -19.63
C GLU C 160 112.47 -21.86 -19.91
N PRO C 161 111.74 -22.97 -20.06
CA PRO C 161 110.27 -23.07 -19.99
C PRO C 161 109.77 -23.79 -18.75
N VAL C 162 108.46 -23.71 -18.54
CA VAL C 162 107.77 -24.60 -17.61
C VAL C 162 106.88 -25.52 -18.41
N THR C 163 106.65 -26.71 -17.84
CA THR C 163 105.77 -27.72 -18.37
C THR C 163 104.53 -27.78 -17.49
N VAL C 164 103.35 -27.83 -18.10
CA VAL C 164 102.11 -28.02 -17.34
C VAL C 164 101.32 -29.17 -17.96
N SER C 165 100.95 -30.13 -17.14
CA SER C 165 100.00 -31.16 -17.52
C SER C 165 98.89 -31.18 -16.48
N TRP C 166 97.81 -31.91 -16.78
CA TRP C 166 96.67 -32.01 -15.88
C TRP C 166 96.39 -33.48 -15.62
N ASN C 167 96.24 -33.82 -14.34
CA ASN C 167 95.99 -35.19 -13.90
C ASN C 167 97.01 -36.15 -14.51
N SER C 168 98.28 -35.75 -14.46
CA SER C 168 99.40 -36.57 -14.94
C SER C 168 99.23 -36.97 -16.40
N GLY C 169 98.53 -36.14 -17.19
CA GLY C 169 98.31 -36.42 -18.59
C GLY C 169 96.96 -37.02 -18.93
N ALA C 170 96.21 -37.47 -17.93
CA ALA C 170 94.91 -38.08 -18.19
C ALA C 170 93.89 -37.06 -18.69
N LEU C 171 94.08 -35.78 -18.36
CA LEU C 171 93.19 -34.71 -18.78
C LEU C 171 93.93 -33.86 -19.81
N THR C 172 93.47 -33.91 -21.06
CA THR C 172 94.06 -33.13 -22.14
C THR C 172 92.99 -32.33 -22.86
N SER C 173 91.79 -32.90 -22.92
CA SER C 173 90.66 -32.26 -23.59
C SER C 173 90.25 -30.99 -22.87
N GLY C 174 90.13 -29.89 -23.63
CA GLY C 174 89.75 -28.61 -23.06
C GLY C 174 90.87 -27.82 -22.43
N VAL C 175 92.09 -28.35 -22.40
CA VAL C 175 93.21 -27.70 -21.72
C VAL C 175 93.79 -26.61 -22.61
N HIS C 176 94.04 -25.44 -22.01
CA HIS C 176 94.71 -24.33 -22.68
C HIS C 176 95.85 -23.85 -21.79
N THR C 177 97.09 -24.11 -22.20
CA THR C 177 98.27 -23.56 -21.55
C THR C 177 98.75 -22.37 -22.37
N PHE C 178 98.73 -21.20 -21.76
CA PHE C 178 98.99 -19.98 -22.48
C PHE C 178 100.48 -19.71 -22.57
N PRO C 179 100.93 -18.99 -23.61
CA PRO C 179 102.33 -18.61 -23.70
C PRO C 179 102.80 -17.83 -22.46
N ALA C 180 104.05 -18.06 -22.07
CA ALA C 180 104.61 -17.33 -20.94
C ALA C 180 104.70 -15.84 -21.26
N VAL C 181 104.65 -15.03 -20.21
CA VAL C 181 104.66 -13.58 -20.31
C VAL C 181 105.76 -13.06 -19.40
N LEU C 182 106.59 -12.16 -19.93
CA LEU C 182 107.64 -11.56 -19.12
C LEU C 182 107.06 -10.40 -18.32
N GLN C 183 107.30 -10.39 -17.01
CA GLN C 183 106.77 -9.37 -16.11
C GLN C 183 107.81 -8.28 -15.85
N SER C 184 107.36 -7.19 -15.22
CA SER C 184 108.25 -6.08 -14.90
C SER C 184 109.40 -6.53 -14.03
N SER C 185 109.19 -7.55 -13.22
CA SER C 185 110.22 -8.05 -12.32
C SER C 185 111.37 -8.73 -13.03
N GLY C 186 111.23 -9.04 -14.33
CA GLY C 186 112.22 -9.81 -15.04
C GLY C 186 111.97 -11.29 -15.00
N LEU C 187 110.94 -11.73 -14.29
CA LEU C 187 110.50 -13.11 -14.15
C LEU C 187 109.32 -13.39 -15.07
N TYR C 188 109.12 -14.67 -15.38
CA TYR C 188 108.08 -15.12 -16.29
C TYR C 188 106.82 -15.55 -15.53
N SER C 189 105.72 -15.63 -16.27
CA SER C 189 104.46 -16.03 -15.66
C SER C 189 103.54 -16.57 -16.76
N LEU C 190 102.83 -17.66 -16.45
CA LEU C 190 101.81 -18.16 -17.36
C LEU C 190 100.67 -18.76 -16.54
N SER C 191 99.57 -19.05 -17.24
CA SER C 191 98.46 -19.75 -16.65
C SER C 191 98.06 -20.90 -17.56
N SER C 192 97.55 -21.96 -16.96
CA SER C 192 96.98 -23.08 -17.70
C SER C 192 95.56 -23.28 -17.20
N VAL C 193 94.60 -23.38 -18.12
CA VAL C 193 93.20 -23.51 -17.75
C VAL C 193 92.61 -24.71 -18.45
N VAL C 194 91.50 -25.19 -17.90
CA VAL C 194 90.76 -26.30 -18.49
C VAL C 194 89.29 -26.12 -18.18
N THR C 195 88.45 -26.43 -19.16
CA THR C 195 87.00 -26.38 -18.97
C THR C 195 86.50 -27.80 -18.69
N VAL C 196 85.70 -27.93 -17.64
CA VAL C 196 85.18 -29.23 -17.23
C VAL C 196 83.69 -29.06 -16.93
N PRO C 197 82.93 -30.15 -16.93
CA PRO C 197 81.53 -30.06 -16.50
C PRO C 197 81.43 -29.65 -15.03
N SER C 198 80.49 -28.75 -14.75
CA SER C 198 80.30 -28.30 -13.38
C SER C 198 79.89 -29.45 -12.46
N SER C 199 79.21 -30.46 -13.01
CA SER C 199 78.79 -31.60 -12.21
C SER C 199 79.97 -32.48 -11.81
N SER C 200 81.11 -32.34 -12.48
CA SER C 200 82.28 -33.14 -12.16
C SER C 200 83.15 -32.49 -11.11
N LEU C 201 82.77 -31.31 -10.60
CA LEU C 201 83.62 -30.58 -9.67
C LEU C 201 83.68 -31.30 -8.33
N GLY C 202 82.55 -31.84 -7.87
CA GLY C 202 82.46 -32.53 -6.62
C GLY C 202 82.83 -34.00 -6.66
N THR C 203 83.14 -34.55 -7.83
CA THR C 203 83.50 -35.95 -7.96
C THR C 203 84.92 -36.12 -8.46
N GLN C 204 85.27 -35.52 -9.60
CA GLN C 204 86.64 -35.60 -10.13
C GLN C 204 87.52 -34.56 -9.45
N THR C 205 88.74 -34.96 -9.12
CA THR C 205 89.73 -34.06 -8.57
C THR C 205 90.68 -33.66 -9.69
N TYR C 206 91.04 -32.38 -9.73
CA TYR C 206 91.84 -31.81 -10.81
C TYR C 206 93.15 -31.29 -10.27
N ILE C 207 94.25 -31.89 -10.74
CA ILE C 207 95.59 -31.53 -10.31
C ILE C 207 96.39 -31.09 -11.54
N CYS C 208 97.02 -29.91 -11.46
CA CYS C 208 97.95 -29.47 -12.49
C CYS C 208 99.37 -29.81 -12.05
N ASN C 209 100.16 -30.34 -12.98
CA ASN C 209 101.51 -30.78 -12.71
C ASN C 209 102.47 -29.82 -13.42
N VAL C 210 103.16 -29.00 -12.62
CA VAL C 210 104.06 -27.97 -13.13
C VAL C 210 105.50 -28.44 -12.96
N ASN C 211 106.27 -28.35 -14.04
CA ASN C 211 107.67 -28.75 -14.06
C ASN C 211 108.51 -27.58 -14.54
N HIS C 212 109.57 -27.27 -13.78
CA HIS C 212 110.52 -26.22 -14.17
C HIS C 212 111.93 -26.81 -14.03
N LYS C 213 112.38 -27.49 -15.07
CA LYS C 213 113.68 -28.18 -15.00
C LYS C 213 114.87 -27.27 -14.72
N PRO C 214 114.91 -25.99 -15.11
CA PRO C 214 116.08 -25.18 -14.72
C PRO C 214 116.27 -25.08 -13.21
N SER C 215 115.19 -25.02 -12.44
CA SER C 215 115.26 -24.96 -10.99
C SER C 215 114.97 -26.30 -10.34
N ASN C 216 114.72 -27.35 -11.13
CA ASN C 216 114.43 -28.70 -10.63
C ASN C 216 113.18 -28.70 -9.76
N THR C 217 112.20 -27.88 -10.11
CA THR C 217 110.98 -27.67 -9.34
C THR C 217 109.85 -28.51 -9.93
N LYS C 218 109.20 -29.31 -9.09
CA LYS C 218 108.02 -30.07 -9.48
C LYS C 218 106.93 -29.78 -8.46
N VAL C 219 105.77 -29.31 -8.94
CA VAL C 219 104.64 -29.01 -8.08
C VAL C 219 103.41 -29.71 -8.61
N ASP C 220 102.62 -30.29 -7.71
CA ASP C 220 101.30 -30.82 -8.02
C ASP C 220 100.33 -30.03 -7.14
N LYS C 221 99.53 -29.16 -7.76
CA LYS C 221 98.60 -28.30 -7.04
C LYS C 221 97.19 -28.76 -7.37
N LYS C 222 96.43 -29.10 -6.34
CA LYS C 222 95.05 -29.52 -6.49
C LYS C 222 94.14 -28.29 -6.47
N VAL C 223 93.28 -28.17 -7.48
CA VAL C 223 92.41 -27.01 -7.63
C VAL C 223 91.01 -27.42 -7.20
N GLU C 224 90.50 -26.77 -6.15
CA GLU C 224 89.21 -27.00 -5.50
C GLU C 224 88.43 -25.69 -5.45
N PRO C 225 87.09 -25.75 -5.53
CA PRO C 225 86.29 -24.55 -5.32
C PRO C 225 86.28 -24.11 -3.86
N ASP D 6 126.24 -17.11 -51.59
CA ASP D 6 125.09 -16.79 -50.74
C ASP D 6 123.85 -16.52 -51.59
N ILE D 7 122.78 -17.28 -51.31
CA ILE D 7 121.55 -17.25 -52.08
C ILE D 7 120.42 -16.84 -51.14
N GLN D 8 119.56 -15.94 -51.60
CA GLN D 8 118.47 -15.40 -50.80
C GLN D 8 117.16 -16.05 -51.21
N MET D 9 116.39 -16.50 -50.21
CA MET D 9 115.09 -17.12 -50.42
C MET D 9 114.02 -16.10 -50.05
N THR D 10 113.26 -15.67 -51.06
CA THR D 10 112.15 -14.75 -50.86
C THR D 10 110.87 -15.57 -50.87
N GLN D 11 110.27 -15.74 -49.70
CA GLN D 11 109.04 -16.52 -49.57
C GLN D 11 107.84 -15.59 -49.51
N SER D 12 106.74 -16.01 -50.14
CA SER D 12 105.54 -15.19 -50.20
C SER D 12 104.32 -16.10 -50.33
N PRO D 13 103.20 -15.75 -49.67
CA PRO D 13 103.09 -14.56 -48.83
C PRO D 13 103.68 -14.75 -47.43
N SER D 14 103.72 -13.67 -46.65
CA SER D 14 104.18 -13.77 -45.27
C SER D 14 103.16 -14.50 -44.42
N SER D 15 101.88 -14.22 -44.65
CA SER D 15 100.78 -14.86 -43.94
C SER D 15 99.59 -14.92 -44.88
N LEU D 16 98.77 -15.96 -44.71
CA LEU D 16 97.54 -16.08 -45.49
C LEU D 16 96.46 -16.70 -44.60
N SER D 17 95.21 -16.42 -44.96
CA SER D 17 94.05 -16.94 -44.24
C SER D 17 93.12 -17.59 -45.25
N ALA D 18 92.87 -18.89 -45.09
CA ALA D 18 92.05 -19.64 -46.03
C ALA D 18 91.11 -20.56 -45.29
N SER D 19 90.01 -20.90 -45.95
CA SER D 19 88.98 -21.76 -45.38
C SER D 19 89.31 -23.24 -45.61
N VAL D 20 88.63 -24.08 -44.83
CA VAL D 20 88.79 -25.52 -44.99
C VAL D 20 88.30 -25.91 -46.38
N GLY D 21 89.12 -26.68 -47.10
CA GLY D 21 88.82 -27.09 -48.45
C GLY D 21 89.39 -26.22 -49.55
N ASP D 22 89.89 -25.02 -49.21
CA ASP D 22 90.44 -24.12 -50.21
C ASP D 22 91.79 -24.63 -50.71
N ARG D 23 92.29 -24.02 -51.78
CA ARG D 23 93.59 -24.38 -52.31
C ARG D 23 94.57 -23.28 -51.92
N VAL D 24 95.61 -23.66 -51.19
CA VAL D 24 96.65 -22.78 -50.70
C VAL D 24 97.88 -22.95 -51.58
N THR D 25 98.46 -21.82 -52.02
CA THR D 25 99.66 -21.82 -52.85
C THR D 25 100.71 -20.95 -52.19
N ILE D 26 101.85 -21.55 -51.86
CA ILE D 26 103.00 -20.85 -51.30
C ILE D 26 104.12 -20.96 -52.30
N THR D 27 104.74 -19.84 -52.64
CA THR D 27 105.83 -19.82 -53.60
C THR D 27 107.10 -19.35 -52.91
N CYS D 28 108.24 -19.80 -53.44
CA CYS D 28 109.54 -19.48 -52.87
C CYS D 28 110.53 -19.26 -54.00
N ARG D 29 111.15 -18.09 -54.04
CA ARG D 29 112.03 -17.67 -55.12
C ARG D 29 113.48 -17.66 -54.64
N ALA D 30 114.34 -18.39 -55.35
CA ALA D 30 115.77 -18.37 -55.06
C ALA D 30 116.44 -17.21 -55.79
N SER D 31 117.45 -16.62 -55.15
CA SER D 31 118.08 -15.45 -55.74
C SER D 31 118.86 -15.80 -56.99
N GLN D 32 119.33 -17.05 -57.11
CA GLN D 32 119.86 -17.56 -58.37
C GLN D 32 119.48 -19.04 -58.44
N GLY D 33 119.77 -19.69 -59.57
CA GLY D 33 119.36 -21.07 -59.73
C GLY D 33 120.01 -21.97 -58.68
N ILE D 34 119.21 -22.89 -58.14
CA ILE D 34 119.68 -23.81 -57.09
C ILE D 34 119.33 -25.23 -57.50
N ARG D 35 119.19 -25.47 -58.79
CA ARG D 35 118.81 -26.78 -59.35
C ARG D 35 117.47 -27.15 -58.72
N ASN D 36 117.34 -28.30 -58.04
CA ASN D 36 116.14 -28.64 -57.30
C ASN D 36 116.47 -28.87 -55.83
N ASP D 37 117.48 -28.17 -55.31
CA ASP D 37 117.93 -28.34 -53.93
C ASP D 37 117.04 -27.52 -52.99
N LEU D 38 115.75 -27.85 -53.01
CA LEU D 38 114.74 -27.10 -52.28
C LEU D 38 113.91 -28.06 -51.45
N GLY D 39 113.63 -27.68 -50.22
CA GLY D 39 112.79 -28.48 -49.34
C GLY D 39 111.74 -27.63 -48.68
N TRP D 40 110.62 -28.27 -48.37
CA TRP D 40 109.48 -27.62 -47.73
C TRP D 40 109.25 -28.23 -46.35
N TYR D 41 109.09 -27.37 -45.35
CA TYR D 41 108.96 -27.79 -43.96
C TYR D 41 107.72 -27.18 -43.34
N GLN D 42 107.11 -27.94 -42.44
CA GLN D 42 105.92 -27.51 -41.71
C GLN D 42 106.26 -27.49 -40.23
N GLN D 43 105.98 -26.37 -39.56
CA GLN D 43 106.26 -26.23 -38.14
C GLN D 43 104.98 -25.81 -37.43
N LYS D 44 104.46 -26.70 -36.59
CA LYS D 44 103.33 -26.37 -35.75
C LYS D 44 103.82 -25.85 -34.40
N PRO D 45 102.99 -25.09 -33.69
CA PRO D 45 103.45 -24.40 -32.48
C PRO D 45 104.13 -25.31 -31.47
N GLY D 46 105.30 -24.86 -30.99
CA GLY D 46 106.05 -25.53 -29.95
C GLY D 46 106.71 -26.84 -30.34
N LYS D 47 106.77 -27.17 -31.64
CA LYS D 47 107.37 -28.40 -32.09
C LYS D 47 108.44 -28.09 -33.14
N ALA D 48 109.26 -29.09 -33.42
CA ALA D 48 110.29 -28.93 -34.44
C ALA D 48 109.66 -28.95 -35.84
N PRO D 49 110.31 -28.33 -36.82
CA PRO D 49 109.79 -28.40 -38.19
C PRO D 49 109.73 -29.84 -38.67
N LYS D 50 108.69 -30.16 -39.42
CA LYS D 50 108.50 -31.50 -39.98
C LYS D 50 108.71 -31.44 -41.48
N LEU D 51 109.50 -32.37 -42.00
CA LEU D 51 109.78 -32.39 -43.44
C LEU D 51 108.56 -32.84 -44.21
N LEU D 52 108.17 -32.04 -45.21
CA LEU D 52 107.05 -32.37 -46.10
C LEU D 52 107.51 -32.81 -47.48
N ILE D 53 108.36 -32.01 -48.13
CA ILE D 53 108.84 -32.30 -49.48
C ILE D 53 110.34 -32.05 -49.51
N TYR D 54 111.06 -32.97 -50.15
CA TYR D 54 112.48 -32.82 -50.44
C TYR D 54 112.66 -32.91 -51.95
N ALA D 55 113.81 -32.41 -52.42
CA ALA D 55 114.13 -32.36 -53.85
C ALA D 55 113.02 -31.66 -54.64
N ALA D 56 112.53 -30.55 -54.08
CA ALA D 56 111.59 -29.62 -54.72
C ALA D 56 110.18 -30.20 -54.86
N SER D 57 110.06 -31.48 -55.24
CA SER D 57 108.74 -32.02 -55.55
C SER D 57 108.50 -33.44 -55.04
N SER D 58 109.42 -34.03 -54.29
CA SER D 58 109.28 -35.39 -53.80
C SER D 58 108.66 -35.37 -52.40
N LEU D 59 107.50 -36.02 -52.27
CA LEU D 59 106.75 -36.03 -51.02
C LEU D 59 107.34 -37.02 -50.04
N GLN D 60 107.54 -36.56 -48.80
CA GLN D 60 108.05 -37.40 -47.72
C GLN D 60 107.02 -38.44 -47.29
N SER D 61 107.53 -39.60 -46.88
CA SER D 61 106.69 -40.69 -46.40
C SER D 61 105.82 -40.24 -45.23
N GLY D 62 104.55 -40.66 -45.25
CA GLY D 62 103.62 -40.31 -44.21
C GLY D 62 102.89 -39.01 -44.38
N VAL D 63 103.39 -38.12 -45.24
CA VAL D 63 102.73 -36.82 -45.46
C VAL D 63 101.43 -37.05 -46.22
N PRO D 64 100.33 -36.39 -45.83
CA PRO D 64 99.06 -36.56 -46.55
C PRO D 64 99.17 -36.16 -48.01
N SER D 65 98.38 -36.83 -48.86
CA SER D 65 98.47 -36.66 -50.30
C SER D 65 98.00 -35.29 -50.78
N ARG D 66 97.38 -34.49 -49.91
CA ARG D 66 96.99 -33.13 -50.28
C ARG D 66 98.16 -32.17 -50.39
N PHE D 67 99.36 -32.55 -49.93
CA PHE D 67 100.56 -31.76 -50.12
C PHE D 67 101.25 -32.12 -51.43
N SER D 68 101.81 -31.11 -52.09
CA SER D 68 102.53 -31.32 -53.33
C SER D 68 103.54 -30.19 -53.52
N GLY D 69 104.68 -30.53 -54.09
CA GLY D 69 105.72 -29.57 -54.38
C GLY D 69 105.98 -29.51 -55.88
N SER D 70 106.45 -28.35 -56.34
CA SER D 70 106.72 -28.16 -57.75
C SER D 70 107.83 -27.13 -57.93
N GLY D 71 108.41 -27.11 -59.12
CA GLY D 71 109.39 -26.10 -59.47
C GLY D 71 110.79 -26.61 -59.75
N SER D 72 111.56 -25.81 -60.49
CA SER D 72 112.94 -26.12 -60.80
C SER D 72 113.65 -24.83 -61.16
N GLY D 73 114.93 -24.72 -60.78
CA GLY D 73 115.70 -23.55 -61.09
C GLY D 73 115.71 -22.48 -60.01
N THR D 74 114.84 -21.48 -60.12
CA THR D 74 114.79 -20.38 -59.16
C THR D 74 113.44 -20.19 -58.49
N ASP D 75 112.36 -20.71 -59.05
CA ASP D 75 111.01 -20.50 -58.53
C ASP D 75 110.39 -21.83 -58.14
N PHE D 76 109.94 -21.92 -56.89
CA PHE D 76 109.38 -23.16 -56.35
C PHE D 76 108.03 -22.86 -55.68
N THR D 77 107.19 -23.89 -55.65
CA THR D 77 105.82 -23.73 -55.17
C THR D 77 105.39 -24.93 -54.33
N LEU D 78 104.92 -24.67 -53.12
CA LEU D 78 104.26 -25.64 -52.26
C LEU D 78 102.75 -25.43 -52.34
N THR D 79 102.00 -26.51 -52.57
CA THR D 79 100.55 -26.40 -52.72
C THR D 79 99.85 -27.38 -51.79
N ILE D 80 98.86 -26.88 -51.06
CA ILE D 80 97.93 -27.69 -50.28
C ILE D 80 96.60 -27.65 -51.02
N SER D 81 96.21 -28.77 -51.61
CA SER D 81 95.06 -28.78 -52.51
C SER D 81 93.74 -28.58 -51.76
N SER D 82 93.62 -29.16 -50.56
CA SER D 82 92.39 -29.09 -49.76
C SER D 82 92.78 -28.83 -48.31
N LEU D 83 92.77 -27.55 -47.93
CA LEU D 83 93.26 -27.15 -46.62
C LEU D 83 92.40 -27.73 -45.51
N GLN D 84 93.05 -28.24 -44.47
CA GLN D 84 92.40 -28.87 -43.34
C GLN D 84 92.72 -28.09 -42.06
N PRO D 85 91.87 -28.19 -41.02
CA PRO D 85 92.15 -27.45 -39.79
C PRO D 85 93.51 -27.77 -39.19
N GLU D 86 93.92 -29.04 -39.21
CA GLU D 86 95.22 -29.41 -38.64
C GLU D 86 96.40 -28.90 -39.45
N ASP D 87 96.18 -28.39 -40.66
CA ASP D 87 97.26 -27.86 -41.48
C ASP D 87 97.70 -26.46 -41.08
N PHE D 88 97.08 -25.88 -40.06
CA PHE D 88 97.58 -24.64 -39.48
C PHE D 88 99.02 -24.82 -39.05
N ALA D 89 99.91 -24.01 -39.62
CA ALA D 89 101.33 -24.09 -39.31
C ALA D 89 102.03 -22.93 -40.02
N THR D 90 103.33 -22.82 -39.79
CA THR D 90 104.21 -21.95 -40.54
C THR D 90 105.05 -22.83 -41.46
N TYR D 91 105.06 -22.51 -42.75
CA TYR D 91 105.76 -23.32 -43.74
C TYR D 91 107.03 -22.61 -44.18
N TYR D 92 108.08 -23.40 -44.39
CA TYR D 92 109.39 -22.88 -44.71
C TYR D 92 109.94 -23.60 -45.94
N CYS D 93 110.56 -22.84 -46.84
CA CYS D 93 111.40 -23.45 -47.86
C CYS D 93 112.85 -23.46 -47.37
N LEU D 94 113.62 -24.43 -47.86
CA LEU D 94 115.02 -24.56 -47.50
C LEU D 94 115.83 -24.92 -48.73
N GLN D 95 116.93 -24.22 -48.95
CA GLN D 95 117.86 -24.54 -50.02
C GLN D 95 119.20 -24.97 -49.43
N ASP D 96 119.87 -25.92 -50.10
CA ASP D 96 121.19 -26.36 -49.67
C ASP D 96 122.12 -26.48 -50.87
N TYR D 97 122.00 -25.55 -51.82
CA TYR D 97 122.89 -25.49 -52.96
C TYR D 97 124.29 -25.06 -52.50
N ASN D 98 125.32 -25.72 -53.05
CA ASN D 98 126.72 -25.48 -52.71
C ASN D 98 127.04 -25.70 -51.24
N TYR D 99 126.23 -26.49 -50.53
CA TYR D 99 126.48 -26.93 -49.15
C TYR D 99 126.34 -25.84 -48.10
N LEU D 100 125.83 -24.66 -48.46
CA LEU D 100 125.56 -23.60 -47.49
C LEU D 100 124.07 -23.26 -47.53
N LEU D 101 123.38 -23.51 -46.42
CA LEU D 101 121.93 -23.55 -46.33
C LEU D 101 121.34 -22.22 -45.87
N THR D 102 120.16 -21.89 -46.41
CA THR D 102 119.40 -20.70 -46.03
C THR D 102 117.92 -21.05 -46.01
N PHE D 103 117.20 -20.54 -45.01
CA PHE D 103 115.77 -20.74 -44.91
C PHE D 103 115.01 -19.54 -45.46
N GLY D 104 113.79 -19.80 -45.93
CA GLY D 104 112.87 -18.73 -46.24
C GLY D 104 112.31 -18.06 -45.00
N GLY D 105 111.66 -16.92 -45.22
CA GLY D 105 111.11 -16.16 -44.11
C GLY D 105 109.92 -16.83 -43.45
N GLY D 106 109.27 -17.75 -44.14
CA GLY D 106 108.14 -18.47 -43.58
C GLY D 106 106.80 -17.94 -44.05
N THR D 107 105.83 -18.83 -44.15
CA THR D 107 104.45 -18.48 -44.50
C THR D 107 103.54 -19.05 -43.42
N LYS D 108 102.91 -18.16 -42.67
CA LYS D 108 101.99 -18.56 -41.60
C LYS D 108 100.60 -18.75 -42.21
N VAL D 109 100.10 -19.98 -42.15
CA VAL D 109 98.80 -20.31 -42.72
C VAL D 109 97.80 -20.40 -41.57
N GLU D 110 96.84 -19.48 -41.56
CA GLU D 110 95.79 -19.45 -40.57
C GLU D 110 94.50 -20.01 -41.15
N ILE D 111 93.78 -20.81 -40.37
CA ILE D 111 92.51 -21.37 -40.82
C ILE D 111 91.42 -20.33 -40.63
N LYS D 112 90.64 -20.11 -41.68
CA LYS D 112 89.53 -19.16 -41.64
C LYS D 112 88.24 -19.92 -41.35
N ARG D 113 87.50 -19.45 -40.36
CA ARG D 113 86.28 -20.10 -39.91
C ARG D 113 85.24 -19.04 -39.57
N THR D 114 84.07 -19.49 -39.12
CA THR D 114 82.99 -18.58 -38.75
C THR D 114 83.32 -17.86 -37.44
N VAL D 115 82.65 -16.71 -37.24
CA VAL D 115 82.85 -15.93 -36.03
C VAL D 115 82.36 -16.70 -34.82
N ALA D 116 83.16 -16.72 -33.76
CA ALA D 116 82.79 -17.33 -32.49
C ALA D 116 83.06 -16.34 -31.36
N ALA D 117 82.06 -16.12 -30.53
CA ALA D 117 82.25 -15.21 -29.41
C ALA D 117 82.99 -15.91 -28.27
N PRO D 118 83.78 -15.17 -27.50
CA PRO D 118 84.50 -15.81 -26.40
C PRO D 118 83.59 -16.03 -25.20
N SER D 119 83.89 -17.10 -24.45
CA SER D 119 83.32 -17.29 -23.12
C SER D 119 84.28 -16.69 -22.11
N VAL D 120 83.74 -15.88 -21.19
CA VAL D 120 84.57 -15.06 -20.32
C VAL D 120 84.45 -15.57 -18.89
N PHE D 121 85.59 -15.78 -18.25
CA PHE D 121 85.68 -16.21 -16.87
C PHE D 121 86.67 -15.32 -16.13
N ILE D 122 86.38 -15.06 -14.87
CA ILE D 122 87.23 -14.23 -14.04
C ILE D 122 87.60 -15.01 -12.79
N PHE D 123 88.88 -14.92 -12.40
CA PHE D 123 89.41 -15.66 -11.27
C PHE D 123 89.98 -14.70 -10.23
N PRO D 124 89.51 -14.74 -8.99
CA PRO D 124 90.07 -13.88 -7.95
C PRO D 124 91.44 -14.39 -7.53
N PRO D 125 92.23 -13.57 -6.83
CA PRO D 125 93.52 -14.06 -6.33
C PRO D 125 93.33 -15.16 -5.31
N SER D 126 94.18 -16.18 -5.39
CA SER D 126 94.15 -17.26 -4.42
C SER D 126 94.56 -16.74 -3.04
N ASP D 127 94.12 -17.47 -2.01
CA ASP D 127 94.45 -17.05 -0.64
C ASP D 127 95.93 -17.22 -0.35
N GLU D 128 96.55 -18.28 -0.85
CA GLU D 128 97.97 -18.50 -0.59
C GLU D 128 98.87 -17.57 -1.39
N GLN D 129 98.34 -16.89 -2.40
CA GLN D 129 99.09 -15.80 -3.03
C GLN D 129 98.90 -14.50 -2.27
N LEU D 130 97.73 -14.30 -1.65
CA LEU D 130 97.50 -13.09 -0.87
C LEU D 130 98.37 -13.02 0.39
N LYS D 131 98.86 -14.16 0.89
CA LYS D 131 99.85 -14.15 1.96
C LYS D 131 101.27 -13.92 1.45
N SER D 132 101.47 -13.85 0.13
CA SER D 132 102.76 -13.54 -0.46
C SER D 132 102.98 -12.05 -0.67
N GLY D 133 101.92 -11.24 -0.62
CA GLY D 133 102.01 -9.80 -0.74
C GLY D 133 101.62 -9.23 -2.09
N THR D 134 101.31 -10.08 -3.08
CA THR D 134 100.85 -9.63 -4.39
C THR D 134 99.57 -10.36 -4.76
N ALA D 135 98.73 -9.70 -5.55
CA ALA D 135 97.46 -10.25 -5.99
C ALA D 135 97.40 -10.25 -7.51
N SER D 136 97.00 -11.38 -8.09
CA SER D 136 96.85 -11.51 -9.53
C SER D 136 95.41 -11.91 -9.84
N VAL D 137 94.71 -11.07 -10.58
CA VAL D 137 93.39 -11.38 -11.09
C VAL D 137 93.53 -11.80 -12.55
N VAL D 138 92.89 -12.91 -12.91
CA VAL D 138 93.03 -13.49 -14.24
C VAL D 138 91.68 -13.46 -14.94
N CYS D 139 91.70 -13.07 -16.21
CA CYS D 139 90.51 -13.08 -17.05
C CYS D 139 90.73 -14.01 -18.23
N LEU D 140 89.79 -14.94 -18.43
CA LEU D 140 89.90 -15.96 -19.45
C LEU D 140 88.88 -15.68 -20.54
N LEU D 141 89.35 -15.64 -21.79
CA LEU D 141 88.50 -15.57 -22.97
C LEU D 141 88.70 -16.88 -23.71
N ASN D 142 87.66 -17.71 -23.77
CA ASN D 142 87.79 -19.10 -24.20
C ASN D 142 87.11 -19.31 -25.54
N ASN D 143 87.86 -19.87 -26.50
CA ASN D 143 87.35 -20.37 -27.78
C ASN D 143 86.60 -19.31 -28.57
N PHE D 144 87.32 -18.38 -29.17
CA PHE D 144 86.71 -17.33 -29.97
C PHE D 144 87.40 -17.21 -31.32
N TYR D 145 86.71 -16.56 -32.26
CA TYR D 145 87.23 -16.24 -33.58
C TYR D 145 86.48 -15.03 -34.11
N PRO D 146 87.15 -14.08 -34.78
CA PRO D 146 88.57 -14.04 -35.11
C PRO D 146 89.45 -13.64 -33.92
N ARG D 147 90.75 -13.43 -34.18
CA ARG D 147 91.71 -13.29 -33.09
C ARG D 147 91.59 -11.94 -32.37
N GLU D 148 91.20 -10.87 -33.06
CA GLU D 148 91.16 -9.57 -32.42
C GLU D 148 90.19 -9.58 -31.24
N ALA D 149 90.68 -9.08 -30.11
CA ALA D 149 89.87 -8.95 -28.90
C ALA D 149 90.42 -7.79 -28.10
N LYS D 150 89.56 -7.19 -27.28
CA LYS D 150 89.93 -6.09 -26.42
C LYS D 150 89.56 -6.48 -25.00
N VAL D 151 90.49 -6.27 -24.07
CA VAL D 151 90.25 -6.53 -22.65
C VAL D 151 90.61 -5.28 -21.85
N GLN D 152 89.66 -4.85 -21.02
CA GLN D 152 89.78 -3.71 -20.13
C GLN D 152 89.46 -4.14 -18.70
N TRP D 153 90.25 -3.66 -17.75
CA TRP D 153 90.06 -3.95 -16.33
C TRP D 153 89.47 -2.76 -15.60
N LYS D 154 88.50 -3.05 -14.73
CA LYS D 154 87.84 -2.03 -13.91
C LYS D 154 87.84 -2.50 -12.46
N VAL D 155 88.50 -1.73 -11.60
CA VAL D 155 88.54 -1.96 -10.16
C VAL D 155 87.68 -0.89 -9.51
N ASP D 156 86.53 -1.30 -8.96
CA ASP D 156 85.51 -0.37 -8.44
C ASP D 156 85.05 0.62 -9.51
N ASN D 157 84.78 0.10 -10.71
CA ASN D 157 84.34 0.91 -11.84
C ASN D 157 85.30 2.08 -12.10
N ALA D 158 86.60 1.76 -12.04
CA ALA D 158 87.67 2.68 -12.42
C ALA D 158 88.60 1.98 -13.39
N LEU D 159 88.86 2.61 -14.54
CA LEU D 159 89.65 1.98 -15.58
C LEU D 159 91.11 1.84 -15.18
N GLN D 160 91.73 0.74 -15.60
CA GLN D 160 93.11 0.42 -15.28
C GLN D 160 94.00 0.55 -16.50
N SER D 161 95.28 0.86 -16.27
CA SER D 161 96.26 0.94 -17.33
C SER D 161 97.64 0.58 -16.80
N GLY D 162 98.43 -0.07 -17.65
CA GLY D 162 99.81 -0.40 -17.35
C GLY D 162 100.01 -1.53 -16.36
N ASN D 163 98.93 -2.13 -15.84
CA ASN D 163 99.03 -3.18 -14.84
C ASN D 163 98.50 -4.53 -15.31
N SER D 164 98.40 -4.76 -16.61
CA SER D 164 97.89 -6.03 -17.11
C SER D 164 98.73 -6.49 -18.29
N GLN D 165 98.81 -7.80 -18.48
CA GLN D 165 99.46 -8.37 -19.65
C GLN D 165 98.56 -9.48 -20.16
N GLU D 166 98.51 -9.67 -21.47
CA GLU D 166 97.68 -10.71 -22.05
C GLU D 166 98.53 -11.70 -22.84
N SER D 167 97.93 -12.85 -23.12
CA SER D 167 98.60 -13.95 -23.82
C SER D 167 97.54 -14.72 -24.60
N VAL D 168 97.89 -15.13 -25.82
CA VAL D 168 96.94 -15.78 -26.72
C VAL D 168 97.48 -17.15 -27.11
N THR D 169 96.62 -18.17 -27.00
CA THR D 169 96.98 -19.48 -27.51
C THR D 169 97.03 -19.45 -29.03
N GLU D 170 97.64 -20.50 -29.60
CA GLU D 170 97.61 -20.64 -31.04
C GLU D 170 96.29 -21.27 -31.46
N GLN D 171 96.02 -21.26 -32.76
CA GLN D 171 94.74 -21.75 -33.26
C GLN D 171 94.55 -23.23 -32.94
N ASP D 172 93.38 -23.56 -32.40
CA ASP D 172 93.07 -24.95 -32.06
C ASP D 172 93.02 -25.80 -33.32
N SER D 173 93.63 -26.99 -33.27
CA SER D 173 93.72 -27.84 -34.45
C SER D 173 92.38 -28.48 -34.85
N LYS D 174 91.35 -28.37 -34.01
CA LYS D 174 90.04 -28.95 -34.31
C LYS D 174 89.01 -27.89 -34.71
N ASP D 175 88.70 -26.96 -33.81
CA ASP D 175 87.68 -25.95 -34.08
C ASP D 175 88.26 -24.61 -34.52
N SER D 176 89.58 -24.49 -34.60
CA SER D 176 90.25 -23.30 -35.15
C SER D 176 89.97 -22.04 -34.35
N THR D 177 89.68 -22.14 -33.07
CA THR D 177 89.43 -20.95 -32.26
C THR D 177 90.67 -20.58 -31.45
N TYR D 178 90.59 -19.40 -30.82
CA TYR D 178 91.64 -18.90 -29.96
C TYR D 178 91.16 -18.81 -28.52
N SER D 179 92.12 -18.80 -27.61
CA SER D 179 91.87 -18.51 -26.21
C SER D 179 92.88 -17.48 -25.75
N LEU D 180 92.45 -16.62 -24.83
CA LEU D 180 93.23 -15.50 -24.35
C LEU D 180 93.14 -15.44 -22.84
N SER D 181 94.25 -15.09 -22.20
CA SER D 181 94.28 -14.87 -20.76
C SER D 181 94.87 -13.52 -20.47
N SER D 182 94.20 -12.74 -19.63
CA SER D 182 94.66 -11.44 -19.17
C SER D 182 94.87 -11.47 -17.67
N THR D 183 96.05 -11.06 -17.22
CA THR D 183 96.41 -11.08 -15.81
C THR D 183 96.62 -9.66 -15.32
N LEU D 184 95.79 -9.22 -14.38
CA LEU D 184 95.93 -7.94 -13.71
C LEU D 184 96.65 -8.15 -12.38
N THR D 185 97.79 -7.48 -12.18
CA THR D 185 98.61 -7.65 -10.98
C THR D 185 98.56 -6.39 -10.13
N LEU D 186 98.13 -6.54 -8.88
CA LEU D 186 98.10 -5.46 -7.91
C LEU D 186 98.82 -5.94 -6.65
N SER D 187 99.22 -4.99 -5.80
CA SER D 187 99.75 -5.37 -4.51
C SER D 187 98.62 -5.80 -3.58
N LYS D 188 98.97 -6.63 -2.58
CA LYS D 188 97.96 -7.14 -1.66
C LYS D 188 97.32 -6.02 -0.86
N ALA D 189 98.13 -5.06 -0.40
CA ALA D 189 97.58 -3.89 0.27
C ALA D 189 96.63 -3.12 -0.64
N ASP D 190 96.92 -3.08 -1.93
CA ASP D 190 96.09 -2.34 -2.87
C ASP D 190 94.87 -3.15 -3.30
N TYR D 191 94.98 -4.48 -3.29
CA TYR D 191 93.84 -5.32 -3.62
C TYR D 191 92.74 -5.23 -2.57
N GLU D 192 93.08 -4.93 -1.32
CA GLU D 192 92.10 -4.94 -0.24
C GLU D 192 91.38 -3.60 -0.07
N LYS D 193 91.86 -2.54 -0.71
CA LYS D 193 91.18 -1.25 -0.62
C LYS D 193 89.89 -1.22 -1.44
N HIS D 194 89.71 -2.15 -2.36
CA HIS D 194 88.60 -2.11 -3.31
C HIS D 194 87.78 -3.39 -3.22
N LYS D 195 86.58 -3.32 -3.81
CA LYS D 195 85.57 -4.37 -3.66
C LYS D 195 85.24 -5.06 -4.98
N VAL D 196 84.77 -4.32 -5.98
CA VAL D 196 84.33 -4.90 -7.25
C VAL D 196 85.51 -4.90 -8.23
N TYR D 197 85.80 -6.09 -8.77
CA TYR D 197 86.85 -6.25 -9.78
C TYR D 197 86.20 -6.83 -11.03
N ALA D 198 86.24 -6.07 -12.12
CA ALA D 198 85.52 -6.41 -13.34
C ALA D 198 86.50 -6.56 -14.50
N CYS D 199 86.20 -7.52 -15.37
CA CYS D 199 86.90 -7.73 -16.63
C CYS D 199 85.90 -7.49 -17.76
N GLU D 200 86.24 -6.58 -18.66
CA GLU D 200 85.35 -6.19 -19.76
C GLU D 200 86.04 -6.49 -21.09
N VAL D 201 85.36 -7.28 -21.93
CA VAL D 201 85.92 -7.68 -23.21
C VAL D 201 84.93 -7.30 -24.30
N THR D 202 85.45 -6.83 -25.43
CA THR D 202 84.65 -6.55 -26.61
C THR D 202 85.16 -7.44 -27.74
N HIS D 203 84.23 -8.09 -28.45
CA HIS D 203 84.62 -8.99 -29.51
C HIS D 203 83.53 -9.03 -30.56
N GLN D 204 83.93 -9.43 -31.77
CA GLN D 204 83.01 -9.42 -32.91
C GLN D 204 81.80 -10.32 -32.67
N GLY D 205 81.96 -11.43 -31.94
CA GLY D 205 80.84 -12.31 -31.72
C GLY D 205 79.87 -11.90 -30.63
N LEU D 206 80.15 -10.79 -29.95
CA LEU D 206 79.34 -10.28 -28.85
C LEU D 206 78.55 -9.07 -29.34
N SER D 207 77.26 -9.03 -29.01
CA SER D 207 76.44 -7.90 -29.43
C SER D 207 76.93 -6.58 -28.84
N SER D 208 77.51 -6.62 -27.65
CA SER D 208 78.03 -5.44 -26.97
C SER D 208 78.99 -5.91 -25.88
N PRO D 209 79.87 -5.04 -25.38
CA PRO D 209 80.92 -5.50 -24.45
C PRO D 209 80.36 -6.30 -23.29
N VAL D 210 81.03 -7.42 -22.99
CA VAL D 210 80.64 -8.31 -21.91
C VAL D 210 81.54 -8.05 -20.71
N THR D 211 80.93 -7.97 -19.51
CA THR D 211 81.65 -7.69 -18.29
C THR D 211 81.44 -8.82 -17.30
N LYS D 212 82.53 -9.42 -16.83
CA LYS D 212 82.53 -10.36 -15.72
C LYS D 212 83.22 -9.71 -14.52
N SER D 213 82.68 -9.94 -13.34
CA SER D 213 83.19 -9.30 -12.14
C SER D 213 82.92 -10.17 -10.92
N PHE D 214 83.56 -9.81 -9.82
CA PHE D 214 83.35 -10.47 -8.53
C PHE D 214 83.51 -9.44 -7.43
N ASN D 215 83.08 -9.81 -6.23
CA ASN D 215 83.20 -8.97 -5.06
C ASN D 215 84.15 -9.63 -4.05
N ARG D 216 85.09 -8.84 -3.54
CA ARG D 216 86.18 -9.33 -2.71
C ARG D 216 85.67 -9.98 -1.42
N GLN E 6 -81.42 48.06 -13.31
CA GLN E 6 -82.76 48.34 -12.81
C GLN E 6 -83.79 47.38 -13.40
N LEU E 7 -83.32 46.49 -14.27
CA LEU E 7 -84.17 45.48 -14.87
C LEU E 7 -84.71 44.50 -13.83
N GLN E 8 -86.00 44.21 -13.91
CA GLN E 8 -86.64 43.27 -13.00
C GLN E 8 -87.50 42.28 -13.78
N LEU E 9 -87.49 41.03 -13.34
CA LEU E 9 -88.25 39.95 -13.95
C LEU E 9 -89.25 39.44 -12.92
N GLN E 10 -90.51 39.32 -13.33
CA GLN E 10 -91.55 38.72 -12.48
C GLN E 10 -92.29 37.65 -13.25
N GLU E 11 -92.35 36.44 -12.69
CA GLU E 11 -93.04 35.33 -13.32
C GLU E 11 -94.36 35.06 -12.63
N SER E 12 -95.31 34.54 -13.41
CA SER E 12 -96.66 34.27 -12.94
C SER E 12 -97.19 33.05 -13.68
N GLY E 13 -98.26 32.48 -13.14
CA GLY E 13 -98.86 31.29 -13.69
C GLY E 13 -99.34 30.37 -12.59
N PRO E 14 -100.27 29.47 -12.91
CA PRO E 14 -100.79 28.59 -11.87
C PRO E 14 -99.71 27.65 -11.35
N GLY E 15 -99.71 27.46 -10.03
CA GLY E 15 -98.81 26.55 -9.37
C GLY E 15 -99.34 25.15 -9.21
N LEU E 16 -100.54 24.88 -9.71
CA LEU E 16 -101.17 23.57 -9.62
C LEU E 16 -101.69 23.21 -11.00
N VAL E 17 -101.19 22.10 -11.54
CA VAL E 17 -101.57 21.64 -12.86
C VAL E 17 -101.99 20.19 -12.75
N LYS E 18 -103.16 19.86 -13.30
CA LYS E 18 -103.64 18.50 -13.23
C LYS E 18 -102.82 17.65 -14.21
N PRO E 19 -102.68 16.35 -13.94
CA PRO E 19 -101.90 15.50 -14.85
C PRO E 19 -102.45 15.55 -16.27
N SER E 20 -101.55 15.38 -17.25
CA SER E 20 -101.86 15.38 -18.68
C SER E 20 -102.17 16.78 -19.21
N GLU E 21 -102.34 17.76 -18.32
CA GLU E 21 -102.61 19.12 -18.76
C GLU E 21 -101.30 19.82 -19.11
N THR E 22 -101.38 21.10 -19.44
CA THR E 22 -100.22 21.84 -19.93
C THR E 22 -99.78 22.86 -18.89
N LEU E 23 -98.51 22.81 -18.51
CA LEU E 23 -97.95 23.80 -17.61
C LEU E 23 -97.67 25.08 -18.38
N SER E 24 -98.08 26.22 -17.81
CA SER E 24 -97.90 27.51 -18.47
C SER E 24 -97.39 28.53 -17.45
N LEU E 25 -96.33 29.24 -17.82
CA LEU E 25 -95.76 30.27 -16.97
C LEU E 25 -95.33 31.44 -17.85
N THR E 26 -95.45 32.65 -17.31
CA THR E 26 -95.12 33.86 -18.04
C THR E 26 -94.19 34.73 -17.21
N CYS E 27 -93.19 35.30 -17.87
CA CYS E 27 -92.22 36.17 -17.22
C CYS E 27 -92.34 37.55 -17.85
N THR E 28 -92.65 38.57 -17.05
CA THR E 28 -92.81 39.93 -17.52
C THR E 28 -91.58 40.77 -17.16
N VAL E 29 -91.05 41.48 -18.14
CA VAL E 29 -89.81 42.23 -18.02
C VAL E 29 -90.15 43.70 -17.74
N SER E 30 -89.65 44.22 -16.63
CA SER E 30 -89.75 45.64 -16.30
C SER E 30 -88.36 46.24 -16.16
N GLY E 31 -88.29 47.56 -16.21
CA GLY E 31 -87.00 48.25 -16.12
C GLY E 31 -86.12 48.09 -17.34
N GLY E 32 -86.69 47.62 -18.44
CA GLY E 32 -85.93 47.40 -19.65
C GLY E 32 -86.81 46.74 -20.68
N SER E 33 -86.30 46.68 -21.90
CA SER E 33 -87.06 46.14 -23.02
C SER E 33 -86.64 44.69 -23.25
N ILE E 34 -87.64 43.82 -23.43
CA ILE E 34 -87.34 42.44 -23.81
C ILE E 34 -86.79 42.37 -25.22
N SER E 35 -87.00 43.41 -26.02
CA SER E 35 -86.51 43.48 -27.39
C SER E 35 -85.11 44.10 -27.43
N SER E 36 -84.20 43.44 -26.72
CA SER E 36 -82.80 43.85 -26.66
C SER E 36 -81.96 42.79 -27.37
N SER E 37 -81.09 43.25 -28.28
CA SER E 37 -80.26 42.34 -29.06
C SER E 37 -79.12 41.73 -28.26
N SER E 38 -78.93 42.12 -27.01
CA SER E 38 -77.81 41.65 -26.20
C SER E 38 -78.20 40.57 -25.19
N TYR E 39 -79.45 40.12 -25.20
CA TYR E 39 -79.92 39.23 -24.15
C TYR E 39 -80.77 38.11 -24.72
N TYR E 40 -80.67 36.94 -24.09
CA TYR E 40 -81.61 35.85 -24.25
C TYR E 40 -82.47 35.75 -23.01
N TRP E 41 -83.53 34.94 -23.11
CA TRP E 41 -84.51 34.82 -22.04
C TRP E 41 -84.75 33.34 -21.81
N GLY E 42 -84.38 32.86 -20.63
CA GLY E 42 -84.38 31.42 -20.40
C GLY E 42 -85.25 30.95 -19.26
N TRP E 43 -85.53 29.65 -19.24
CA TRP E 43 -86.29 29.02 -18.18
C TRP E 43 -85.43 27.93 -17.57
N ILE E 44 -85.37 27.92 -16.24
CA ILE E 44 -84.65 26.89 -15.48
C ILE E 44 -85.62 26.32 -14.46
N ARG E 45 -85.56 25.02 -14.24
CA ARG E 45 -86.41 24.40 -13.25
C ARG E 45 -85.55 23.62 -12.27
N GLN E 46 -86.11 23.36 -11.10
CA GLN E 46 -85.41 22.69 -10.01
C GLN E 46 -86.39 21.78 -9.30
N PRO E 47 -86.31 20.47 -9.52
CA PRO E 47 -87.16 19.56 -8.76
C PRO E 47 -86.86 19.67 -7.28
N PRO E 48 -87.85 19.44 -6.43
CA PRO E 48 -87.62 19.59 -4.98
C PRO E 48 -86.52 18.66 -4.50
N GLY E 49 -85.49 19.24 -3.89
CA GLY E 49 -84.37 18.47 -3.37
C GLY E 49 -83.36 18.02 -4.41
N LYS E 50 -83.49 18.46 -5.66
CA LYS E 50 -82.59 18.06 -6.73
C LYS E 50 -81.76 19.25 -7.20
N GLY E 51 -81.09 19.08 -8.34
CA GLY E 51 -80.25 20.11 -8.90
C GLY E 51 -81.00 21.02 -9.87
N LEU E 52 -80.23 21.84 -10.57
CA LEU E 52 -80.79 22.82 -11.50
C LEU E 52 -80.78 22.24 -12.91
N GLU E 53 -81.88 22.44 -13.61
CA GLU E 53 -82.05 21.93 -14.97
C GLU E 53 -82.49 23.06 -15.87
N TRP E 54 -81.72 23.30 -16.93
CA TRP E 54 -82.07 24.29 -17.94
C TRP E 54 -83.16 23.74 -18.85
N ILE E 55 -84.22 24.52 -19.05
CA ILE E 55 -85.32 24.10 -19.90
C ILE E 55 -85.15 24.60 -21.33
N GLY E 56 -84.93 25.90 -21.50
CA GLY E 56 -84.76 26.46 -22.84
C GLY E 56 -84.54 27.96 -22.77
N SER E 57 -84.14 28.51 -23.92
CA SER E 57 -83.90 29.93 -24.06
C SER E 57 -84.55 30.42 -25.34
N ILE E 58 -84.85 31.73 -25.38
CA ILE E 58 -85.51 32.33 -26.53
C ILE E 58 -84.88 33.69 -26.82
N TYR E 59 -84.71 34.00 -28.10
CA TYR E 59 -84.29 35.32 -28.53
C TYR E 59 -85.52 36.15 -28.86
N TYR E 60 -85.36 37.47 -28.75
CA TYR E 60 -86.50 38.37 -28.98
C TYR E 60 -87.01 38.31 -30.42
N SER E 61 -86.18 37.87 -31.37
CA SER E 61 -86.66 37.65 -32.74
C SER E 61 -87.54 36.41 -32.85
N GLY E 62 -87.42 35.46 -31.94
CA GLY E 62 -88.18 34.22 -31.98
C GLY E 62 -87.34 32.96 -32.01
N SER E 63 -86.01 33.06 -32.19
CA SER E 63 -85.17 31.88 -32.18
C SER E 63 -85.21 31.21 -30.81
N THR E 64 -85.31 29.88 -30.81
CA THR E 64 -85.44 29.11 -29.59
C THR E 64 -84.32 28.08 -29.50
N TYR E 65 -83.91 27.78 -28.27
CA TYR E 65 -82.98 26.69 -28.00
C TYR E 65 -83.56 25.85 -26.87
N TYR E 66 -83.74 24.56 -27.12
CA TYR E 66 -84.36 23.68 -26.13
C TYR E 66 -83.36 22.65 -25.64
N ASN E 67 -83.56 22.20 -24.41
CA ASN E 67 -82.84 21.05 -23.87
C ASN E 67 -83.30 19.79 -24.58
N PRO E 68 -82.41 19.03 -25.22
CA PRO E 68 -82.85 17.86 -25.99
C PRO E 68 -83.60 16.84 -25.14
N SER E 69 -83.44 16.87 -23.82
CA SER E 69 -84.19 15.97 -22.94
C SER E 69 -85.63 16.40 -22.73
N LEU E 70 -86.01 17.60 -23.17
CA LEU E 70 -87.36 18.10 -22.98
C LEU E 70 -87.98 18.68 -24.23
N LYS E 71 -87.32 18.54 -25.39
CA LYS E 71 -87.78 19.22 -26.59
C LYS E 71 -89.17 18.77 -27.04
N SER E 72 -89.52 17.51 -26.80
CA SER E 72 -90.81 17.00 -27.28
C SER E 72 -92.00 17.60 -26.56
N ARG E 73 -91.80 18.18 -25.37
CA ARG E 73 -92.91 18.65 -24.55
C ARG E 73 -92.85 20.14 -24.24
N VAL E 74 -91.88 20.87 -24.79
CA VAL E 74 -91.60 22.24 -24.38
C VAL E 74 -91.95 23.20 -25.51
N THR E 75 -92.59 24.31 -25.13
CA THR E 75 -92.81 25.45 -26.00
C THR E 75 -92.44 26.72 -25.23
N ILE E 76 -91.62 27.56 -25.84
CA ILE E 76 -91.26 28.88 -25.29
C ILE E 76 -91.68 29.94 -26.28
N SER E 77 -92.47 30.91 -25.81
CA SER E 77 -92.94 31.99 -26.64
C SER E 77 -92.46 33.33 -26.10
N VAL E 78 -92.49 34.34 -26.96
CA VAL E 78 -92.12 35.70 -26.59
C VAL E 78 -93.15 36.64 -27.19
N ASP E 79 -93.53 37.67 -26.44
CA ASP E 79 -94.47 38.69 -26.91
C ASP E 79 -93.77 40.03 -26.71
N THR E 80 -93.08 40.49 -27.76
CA THR E 80 -92.31 41.72 -27.65
C THR E 80 -93.23 42.92 -27.45
N SER E 81 -94.46 42.85 -27.96
CA SER E 81 -95.40 43.95 -27.78
C SER E 81 -95.84 44.08 -26.33
N LYS E 82 -95.91 42.97 -25.60
CA LYS E 82 -96.35 42.98 -24.22
C LYS E 82 -95.18 42.86 -23.23
N ASN E 83 -93.95 42.76 -23.72
CA ASN E 83 -92.75 42.65 -22.90
C ASN E 83 -92.78 41.38 -22.03
N GLN E 84 -93.15 40.27 -22.66
CA GLN E 84 -93.25 38.98 -21.99
C GLN E 84 -92.52 37.91 -22.77
N PHE E 85 -92.16 36.85 -22.05
CA PHE E 85 -91.84 35.57 -22.66
C PHE E 85 -92.42 34.49 -21.76
N SER E 86 -92.89 33.41 -22.37
CA SER E 86 -93.68 32.40 -21.66
C SER E 86 -93.11 31.01 -21.89
N LEU E 87 -93.56 30.07 -21.07
CA LEU E 87 -93.16 28.67 -21.16
C LEU E 87 -94.39 27.78 -21.12
N LYS E 88 -94.46 26.83 -22.05
CA LYS E 88 -95.52 25.84 -22.10
C LYS E 88 -94.93 24.44 -22.04
N LEU E 89 -95.55 23.57 -21.23
CA LEU E 89 -95.07 22.20 -21.06
C LEU E 89 -96.29 21.28 -21.08
N SER E 90 -96.35 20.40 -22.09
CA SER E 90 -97.53 19.58 -22.32
C SER E 90 -97.49 18.25 -21.56
N SER E 91 -98.66 17.66 -21.38
CA SER E 91 -98.87 16.31 -20.82
C SER E 91 -98.07 16.09 -19.53
N VAL E 92 -98.28 16.98 -18.55
CA VAL E 92 -97.42 16.97 -17.37
C VAL E 92 -97.64 15.71 -16.53
N THR E 93 -96.55 15.29 -15.87
CA THR E 93 -96.55 14.17 -14.95
C THR E 93 -95.97 14.64 -13.62
N ALA E 94 -96.02 13.75 -12.62
CA ALA E 94 -95.51 14.10 -11.29
C ALA E 94 -94.03 14.46 -11.30
N ALA E 95 -93.27 13.93 -12.27
CA ALA E 95 -91.85 14.26 -12.37
C ALA E 95 -91.60 15.70 -12.78
N ASP E 96 -92.64 16.43 -13.20
CA ASP E 96 -92.47 17.82 -13.57
C ASP E 96 -92.76 18.76 -12.41
N THR E 97 -93.14 18.23 -11.25
CA THR E 97 -93.25 19.03 -10.05
C THR E 97 -91.87 19.59 -9.71
N ALA E 98 -91.76 20.91 -9.72
CA ALA E 98 -90.47 21.58 -9.53
C ALA E 98 -90.75 23.06 -9.30
N VAL E 99 -89.70 23.78 -8.90
CA VAL E 99 -89.73 25.24 -8.91
C VAL E 99 -89.16 25.70 -10.24
N TYR E 100 -89.93 26.49 -10.97
CA TYR E 100 -89.53 26.94 -12.30
C TYR E 100 -89.09 28.40 -12.21
N TYR E 101 -87.95 28.71 -12.81
CA TYR E 101 -87.39 30.05 -12.78
C TYR E 101 -87.25 30.59 -14.19
N CYS E 102 -87.53 31.88 -14.35
CA CYS E 102 -87.07 32.62 -15.52
C CYS E 102 -85.91 33.51 -15.11
N ALA E 103 -85.01 33.75 -16.05
CA ALA E 103 -83.84 34.59 -15.81
C ALA E 103 -83.42 35.18 -17.14
N ARG E 104 -82.76 36.33 -17.09
CA ARG E 104 -82.20 36.92 -18.29
C ARG E 104 -80.77 36.43 -18.50
N GLU E 105 -80.46 36.09 -19.74
CA GLU E 105 -79.25 35.37 -20.10
C GLU E 105 -78.34 36.23 -20.96
N ILE E 106 -77.05 36.19 -20.67
CA ILE E 106 -76.00 36.68 -21.55
C ILE E 106 -75.17 35.48 -21.97
N THR E 107 -75.06 35.26 -23.27
CA THR E 107 -74.40 34.06 -23.76
C THR E 107 -72.89 34.13 -23.54
N MET E 108 -72.26 32.96 -23.63
CA MET E 108 -70.80 32.77 -23.64
C MET E 108 -70.17 32.88 -22.26
N ILE E 109 -70.72 33.72 -21.38
CA ILE E 109 -70.11 33.94 -20.06
C ILE E 109 -70.86 33.23 -18.94
N ALA E 110 -71.87 32.42 -19.28
CA ALA E 110 -72.65 31.67 -18.31
C ALA E 110 -73.29 32.62 -17.30
N TRP E 111 -73.94 33.65 -17.84
CA TRP E 111 -74.54 34.74 -17.05
C TRP E 111 -76.04 34.55 -17.05
N PHE E 112 -76.62 34.37 -15.87
CA PHE E 112 -78.07 34.33 -15.68
C PHE E 112 -78.34 35.38 -14.61
N ASP E 113 -78.75 36.58 -15.02
CA ASP E 113 -78.94 37.68 -14.09
C ASP E 113 -79.73 38.80 -14.73
N PRO E 114 -80.85 39.21 -14.12
CA PRO E 114 -81.36 38.64 -12.87
C PRO E 114 -82.28 37.44 -13.07
N TRP E 115 -82.88 36.98 -11.97
CA TRP E 115 -83.79 35.85 -11.98
C TRP E 115 -85.15 36.28 -11.48
N GLY E 116 -86.17 35.54 -11.87
CA GLY E 116 -87.44 35.64 -11.20
C GLY E 116 -87.37 34.99 -9.84
N GLN E 117 -88.37 35.28 -9.00
CA GLN E 117 -88.35 34.71 -7.66
C GLN E 117 -88.58 33.20 -7.68
N GLY E 118 -89.17 32.67 -8.76
CA GLY E 118 -89.43 31.26 -8.83
C GLY E 118 -90.88 30.90 -8.55
N THR E 119 -91.46 30.04 -9.37
CA THR E 119 -92.81 29.55 -9.16
C THR E 119 -92.78 28.04 -8.98
N LEU E 120 -93.32 27.58 -7.85
CA LEU E 120 -93.48 26.15 -7.62
C LEU E 120 -94.72 25.66 -8.35
N VAL E 121 -94.56 24.64 -9.19
CA VAL E 121 -95.67 24.02 -9.91
C VAL E 121 -95.81 22.58 -9.44
N THR E 122 -96.96 22.26 -8.84
CA THR E 122 -97.25 20.92 -8.35
C THR E 122 -98.19 20.24 -9.34
N VAL E 123 -97.77 19.08 -9.84
CA VAL E 123 -98.59 18.29 -10.76
C VAL E 123 -99.40 17.31 -9.91
N SER E 124 -100.72 17.52 -9.86
CA SER E 124 -101.58 16.71 -9.01
C SER E 124 -103.03 16.90 -9.43
N SER E 125 -103.80 15.82 -9.33
CA SER E 125 -105.23 15.89 -9.59
C SER E 125 -106.02 16.35 -8.37
N ALA E 126 -105.38 16.52 -7.21
CA ALA E 126 -106.10 16.89 -6.01
C ALA E 126 -106.59 18.33 -6.09
N SER E 127 -107.62 18.62 -5.29
CA SER E 127 -108.24 19.94 -5.25
C SER E 127 -107.51 20.85 -4.27
N THR E 128 -107.60 22.15 -4.52
CA THR E 128 -107.03 23.12 -3.61
C THR E 128 -107.86 23.24 -2.34
N LYS E 129 -107.19 23.31 -1.19
CA LYS E 129 -107.86 23.40 0.09
C LYS E 129 -107.10 24.37 0.98
N GLY E 130 -107.82 25.28 1.64
CA GLY E 130 -107.23 26.25 2.52
C GLY E 130 -106.94 25.67 3.88
N PRO E 131 -105.96 26.22 4.58
CA PRO E 131 -105.55 25.66 5.86
C PRO E 131 -106.37 26.19 7.02
N SER E 132 -106.38 25.40 8.09
CA SER E 132 -106.85 25.87 9.39
C SER E 132 -105.62 26.31 10.17
N VAL E 133 -105.75 27.40 10.91
CA VAL E 133 -104.63 27.99 11.63
C VAL E 133 -104.94 27.90 13.12
N PHE E 134 -104.04 27.24 13.86
CA PHE E 134 -104.25 27.06 15.28
C PHE E 134 -103.09 27.65 16.07
N PRO E 135 -103.36 28.27 17.22
CA PRO E 135 -102.27 28.84 18.02
C PRO E 135 -101.55 27.79 18.86
N LEU E 136 -100.23 27.91 18.88
CA LEU E 136 -99.42 27.21 19.88
C LEU E 136 -99.25 28.20 21.01
N ALA E 137 -100.17 28.17 21.96
CA ALA E 137 -100.21 29.19 23.00
C ALA E 137 -98.97 29.07 23.87
N PRO E 138 -98.32 30.19 24.21
CA PRO E 138 -97.16 30.11 25.10
C PRO E 138 -97.61 29.78 26.52
N SER E 139 -96.94 28.81 27.12
CA SER E 139 -97.27 28.37 28.48
C SER E 139 -96.02 28.43 29.34
N SER E 140 -95.94 29.40 30.24
CA SER E 140 -94.82 29.52 31.16
C SER E 140 -95.28 29.31 32.60
N GLY E 146 -86.44 32.52 31.08
CA GLY E 146 -86.34 33.90 30.62
C GLY E 146 -87.10 34.16 29.33
N THR E 147 -87.00 33.25 28.38
CA THR E 147 -87.67 33.40 27.09
C THR E 147 -88.73 32.32 26.92
N ALA E 148 -89.79 32.66 26.19
CA ALA E 148 -90.90 31.78 25.93
C ALA E 148 -91.09 31.63 24.43
N ALA E 149 -91.66 30.50 24.02
CA ALA E 149 -91.90 30.21 22.61
C ALA E 149 -93.40 30.12 22.35
N LEU E 150 -93.83 30.73 21.25
CA LEU E 150 -95.21 30.66 20.79
C LEU E 150 -95.21 30.62 19.28
N GLY E 151 -96.32 30.19 18.69
CA GLY E 151 -96.34 30.08 17.25
C GLY E 151 -97.71 29.73 16.71
N CYS E 152 -97.72 29.42 15.41
CA CYS E 152 -98.94 29.08 14.68
C CYS E 152 -98.76 27.75 13.97
N LEU E 153 -99.82 26.94 13.98
CA LEU E 153 -99.88 25.67 13.27
C LEU E 153 -100.77 25.87 12.05
N VAL E 154 -100.18 25.74 10.86
CA VAL E 154 -100.89 25.87 9.60
C VAL E 154 -101.14 24.45 9.08
N LYS E 155 -102.37 23.97 9.24
CA LYS E 155 -102.68 22.56 9.07
C LYS E 155 -103.65 22.34 7.92
N ASP E 156 -103.43 21.26 7.17
CA ASP E 156 -104.38 20.73 6.19
C ASP E 156 -104.62 21.68 5.03
N TYR E 157 -103.61 21.87 4.18
CA TYR E 157 -103.77 22.70 2.99
C TYR E 157 -103.13 22.02 1.79
N PHE E 158 -103.53 22.48 0.60
CA PHE E 158 -103.01 21.99 -0.67
C PHE E 158 -103.32 23.01 -1.74
N PRO E 159 -102.38 23.32 -2.65
CA PRO E 159 -101.02 22.81 -2.60
C PRO E 159 -100.09 23.78 -1.89
N GLU E 160 -98.78 23.54 -1.97
CA GLU E 160 -97.82 24.51 -1.52
C GLU E 160 -97.84 25.71 -2.47
N PRO E 161 -97.41 26.90 -2.00
CA PRO E 161 -96.91 27.18 -0.65
C PRO E 161 -97.87 28.04 0.18
N VAL E 162 -97.60 28.12 1.48
CA VAL E 162 -98.22 29.12 2.34
C VAL E 162 -97.14 30.10 2.78
N THR E 163 -97.54 31.34 3.02
CA THR E 163 -96.66 32.38 3.53
C THR E 163 -97.07 32.69 4.97
N VAL E 164 -96.07 32.75 5.86
CA VAL E 164 -96.29 33.11 7.25
C VAL E 164 -95.37 34.26 7.61
N SER E 165 -95.94 35.34 8.16
CA SER E 165 -95.21 36.43 8.75
C SER E 165 -95.72 36.67 10.17
N TRP E 166 -95.01 37.51 10.91
CA TRP E 166 -95.38 37.83 12.29
C TRP E 166 -95.47 39.34 12.46
N ASN E 167 -96.59 39.81 13.02
CA ASN E 167 -96.86 41.23 13.19
C ASN E 167 -96.66 41.98 11.87
N SER E 168 -97.26 41.43 10.81
CA SER E 168 -97.23 42.00 9.46
C SER E 168 -95.80 42.17 8.95
N GLY E 169 -94.89 41.33 9.44
CA GLY E 169 -93.51 41.35 9.02
C GLY E 169 -92.56 42.09 9.93
N ALA E 170 -93.07 42.88 10.89
CA ALA E 170 -92.19 43.65 11.75
C ALA E 170 -91.38 42.78 12.69
N LEU E 171 -91.84 41.57 12.97
CA LEU E 171 -91.14 40.65 13.87
C LEU E 171 -90.53 39.54 13.02
N THR E 172 -89.21 39.54 12.89
CA THR E 172 -88.50 38.56 12.08
C THR E 172 -87.44 37.87 12.92
N SER E 173 -86.88 38.60 13.88
CA SER E 173 -85.85 38.05 14.75
C SER E 173 -86.45 36.95 15.61
N GLY E 174 -85.79 35.78 15.59
CA GLY E 174 -86.25 34.64 16.36
C GLY E 174 -87.33 33.80 15.70
N VAL E 175 -87.80 34.18 14.52
CA VAL E 175 -88.89 33.46 13.87
C VAL E 175 -88.32 32.25 13.15
N HIS E 176 -88.97 31.10 13.30
CA HIS E 176 -88.64 29.89 12.55
C HIS E 176 -89.90 29.34 11.92
N THR E 177 -90.01 29.44 10.60
CA THR E 177 -91.09 28.82 9.84
C THR E 177 -90.53 27.55 9.19
N PHE E 178 -91.08 26.41 9.58
CA PHE E 178 -90.53 25.12 9.22
C PHE E 178 -90.98 24.69 7.82
N PRO E 179 -90.17 23.88 7.14
CA PRO E 179 -90.60 23.33 5.86
C PRO E 179 -91.90 22.55 6.00
N ALA E 180 -92.74 22.65 4.97
CA ALA E 180 -94.00 21.94 4.99
C ALA E 180 -93.78 20.43 5.06
N VAL E 181 -94.76 19.74 5.63
CA VAL E 181 -94.71 18.30 5.81
C VAL E 181 -95.97 17.70 5.20
N LEU E 182 -95.81 16.71 4.32
CA LEU E 182 -96.94 16.04 3.69
C LEU E 182 -97.47 14.95 4.61
N GLN E 183 -98.77 14.95 4.83
CA GLN E 183 -99.43 14.00 5.72
C GLN E 183 -100.04 12.84 4.93
N SER E 184 -100.43 11.80 5.66
CA SER E 184 -101.04 10.62 5.04
C SER E 184 -102.28 10.98 4.26
N SER E 185 -102.99 12.03 4.68
CA SER E 185 -104.20 12.48 4.00
C SER E 185 -103.93 13.10 2.64
N GLY E 186 -102.68 13.41 2.31
CA GLY E 186 -102.35 14.13 1.10
C GLY E 186 -102.31 15.63 1.26
N LEU E 187 -102.62 16.14 2.44
CA LEU E 187 -102.59 17.56 2.73
C LEU E 187 -101.29 17.93 3.46
N TYR E 188 -100.93 19.21 3.33
CA TYR E 188 -99.70 19.74 3.90
C TYR E 188 -99.96 20.36 5.26
N SER E 189 -98.88 20.52 6.02
CA SER E 189 -98.95 21.09 7.35
C SER E 189 -97.57 21.61 7.71
N LEU E 190 -97.53 22.80 8.31
CA LEU E 190 -96.30 23.35 8.82
C LEU E 190 -96.58 24.13 10.09
N SER E 191 -95.50 24.51 10.77
CA SER E 191 -95.56 25.33 11.96
C SER E 191 -94.62 26.51 11.79
N SER E 192 -94.99 27.63 12.40
CA SER E 192 -94.14 28.80 12.48
C SER E 192 -94.07 29.21 13.95
N VAL E 193 -92.85 29.43 14.44
CA VAL E 193 -92.64 29.74 15.85
C VAL E 193 -91.80 31.00 15.97
N VAL E 194 -91.86 31.61 17.15
CA VAL E 194 -91.03 32.75 17.48
C VAL E 194 -90.76 32.71 18.98
N THR E 195 -89.53 33.01 19.36
CA THR E 195 -89.15 33.09 20.77
C THR E 195 -89.13 34.54 21.19
N VAL E 196 -89.78 34.83 22.31
CA VAL E 196 -89.88 36.18 22.86
C VAL E 196 -89.62 36.14 24.35
N PRO E 197 -89.28 37.28 24.95
CA PRO E 197 -89.13 37.31 26.40
C PRO E 197 -90.45 37.00 27.10
N SER E 198 -90.36 36.20 28.18
CA SER E 198 -91.55 35.84 28.93
C SER E 198 -92.24 37.04 29.54
N SER E 199 -91.48 38.10 29.84
CA SER E 199 -92.06 39.29 30.45
C SER E 199 -92.94 40.08 29.50
N SER E 200 -92.83 39.83 28.19
CA SER E 200 -93.59 40.54 27.18
C SER E 200 -94.93 39.89 26.87
N LEU E 201 -95.28 38.79 27.53
CA LEU E 201 -96.46 38.01 27.13
C LEU E 201 -97.75 38.78 27.41
N GLY E 202 -97.84 39.45 28.54
CA GLY E 202 -99.03 40.18 28.89
C GLY E 202 -99.13 41.60 28.38
N THR E 203 -98.08 42.11 27.71
CA THR E 203 -98.07 43.47 27.20
C THR E 203 -97.98 43.52 25.68
N GLN E 204 -97.00 42.84 25.09
CA GLN E 204 -96.86 42.84 23.64
C GLN E 204 -97.82 41.82 23.04
N THR E 205 -98.42 42.18 21.90
CA THR E 205 -99.32 41.29 21.18
C THR E 205 -98.59 40.67 19.99
N TYR E 206 -98.82 39.38 19.78
CA TYR E 206 -98.15 38.65 18.71
C TYR E 206 -99.20 38.06 17.77
N ILE E 207 -99.19 38.49 16.51
CA ILE E 207 -100.12 38.02 15.50
C ILE E 207 -99.33 37.40 14.36
N CYS E 208 -99.69 36.17 13.99
CA CYS E 208 -99.10 35.52 12.83
C CYS E 208 -100.02 35.71 11.62
N ASN E 209 -99.42 36.03 10.48
CA ASN E 209 -100.15 36.31 9.25
C ASN E 209 -99.92 35.15 8.30
N VAL E 210 -100.95 34.33 8.13
CA VAL E 210 -100.91 33.16 7.28
C VAL E 210 -101.63 33.47 5.98
N ASN E 211 -100.94 33.29 4.86
CA ASN E 211 -101.51 33.54 3.54
C ASN E 211 -101.34 32.29 2.69
N HIS E 212 -102.43 31.83 2.08
CA HIS E 212 -102.42 30.69 1.17
C HIS E 212 -103.13 31.16 -0.10
N LYS E 213 -102.35 31.68 -1.05
CA LYS E 213 -102.93 32.25 -2.26
C LYS E 213 -103.82 31.29 -3.04
N PRO E 214 -103.47 29.99 -3.23
CA PRO E 214 -104.35 29.12 -4.02
C PRO E 214 -105.79 29.05 -3.54
N SER E 215 -106.02 29.11 -2.24
CA SER E 215 -107.37 29.03 -1.69
C SER E 215 -107.95 30.39 -1.32
N ASN E 216 -107.23 31.48 -1.61
CA ASN E 216 -107.70 32.84 -1.30
C ASN E 216 -107.92 33.03 0.19
N THR E 217 -107.09 32.39 1.00
CA THR E 217 -107.19 32.45 2.46
C THR E 217 -106.13 33.38 3.02
N LYS E 218 -106.56 34.36 3.80
CA LYS E 218 -105.67 35.17 4.64
C LYS E 218 -106.21 35.10 6.05
N VAL E 219 -105.39 34.63 6.98
CA VAL E 219 -105.79 34.55 8.38
C VAL E 219 -104.77 35.29 9.23
N ASP E 220 -105.26 36.08 10.19
CA ASP E 220 -104.43 36.74 11.18
C ASP E 220 -104.89 36.25 12.54
N LYS E 221 -104.06 35.46 13.22
CA LYS E 221 -104.41 34.86 14.49
C LYS E 221 -103.53 35.46 15.59
N LYS E 222 -104.17 36.04 16.59
CA LYS E 222 -103.46 36.58 17.74
C LYS E 222 -103.27 35.44 18.73
N VAL E 223 -102.02 35.24 19.15
CA VAL E 223 -101.64 34.10 19.98
C VAL E 223 -101.51 34.60 21.41
N GLU E 224 -102.31 34.01 22.30
CA GLU E 224 -102.38 34.47 23.67
C GLU E 224 -102.08 33.31 24.62
N PRO E 225 -101.58 33.60 25.80
CA PRO E 225 -101.42 32.55 26.81
C PRO E 225 -102.78 32.08 27.31
N LYS E 226 -102.89 30.79 27.57
CA LYS E 226 -104.17 30.18 27.92
C LYS E 226 -104.57 30.43 29.37
N ASP F 6 -73.41 15.21 -24.25
CA ASP F 6 -72.64 16.42 -24.52
C ASP F 6 -71.77 16.76 -23.31
N ILE F 7 -71.49 18.05 -23.11
CA ILE F 7 -70.60 18.46 -22.05
C ILE F 7 -71.22 18.12 -20.70
N GLN F 8 -70.48 17.39 -19.87
CA GLN F 8 -70.93 16.98 -18.55
C GLN F 8 -70.08 17.69 -17.50
N MET F 9 -70.75 18.23 -16.48
CA MET F 9 -70.04 18.92 -15.39
C MET F 9 -70.07 18.04 -14.15
N THR F 10 -68.89 17.60 -13.71
CA THR F 10 -68.73 16.86 -12.47
C THR F 10 -68.21 17.81 -11.39
N GLN F 11 -69.05 18.12 -10.41
CA GLN F 11 -68.69 19.02 -9.33
C GLN F 11 -68.26 18.23 -8.11
N SER F 12 -67.28 18.76 -7.38
CA SER F 12 -66.71 18.07 -6.23
C SER F 12 -66.20 19.10 -5.22
N PRO F 13 -66.39 18.85 -3.91
CA PRO F 13 -67.11 17.69 -3.38
C PRO F 13 -68.63 17.87 -3.42
N SER F 14 -69.38 16.81 -3.07
CA SER F 14 -70.84 16.94 -3.04
C SER F 14 -71.29 17.76 -1.84
N SER F 15 -70.65 17.55 -0.69
CA SER F 15 -70.98 18.32 0.49
C SER F 15 -69.73 18.46 1.36
N LEU F 16 -69.62 19.59 2.04
CA LEU F 16 -68.51 19.83 2.95
C LEU F 16 -69.00 20.63 4.13
N SER F 17 -68.28 20.51 5.24
CA SER F 17 -68.59 21.21 6.48
C SER F 17 -67.33 21.94 6.92
N ALA F 18 -67.42 23.26 7.08
CA ALA F 18 -66.28 24.08 7.40
C ALA F 18 -66.64 25.09 8.48
N SER F 19 -65.63 25.53 9.21
CA SER F 19 -65.80 26.51 10.28
C SER F 19 -65.72 27.94 9.75
N VAL F 20 -66.25 28.87 10.54
CA VAL F 20 -66.18 30.28 10.19
C VAL F 20 -64.72 30.72 10.13
N GLY F 21 -64.37 31.43 9.06
CA GLY F 21 -63.01 31.89 8.84
C GLY F 21 -62.15 30.99 7.99
N ASP F 22 -62.57 29.75 7.75
CA ASP F 22 -61.80 28.80 6.97
C ASP F 22 -61.85 29.14 5.47
N ARG F 23 -61.01 28.43 4.71
CA ARG F 23 -60.98 28.52 3.26
C ARG F 23 -61.72 27.33 2.67
N VAL F 24 -62.75 27.61 1.86
CA VAL F 24 -63.54 26.58 1.19
C VAL F 24 -63.07 26.51 -0.26
N THR F 25 -62.86 25.30 -0.77
CA THR F 25 -62.42 25.08 -2.14
C THR F 25 -63.39 24.11 -2.81
N ILE F 26 -64.02 24.57 -3.90
CA ILE F 26 -64.92 23.75 -4.71
C ILE F 26 -64.35 23.66 -6.11
N THR F 27 -64.28 22.44 -6.65
CA THR F 27 -63.77 22.23 -8.00
C THR F 27 -64.89 21.69 -8.89
N CYS F 28 -64.80 22.01 -10.17
CA CYS F 28 -65.79 21.60 -11.16
C CYS F 28 -65.05 21.25 -12.45
N ARG F 29 -65.24 20.03 -12.93
CA ARG F 29 -64.50 19.51 -14.08
C ARG F 29 -65.45 19.24 -15.25
N ALA F 30 -65.04 19.66 -16.44
CA ALA F 30 -65.80 19.45 -17.67
C ALA F 30 -65.17 18.34 -18.49
N SER F 31 -66.03 17.57 -19.17
CA SER F 31 -65.55 16.43 -19.94
C SER F 31 -64.72 16.86 -21.15
N GLN F 32 -64.93 18.07 -21.66
CA GLN F 32 -64.06 18.62 -22.67
C GLN F 32 -63.89 20.12 -22.43
N GLY F 33 -63.00 20.74 -23.20
CA GLY F 33 -62.70 22.15 -23.02
C GLY F 33 -63.87 23.05 -23.31
N ILE F 34 -64.12 24.02 -22.44
CA ILE F 34 -65.25 24.92 -22.59
C ILE F 34 -64.80 26.37 -22.49
N ARG F 35 -63.56 26.63 -22.89
CA ARG F 35 -62.96 27.97 -22.86
C ARG F 35 -63.02 28.48 -21.42
N ASN F 36 -63.57 29.66 -21.15
CA ASN F 36 -63.88 30.13 -19.81
C ASN F 36 -65.38 30.38 -19.67
N ASP F 37 -66.18 29.58 -20.37
CA ASP F 37 -67.64 29.70 -20.38
C ASP F 37 -68.22 29.02 -19.14
N LEU F 38 -67.83 29.53 -17.98
CA LEU F 38 -68.18 28.95 -16.71
C LEU F 38 -68.73 30.05 -15.81
N GLY F 39 -69.79 29.72 -15.08
CA GLY F 39 -70.34 30.63 -14.10
C GLY F 39 -70.50 29.92 -12.78
N TRP F 40 -70.40 30.70 -11.71
CA TRP F 40 -70.56 30.17 -10.37
C TRP F 40 -71.80 30.78 -9.75
N TYR F 41 -72.63 29.92 -9.20
CA TYR F 41 -73.91 30.34 -8.67
C TYR F 41 -74.04 29.85 -7.24
N GLN F 42 -74.69 30.66 -6.43
CA GLN F 42 -74.96 30.35 -5.05
C GLN F 42 -76.47 30.31 -4.93
N GLN F 43 -76.99 29.23 -4.37
CA GLN F 43 -78.44 29.11 -4.21
C GLN F 43 -78.70 29.01 -2.72
N LYS F 44 -79.25 30.04 -2.16
CA LYS F 44 -79.62 30.04 -0.76
C LYS F 44 -81.05 29.57 -0.58
N PRO F 45 -81.41 29.12 0.62
CA PRO F 45 -82.72 28.48 0.82
C PRO F 45 -83.89 29.36 0.38
N GLY F 46 -84.80 28.75 -0.38
CA GLY F 46 -86.04 29.36 -0.79
C GLY F 46 -85.86 30.52 -1.74
N LYS F 47 -84.65 30.64 -2.28
CA LYS F 47 -84.29 31.74 -3.14
C LYS F 47 -83.84 31.23 -4.49
N ALA F 48 -83.98 32.10 -5.48
CA ALA F 48 -83.39 31.83 -6.78
C ALA F 48 -81.87 31.86 -6.67
N PRO F 49 -81.17 31.15 -7.55
CA PRO F 49 -79.71 31.22 -7.54
C PRO F 49 -79.21 32.64 -7.78
N LYS F 50 -78.12 32.99 -7.10
CA LYS F 50 -77.50 34.30 -7.25
C LYS F 50 -76.18 34.12 -7.97
N LEU F 51 -75.92 34.99 -8.94
CA LEU F 51 -74.68 34.92 -9.71
C LEU F 51 -73.51 35.40 -8.86
N LEU F 52 -72.46 34.60 -8.79
CA LEU F 52 -71.25 34.96 -8.06
C LEU F 52 -70.11 35.32 -8.98
N ILE F 53 -69.76 34.43 -9.91
CA ILE F 53 -68.63 34.63 -10.82
C ILE F 53 -69.07 34.25 -12.22
N TYR F 54 -68.72 35.08 -13.20
CA TYR F 54 -68.87 34.77 -14.61
C TYR F 54 -67.52 34.86 -15.29
N ALA F 55 -67.43 34.25 -16.48
CA ALA F 55 -66.17 34.17 -17.22
C ALA F 55 -65.07 33.57 -16.37
N ALA F 56 -65.42 32.51 -15.64
CA ALA F 56 -64.48 31.69 -14.89
C ALA F 56 -63.89 32.44 -13.70
N SER F 57 -63.55 33.71 -13.86
CA SER F 57 -62.81 34.41 -12.81
C SER F 57 -63.28 35.83 -12.55
N SER F 58 -64.35 36.29 -13.19
CA SER F 58 -64.82 37.67 -13.01
C SER F 58 -65.87 37.70 -11.90
N LEU F 59 -65.54 38.36 -10.79
CA LEU F 59 -66.51 38.51 -9.70
C LEU F 59 -67.47 39.63 -10.09
N GLN F 60 -68.76 39.36 -10.10
CA GLN F 60 -69.68 40.43 -10.47
C GLN F 60 -69.72 41.44 -9.33
N SER F 61 -69.91 42.71 -9.69
CA SER F 61 -69.94 43.79 -8.72
C SER F 61 -70.98 43.54 -7.63
N GLY F 62 -70.62 43.91 -6.39
CA GLY F 62 -71.44 43.73 -5.23
C GLY F 62 -71.23 42.42 -4.49
N VAL F 63 -70.67 41.41 -5.14
CA VAL F 63 -70.34 40.15 -4.46
C VAL F 63 -69.19 40.40 -3.50
N PRO F 64 -69.22 39.90 -2.26
CA PRO F 64 -68.10 40.14 -1.35
C PRO F 64 -66.81 39.55 -1.91
N SER F 65 -65.70 40.22 -1.62
CA SER F 65 -64.41 39.88 -2.21
C SER F 65 -63.86 38.54 -1.72
N ARG F 66 -64.45 37.93 -0.70
CA ARG F 66 -63.97 36.63 -0.25
C ARG F 66 -64.27 35.52 -1.24
N PHE F 67 -65.11 35.77 -2.24
CA PHE F 67 -65.35 34.84 -3.32
C PHE F 67 -64.37 35.08 -4.45
N SER F 68 -63.94 34.01 -5.09
CA SER F 68 -63.04 34.10 -6.23
C SER F 68 -63.19 32.84 -7.06
N GLY F 69 -63.12 32.99 -8.38
CA GLY F 69 -63.18 31.88 -9.30
C GLY F 69 -61.91 31.79 -10.10
N SER F 70 -61.58 30.58 -10.53
CA SER F 70 -60.36 30.35 -11.29
C SER F 70 -60.55 29.13 -12.17
N GLY F 71 -59.67 28.98 -13.14
CA GLY F 71 -59.64 27.82 -13.99
C GLY F 71 -59.97 28.17 -15.43
N SER F 72 -59.52 27.30 -16.33
CA SER F 72 -59.77 27.49 -17.75
C SER F 72 -59.62 26.15 -18.45
N GLY F 73 -60.45 25.91 -19.46
CA GLY F 73 -60.39 24.68 -20.21
C GLY F 73 -61.31 23.61 -19.67
N THR F 74 -60.78 22.75 -18.81
CA THR F 74 -61.53 21.67 -18.21
C THR F 74 -61.56 21.70 -16.68
N ASP F 75 -60.68 22.47 -16.05
CA ASP F 75 -60.56 22.51 -14.59
C ASP F 75 -60.94 23.90 -14.10
N PHE F 76 -61.91 23.97 -13.19
CA PHE F 76 -62.39 25.23 -12.64
C PHE F 76 -62.45 25.11 -11.12
N THR F 77 -62.29 26.24 -10.45
CA THR F 77 -62.21 26.25 -9.00
C THR F 77 -62.93 27.46 -8.42
N LEU F 78 -63.86 27.22 -7.51
CA LEU F 78 -64.50 28.26 -6.70
C LEU F 78 -63.87 28.26 -5.31
N THR F 79 -63.45 29.44 -4.84
CA THR F 79 -62.79 29.58 -3.55
C THR F 79 -63.47 30.65 -2.71
N ILE F 80 -63.79 30.32 -1.46
CA ILE F 80 -64.27 31.28 -0.48
C ILE F 80 -63.16 31.51 0.53
N SER F 81 -62.57 32.71 0.51
CA SER F 81 -61.33 32.94 1.25
C SER F 81 -61.54 32.90 2.76
N SER F 82 -62.64 33.47 3.24
CA SER F 82 -62.92 33.52 4.68
C SER F 82 -64.41 33.22 4.88
N LEU F 83 -64.73 31.96 5.17
CA LEU F 83 -66.12 31.53 5.20
C LEU F 83 -66.89 32.26 6.29
N GLN F 84 -68.08 32.73 5.94
CA GLN F 84 -68.97 33.49 6.79
C GLN F 84 -70.26 32.71 7.03
N PRO F 85 -70.96 32.97 8.14
CA PRO F 85 -72.19 32.21 8.41
C PRO F 85 -73.22 32.28 7.29
N GLU F 86 -73.39 33.46 6.67
CA GLU F 86 -74.35 33.61 5.59
C GLU F 86 -73.94 32.89 4.31
N ASP F 87 -72.70 32.40 4.22
CA ASP F 87 -72.27 31.70 3.03
C ASP F 87 -72.82 30.28 2.95
N PHE F 88 -73.60 29.87 3.96
CA PHE F 88 -74.32 28.61 3.90
C PHE F 88 -75.23 28.59 2.69
N ALA F 89 -74.97 27.67 1.77
CA ALA F 89 -75.73 27.58 0.53
C ALA F 89 -75.29 26.33 -0.20
N THR F 90 -75.93 26.06 -1.33
CA THR F 90 -75.48 25.08 -2.30
C THR F 90 -74.92 25.82 -3.50
N TYR F 91 -73.71 25.44 -3.91
CA TYR F 91 -73.03 26.12 -5.00
C TYR F 91 -73.04 25.24 -6.24
N TYR F 92 -73.26 25.87 -7.39
CA TYR F 92 -73.41 25.19 -8.67
C TYR F 92 -72.49 25.85 -9.68
N CYS F 93 -71.80 25.03 -10.47
CA CYS F 93 -71.15 25.56 -11.67
C CYS F 93 -72.09 25.41 -12.85
N LEU F 94 -71.94 26.30 -13.82
CA LEU F 94 -72.77 26.28 -15.01
C LEU F 94 -71.88 26.57 -16.21
N GLN F 95 -72.05 25.75 -17.25
CA GLN F 95 -71.38 25.97 -18.52
C GLN F 95 -72.42 26.32 -19.58
N ASP F 96 -72.02 27.18 -20.52
CA ASP F 96 -72.86 27.54 -21.65
C ASP F 96 -72.06 27.46 -22.95
N TYR F 97 -71.12 26.52 -23.01
CA TYR F 97 -70.37 26.28 -24.24
C TYR F 97 -71.25 25.56 -25.26
N ASN F 98 -71.11 25.97 -26.52
CA ASN F 98 -71.89 25.41 -27.63
C ASN F 98 -73.39 25.59 -27.42
N TYR F 99 -73.79 26.69 -26.77
CA TYR F 99 -75.17 27.16 -26.72
C TYR F 99 -76.14 26.30 -25.93
N LEU F 100 -75.73 25.09 -25.53
CA LEU F 100 -76.61 24.14 -24.83
C LEU F 100 -76.08 23.89 -23.42
N LEU F 101 -76.95 24.07 -22.44
CA LEU F 101 -76.59 24.31 -21.05
C LEU F 101 -76.64 23.06 -20.15
N THR F 102 -75.69 22.99 -19.20
CA THR F 102 -75.65 21.98 -18.15
C THR F 102 -75.13 22.58 -16.86
N PHE F 103 -75.74 22.20 -15.74
CA PHE F 103 -75.31 22.61 -14.41
C PHE F 103 -74.48 21.50 -13.78
N GLY F 104 -73.63 21.89 -12.84
CA GLY F 104 -72.96 20.91 -12.01
C GLY F 104 -73.92 20.27 -11.02
N GLY F 105 -73.45 19.18 -10.39
CA GLY F 105 -74.29 18.46 -9.46
C GLY F 105 -74.58 19.20 -8.18
N GLY F 106 -73.80 20.21 -7.86
CA GLY F 106 -74.03 21.01 -6.67
C GLY F 106 -73.09 20.63 -5.53
N THR F 107 -72.76 21.63 -4.71
CA THR F 107 -71.95 21.44 -3.51
C THR F 107 -72.68 22.05 -2.33
N LYS F 108 -73.14 21.20 -1.42
CA LYS F 108 -73.82 21.66 -0.22
C LYS F 108 -72.79 22.08 0.82
N VAL F 109 -72.78 23.36 1.18
CA VAL F 109 -71.80 23.90 2.12
C VAL F 109 -72.48 24.15 3.46
N GLU F 110 -72.00 23.47 4.49
CA GLU F 110 -72.51 23.63 5.85
C GLU F 110 -71.48 24.35 6.71
N ILE F 111 -71.96 25.21 7.59
CA ILE F 111 -71.11 25.91 8.54
C ILE F 111 -70.95 25.05 9.79
N LYS F 112 -69.71 24.83 10.21
CA LYS F 112 -69.42 24.12 11.44
C LYS F 112 -69.19 25.11 12.58
N ARG F 113 -69.84 24.88 13.71
CA ARG F 113 -69.76 25.74 14.88
C ARG F 113 -69.73 24.87 16.14
N THR F 114 -69.65 25.52 17.30
CA THR F 114 -69.59 24.79 18.55
C THR F 114 -70.92 24.11 18.84
N VAL F 115 -70.87 23.04 19.64
CA VAL F 115 -72.08 22.31 20.00
C VAL F 115 -72.98 23.22 20.84
N ALA F 116 -74.26 23.24 20.48
CA ALA F 116 -75.26 24.00 21.24
C ALA F 116 -76.43 23.10 21.55
N ALA F 117 -76.81 23.05 22.82
CA ALA F 117 -77.94 22.22 23.18
C ALA F 117 -79.25 22.93 22.83
N PRO F 118 -80.27 22.17 22.44
CA PRO F 118 -81.54 22.79 22.07
C PRO F 118 -82.34 23.21 23.29
N SER F 119 -83.12 24.26 23.12
CA SER F 119 -84.15 24.62 24.07
C SER F 119 -85.44 23.94 23.62
N VAL F 120 -86.13 23.30 24.56
CA VAL F 120 -87.27 22.44 24.24
C VAL F 120 -88.53 23.09 24.78
N PHE F 121 -89.56 23.17 23.94
CA PHE F 121 -90.87 23.67 24.32
C PHE F 121 -91.92 22.69 23.83
N ILE F 122 -92.99 22.52 24.61
CA ILE F 122 -94.07 21.62 24.26
C ILE F 122 -95.37 22.41 24.26
N PHE F 123 -96.19 22.17 23.24
CA PHE F 123 -97.43 22.91 23.05
C PHE F 123 -98.60 21.95 23.05
N PRO F 124 -99.60 22.14 23.91
CA PRO F 124 -100.79 21.29 23.85
C PRO F 124 -101.64 21.68 22.65
N PRO F 125 -102.57 20.83 22.24
CA PRO F 125 -103.46 21.19 21.14
C PRO F 125 -104.33 22.37 21.52
N SER F 126 -104.54 23.28 20.57
CA SER F 126 -105.43 24.40 20.83
C SER F 126 -106.86 23.90 21.01
N ASP F 127 -107.65 24.67 21.77
CA ASP F 127 -109.02 24.26 22.04
C ASP F 127 -109.93 24.40 20.82
N GLU F 128 -109.57 25.25 19.85
CA GLU F 128 -110.40 25.35 18.65
C GLU F 128 -110.08 24.24 17.65
N GLN F 129 -108.88 23.68 17.68
CA GLN F 129 -108.66 22.43 16.95
C GLN F 129 -109.35 21.26 17.62
N LEU F 130 -109.46 21.28 18.95
CA LEU F 130 -110.16 20.22 19.67
C LEU F 130 -111.65 20.19 19.38
N LYS F 131 -112.17 21.21 18.70
CA LYS F 131 -113.56 21.21 18.25
C LYS F 131 -113.73 20.58 16.89
N SER F 132 -112.64 20.25 16.21
CA SER F 132 -112.69 19.65 14.88
C SER F 132 -112.57 18.13 14.90
N GLY F 133 -112.12 17.53 16.00
CA GLY F 133 -111.99 16.10 16.06
C GLY F 133 -110.58 15.55 15.95
N THR F 134 -109.58 16.41 15.79
CA THR F 134 -108.18 15.98 15.76
C THR F 134 -107.39 16.79 16.76
N ALA F 135 -106.34 16.17 17.31
CA ALA F 135 -105.46 16.82 18.27
C ALA F 135 -104.03 16.79 17.76
N SER F 136 -103.36 17.93 17.81
CA SER F 136 -101.97 18.07 17.38
C SER F 136 -101.13 18.52 18.56
N VAL F 137 -100.20 17.67 18.97
CA VAL F 137 -99.21 18.03 19.99
C VAL F 137 -97.90 18.34 19.28
N VAL F 138 -97.32 19.50 19.57
CA VAL F 138 -96.14 19.98 18.89
C VAL F 138 -95.00 20.09 19.88
N CYS F 139 -93.83 19.61 19.48
CA CYS F 139 -92.62 19.72 20.27
C CYS F 139 -91.58 20.52 19.49
N LEU F 140 -91.02 21.54 20.12
CA LEU F 140 -90.08 22.46 19.47
C LEU F 140 -88.68 22.24 20.03
N LEU F 141 -87.71 22.06 19.13
CA LEU F 141 -86.30 22.02 19.47
C LEU F 141 -85.65 23.24 18.81
N ASN F 142 -85.19 24.18 19.61
CA ASN F 142 -84.82 25.50 19.12
C ASN F 142 -83.30 25.71 19.21
N ASN F 143 -82.69 26.07 18.09
CA ASN F 143 -81.31 26.56 18.02
C ASN F 143 -80.32 25.58 18.63
N PHE F 144 -80.04 24.49 17.92
CA PHE F 144 -79.09 23.49 18.36
C PHE F 144 -78.11 23.18 17.24
N TYR F 145 -76.99 22.56 17.62
CA TYR F 145 -75.98 22.11 16.68
C TYR F 145 -75.24 20.94 17.30
N PRO F 146 -74.96 19.86 16.54
CA PRO F 146 -75.26 19.66 15.11
C PRO F 146 -76.70 19.31 14.84
N ARG F 147 -77.01 18.98 13.58
CA ARG F 147 -78.40 18.83 13.17
C ARG F 147 -79.04 17.54 13.67
N GLU F 148 -78.24 16.53 14.01
CA GLU F 148 -78.78 15.25 14.46
C GLU F 148 -79.42 15.39 15.84
N ALA F 149 -80.67 14.97 15.94
CA ALA F 149 -81.41 14.99 17.19
C ALA F 149 -82.50 13.95 17.12
N LYS F 150 -82.87 13.42 18.29
CA LYS F 150 -83.90 12.40 18.40
C LYS F 150 -85.01 12.92 19.30
N VAL F 151 -86.25 12.67 18.88
CA VAL F 151 -87.44 13.07 19.61
C VAL F 151 -88.30 11.83 19.78
N GLN F 152 -88.74 11.59 21.02
CA GLN F 152 -89.56 10.44 21.35
C GLN F 152 -90.83 10.94 22.00
N TRP F 153 -91.97 10.39 21.60
CA TRP F 153 -93.24 10.74 22.21
C TRP F 153 -93.66 9.62 23.15
N LYS F 154 -94.06 9.99 24.37
CA LYS F 154 -94.53 9.03 25.38
C LYS F 154 -95.85 9.55 25.91
N VAL F 155 -96.90 8.77 25.74
CA VAL F 155 -98.22 9.09 26.29
C VAL F 155 -98.47 8.15 27.46
N ASP F 156 -98.41 8.70 28.67
CA ASP F 156 -98.49 7.91 29.90
C ASP F 156 -97.38 6.86 29.98
N ASN F 157 -96.15 7.28 29.65
CA ASN F 157 -95.00 6.36 29.59
C ASN F 157 -95.29 5.17 28.70
N ALA F 158 -95.90 5.46 27.54
CA ALA F 158 -96.11 4.48 26.48
C ALA F 158 -95.57 5.07 25.19
N LEU F 159 -94.55 4.43 24.63
CA LEU F 159 -93.90 4.96 23.44
C LEU F 159 -94.88 5.02 22.27
N GLN F 160 -94.75 6.07 21.47
CA GLN F 160 -95.52 6.21 20.24
C GLN F 160 -94.61 6.02 19.04
N SER F 161 -95.18 5.53 17.95
CA SER F 161 -94.46 5.38 16.70
C SER F 161 -95.44 5.51 15.55
N GLY F 162 -94.96 6.07 14.44
CA GLY F 162 -95.78 6.19 13.25
C GLY F 162 -96.86 7.24 13.27
N ASN F 163 -97.01 7.99 14.37
CA ASN F 163 -98.05 9.00 14.48
C ASN F 163 -97.46 10.41 14.62
N SER F 164 -96.21 10.61 14.23
CA SER F 164 -95.54 11.89 14.34
C SER F 164 -94.74 12.15 13.07
N GLN F 165 -94.54 13.43 12.75
CA GLN F 165 -93.70 13.80 11.62
C GLN F 165 -92.81 14.94 12.08
N GLU F 166 -91.63 15.04 11.46
CA GLU F 166 -90.65 16.02 11.87
C GLU F 166 -90.29 16.95 10.72
N SER F 167 -89.76 18.11 11.08
CA SER F 167 -89.34 19.11 10.11
C SER F 167 -88.19 19.88 10.72
N VAL F 168 -87.16 20.17 9.93
CA VAL F 168 -86.01 20.90 10.44
C VAL F 168 -85.76 22.09 9.51
N THR F 169 -85.59 23.27 10.09
CA THR F 169 -85.20 24.44 9.34
C THR F 169 -83.80 24.26 8.76
N GLU F 170 -83.44 25.17 7.85
CA GLU F 170 -82.05 25.20 7.38
C GLU F 170 -81.16 25.95 8.34
N GLN F 171 -79.86 25.85 8.10
CA GLN F 171 -78.88 26.43 9.02
C GLN F 171 -79.13 27.92 9.08
N ASP F 172 -79.25 28.45 10.29
CA ASP F 172 -79.51 29.87 10.43
C ASP F 172 -78.31 30.65 9.92
N SER F 173 -78.55 31.66 9.06
CA SER F 173 -77.45 32.37 8.44
C SER F 173 -76.71 33.26 9.42
N LYS F 174 -77.14 33.34 10.67
CA LYS F 174 -76.51 34.18 11.68
C LYS F 174 -75.74 33.37 12.71
N ASP F 175 -76.42 32.49 13.46
CA ASP F 175 -75.80 31.69 14.49
C ASP F 175 -75.49 30.26 14.05
N SER F 176 -75.84 29.90 12.81
CA SER F 176 -75.48 28.61 12.21
C SER F 176 -76.10 27.43 12.96
N THR F 177 -77.22 27.66 13.64
CA THR F 177 -77.90 26.59 14.37
C THR F 177 -79.06 26.04 13.55
N TYR F 178 -79.62 24.95 14.04
CA TYR F 178 -80.78 24.30 13.45
C TYR F 178 -81.96 24.35 14.41
N SER F 179 -83.16 24.23 13.86
CA SER F 179 -84.36 24.09 14.66
C SER F 179 -85.23 22.96 14.12
N LEU F 180 -85.95 22.29 15.01
CA LEU F 180 -86.73 21.12 14.65
C LEU F 180 -88.11 21.21 15.29
N SER F 181 -89.12 20.77 14.56
CA SER F 181 -90.49 20.69 15.07
C SER F 181 -91.01 19.29 14.84
N SER F 182 -91.57 18.69 15.89
CA SER F 182 -92.19 17.37 15.81
C SER F 182 -93.66 17.51 16.17
N THR F 183 -94.52 17.02 15.28
CA THR F 183 -95.97 17.13 15.44
C THR F 183 -96.57 15.75 15.64
N LEU F 184 -97.15 15.52 16.81
CA LEU F 184 -97.88 14.31 17.14
C LEU F 184 -99.37 14.56 16.87
N THR F 185 -99.96 13.76 15.99
CA THR F 185 -101.36 13.91 15.62
C THR F 185 -102.16 12.73 16.14
N LEU F 186 -103.17 13.01 16.95
CA LEU F 186 -104.11 12.02 17.46
C LEU F 186 -105.53 12.51 17.23
N SER F 187 -106.49 11.59 17.32
CA SER F 187 -107.88 11.98 17.37
C SER F 187 -108.21 12.51 18.76
N LYS F 188 -109.16 13.45 18.83
CA LYS F 188 -109.50 14.01 20.13
C LYS F 188 -110.26 13.01 21.00
N ALA F 189 -110.79 11.94 20.42
CA ALA F 189 -111.33 10.86 21.25
C ALA F 189 -110.21 10.18 22.02
N ASP F 190 -109.05 10.04 21.40
CA ASP F 190 -107.86 9.46 22.03
C ASP F 190 -107.09 10.48 22.84
N TYR F 191 -107.14 11.76 22.47
CA TYR F 191 -106.44 12.75 23.27
C TYR F 191 -107.05 12.85 24.66
N GLU F 192 -108.34 12.56 24.79
CA GLU F 192 -109.05 12.66 26.07
C GLU F 192 -109.04 11.37 26.87
N LYS F 193 -108.40 10.30 26.37
CA LYS F 193 -108.29 9.08 27.15
C LYS F 193 -107.03 9.03 28.02
N HIS F 194 -106.06 9.90 27.76
CA HIS F 194 -104.80 9.89 28.49
C HIS F 194 -104.51 11.31 28.98
N LYS F 195 -103.68 11.41 30.01
CA LYS F 195 -103.38 12.70 30.63
C LYS F 195 -101.94 13.15 30.45
N VAL F 196 -100.97 12.28 30.64
CA VAL F 196 -99.55 12.66 30.53
C VAL F 196 -99.14 12.61 29.07
N TYR F 197 -98.65 13.73 28.56
CA TYR F 197 -98.07 13.80 27.22
C TYR F 197 -96.66 14.35 27.35
N ALA F 198 -95.67 13.54 27.02
CA ALA F 198 -94.28 13.90 27.23
C ALA F 198 -93.53 13.91 25.90
N CYS F 199 -92.64 14.88 25.74
CA CYS F 199 -91.71 14.93 24.63
C CYS F 199 -90.30 14.90 25.20
N GLU F 200 -89.52 13.90 24.79
CA GLU F 200 -88.16 13.72 25.31
C GLU F 200 -87.18 13.71 24.15
N VAL F 201 -86.15 14.55 24.25
CA VAL F 201 -85.18 14.76 23.18
C VAL F 201 -83.79 14.39 23.69
N THR F 202 -83.00 13.78 22.81
CA THR F 202 -81.60 13.47 23.10
C THR F 202 -80.74 14.21 22.08
N HIS F 203 -79.71 14.89 22.57
CA HIS F 203 -78.85 15.65 21.69
C HIS F 203 -77.46 15.74 22.31
N GLN F 204 -76.45 15.99 21.46
CA GLN F 204 -75.07 16.01 21.90
C GLN F 204 -74.83 17.01 23.02
N GLY F 205 -75.53 18.14 22.98
CA GLY F 205 -75.36 19.19 23.97
C GLY F 205 -76.05 18.97 25.28
N LEU F 206 -76.76 17.85 25.41
CA LEU F 206 -77.48 17.51 26.63
C LEU F 206 -76.70 16.43 27.37
N SER F 207 -76.49 16.63 28.67
CA SER F 207 -75.79 15.61 29.45
C SER F 207 -76.56 14.30 29.47
N SER F 208 -77.88 14.38 29.39
CA SER F 208 -78.78 13.24 29.37
C SER F 208 -80.14 13.73 28.85
N PRO F 209 -81.00 12.83 28.36
CA PRO F 209 -82.23 13.28 27.69
C PRO F 209 -83.05 14.24 28.54
N VAL F 210 -83.57 15.28 27.88
CA VAL F 210 -84.39 16.32 28.50
C VAL F 210 -85.85 16.06 28.15
N THR F 211 -86.73 16.18 29.13
CA THR F 211 -88.15 15.90 28.97
C THR F 211 -88.96 17.15 29.32
N LYS F 212 -89.78 17.59 28.37
CA LYS F 212 -90.80 18.59 28.60
C LYS F 212 -92.16 17.92 28.48
N SER F 213 -93.08 18.28 29.38
CA SER F 213 -94.36 17.59 29.41
C SER F 213 -95.44 18.51 29.98
N PHE F 214 -96.69 18.09 29.76
CA PHE F 214 -97.85 18.75 30.34
C PHE F 214 -98.92 17.71 30.58
N ASN F 215 -99.90 18.08 31.40
CA ASN F 215 -101.10 17.28 31.60
C ASN F 215 -102.32 18.10 31.22
N ARG F 216 -103.39 17.42 30.84
CA ARG F 216 -104.63 18.11 30.47
C ARG F 216 -105.16 18.90 31.65
N GLY F 217 -105.09 20.23 31.59
CA GLY F 217 -105.55 21.09 32.67
C GLY F 217 -104.68 22.29 32.91
N GLN G 6 50.09 -49.03 26.66
CA GLN G 6 51.21 -48.11 26.79
C GLN G 6 51.16 -47.45 28.16
N LEU G 7 50.68 -46.21 28.22
CA LEU G 7 50.62 -45.52 29.50
C LEU G 7 49.51 -46.15 30.32
N GLN G 8 49.90 -46.83 31.37
CA GLN G 8 48.95 -47.50 32.22
C GLN G 8 49.28 -47.05 33.63
N LEU G 9 48.23 -46.75 34.39
CA LEU G 9 48.36 -46.18 35.72
C LEU G 9 47.81 -47.16 36.73
N GLN G 10 48.64 -47.55 37.68
CA GLN G 10 48.22 -48.39 38.78
C GLN G 10 48.48 -47.64 40.08
N GLU G 11 47.44 -47.46 40.87
CA GLU G 11 47.54 -46.79 42.15
C GLU G 11 47.46 -47.80 43.29
N SER G 12 48.09 -47.45 44.41
CA SER G 12 48.19 -48.33 45.56
C SER G 12 48.12 -47.49 46.82
N GLY G 13 47.84 -48.15 47.94
CA GLY G 13 47.65 -47.47 49.19
C GLY G 13 46.54 -48.11 50.00
N PRO G 14 46.53 -47.85 51.31
CA PRO G 14 45.54 -48.51 52.18
C PRO G 14 44.12 -48.08 51.83
N GLY G 15 43.20 -49.02 51.86
CA GLY G 15 41.80 -48.73 51.68
C GLY G 15 41.06 -48.42 52.97
N LEU G 16 41.76 -48.46 54.11
CA LEU G 16 41.17 -48.17 55.40
C LEU G 16 42.12 -47.25 56.15
N VAL G 17 41.64 -46.07 56.51
CA VAL G 17 42.45 -45.07 57.21
C VAL G 17 41.68 -44.61 58.43
N LYS G 18 42.34 -44.57 59.58
CA LYS G 18 41.68 -44.13 60.79
C LYS G 18 41.52 -42.60 60.78
N PRO G 19 40.47 -42.09 61.43
CA PRO G 19 40.23 -40.64 61.39
C PRO G 19 41.40 -39.82 61.94
N SER G 20 41.53 -38.59 61.43
CA SER G 20 42.53 -37.58 61.82
C SER G 20 43.92 -37.90 61.29
N GLU G 21 44.05 -39.09 60.75
CA GLU G 21 45.30 -39.60 60.26
C GLU G 21 45.54 -39.11 58.83
N THR G 22 46.60 -39.61 58.17
CA THR G 22 47.05 -39.19 56.85
C THR G 22 46.73 -40.30 55.86
N LEU G 23 45.95 -39.98 54.83
CA LEU G 23 45.70 -40.88 53.73
C LEU G 23 46.90 -40.83 52.80
N SER G 24 47.35 -41.99 52.34
CA SER G 24 48.52 -42.04 51.47
C SER G 24 48.21 -42.94 50.30
N LEU G 25 48.46 -42.44 49.10
CA LEU G 25 48.27 -43.19 47.86
C LEU G 25 49.41 -42.85 46.91
N THR G 26 49.80 -43.84 46.11
CA THR G 26 50.86 -43.66 45.13
C THR G 26 50.38 -44.14 43.78
N CYS G 27 50.71 -43.39 42.73
CA CYS G 27 50.35 -43.74 41.36
C CYS G 27 51.65 -43.99 40.60
N THR G 28 51.80 -45.21 40.09
CA THR G 28 53.00 -45.58 39.35
C THR G 28 52.70 -45.59 37.86
N VAL G 29 53.52 -44.88 37.09
CA VAL G 29 53.31 -44.73 35.65
C VAL G 29 54.22 -45.72 34.95
N SER G 30 53.65 -46.63 34.18
CA SER G 30 54.41 -47.56 33.35
C SER G 30 54.05 -47.32 31.89
N GLY G 31 54.91 -47.84 31.00
CA GLY G 31 54.68 -47.64 29.59
C GLY G 31 54.94 -46.22 29.10
N GLY G 32 55.66 -45.42 29.88
CA GLY G 32 55.90 -44.05 29.50
C GLY G 32 56.66 -43.34 30.59
N SER G 33 57.12 -42.13 30.27
CA SER G 33 57.96 -41.34 31.15
C SER G 33 57.14 -40.33 31.93
N ILE G 34 57.37 -40.28 33.25
CA ILE G 34 56.79 -39.22 34.06
C ILE G 34 57.45 -37.88 33.75
N SER G 35 58.63 -37.91 33.12
CA SER G 35 59.38 -36.71 32.77
C SER G 35 58.98 -36.23 31.37
N SER G 36 57.71 -35.88 31.24
CA SER G 36 57.17 -35.38 29.98
C SER G 36 56.77 -33.93 30.13
N SER G 37 57.26 -33.09 29.22
CA SER G 37 56.91 -31.68 29.21
C SER G 37 55.52 -31.43 28.64
N SER G 38 54.87 -32.47 28.14
CA SER G 38 53.56 -32.35 27.51
C SER G 38 52.43 -32.78 28.42
N TYR G 39 52.72 -33.19 29.65
CA TYR G 39 51.70 -33.77 30.51
C TYR G 39 51.86 -33.27 31.94
N TYR G 40 50.72 -33.12 32.61
CA TYR G 40 50.63 -32.99 34.05
C TYR G 40 50.06 -34.27 34.66
N TRP G 41 50.17 -34.38 35.98
CA TRP G 41 49.78 -35.59 36.69
C TRP G 41 48.90 -35.19 37.86
N GLY G 42 47.63 -35.59 37.82
CA GLY G 42 46.64 -35.10 38.76
C GLY G 42 45.93 -36.16 39.57
N TRP G 43 45.26 -35.74 40.65
CA TRP G 43 44.45 -36.59 41.50
C TRP G 43 43.01 -36.09 41.52
N ILE G 44 42.06 -37.03 41.34
CA ILE G 44 40.63 -36.73 41.42
C ILE G 44 39.99 -37.72 42.37
N ARG G 45 39.05 -37.25 43.18
CA ARG G 45 38.34 -38.12 44.09
C ARG G 45 36.83 -37.97 43.89
N GLN G 46 36.10 -38.97 44.37
CA GLN G 46 34.67 -39.04 44.19
C GLN G 46 34.03 -39.65 45.44
N PRO G 47 33.38 -38.84 46.28
CA PRO G 47 32.68 -39.40 47.42
C PRO G 47 31.57 -40.33 46.96
N PRO G 48 31.26 -41.36 47.74
CA PRO G 48 30.23 -42.33 47.31
C PRO G 48 28.89 -41.65 47.09
N GLY G 49 28.36 -41.83 45.88
CA GLY G 49 27.07 -41.25 45.53
C GLY G 49 27.10 -39.78 45.20
N LYS G 50 28.28 -39.19 45.00
CA LYS G 50 28.41 -37.77 44.71
C LYS G 50 29.30 -37.57 43.49
N GLY G 51 29.56 -36.31 43.16
CA GLY G 51 30.28 -35.97 41.95
C GLY G 51 31.79 -36.09 42.11
N LEU G 52 32.49 -35.58 41.09
CA LEU G 52 33.93 -35.63 41.01
C LEU G 52 34.53 -34.33 41.54
N GLU G 53 35.60 -34.44 42.31
CA GLU G 53 36.28 -33.29 42.90
C GLU G 53 37.76 -33.38 42.54
N TRP G 54 38.26 -32.35 41.86
CA TRP G 54 39.67 -32.26 41.52
C TRP G 54 40.46 -31.87 42.76
N ILE G 55 41.53 -32.61 43.04
CA ILE G 55 42.37 -32.33 44.20
C ILE G 55 43.54 -31.44 43.84
N GLY G 56 44.33 -31.85 42.85
CA GLY G 56 45.48 -31.07 42.45
C GLY G 56 46.24 -31.78 41.34
N SER G 57 47.21 -31.07 40.78
CA SER G 57 48.05 -31.60 39.71
C SER G 57 49.50 -31.28 40.02
N ILE G 58 50.40 -32.08 39.44
CA ILE G 58 51.83 -31.89 39.65
C ILE G 58 52.57 -32.09 38.34
N TYR G 59 53.58 -31.26 38.13
CA TYR G 59 54.53 -31.39 37.04
C TYR G 59 55.76 -32.16 37.52
N TYR G 60 56.44 -32.81 36.58
CA TYR G 60 57.61 -33.61 36.95
C TYR G 60 58.73 -32.74 37.51
N SER G 61 58.74 -31.44 37.21
CA SER G 61 59.72 -30.55 37.82
C SER G 61 59.41 -30.30 39.29
N GLY G 62 58.16 -30.43 39.70
CA GLY G 62 57.76 -30.22 41.08
C GLY G 62 56.73 -29.12 41.30
N SER G 63 56.44 -28.29 40.31
CA SER G 63 55.42 -27.26 40.48
C SER G 63 54.06 -27.92 40.68
N THR G 64 53.30 -27.40 41.64
CA THR G 64 52.01 -27.98 42.01
C THR G 64 50.92 -26.93 41.91
N TYR G 65 49.72 -27.40 41.60
CA TYR G 65 48.51 -26.58 41.63
C TYR G 65 47.46 -27.34 42.44
N TYR G 66 46.91 -26.69 43.47
CA TYR G 66 45.99 -27.35 44.38
C TYR G 66 44.57 -26.79 44.26
N ASN G 67 43.61 -27.63 44.60
CA ASN G 67 42.26 -27.17 44.83
C ASN G 67 42.25 -26.36 46.13
N PRO G 68 41.88 -25.08 46.10
CA PRO G 68 41.97 -24.27 47.32
C PRO G 68 41.10 -24.77 48.47
N SER G 69 40.10 -25.61 48.20
CA SER G 69 39.27 -26.14 49.29
C SER G 69 39.99 -27.23 50.07
N LEU G 70 41.13 -27.72 49.59
CA LEU G 70 41.90 -28.74 50.28
C LEU G 70 43.38 -28.38 50.36
N LYS G 71 43.76 -27.14 50.04
CA LYS G 71 45.18 -26.81 50.01
C LYS G 71 45.83 -26.98 51.38
N SER G 72 45.08 -26.72 52.45
CA SER G 72 45.64 -26.82 53.80
C SER G 72 45.93 -28.26 54.20
N ARG G 73 45.32 -29.23 53.53
CA ARG G 73 45.40 -30.62 53.92
C ARG G 73 46.06 -31.53 52.87
N VAL G 74 46.50 -31.00 51.73
CA VAL G 74 46.96 -31.81 50.62
C VAL G 74 48.43 -31.51 50.31
N THR G 75 49.20 -32.57 50.08
CA THR G 75 50.54 -32.49 49.51
C THR G 75 50.65 -33.57 48.42
N ILE G 76 51.13 -33.18 47.25
CA ILE G 76 51.33 -34.08 46.14
C ILE G 76 52.81 -34.12 45.81
N SER G 77 53.38 -35.33 45.78
CA SER G 77 54.81 -35.52 45.56
C SER G 77 55.04 -36.31 44.27
N VAL G 78 56.27 -36.23 43.79
CA VAL G 78 56.69 -36.93 42.58
C VAL G 78 58.05 -37.59 42.82
N ASP G 79 58.21 -38.80 42.28
CA ASP G 79 59.45 -39.56 42.36
C ASP G 79 59.80 -39.99 40.93
N THR G 80 60.60 -39.16 40.24
CA THR G 80 60.93 -39.46 38.85
C THR G 80 61.81 -40.70 38.75
N SER G 81 62.58 -41.01 39.79
CA SER G 81 63.44 -42.19 39.76
C SER G 81 62.63 -43.48 39.74
N LYS G 82 61.44 -43.47 40.34
CA LYS G 82 60.55 -44.62 40.29
C LYS G 82 59.34 -44.39 39.39
N ASN G 83 59.27 -43.25 38.70
CA ASN G 83 58.19 -42.92 37.76
C ASN G 83 56.82 -43.01 38.44
N GLN G 84 56.73 -42.43 39.62
CA GLN G 84 55.50 -42.42 40.40
C GLN G 84 55.22 -41.00 40.87
N PHE G 85 53.96 -40.74 41.18
CA PHE G 85 53.59 -39.55 41.93
C PHE G 85 52.52 -39.94 42.94
N SER G 86 52.54 -39.27 44.09
CA SER G 86 51.76 -39.69 45.24
C SER G 86 50.90 -38.53 45.75
N LEU G 87 49.94 -38.87 46.60
CA LEU G 87 49.04 -37.89 47.20
C LEU G 87 48.99 -38.15 48.70
N LYS G 88 49.07 -37.07 49.48
CA LYS G 88 49.00 -37.12 50.93
C LYS G 88 47.86 -36.23 51.41
N LEU G 89 46.95 -36.78 52.20
CA LEU G 89 45.83 -36.05 52.75
C LEU G 89 45.87 -36.11 54.27
N SER G 90 46.04 -34.95 54.90
CA SER G 90 46.21 -34.89 56.35
C SER G 90 44.85 -34.74 57.03
N SER G 91 44.84 -35.09 58.33
CA SER G 91 43.68 -34.89 59.21
C SER G 91 42.38 -35.35 58.56
N VAL G 92 42.36 -36.60 58.10
CA VAL G 92 41.22 -37.11 57.36
C VAL G 92 40.03 -37.26 58.30
N THR G 93 38.83 -37.09 57.73
CA THR G 93 37.58 -37.29 58.44
C THR G 93 36.72 -38.27 57.65
N ALA G 94 35.56 -38.62 58.20
CA ALA G 94 34.65 -39.50 57.49
C ALA G 94 34.20 -38.90 56.16
N ALA G 95 34.24 -37.58 56.04
CA ALA G 95 33.93 -36.90 54.78
C ALA G 95 34.97 -37.16 53.69
N ASP G 96 36.11 -37.77 54.03
CA ASP G 96 37.12 -38.10 53.03
C ASP G 96 36.98 -39.53 52.50
N THR G 97 36.01 -40.29 53.00
CA THR G 97 35.70 -41.58 52.41
C THR G 97 35.27 -41.37 50.96
N ALA G 98 36.04 -41.93 50.03
CA ALA G 98 35.81 -41.70 48.61
C ALA G 98 36.64 -42.68 47.82
N VAL G 99 36.34 -42.75 46.53
CA VAL G 99 37.20 -43.43 45.57
C VAL G 99 38.16 -42.39 45.00
N TYR G 100 39.46 -42.64 45.10
CA TYR G 100 40.48 -41.70 44.67
C TYR G 100 41.11 -42.20 43.37
N TYR G 101 41.24 -41.29 42.41
CA TYR G 101 41.79 -41.59 41.10
C TYR G 101 43.03 -40.74 40.84
N CYS G 102 44.02 -41.33 40.18
CA CYS G 102 45.09 -40.56 39.54
C CYS G 102 44.89 -40.57 38.03
N ALA G 103 45.33 -39.50 37.37
CA ALA G 103 45.17 -39.38 35.93
C ALA G 103 46.25 -38.48 35.35
N ARG G 104 46.52 -38.69 34.06
CA ARG G 104 47.44 -37.86 33.31
C ARG G 104 46.69 -36.68 32.71
N GLU G 105 47.27 -35.49 32.84
CA GLU G 105 46.58 -34.25 32.49
C GLU G 105 47.32 -33.49 31.40
N ILE G 106 46.55 -32.94 30.46
CA ILE G 106 47.03 -31.90 29.55
C ILE G 106 46.21 -30.65 29.84
N THR G 107 46.88 -29.56 30.21
CA THR G 107 46.17 -28.36 30.64
C THR G 107 45.52 -27.66 29.45
N MET G 108 44.67 -26.68 29.77
CA MET G 108 44.00 -25.80 28.81
C MET G 108 42.90 -26.51 28.02
N ILE G 109 43.08 -27.80 27.71
CA ILE G 109 42.07 -28.53 26.94
C ILE G 109 41.21 -29.43 27.82
N ALA G 110 41.39 -29.39 29.14
CA ALA G 110 40.60 -30.18 30.09
C ALA G 110 40.74 -31.68 29.80
N TRP G 111 41.98 -32.15 29.72
CA TRP G 111 42.27 -33.52 29.33
C TRP G 111 42.72 -34.30 30.57
N PHE G 112 41.99 -35.38 30.87
CA PHE G 112 42.35 -36.35 31.90
C PHE G 112 42.31 -37.73 31.26
N ASP G 113 43.48 -38.25 30.87
CA ASP G 113 43.51 -39.54 30.19
C ASP G 113 44.94 -40.07 30.14
N PRO G 114 45.20 -41.31 30.60
CA PRO G 114 44.23 -42.23 31.19
C PRO G 114 44.08 -42.07 32.70
N TRP G 115 43.29 -42.96 33.30
CA TRP G 115 43.02 -42.97 34.72
C TRP G 115 43.51 -44.27 35.33
N GLY G 116 43.78 -44.22 36.64
CA GLY G 116 43.94 -45.44 37.41
C GLY G 116 42.60 -46.11 37.64
N GLN G 117 42.66 -47.29 38.27
CA GLN G 117 41.45 -48.05 38.54
C GLN G 117 40.60 -47.41 39.62
N GLY G 118 41.15 -46.48 40.39
CA GLY G 118 40.44 -45.92 41.52
C GLY G 118 40.55 -46.80 42.73
N THR G 119 40.88 -46.22 43.87
CA THR G 119 40.97 -46.93 45.14
C THR G 119 39.97 -46.32 46.11
N LEU G 120 39.09 -47.15 46.66
CA LEU G 120 38.19 -46.71 47.71
C LEU G 120 38.91 -46.68 49.06
N VAL G 121 38.86 -45.53 49.73
CA VAL G 121 39.46 -45.35 51.06
C VAL G 121 38.35 -45.09 52.06
N THR G 122 38.24 -45.95 53.06
CA THR G 122 37.23 -45.82 54.11
C THR G 122 37.87 -45.24 55.35
N VAL G 123 37.33 -44.12 55.83
CA VAL G 123 37.79 -43.49 57.07
C VAL G 123 36.94 -44.02 58.21
N SER G 124 37.52 -44.86 59.06
CA SER G 124 36.78 -45.53 60.11
C SER G 124 37.73 -46.10 61.15
N SER G 125 37.28 -46.07 62.41
CA SER G 125 38.02 -46.72 63.48
C SER G 125 37.73 -48.22 63.59
N ALA G 126 36.79 -48.73 62.81
CA ALA G 126 36.42 -50.14 62.92
C ALA G 126 37.55 -51.03 62.42
N SER G 127 37.51 -52.28 62.87
CA SER G 127 38.52 -53.26 62.51
C SER G 127 38.16 -53.92 61.19
N THR G 128 39.19 -54.44 60.53
CA THR G 128 38.97 -55.18 59.30
C THR G 128 38.34 -56.53 59.63
N LYS G 129 37.40 -56.94 58.79
CA LYS G 129 36.63 -58.17 58.99
C LYS G 129 36.52 -58.94 57.69
N GLY G 130 36.85 -60.23 57.74
CA GLY G 130 36.72 -61.08 56.59
C GLY G 130 35.31 -61.59 56.49
N PRO G 131 34.84 -61.85 55.28
CA PRO G 131 33.45 -62.29 55.10
C PRO G 131 33.29 -63.80 55.21
N SER G 132 32.08 -64.20 55.55
CA SER G 132 31.64 -65.57 55.39
C SER G 132 30.86 -65.68 54.09
N VAL G 133 31.06 -66.78 53.37
CA VAL G 133 30.43 -66.99 52.07
C VAL G 133 29.51 -68.20 52.18
N PHE G 134 28.24 -68.01 51.86
CA PHE G 134 27.24 -69.04 51.95
C PHE G 134 26.57 -69.24 50.59
N PRO G 135 26.23 -70.47 50.22
CA PRO G 135 25.64 -70.71 48.91
C PRO G 135 24.16 -70.34 48.88
N LEU G 136 23.75 -69.69 47.79
CA LEU G 136 22.34 -69.50 47.48
C LEU G 136 21.96 -70.64 46.54
N ALA G 137 21.54 -71.76 47.14
CA ALA G 137 21.34 -73.00 46.40
C ALA G 137 20.16 -72.88 45.44
N PRO G 138 20.31 -73.36 44.21
CA PRO G 138 19.17 -73.35 43.28
C PRO G 138 18.12 -74.39 43.67
N SER G 139 16.86 -73.99 43.61
CA SER G 139 15.78 -74.90 43.97
C SER G 139 15.29 -75.68 42.75
N SER G 140 13.99 -75.98 42.70
CA SER G 140 13.42 -76.73 41.58
C SER G 140 13.27 -75.84 40.35
N GLY G 146 12.92 -74.61 32.45
CA GLY G 146 13.08 -73.16 32.48
C GLY G 146 14.47 -72.73 32.86
N THR G 147 14.57 -71.60 33.57
CA THR G 147 15.84 -71.07 34.01
C THR G 147 15.89 -71.09 35.53
N ALA G 148 17.10 -71.26 36.06
CA ALA G 148 17.30 -71.35 37.50
C ALA G 148 18.26 -70.26 37.96
N ALA G 149 18.13 -69.86 39.20
CA ALA G 149 18.99 -68.86 39.82
C ALA G 149 19.78 -69.48 40.95
N LEU G 150 21.06 -69.14 41.04
CA LEU G 150 21.91 -69.58 42.14
C LEU G 150 22.89 -68.45 42.44
N GLY G 151 23.49 -68.49 43.61
CA GLY G 151 24.40 -67.42 43.96
C GLY G 151 25.17 -67.69 45.23
N CYS G 152 25.86 -66.64 45.68
CA CYS G 152 26.67 -66.67 46.90
C CYS G 152 26.28 -65.49 47.76
N LEU G 153 26.22 -65.71 49.07
CA LEU G 153 25.96 -64.65 50.03
C LEU G 153 27.26 -64.31 50.74
N VAL G 154 27.77 -63.10 50.53
CA VAL G 154 29.00 -62.63 51.15
C VAL G 154 28.58 -61.74 52.31
N LYS G 155 28.65 -62.27 53.53
CA LYS G 155 28.05 -61.62 54.68
C LYS G 155 29.10 -61.25 55.72
N ASP G 156 28.90 -60.08 56.35
CA ASP G 156 29.65 -59.66 57.53
C ASP G 156 31.11 -59.40 57.22
N TYR G 157 31.40 -58.34 56.46
CA TYR G 157 32.78 -57.96 56.19
C TYR G 157 32.92 -56.45 56.35
N PHE G 158 34.16 -56.02 56.51
CA PHE G 158 34.51 -54.61 56.61
C PHE G 158 35.99 -54.47 56.33
N PRO G 159 36.42 -53.47 55.55
CA PRO G 159 35.52 -52.56 54.85
C PRO G 159 35.26 -53.02 53.44
N GLU G 160 34.62 -52.15 52.66
CA GLU G 160 34.48 -52.37 51.24
C GLU G 160 35.84 -52.25 50.56
N PRO G 161 36.02 -52.88 49.38
CA PRO G 161 35.06 -53.71 48.66
C PRO G 161 35.37 -55.20 48.68
N VAL G 162 34.42 -56.02 48.25
CA VAL G 162 34.68 -57.41 47.92
C VAL G 162 34.51 -57.56 46.41
N THR G 163 35.26 -58.50 45.84
CA THR G 163 35.17 -58.84 44.43
C THR G 163 34.57 -60.24 44.31
N VAL G 164 33.59 -60.40 43.41
CA VAL G 164 32.99 -61.69 43.13
C VAL G 164 33.06 -61.96 41.64
N SER G 165 33.58 -63.12 41.26
CA SER G 165 33.51 -63.61 39.90
C SER G 165 32.91 -65.01 39.93
N TRP G 166 32.58 -65.54 38.75
CA TRP G 166 31.95 -66.85 38.64
C TRP G 166 32.76 -67.73 37.70
N ASN G 167 33.06 -68.96 38.14
CA ASN G 167 33.89 -69.88 37.39
C ASN G 167 35.19 -69.21 36.97
N SER G 168 35.82 -68.56 37.94
CA SER G 168 37.11 -67.90 37.76
C SER G 168 37.05 -66.86 36.66
N GLY G 169 35.87 -66.27 36.46
CA GLY G 169 35.67 -65.23 35.47
C GLY G 169 35.10 -65.70 34.14
N ALA G 170 35.08 -67.02 33.88
CA ALA G 170 34.57 -67.52 32.61
C ALA G 170 33.06 -67.32 32.47
N LEU G 171 32.34 -67.19 33.59
CA LEU G 171 30.90 -67.03 33.57
C LEU G 171 30.58 -65.59 33.96
N THR G 172 30.10 -64.80 32.99
CA THR G 172 29.79 -63.41 33.22
C THR G 172 28.36 -63.10 32.81
N SER G 173 27.88 -63.79 31.78
CA SER G 173 26.54 -63.56 31.29
C SER G 173 25.52 -63.98 32.33
N GLY G 174 24.56 -63.09 32.60
CA GLY G 174 23.55 -63.35 33.59
C GLY G 174 23.94 -63.08 35.03
N VAL G 175 25.18 -62.70 35.27
CA VAL G 175 25.67 -62.47 36.64
C VAL G 175 25.23 -61.08 37.11
N HIS G 176 24.69 -61.03 38.33
CA HIS G 176 24.35 -59.76 38.98
C HIS G 176 24.98 -59.78 40.37
N THR G 177 25.99 -58.95 40.58
CA THR G 177 26.55 -58.74 41.91
C THR G 177 25.95 -57.46 42.46
N PHE G 178 25.22 -57.57 43.56
CA PHE G 178 24.46 -56.44 44.06
C PHE G 178 25.33 -55.51 44.90
N PRO G 179 24.98 -54.23 44.94
CA PRO G 179 25.70 -53.29 45.80
C PRO G 179 25.70 -53.74 47.24
N ALA G 180 26.80 -53.48 47.94
CA ALA G 180 26.90 -53.86 49.34
C ALA G 180 25.85 -53.12 50.15
N VAL G 181 25.45 -53.72 51.27
CA VAL G 181 24.43 -53.17 52.15
C VAL G 181 25.01 -53.12 53.56
N LEU G 182 24.92 -51.96 54.20
CA LEU G 182 25.41 -51.79 55.55
C LEU G 182 24.37 -52.29 56.55
N GLN G 183 24.79 -53.16 57.46
CA GLN G 183 23.89 -53.78 58.43
C GLN G 183 23.94 -53.06 59.77
N SER G 184 22.98 -53.41 60.63
CA SER G 184 22.91 -52.81 61.95
C SER G 184 24.19 -53.04 62.75
N SER G 185 24.88 -54.15 62.49
CA SER G 185 26.12 -54.47 63.18
C SER G 185 27.27 -53.57 62.77
N GLY G 186 27.14 -52.82 61.69
CA GLY G 186 28.26 -52.07 61.15
C GLY G 186 29.06 -52.82 60.12
N LEU G 187 28.72 -54.07 59.84
CA LEU G 187 29.37 -54.86 58.82
C LEU G 187 28.54 -54.87 57.54
N TYR G 188 29.22 -55.12 56.43
CA TYR G 188 28.59 -55.10 55.12
C TYR G 188 28.17 -56.50 54.70
N SER G 189 27.28 -56.56 53.72
CA SER G 189 26.81 -57.83 53.20
C SER G 189 26.27 -57.60 51.79
N LEU G 190 26.61 -58.50 50.87
CA LEU G 190 26.08 -58.45 49.52
C LEU G 190 25.82 -59.85 49.01
N SER G 191 25.13 -59.92 47.87
CA SER G 191 24.87 -61.18 47.18
C SER G 191 25.26 -61.04 45.73
N SER G 192 25.69 -62.16 45.14
CA SER G 192 25.92 -62.26 43.72
C SER G 192 25.13 -63.45 43.22
N VAL G 193 24.39 -63.27 42.13
CA VAL G 193 23.53 -64.32 41.58
C VAL G 193 23.82 -64.46 40.10
N VAL G 194 23.44 -65.61 39.55
CA VAL G 194 23.55 -65.88 38.12
C VAL G 194 22.41 -66.81 37.72
N THR G 195 21.85 -66.58 36.54
CA THR G 195 20.81 -67.44 35.99
C THR G 195 21.42 -68.38 34.97
N VAL G 196 21.10 -69.67 35.10
CA VAL G 196 21.61 -70.72 34.21
C VAL G 196 20.45 -71.63 33.84
N PRO G 197 20.59 -72.41 32.77
CA PRO G 197 19.56 -73.39 32.43
C PRO G 197 19.40 -74.43 33.52
N SER G 198 18.14 -74.79 33.81
CA SER G 198 17.88 -75.76 34.87
C SER G 198 18.51 -77.11 34.56
N SER G 199 18.63 -77.46 33.28
CA SER G 199 19.18 -78.75 32.90
C SER G 199 20.68 -78.83 33.13
N SER G 200 21.35 -77.71 33.31
CA SER G 200 22.79 -77.69 33.52
C SER G 200 23.19 -77.80 34.97
N LEU G 201 22.23 -77.90 35.89
CA LEU G 201 22.55 -77.83 37.32
C LEU G 201 23.33 -79.06 37.77
N GLY G 202 22.94 -80.24 37.28
CA GLY G 202 23.60 -81.48 37.61
C GLY G 202 24.79 -81.82 36.74
N THR G 203 25.08 -81.02 35.72
CA THR G 203 26.18 -81.29 34.81
C THR G 203 27.26 -80.22 34.90
N GLN G 204 26.89 -78.96 34.76
CA GLN G 204 27.86 -77.87 34.84
C GLN G 204 28.10 -77.53 36.30
N THR G 205 29.35 -77.24 36.64
CA THR G 205 29.69 -76.84 37.99
C THR G 205 29.83 -75.33 38.05
N TYR G 206 29.28 -74.73 39.10
CA TYR G 206 29.24 -73.29 39.25
C TYR G 206 29.95 -72.93 40.56
N ILE G 207 31.06 -72.20 40.44
CA ILE G 207 31.86 -71.78 41.59
C ILE G 207 31.94 -70.26 41.57
N CYS G 208 31.61 -69.64 42.70
CA CYS G 208 31.77 -68.21 42.88
C CYS G 208 33.09 -67.94 43.61
N ASN G 209 33.81 -66.94 43.13
CA ASN G 209 35.13 -66.57 43.66
C ASN G 209 35.01 -65.24 44.38
N VAL G 210 35.11 -65.28 45.70
CA VAL G 210 34.98 -64.09 46.54
C VAL G 210 36.37 -63.65 46.97
N ASN G 211 36.67 -62.36 46.75
CA ASN G 211 37.96 -61.78 47.10
C ASN G 211 37.73 -60.57 47.98
N HIS G 212 38.42 -60.50 49.12
CA HIS G 212 38.36 -59.36 50.02
C HIS G 212 39.80 -58.95 50.30
N LYS G 213 40.29 -57.98 49.53
CA LYS G 213 41.68 -57.56 49.64
C LYS G 213 42.03 -56.92 50.98
N PRO G 214 41.17 -56.11 51.62
CA PRO G 214 41.56 -55.55 52.92
C PRO G 214 41.87 -56.59 53.98
N SER G 215 41.15 -57.71 54.01
CA SER G 215 41.42 -58.77 54.97
C SER G 215 42.21 -59.92 54.37
N ASN G 216 42.54 -59.83 53.07
CA ASN G 216 43.34 -60.84 52.37
C ASN G 216 42.68 -62.21 52.41
N THR G 217 41.36 -62.24 52.29
CA THR G 217 40.57 -63.46 52.33
C THR G 217 40.15 -63.84 50.91
N LYS G 218 40.43 -65.10 50.54
CA LYS G 218 40.01 -65.67 49.27
C LYS G 218 39.27 -66.97 49.53
N VAL G 219 38.06 -67.09 48.99
CA VAL G 219 37.27 -68.30 49.15
C VAL G 219 36.55 -68.58 47.84
N ASP G 220 36.52 -69.86 47.47
CA ASP G 220 35.81 -70.34 46.29
C ASP G 220 34.76 -71.35 46.75
N LYS G 221 33.49 -71.02 46.58
CA LYS G 221 32.38 -71.84 47.03
C LYS G 221 31.65 -72.42 45.84
N LYS G 222 31.57 -73.75 45.78
CA LYS G 222 30.84 -74.46 44.74
C LYS G 222 29.38 -74.56 45.16
N VAL G 223 28.47 -74.13 44.28
CA VAL G 223 27.04 -74.06 44.60
C VAL G 223 26.31 -75.19 43.89
N GLU G 224 25.66 -76.05 44.66
CA GLU G 224 24.89 -77.17 44.13
C GLU G 224 23.48 -77.14 44.68
N PRO G 225 22.52 -77.69 43.93
CA PRO G 225 21.18 -77.88 44.49
C PRO G 225 21.20 -79.01 45.52
N LYS G 226 20.43 -78.84 46.58
CA LYS G 226 20.38 -79.86 47.64
C LYS G 226 19.09 -80.67 47.58
N ASP H 6 37.03 -18.34 41.84
CA ASP H 6 37.15 -19.36 40.79
C ASP H 6 35.83 -19.53 40.03
N ILE H 7 35.86 -20.32 38.95
CA ILE H 7 34.72 -20.53 38.05
C ILE H 7 33.89 -21.71 38.49
N GLN H 8 32.57 -21.51 38.49
CA GLN H 8 31.63 -22.54 38.87
C GLN H 8 30.92 -23.04 37.62
N MET H 9 30.77 -24.36 37.53
CA MET H 9 30.11 -25.02 36.41
C MET H 9 28.72 -25.49 36.80
N THR H 10 27.71 -24.97 36.11
CA THR H 10 26.33 -25.40 36.28
C THR H 10 26.00 -26.38 35.17
N GLN H 11 25.83 -27.66 35.54
CA GLN H 11 25.47 -28.70 34.60
C GLN H 11 23.96 -28.95 34.69
N SER H 12 23.34 -29.21 33.55
CA SER H 12 21.91 -29.42 33.54
C SER H 12 21.55 -30.30 32.35
N PRO H 13 20.59 -31.22 32.50
CA PRO H 13 19.85 -31.44 33.75
C PRO H 13 20.62 -32.33 34.74
N SER H 14 20.07 -32.53 35.94
CA SER H 14 20.69 -33.46 36.87
C SER H 14 20.47 -34.91 36.45
N SER H 15 19.27 -35.23 35.96
CA SER H 15 18.98 -36.57 35.47
C SER H 15 17.95 -36.47 34.35
N LEU H 16 18.05 -37.39 33.40
CA LEU H 16 17.09 -37.46 32.30
C LEU H 16 16.86 -38.91 31.93
N SER H 17 15.70 -39.16 31.31
CA SER H 17 15.33 -40.49 30.87
C SER H 17 14.92 -40.42 29.40
N ALA H 18 15.61 -41.18 28.55
CA ALA H 18 15.35 -41.17 27.12
C ALA H 18 15.37 -42.59 26.59
N SER H 19 14.67 -42.79 25.47
CA SER H 19 14.58 -44.09 24.83
C SER H 19 15.76 -44.33 23.88
N VAL H 20 16.01 -45.59 23.58
CA VAL H 20 17.09 -45.94 22.66
C VAL H 20 16.78 -45.35 21.30
N GLY H 21 17.77 -44.69 20.70
CA GLY H 21 17.61 -44.01 19.44
C GLY H 21 17.31 -42.54 19.56
N ASP H 22 16.91 -42.07 20.73
CA ASP H 22 16.59 -40.66 20.93
C ASP H 22 17.87 -39.83 21.00
N ARG H 23 17.68 -38.52 20.98
CA ARG H 23 18.78 -37.56 21.10
C ARG H 23 18.82 -37.03 22.54
N VAL H 24 19.97 -37.18 23.18
CA VAL H 24 20.18 -36.67 24.52
C VAL H 24 20.99 -35.38 24.40
N THR H 25 20.56 -34.33 25.09
CA THR H 25 21.23 -33.04 25.06
C THR H 25 21.55 -32.64 26.49
N ILE H 26 22.85 -32.49 26.80
CA ILE H 26 23.32 -32.07 28.11
C ILE H 26 24.09 -30.76 27.95
N THR H 27 23.76 -29.78 28.78
CA THR H 27 24.39 -28.48 28.72
C THR H 27 25.16 -28.20 30.01
N CYS H 28 26.21 -27.38 29.89
CA CYS H 28 27.06 -27.03 31.01
C CYS H 28 27.47 -25.56 30.86
N ARG H 29 27.07 -24.73 31.81
CA ARG H 29 27.27 -23.28 31.74
C ARG H 29 28.36 -22.86 32.73
N ALA H 30 29.11 -21.82 32.35
CA ALA H 30 30.24 -21.33 33.16
C ALA H 30 29.97 -19.91 33.65
N SER H 31 30.43 -19.64 34.88
CA SER H 31 30.17 -18.33 35.48
C SER H 31 30.94 -17.21 34.80
N GLN H 32 32.05 -17.53 34.14
CA GLN H 32 32.72 -16.55 33.30
C GLN H 32 33.27 -17.25 32.08
N GLY H 33 33.78 -16.46 31.14
CA GLY H 33 34.29 -17.02 29.90
C GLY H 33 35.49 -17.92 30.10
N ILE H 34 35.51 -19.08 29.44
CA ILE H 34 36.60 -20.03 29.61
C ILE H 34 37.11 -20.44 28.22
N ARG H 35 36.74 -19.66 27.20
CA ARG H 35 37.05 -19.92 25.79
C ARG H 35 36.50 -21.30 25.45
N ASN H 36 37.34 -22.29 25.10
CA ASN H 36 36.89 -23.65 24.85
C ASN H 36 37.60 -24.63 25.79
N ASP H 37 37.92 -24.18 27.00
CA ASP H 37 38.63 -24.99 27.99
C ASP H 37 37.66 -25.92 28.73
N LEU H 38 36.99 -26.78 27.97
CA LEU H 38 35.95 -27.64 28.51
C LEU H 38 36.16 -29.08 28.06
N GLY H 39 35.92 -30.01 28.97
CA GLY H 39 35.97 -31.42 28.65
C GLY H 39 34.71 -32.13 29.12
N TRP H 40 34.38 -33.21 28.41
CA TRP H 40 33.20 -34.02 28.70
C TRP H 40 33.63 -35.43 29.08
N TYR H 41 33.07 -35.95 30.19
CA TYR H 41 33.47 -37.23 30.74
C TYR H 41 32.26 -38.12 31.00
N GLN H 42 32.46 -39.43 30.82
CA GLN H 42 31.43 -40.43 31.03
C GLN H 42 31.90 -41.40 32.11
N GLN H 43 31.05 -41.66 33.09
CA GLN H 43 31.39 -42.59 34.17
C GLN H 43 30.30 -43.65 34.30
N LYS H 44 30.65 -44.90 33.99
CA LYS H 44 29.76 -46.03 34.17
C LYS H 44 29.95 -46.64 35.56
N PRO H 45 28.96 -47.39 36.05
CA PRO H 45 29.01 -47.88 37.44
C PRO H 45 30.29 -48.63 37.75
N GLY H 46 30.91 -48.27 38.87
CA GLY H 46 32.10 -48.96 39.34
C GLY H 46 33.35 -48.76 38.51
N LYS H 47 33.30 -47.89 37.50
CA LYS H 47 34.44 -47.64 36.64
C LYS H 47 34.97 -46.21 36.86
N ALA H 48 36.14 -45.97 36.28
CA ALA H 48 36.70 -44.64 36.27
C ALA H 48 36.04 -43.78 35.20
N PRO H 49 36.03 -42.46 35.38
CA PRO H 49 35.51 -41.60 34.32
C PRO H 49 36.31 -41.75 33.04
N LYS H 50 35.63 -41.74 31.90
CA LYS H 50 36.27 -41.83 30.60
C LYS H 50 36.09 -40.53 29.84
N LEU H 51 37.18 -40.05 29.23
CA LEU H 51 37.13 -38.82 28.45
C LEU H 51 36.39 -39.05 27.13
N LEU H 52 35.41 -38.20 26.86
CA LEU H 52 34.67 -38.24 25.61
C LEU H 52 35.08 -37.14 24.65
N ILE H 53 35.04 -35.89 25.11
CA ILE H 53 35.35 -34.72 24.30
C ILE H 53 36.25 -33.80 25.10
N TYR H 54 37.31 -33.31 24.47
CA TYR H 54 38.18 -32.29 25.05
C TYR H 54 38.17 -31.07 24.15
N ALA H 55 38.57 -29.94 24.73
CA ALA H 55 38.58 -28.65 24.02
C ALA H 55 37.22 -28.33 23.41
N ALA H 56 36.16 -28.57 24.17
CA ALA H 56 34.78 -28.21 23.85
C ALA H 56 34.19 -29.04 22.71
N SER H 57 34.96 -29.30 21.65
CA SER H 57 34.39 -29.92 20.47
C SER H 57 35.27 -30.98 19.85
N SER H 58 36.41 -31.31 20.45
CA SER H 58 37.32 -32.28 19.86
C SER H 58 37.02 -33.66 20.44
N LEU H 59 36.60 -34.57 19.57
CA LEU H 59 36.24 -35.92 20.00
C LEU H 59 37.50 -36.77 20.17
N GLN H 60 37.61 -37.43 21.31
CA GLN H 60 38.75 -38.29 21.59
C GLN H 60 38.71 -39.53 20.70
N SER H 61 39.90 -40.02 20.34
CA SER H 61 40.04 -41.22 19.52
C SER H 61 39.34 -42.41 20.18
N GLY H 62 38.65 -43.21 19.35
CA GLY H 62 37.96 -44.38 19.82
C GLY H 62 36.53 -44.13 20.29
N VAL H 63 36.19 -42.90 20.65
CA VAL H 63 34.82 -42.60 21.09
C VAL H 63 33.87 -42.70 19.91
N PRO H 64 32.70 -43.32 20.05
CA PRO H 64 31.76 -43.41 18.93
C PRO H 64 31.33 -42.02 18.47
N SER H 65 31.07 -41.92 17.15
CA SER H 65 30.77 -40.63 16.53
C SER H 65 29.42 -40.06 16.93
N ARG H 66 28.56 -40.83 17.59
CA ARG H 66 27.28 -40.27 18.01
C ARG H 66 27.45 -39.26 19.14
N PHE H 67 28.63 -39.20 19.76
CA PHE H 67 28.94 -38.19 20.74
C PHE H 67 29.54 -36.97 20.05
N SER H 68 29.16 -35.79 20.49
CA SER H 68 29.68 -34.56 19.92
C SER H 68 29.53 -33.43 20.93
N GLY H 69 30.51 -32.53 20.92
CA GLY H 69 30.50 -31.38 21.79
C GLY H 69 30.41 -30.11 20.98
N SER H 70 29.84 -29.08 21.60
CA SER H 70 29.65 -27.80 20.94
C SER H 70 29.68 -26.69 21.97
N GLY H 71 29.89 -25.47 21.50
CA GLY H 71 29.84 -24.33 22.37
C GLY H 71 31.19 -23.66 22.51
N SER H 72 31.15 -22.39 22.92
CA SER H 72 32.35 -21.61 23.15
C SER H 72 32.00 -20.46 24.09
N GLY H 73 32.96 -20.11 24.95
CA GLY H 73 32.77 -19.02 25.88
C GLY H 73 32.24 -19.47 27.24
N THR H 74 30.92 -19.41 27.41
CA THR H 74 30.29 -19.82 28.65
C THR H 74 29.24 -20.89 28.48
N ASP H 75 28.75 -21.14 27.27
CA ASP H 75 27.65 -22.07 27.01
C ASP H 75 28.17 -23.24 26.19
N PHE H 76 28.00 -24.46 26.70
CA PHE H 76 28.52 -25.66 26.07
C PHE H 76 27.45 -26.73 26.01
N THR H 77 27.59 -27.63 25.03
CA THR H 77 26.57 -28.67 24.80
C THR H 77 27.25 -29.98 24.47
N LEU H 78 26.92 -31.02 25.24
CA LEU H 78 27.25 -32.41 24.90
C LEU H 78 26.02 -33.07 24.32
N THR H 79 26.17 -33.71 23.16
CA THR H 79 25.03 -34.29 22.46
C THR H 79 25.31 -35.76 22.14
N ILE H 80 24.37 -36.62 22.48
CA ILE H 80 24.37 -38.01 22.06
C ILE H 80 23.26 -38.15 21.01
N SER H 81 23.67 -38.32 19.75
CA SER H 81 22.69 -38.21 18.66
C SER H 81 21.70 -39.37 18.67
N SER H 82 22.17 -40.58 18.97
CA SER H 82 21.33 -41.78 18.96
C SER H 82 21.66 -42.60 20.20
N LEU H 83 20.88 -42.41 21.25
CA LEU H 83 21.17 -43.04 22.53
C LEU H 83 21.11 -44.55 22.43
N GLN H 84 22.11 -45.21 23.01
CA GLN H 84 22.26 -46.65 23.01
C GLN H 84 22.21 -47.18 24.44
N PRO H 85 21.85 -48.45 24.62
CA PRO H 85 21.74 -48.99 25.99
C PRO H 85 23.02 -48.85 26.81
N GLU H 86 24.18 -49.05 26.18
CA GLU H 86 25.44 -48.95 26.90
C GLU H 86 25.80 -47.52 27.29
N ASP H 87 25.09 -46.53 26.76
CA ASP H 87 25.37 -45.13 27.11
C ASP H 87 24.81 -44.74 28.47
N PHE H 88 24.16 -45.67 29.16
CA PHE H 88 23.75 -45.43 30.53
C PHE H 88 24.97 -45.10 31.37
N ALA H 89 25.00 -43.88 31.92
CA ALA H 89 26.14 -43.40 32.68
C ALA H 89 25.77 -42.07 33.32
N THR H 90 26.70 -41.54 34.09
CA THR H 90 26.64 -40.16 34.55
C THR H 90 27.71 -39.37 33.80
N TYR H 91 27.32 -38.24 33.21
CA TYR H 91 28.21 -37.43 32.39
C TYR H 91 28.59 -36.16 33.14
N TYR H 92 29.85 -35.76 32.99
CA TYR H 92 30.42 -34.63 33.71
C TYR H 92 31.13 -33.70 32.74
N CYS H 93 30.95 -32.39 32.92
CA CYS H 93 31.80 -31.41 32.26
C CYS H 93 32.92 -31.02 33.19
N LEU H 94 34.03 -30.59 32.60
CA LEU H 94 35.19 -30.12 33.35
C LEU H 94 35.76 -28.91 32.63
N GLN H 95 36.05 -27.85 33.39
CA GLN H 95 36.69 -26.66 32.85
C GLN H 95 38.10 -26.53 33.41
N ASP H 96 39.01 -26.02 32.58
CA ASP H 96 40.38 -25.81 33.06
C ASP H 96 40.91 -24.45 32.65
N TYR H 97 40.06 -23.43 32.70
CA TYR H 97 40.58 -22.07 32.50
C TYR H 97 41.41 -21.80 33.77
N ASN H 98 41.69 -20.54 34.08
CA ASN H 98 42.60 -20.11 35.16
C ASN H 98 43.35 -21.19 35.93
N TYR H 99 43.71 -22.30 35.28
CA TYR H 99 44.52 -23.42 35.83
C TYR H 99 44.00 -23.99 37.16
N LEU H 100 42.71 -23.83 37.44
CA LEU H 100 42.08 -24.41 38.63
C LEU H 100 40.79 -25.08 38.21
N LEU H 101 40.70 -26.40 38.43
CA LEU H 101 39.73 -27.24 37.76
C LEU H 101 38.48 -27.43 38.61
N THR H 102 37.33 -27.49 37.94
CA THR H 102 36.05 -27.73 38.59
C THR H 102 35.23 -28.64 37.70
N PHE H 103 34.52 -29.58 38.30
CA PHE H 103 33.64 -30.47 37.58
C PHE H 103 32.20 -29.98 37.66
N GLY H 104 31.41 -30.33 36.65
CA GLY H 104 29.98 -30.11 36.72
C GLY H 104 29.31 -31.05 37.71
N GLY H 105 28.05 -30.76 38.02
CA GLY H 105 27.34 -31.56 38.99
C GLY H 105 27.04 -32.97 38.53
N GLY H 106 27.02 -33.19 37.23
CA GLY H 106 26.75 -34.50 36.68
C GLY H 106 25.32 -34.62 36.18
N THR H 107 25.14 -35.44 35.15
CA THR H 107 23.83 -35.72 34.59
C THR H 107 23.66 -37.24 34.52
N LYS H 108 22.75 -37.78 35.31
CA LYS H 108 22.49 -39.22 35.30
C LYS H 108 21.55 -39.54 34.15
N VAL H 109 22.04 -40.25 33.14
CA VAL H 109 21.27 -40.59 31.95
C VAL H 109 20.71 -41.99 32.11
N GLU H 110 19.39 -42.11 32.16
CA GLU H 110 18.72 -43.40 32.29
C GLU H 110 18.04 -43.76 30.97
N ILE H 111 18.10 -45.04 30.62
CA ILE H 111 17.50 -45.54 29.39
C ILE H 111 16.05 -45.89 29.66
N LYS H 112 15.14 -45.40 28.84
CA LYS H 112 13.73 -45.75 28.97
C LYS H 112 13.41 -46.84 27.97
N ARG H 113 12.77 -47.91 28.46
CA ARG H 113 12.47 -49.08 27.65
C ARG H 113 11.08 -49.59 28.03
N THR H 114 10.64 -50.63 27.34
CA THR H 114 9.33 -51.18 27.61
C THR H 114 9.31 -51.91 28.95
N VAL H 115 8.11 -52.04 29.52
CA VAL H 115 7.96 -52.71 30.80
C VAL H 115 8.34 -54.17 30.66
N ALA H 116 9.13 -54.67 31.61
CA ALA H 116 9.51 -56.07 31.70
C ALA H 116 9.24 -56.55 33.11
N ALA H 117 8.53 -57.68 33.23
CA ALA H 117 8.20 -58.24 34.52
C ALA H 117 9.39 -59.01 35.11
N PRO H 118 9.54 -58.98 36.44
CA PRO H 118 10.67 -59.66 37.07
C PRO H 118 10.47 -61.16 37.18
N SER H 119 11.59 -61.88 37.17
CA SER H 119 11.63 -63.28 37.56
C SER H 119 11.98 -63.37 39.04
N VAL H 120 11.25 -64.19 39.79
CA VAL H 120 11.35 -64.22 41.25
C VAL H 120 11.91 -65.57 41.68
N PHE H 121 12.91 -65.52 42.57
CA PHE H 121 13.51 -66.70 43.17
C PHE H 121 13.66 -66.48 44.66
N ILE H 122 13.53 -67.55 45.45
CA ILE H 122 13.70 -67.50 46.89
C ILE H 122 14.75 -68.51 47.31
N PHE H 123 15.64 -68.11 48.22
CA PHE H 123 16.74 -68.96 48.66
C PHE H 123 16.66 -69.19 50.16
N PRO H 124 16.62 -70.43 50.63
CA PRO H 124 16.63 -70.67 52.07
C PRO H 124 18.01 -70.45 52.64
N PRO H 125 18.13 -70.30 53.96
CA PRO H 125 19.47 -70.15 54.56
C PRO H 125 20.29 -71.42 54.36
N SER H 126 21.57 -71.23 54.10
CA SER H 126 22.47 -72.37 53.98
C SER H 126 22.63 -73.07 55.34
N ASP H 127 22.96 -74.36 55.28
CA ASP H 127 23.13 -75.12 56.51
C ASP H 127 24.37 -74.66 57.28
N GLU H 128 25.43 -74.26 56.58
CA GLU H 128 26.64 -73.83 57.26
C GLU H 128 26.47 -72.44 57.90
N GLN H 129 25.56 -71.61 57.37
CA GLN H 129 25.22 -70.39 58.09
C GLN H 129 24.36 -70.68 59.31
N LEU H 130 23.53 -71.71 59.25
CA LEU H 130 22.74 -72.07 60.42
C LEU H 130 23.59 -72.54 61.58
N LYS H 131 24.86 -72.85 61.37
CA LYS H 131 25.76 -73.12 62.48
C LYS H 131 26.26 -71.85 63.15
N SER H 132 26.02 -70.69 62.56
CA SER H 132 26.54 -69.43 63.07
C SER H 132 25.57 -68.71 63.99
N GLY H 133 24.29 -69.09 63.98
CA GLY H 133 23.30 -68.48 64.84
C GLY H 133 22.39 -67.47 64.18
N THR H 134 22.59 -67.16 62.90
CA THR H 134 21.70 -66.28 62.16
C THR H 134 21.31 -66.96 60.85
N ALA H 135 20.10 -66.67 60.38
CA ALA H 135 19.58 -67.23 59.15
C ALA H 135 19.20 -66.09 58.21
N SER H 136 19.61 -66.21 56.95
CA SER H 136 19.33 -65.20 55.93
C SER H 136 18.50 -65.82 54.82
N VAL H 137 17.30 -65.29 54.62
CA VAL H 137 16.44 -65.66 53.50
C VAL H 137 16.59 -64.59 52.45
N VAL H 138 16.84 -65.00 51.21
CA VAL H 138 17.11 -64.08 50.11
C VAL H 138 16.04 -64.22 49.05
N CYS H 139 15.54 -63.09 48.56
CA CYS H 139 14.58 -63.05 47.47
C CYS H 139 15.19 -62.26 46.30
N LEU H 140 15.15 -62.86 45.11
CA LEU H 140 15.77 -62.27 43.92
C LEU H 140 14.70 -61.83 42.94
N LEU H 141 14.79 -60.58 42.49
CA LEU H 141 13.95 -60.03 41.42
C LEU H 141 14.88 -59.72 40.24
N ASN H 142 14.71 -60.46 39.15
CA ASN H 142 15.68 -60.47 38.06
C ASN H 142 15.10 -59.82 36.82
N ASN H 143 15.83 -58.83 36.28
CA ASN H 143 15.62 -58.24 34.96
C ASN H 143 14.19 -57.70 34.80
N PHE H 144 13.94 -56.56 35.46
CA PHE H 144 12.65 -55.91 35.35
C PHE H 144 12.83 -54.42 35.02
N TYR H 145 11.76 -53.81 34.52
CA TYR H 145 11.69 -52.38 34.24
C TYR H 145 10.23 -51.97 34.30
N PRO H 146 9.90 -50.82 34.92
CA PRO H 146 10.84 -49.87 35.52
C PRO H 146 11.40 -50.31 36.87
N ARG H 147 12.12 -49.40 37.52
CA ARG H 147 12.89 -49.74 38.71
C ARG H 147 12.02 -49.97 39.93
N GLU H 148 10.82 -49.38 39.97
CA GLU H 148 9.99 -49.41 41.17
C GLU H 148 9.38 -50.79 41.34
N ALA H 149 9.66 -51.42 42.48
CA ALA H 149 9.11 -52.73 42.84
C ALA H 149 8.93 -52.78 44.35
N LYS H 150 7.98 -53.60 44.79
CA LYS H 150 7.68 -53.77 46.21
C LYS H 150 7.83 -55.24 46.57
N VAL H 151 8.65 -55.53 47.57
CA VAL H 151 8.91 -56.88 48.04
C VAL H 151 8.35 -57.02 49.45
N GLN H 152 7.59 -58.08 49.69
CA GLN H 152 6.99 -58.34 50.99
C GLN H 152 7.43 -59.71 51.49
N TRP H 153 7.79 -59.79 52.78
CA TRP H 153 8.17 -61.06 53.39
C TRP H 153 7.03 -61.56 54.25
N LYS H 154 6.73 -62.86 54.13
CA LYS H 154 5.65 -63.49 54.88
C LYS H 154 6.18 -64.75 55.54
N VAL H 155 6.22 -64.75 56.87
CA VAL H 155 6.64 -65.91 57.65
C VAL H 155 5.41 -66.50 58.32
N ASP H 156 4.95 -67.65 57.80
CA ASP H 156 3.69 -68.25 58.21
C ASP H 156 2.54 -67.26 58.02
N ASN H 157 2.54 -66.58 56.87
CA ASN H 157 1.57 -65.54 56.53
C ASN H 157 1.48 -64.48 57.61
N ALA H 158 2.66 -64.05 58.07
CA ALA H 158 2.79 -62.92 58.98
C ALA H 158 3.76 -61.93 58.37
N LEU H 159 3.31 -60.69 58.17
CA LEU H 159 4.10 -59.71 57.44
C LEU H 159 5.19 -59.12 58.32
N GLN H 160 6.31 -58.81 57.69
CA GLN H 160 7.55 -58.46 58.37
C GLN H 160 7.89 -56.98 58.17
N SER H 161 8.60 -56.43 59.15
CA SER H 161 9.09 -55.06 59.07
C SER H 161 10.38 -54.97 59.87
N GLY H 162 11.30 -54.13 59.40
CA GLY H 162 12.53 -53.86 60.12
C GLY H 162 13.55 -54.97 60.13
N ASN H 163 13.25 -56.12 59.51
CA ASN H 163 14.16 -57.25 59.51
C ASN H 163 14.67 -57.61 58.12
N SER H 164 14.56 -56.69 57.16
CA SER H 164 14.99 -56.95 55.79
C SER H 164 15.63 -55.69 55.22
N GLN H 165 16.56 -55.89 54.27
CA GLN H 165 17.18 -54.80 53.55
C GLN H 165 17.21 -55.18 52.08
N GLU H 166 17.24 -54.17 51.21
CA GLU H 166 17.16 -54.39 49.77
C GLU H 166 18.28 -53.66 49.07
N SER H 167 18.64 -54.16 47.89
CA SER H 167 19.71 -53.62 47.08
C SER H 167 19.32 -53.75 45.60
N VAL H 168 19.63 -52.72 44.82
CA VAL H 168 19.25 -52.68 43.41
C VAL H 168 20.51 -52.47 42.58
N THR H 169 20.68 -53.29 41.54
CA THR H 169 21.75 -53.05 40.59
C THR H 169 21.45 -51.78 39.80
N GLU H 170 22.48 -51.29 39.12
CA GLU H 170 22.26 -50.21 38.19
C GLU H 170 21.69 -50.78 36.89
N GLN H 171 21.29 -49.88 36.00
CA GLN H 171 20.67 -50.33 34.77
C GLN H 171 21.63 -51.18 33.97
N ASP H 172 21.15 -52.34 33.52
CA ASP H 172 21.98 -53.25 32.74
C ASP H 172 22.35 -52.62 31.41
N SER H 173 23.63 -52.69 31.05
CA SER H 173 24.13 -52.04 29.85
C SER H 173 23.66 -52.69 28.56
N LYS H 174 22.90 -53.79 28.62
CA LYS H 174 22.48 -54.48 27.40
C LYS H 174 20.96 -54.49 27.23
N ASP H 175 20.20 -54.93 28.23
CA ASP H 175 18.75 -54.92 28.12
C ASP H 175 18.10 -53.78 28.91
N SER H 176 18.89 -52.98 29.63
CA SER H 176 18.40 -51.79 30.32
C SER H 176 17.40 -52.13 31.42
N THR H 177 17.48 -53.33 31.99
CA THR H 177 16.62 -53.72 33.10
C THR H 177 17.38 -53.59 34.41
N TYR H 178 16.64 -53.73 35.51
CA TYR H 178 17.18 -53.69 36.86
C TYR H 178 17.01 -55.04 37.54
N SER H 179 17.83 -55.28 38.56
CA SER H 179 17.66 -56.45 39.42
C SER H 179 17.72 -56.03 40.87
N LEU H 180 16.97 -56.74 41.71
CA LEU H 180 16.82 -56.39 43.12
C LEU H 180 16.99 -57.65 43.97
N SER H 181 17.63 -57.49 45.12
CA SER H 181 17.75 -58.57 46.09
C SER H 181 17.27 -58.07 47.45
N SER H 182 16.42 -58.85 48.10
CA SER H 182 15.94 -58.56 49.44
C SER H 182 16.42 -59.67 50.37
N THR H 183 17.07 -59.28 51.46
CA THR H 183 17.63 -60.23 52.42
C THR H 183 16.87 -60.10 53.74
N LEU H 184 16.18 -61.17 54.13
CA LEU H 184 15.50 -61.26 55.40
C LEU H 184 16.41 -61.97 56.38
N THR H 185 16.74 -61.30 57.48
CA THR H 185 17.68 -61.83 58.46
C THR H 185 16.93 -62.15 59.76
N LEU H 186 17.02 -63.41 60.18
CA LEU H 186 16.45 -63.87 61.44
C LEU H 186 17.52 -64.59 62.23
N SER H 187 17.25 -64.79 63.51
CA SER H 187 18.10 -65.65 64.31
C SER H 187 17.86 -67.12 63.97
N LYS H 188 18.85 -67.96 64.27
CA LYS H 188 18.67 -69.39 64.06
C LYS H 188 17.51 -69.93 64.88
N ALA H 189 17.42 -69.52 66.15
CA ALA H 189 16.37 -69.99 67.03
C ALA H 189 14.98 -69.57 66.54
N ASP H 190 14.87 -68.39 65.95
CA ASP H 190 13.58 -67.91 65.49
C ASP H 190 13.23 -68.47 64.12
N TYR H 191 14.23 -68.83 63.32
CA TYR H 191 13.96 -69.39 61.99
C TYR H 191 13.29 -70.76 62.07
N GLU H 192 13.60 -71.56 63.09
CA GLU H 192 13.02 -72.90 63.19
C GLU H 192 11.71 -72.95 63.96
N LYS H 193 11.22 -71.81 64.44
CA LYS H 193 9.88 -71.77 65.02
C LYS H 193 8.80 -71.68 63.97
N HIS H 194 9.15 -71.45 62.71
CA HIS H 194 8.19 -71.36 61.63
C HIS H 194 8.67 -72.21 60.45
N LYS H 195 7.74 -72.54 59.56
CA LYS H 195 8.02 -73.38 58.41
C LYS H 195 7.90 -72.64 57.08
N VAL H 196 6.81 -71.91 56.86
CA VAL H 196 6.56 -71.28 55.58
C VAL H 196 7.27 -69.93 55.54
N TYR H 197 8.13 -69.75 54.55
CA TYR H 197 8.79 -68.47 54.30
C TYR H 197 8.48 -68.07 52.88
N ALA H 198 7.75 -66.95 52.73
CA ALA H 198 7.22 -66.52 51.45
C ALA H 198 7.75 -65.14 51.08
N CYS H 199 8.02 -64.95 49.79
CA CYS H 199 8.41 -63.66 49.24
C CYS H 199 7.36 -63.25 48.22
N GLU H 200 6.76 -62.07 48.42
CA GLU H 200 5.68 -61.59 47.57
C GLU H 200 6.10 -60.27 46.94
N VAL H 201 6.05 -60.19 45.61
CA VAL H 201 6.50 -59.00 44.89
C VAL H 201 5.35 -58.46 44.04
N THR H 202 5.23 -57.14 44.03
CA THR H 202 4.29 -56.44 43.16
C THR H 202 5.08 -55.49 42.27
N HIS H 203 4.78 -55.51 40.98
CA HIS H 203 5.49 -54.71 40.00
C HIS H 203 4.52 -54.34 38.90
N GLN H 204 4.84 -53.26 38.18
CA GLN H 204 3.95 -52.76 37.14
C GLN H 204 3.64 -53.82 36.08
N GLY H 205 4.62 -54.67 35.76
CA GLY H 205 4.51 -55.70 34.75
C GLY H 205 3.82 -56.99 35.13
N LEU H 206 3.36 -57.12 36.37
CA LEU H 206 2.70 -58.33 36.84
C LEU H 206 1.20 -58.11 36.95
N SER H 207 0.42 -59.04 36.38
CA SER H 207 -1.03 -58.94 36.45
C SER H 207 -1.53 -59.04 37.89
N SER H 208 -0.79 -59.72 38.76
CA SER H 208 -1.15 -59.87 40.16
C SER H 208 0.11 -60.25 40.94
N PRO H 209 0.12 -60.00 42.25
CA PRO H 209 1.35 -60.23 43.02
C PRO H 209 1.87 -61.65 42.84
N VAL H 210 3.19 -61.77 42.69
CA VAL H 210 3.85 -63.05 42.53
C VAL H 210 4.44 -63.45 43.87
N THR H 211 4.22 -64.69 44.27
CA THR H 211 4.71 -65.19 45.56
C THR H 211 5.56 -66.43 45.33
N LYS H 212 6.81 -66.38 45.78
CA LYS H 212 7.67 -67.55 45.85
C LYS H 212 7.90 -67.90 47.31
N SER H 213 7.88 -69.19 47.63
CA SER H 213 8.00 -69.62 49.01
C SER H 213 8.60 -71.01 49.07
N PHE H 214 8.99 -71.38 50.29
CA PHE H 214 9.48 -72.72 50.58
C PHE H 214 9.05 -73.08 51.99
N ASN H 215 9.19 -74.36 52.33
CA ASN H 215 8.95 -74.85 53.67
C ASN H 215 10.24 -75.38 54.24
N ARG H 216 10.54 -74.99 55.48
CA ARG H 216 11.79 -75.34 56.14
C ARG H 216 12.01 -76.85 56.15
N GLY H 217 13.10 -77.29 55.54
CA GLY H 217 13.42 -78.70 55.45
C GLY H 217 13.72 -79.19 54.04
N GLN I 6 -11.47 -10.70 24.57
CA GLN I 6 -11.27 -11.36 23.28
C GLN I 6 -11.89 -12.76 23.27
N LEU I 7 -11.33 -13.63 22.42
CA LEU I 7 -11.95 -14.93 22.16
C LEU I 7 -11.92 -15.86 23.37
N GLN I 8 -13.07 -16.45 23.67
CA GLN I 8 -13.23 -17.39 24.77
C GLN I 8 -13.97 -18.62 24.27
N LEU I 9 -13.54 -19.79 24.73
CA LEU I 9 -14.15 -21.06 24.37
C LEU I 9 -14.71 -21.70 25.64
N GLN I 10 -16.00 -22.02 25.64
CA GLN I 10 -16.65 -22.66 26.77
C GLN I 10 -17.34 -23.91 26.25
N GLU I 11 -16.88 -25.08 26.70
CA GLU I 11 -17.45 -26.33 26.21
C GLU I 11 -18.41 -26.92 27.24
N SER I 12 -19.37 -27.69 26.73
CA SER I 12 -20.40 -28.27 27.57
C SER I 12 -20.77 -29.64 27.01
N GLY I 13 -21.40 -30.44 27.85
CA GLY I 13 -21.75 -31.80 27.50
C GLY I 13 -21.59 -32.74 28.68
N PRO I 14 -22.26 -33.87 28.63
CA PRO I 14 -22.21 -34.81 29.76
C PRO I 14 -20.82 -35.41 29.94
N GLY I 15 -20.42 -35.54 31.19
CA GLY I 15 -19.19 -36.21 31.56
C GLY I 15 -19.33 -37.69 31.81
N LEU I 16 -20.53 -38.26 31.64
CA LEU I 16 -20.79 -39.67 31.83
C LEU I 16 -21.57 -40.19 30.64
N VAL I 17 -21.00 -41.15 29.94
CA VAL I 17 -21.61 -41.75 28.75
C VAL I 17 -21.56 -43.26 28.90
N LYS I 18 -22.69 -43.91 28.65
CA LYS I 18 -22.74 -45.36 28.74
C LYS I 18 -22.03 -45.97 27.54
N PRO I 19 -21.44 -47.17 27.70
CA PRO I 19 -20.75 -47.80 26.57
C PRO I 19 -21.67 -48.00 25.38
N SER I 20 -21.09 -47.92 24.18
CA SER I 20 -21.75 -48.11 22.89
C SER I 20 -22.65 -46.93 22.52
N GLU I 21 -22.95 -46.04 23.46
CA GLU I 21 -23.80 -44.90 23.15
C GLU I 21 -22.90 -43.78 22.61
N THR I 22 -23.45 -42.58 22.41
CA THR I 22 -22.76 -41.51 21.70
C THR I 22 -22.30 -40.40 22.64
N LEU I 23 -21.01 -40.10 22.58
CA LEU I 23 -20.44 -38.94 23.28
C LEU I 23 -20.69 -37.68 22.45
N SER I 24 -21.19 -36.63 23.10
CA SER I 24 -21.49 -35.39 22.42
C SER I 24 -21.02 -34.21 23.25
N LEU I 25 -20.31 -33.28 22.61
CA LEU I 25 -19.83 -32.08 23.28
C LEU I 25 -19.96 -30.89 22.34
N THR I 26 -20.21 -29.72 22.94
CA THR I 26 -20.40 -28.49 22.19
C THR I 26 -19.46 -27.43 22.75
N CYS I 27 -18.84 -26.67 21.86
CA CYS I 27 -17.94 -25.59 22.21
C CYS I 27 -18.58 -24.29 21.76
N THR I 28 -18.81 -23.37 22.71
CA THR I 28 -19.43 -22.08 22.43
C THR I 28 -18.35 -20.99 22.41
N VAL I 29 -18.34 -20.21 21.34
CA VAL I 29 -17.32 -19.19 21.11
C VAL I 29 -17.88 -17.84 21.54
N SER I 30 -17.19 -17.19 22.48
CA SER I 30 -17.55 -15.85 22.93
C SER I 30 -16.43 -14.87 22.60
N GLY I 31 -16.78 -13.59 22.58
CA GLY I 31 -15.82 -12.54 22.28
C GLY I 31 -15.37 -12.47 20.84
N GLY I 32 -16.06 -13.14 19.93
CA GLY I 32 -15.65 -13.15 18.54
C GLY I 32 -16.52 -14.11 17.75
N SER I 33 -16.37 -14.04 16.43
CA SER I 33 -17.20 -14.79 15.50
C SER I 33 -16.51 -16.07 15.06
N ILE I 34 -17.26 -17.18 15.09
CA ILE I 34 -16.77 -18.43 14.55
C ILE I 34 -16.71 -18.37 13.02
N SER I 35 -17.39 -17.41 12.41
CA SER I 35 -17.42 -17.27 10.96
C SER I 35 -16.27 -16.37 10.49
N SER I 36 -15.06 -16.80 10.80
CA SER I 36 -13.85 -16.11 10.40
C SER I 36 -13.07 -16.99 9.43
N SER I 37 -12.65 -16.40 8.31
CA SER I 37 -11.89 -17.14 7.31
C SER I 37 -10.46 -17.39 7.75
N SER I 38 -10.06 -16.90 8.92
CA SER I 38 -8.69 -17.01 9.39
C SER I 38 -8.51 -18.12 10.41
N TYR I 39 -9.55 -18.89 10.72
CA TYR I 39 -9.47 -19.87 11.78
C TYR I 39 -10.14 -21.18 11.40
N TYR I 40 -9.55 -22.27 11.91
CA TYR I 40 -10.18 -23.58 12.02
C TYR I 40 -10.55 -23.82 13.47
N TRP I 41 -11.38 -24.84 13.69
CA TRP I 41 -11.90 -25.14 15.02
C TRP I 41 -11.72 -26.64 15.26
N GLY I 42 -10.88 -26.98 16.24
CA GLY I 42 -10.46 -28.36 16.40
C GLY I 42 -10.79 -28.96 17.74
N TRP I 43 -10.73 -30.29 17.80
CA TRP I 43 -10.95 -31.05 19.03
C TRP I 43 -9.71 -31.89 19.33
N ILE I 44 -9.27 -31.84 20.58
CA ILE I 44 -8.16 -32.65 21.07
C ILE I 44 -8.63 -33.36 22.32
N ARG I 45 -8.21 -34.62 22.50
CA ARG I 45 -8.54 -35.35 23.70
C ARG I 45 -7.25 -35.89 24.32
N GLN I 46 -7.33 -36.20 25.61
CA GLN I 46 -6.18 -36.67 26.37
C GLN I 46 -6.65 -37.70 27.38
N PRO I 47 -6.42 -38.98 27.11
CA PRO I 47 -6.76 -40.00 28.10
C PRO I 47 -6.00 -39.77 29.37
N PRO I 48 -6.56 -40.13 30.53
CA PRO I 48 -5.90 -39.86 31.81
C PRO I 48 -4.52 -40.52 31.86
N GLY I 49 -3.50 -39.70 32.10
CA GLY I 49 -2.14 -40.18 32.18
C GLY I 49 -1.47 -40.45 30.84
N LYS I 50 -2.11 -40.14 29.73
CA LYS I 50 -1.55 -40.34 28.41
C LYS I 50 -1.36 -38.99 27.71
N GLY I 51 -0.90 -39.04 26.48
CA GLY I 51 -0.57 -37.84 25.74
C GLY I 51 -1.79 -37.19 25.12
N LEU I 52 -1.50 -36.22 24.25
CA LEU I 52 -2.54 -35.44 23.58
C LEU I 52 -2.78 -36.05 22.20
N GLU I 53 -4.05 -36.17 21.83
CA GLU I 53 -4.41 -36.73 20.53
C GLU I 53 -5.39 -35.81 19.84
N TRP I 54 -5.06 -35.38 18.62
CA TRP I 54 -5.95 -34.58 17.80
C TRP I 54 -7.08 -35.44 17.24
N ILE I 55 -8.31 -34.97 17.39
CA ILE I 55 -9.48 -35.70 16.86
C ILE I 55 -9.85 -35.20 15.47
N GLY I 56 -10.05 -33.90 15.31
CA GLY I 56 -10.40 -33.35 14.02
C GLY I 56 -10.60 -31.85 14.12
N SER I 57 -10.72 -31.21 12.96
CA SER I 57 -10.93 -29.77 12.86
C SER I 57 -12.02 -29.50 11.84
N ILE I 58 -12.63 -28.32 11.93
CA ILE I 58 -13.69 -27.94 11.01
C ILE I 58 -13.49 -26.48 10.61
N TYR I 59 -13.75 -26.19 9.34
CA TYR I 59 -13.75 -24.84 8.82
C TYR I 59 -15.15 -24.25 8.91
N TYR I 60 -15.22 -22.92 8.98
CA TYR I 60 -16.53 -22.28 9.15
C TYR I 60 -17.45 -22.56 7.97
N SER I 61 -16.88 -22.84 6.80
CA SER I 61 -17.68 -23.24 5.65
C SER I 61 -18.21 -24.66 5.79
N GLY I 62 -17.55 -25.49 6.59
CA GLY I 62 -17.95 -26.88 6.77
C GLY I 62 -16.90 -27.91 6.40
N SER I 63 -15.81 -27.52 5.75
CA SER I 63 -14.75 -28.46 5.43
C SER I 63 -14.11 -28.99 6.71
N THR I 64 -13.89 -30.30 6.74
CA THR I 64 -13.37 -30.97 7.92
C THR I 64 -12.09 -31.73 7.58
N TYR I 65 -11.22 -31.87 8.58
CA TYR I 65 -10.07 -32.75 8.54
C TYR I 65 -10.10 -33.59 9.80
N TYR I 66 -10.09 -34.91 9.65
CA TYR I 66 -10.20 -35.83 10.78
C TYR I 66 -8.92 -36.62 10.99
N ASN I 67 -8.72 -37.05 12.23
CA ASN I 67 -7.68 -38.02 12.55
C ASN I 67 -8.01 -39.35 11.90
N PRO I 68 -7.16 -39.88 11.03
CA PRO I 68 -7.50 -41.15 10.35
C PRO I 68 -7.67 -42.33 11.29
N SER I 69 -7.17 -42.24 12.54
CA SER I 69 -7.32 -43.32 13.49
C SER I 69 -8.70 -43.41 14.10
N LEU I 70 -9.53 -42.37 13.97
CA LEU I 70 -10.87 -42.40 14.52
C LEU I 70 -11.92 -41.84 13.57
N LYS I 71 -11.58 -41.63 12.29
CA LYS I 71 -12.48 -40.92 11.38
C LYS I 71 -13.81 -41.64 11.21
N SER I 72 -13.83 -42.97 11.32
CA SER I 72 -15.06 -43.71 11.08
C SER I 72 -16.14 -43.46 12.13
N ARG I 73 -15.79 -42.97 13.33
CA ARG I 73 -16.75 -42.79 14.40
C ARG I 73 -16.95 -41.32 14.79
N VAL I 74 -16.32 -40.39 14.09
CA VAL I 74 -16.29 -39.00 14.53
C VAL I 74 -17.09 -38.16 13.55
N THR I 75 -17.90 -37.25 14.08
CA THR I 75 -18.57 -36.21 13.31
C THR I 75 -18.36 -34.89 14.01
N ILE I 76 -17.88 -33.89 13.28
CA ILE I 76 -17.70 -32.54 13.79
C ILE I 76 -18.57 -31.61 12.96
N SER I 77 -19.44 -30.86 13.62
CA SER I 77 -20.36 -29.95 12.96
C SER I 77 -20.09 -28.53 13.43
N VAL I 78 -20.59 -27.57 12.66
CA VAL I 78 -20.46 -26.16 13.00
C VAL I 78 -21.83 -25.51 12.81
N ASP I 79 -22.19 -24.61 13.74
CA ASP I 79 -23.46 -23.89 13.71
C ASP I 79 -23.13 -22.40 13.81
N THR I 80 -23.01 -21.74 12.66
CA THR I 80 -22.64 -20.33 12.64
C THR I 80 -23.73 -19.46 13.25
N SER I 81 -24.99 -19.91 13.22
CA SER I 81 -26.06 -19.13 13.82
C SER I 81 -25.92 -19.03 15.33
N LYS I 82 -25.41 -20.07 15.98
CA LYS I 82 -25.23 -20.07 17.43
C LYS I 82 -23.79 -19.88 17.85
N ASN I 83 -22.87 -19.67 16.91
CA ASN I 83 -21.44 -19.49 17.20
C ASN I 83 -20.87 -20.70 17.95
N GLN I 84 -21.23 -21.89 17.48
CA GLN I 84 -20.82 -23.14 18.10
C GLN I 84 -20.26 -24.10 17.06
N PHE I 85 -19.44 -25.04 17.54
CA PHE I 85 -19.10 -26.23 16.79
C PHE I 85 -19.11 -27.40 17.76
N SER I 86 -19.45 -28.58 17.26
CA SER I 86 -19.74 -29.71 18.12
C SER I 86 -18.91 -30.92 17.71
N LEU I 87 -18.85 -31.88 18.62
CA LEU I 87 -18.14 -33.13 18.41
C LEU I 87 -19.06 -34.28 18.78
N LYS I 88 -19.12 -35.30 17.93
CA LYS I 88 -19.92 -36.49 18.18
C LYS I 88 -19.05 -37.72 17.96
N LEU I 89 -18.93 -38.55 18.98
CA LEU I 89 -18.20 -39.80 18.91
C LEU I 89 -19.15 -40.95 19.23
N SER I 90 -19.38 -41.80 18.24
CA SER I 90 -20.35 -42.89 18.34
C SER I 90 -19.69 -44.16 18.88
N SER I 91 -20.53 -45.07 19.36
CA SER I 91 -20.10 -46.40 19.81
C SER I 91 -18.89 -46.33 20.72
N VAL I 92 -18.99 -45.51 21.77
CA VAL I 92 -17.86 -45.24 22.64
C VAL I 92 -17.52 -46.49 23.45
N THR I 93 -16.24 -46.62 23.78
CA THR I 93 -15.74 -47.67 24.64
C THR I 93 -14.99 -47.04 25.80
N ALA I 94 -14.56 -47.87 26.75
CA ALA I 94 -13.82 -47.35 27.89
C ALA I 94 -12.53 -46.67 27.45
N ALA I 95 -11.99 -47.07 26.29
CA ALA I 95 -10.79 -46.44 25.75
C ALA I 95 -11.03 -45.00 25.33
N ASP I 96 -12.27 -44.55 25.26
CA ASP I 96 -12.56 -43.17 24.92
C ASP I 96 -12.74 -42.30 26.16
N THR I 97 -12.64 -42.89 27.35
CA THR I 97 -12.61 -42.07 28.56
C THR I 97 -11.37 -41.18 28.53
N ALA I 98 -11.60 -39.88 28.53
CA ALA I 98 -10.53 -38.92 28.37
C ALA I 98 -11.05 -37.53 28.71
N VAL I 99 -10.12 -36.59 28.81
CA VAL I 99 -10.47 -35.18 28.88
C VAL I 99 -10.45 -34.63 27.46
N TYR I 100 -11.55 -34.02 27.05
CA TYR I 100 -11.70 -33.49 25.69
C TYR I 100 -11.61 -31.97 25.69
N TYR I 101 -10.82 -31.42 24.77
CA TYR I 101 -10.61 -29.99 24.65
C TYR I 101 -11.10 -29.51 23.29
N CYS I 102 -11.69 -28.32 23.25
CA CYS I 102 -11.85 -27.62 22.00
C CYS I 102 -10.85 -26.48 21.93
N ALA I 103 -10.42 -26.15 20.72
CA ALA I 103 -9.40 -25.12 20.57
C ALA I 103 -9.54 -24.43 19.21
N ARG I 104 -9.05 -23.21 19.15
CA ARG I 104 -9.00 -22.46 17.90
C ARG I 104 -7.67 -22.73 17.21
N GLU I 105 -7.72 -23.01 15.91
CA GLU I 105 -6.56 -23.46 15.17
C GLU I 105 -6.21 -22.46 14.08
N ILE I 106 -4.91 -22.22 13.90
CA ILE I 106 -4.41 -21.55 12.70
C ILE I 106 -3.53 -22.56 11.97
N THR I 107 -3.87 -22.82 10.71
CA THR I 107 -3.21 -23.88 9.97
C THR I 107 -1.77 -23.52 9.62
N MET I 108 -0.99 -24.56 9.34
CA MET I 108 0.38 -24.48 8.84
C MET I 108 1.40 -24.00 9.88
N ILE I 109 0.95 -23.37 10.96
CA ILE I 109 1.86 -22.91 11.99
C ILE I 109 1.71 -23.68 13.30
N ALA I 110 0.85 -24.70 13.33
CA ALA I 110 0.65 -25.54 14.52
C ALA I 110 0.19 -24.70 15.72
N TRP I 111 -0.83 -23.87 15.49
CA TRP I 111 -1.33 -22.91 16.46
C TRP I 111 -2.63 -23.42 17.05
N PHE I 112 -2.66 -23.60 18.36
CA PHE I 112 -3.86 -23.92 19.12
C PHE I 112 -3.98 -22.90 20.24
N ASP I 113 -4.84 -21.89 20.04
CA ASP I 113 -5.05 -20.83 21.02
C ASP I 113 -6.30 -20.03 20.66
N PRO I 114 -7.26 -19.86 21.58
CA PRO I 114 -7.22 -20.42 22.94
C PRO I 114 -7.85 -21.81 23.03
N TRP I 115 -7.94 -22.34 24.24
CA TRP I 115 -8.51 -23.65 24.50
C TRP I 115 -9.72 -23.53 25.42
N GLY I 116 -10.60 -24.52 25.32
CA GLY I 116 -11.61 -24.70 26.34
C GLY I 116 -10.98 -25.26 27.61
N GLN I 117 -11.77 -25.27 28.69
CA GLN I 117 -11.22 -25.72 29.95
C GLN I 117 -11.12 -27.24 30.03
N GLY I 118 -11.67 -27.95 29.07
CA GLY I 118 -11.59 -29.40 29.04
C GLY I 118 -12.69 -30.06 29.83
N THR I 119 -13.35 -31.04 29.24
CA THR I 119 -14.39 -31.80 29.92
C THR I 119 -13.97 -33.26 29.97
N LEU I 120 -13.92 -33.81 31.17
CA LEU I 120 -13.66 -35.23 31.35
C LEU I 120 -14.93 -36.01 31.06
N VAL I 121 -14.85 -36.96 30.13
CA VAL I 121 -15.97 -37.83 29.81
C VAL I 121 -15.58 -39.25 30.19
N THR I 122 -16.34 -39.84 31.11
CA THR I 122 -16.10 -41.21 31.57
C THR I 122 -17.08 -42.12 30.85
N VAL I 123 -16.57 -43.15 30.17
CA VAL I 123 -17.41 -44.14 29.50
C VAL I 123 -17.62 -45.30 30.47
N SER I 124 -18.84 -45.42 30.98
CA SER I 124 -19.15 -46.42 32.00
C SER I 124 -20.66 -46.57 32.10
N SER I 125 -21.09 -47.80 32.37
CA SER I 125 -22.50 -48.06 32.63
C SER I 125 -22.91 -47.74 34.05
N ALA I 126 -21.97 -47.36 34.92
CA ALA I 126 -22.29 -47.15 36.32
C ALA I 126 -23.16 -45.91 36.51
N SER I 127 -23.87 -45.89 37.63
CA SER I 127 -24.76 -44.79 37.96
C SER I 127 -24.01 -43.69 38.67
N THR I 128 -24.51 -42.47 38.53
CA THR I 128 -23.93 -41.33 39.22
C THR I 128 -24.32 -41.37 40.70
N LYS I 129 -23.34 -41.08 41.57
CA LYS I 129 -23.55 -41.11 43.02
C LYS I 129 -22.81 -39.96 43.69
N GLY I 130 -23.49 -39.28 44.60
CA GLY I 130 -22.91 -38.17 45.32
C GLY I 130 -22.05 -38.58 46.51
N PRO I 131 -21.09 -37.74 46.87
CA PRO I 131 -20.15 -38.07 47.94
C PRO I 131 -20.64 -37.67 49.33
N SER I 132 -20.10 -38.37 50.31
CA SER I 132 -20.18 -37.97 51.71
C SER I 132 -18.89 -37.25 52.08
N VAL I 133 -19.01 -36.21 52.89
CA VAL I 133 -17.88 -35.37 53.29
C VAL I 133 -17.70 -35.47 54.79
N PHE I 134 -16.50 -35.86 55.24
CA PHE I 134 -16.19 -36.02 56.65
C PHE I 134 -14.99 -35.15 57.03
N PRO I 135 -14.99 -34.57 58.23
CA PRO I 135 -13.88 -33.70 58.63
C PRO I 135 -12.66 -34.48 59.06
N LEU I 136 -11.49 -34.01 58.63
CA LEU I 136 -10.22 -34.47 59.18
C LEU I 136 -9.83 -33.45 60.25
N ALA I 137 -10.29 -33.71 61.48
CA ALA I 137 -10.19 -32.72 62.56
C ALA I 137 -8.73 -32.52 62.97
N PRO I 138 -8.30 -31.27 63.17
CA PRO I 138 -6.93 -31.02 63.61
C PRO I 138 -6.73 -31.40 65.08
N SER I 139 -5.65 -32.13 65.35
CA SER I 139 -5.28 -32.53 66.70
C SER I 139 -3.83 -32.16 66.95
N SER I 140 -3.58 -31.34 67.96
CA SER I 140 -2.23 -30.89 68.33
C SER I 140 -1.46 -30.27 67.15
N GLY I 146 3.85 -25.73 65.75
CA GLY I 146 3.56 -24.36 65.40
C GLY I 146 2.36 -24.22 64.48
N THR I 147 2.29 -25.10 63.48
CA THR I 147 1.21 -25.08 62.50
C THR I 147 0.36 -26.34 62.63
N ALA I 148 -0.92 -26.22 62.27
CA ALA I 148 -1.85 -27.32 62.39
C ALA I 148 -2.44 -27.65 61.01
N ALA I 149 -2.81 -28.90 60.84
CA ALA I 149 -3.37 -29.40 59.60
C ALA I 149 -4.82 -29.84 59.82
N LEU I 150 -5.69 -29.46 58.89
CA LEU I 150 -7.08 -29.91 58.93
C LEU I 150 -7.57 -30.12 57.51
N GLY I 151 -8.64 -30.88 57.36
CA GLY I 151 -9.08 -31.15 56.02
C GLY I 151 -10.41 -31.86 55.94
N CYS I 152 -10.74 -32.28 54.72
CA CYS I 152 -11.99 -32.93 54.40
C CYS I 152 -11.74 -34.23 53.63
N LEU I 153 -12.52 -35.24 53.95
CA LEU I 153 -12.51 -36.52 53.25
C LEU I 153 -13.75 -36.60 52.38
N VAL I 154 -13.57 -36.61 51.06
CA VAL I 154 -14.67 -36.68 50.11
C VAL I 154 -14.73 -38.12 49.62
N LYS I 155 -15.70 -38.89 50.11
CA LYS I 155 -15.71 -40.34 49.97
C LYS I 155 -16.91 -40.82 49.15
N ASP I 156 -16.66 -41.82 48.30
CA ASP I 156 -17.70 -42.65 47.66
C ASP I 156 -18.56 -41.83 46.71
N TYR I 157 -17.97 -41.43 45.59
CA TYR I 157 -18.70 -40.72 44.56
C TYR I 157 -18.34 -41.26 43.19
N PHE I 158 -19.21 -40.97 42.22
CA PHE I 158 -19.01 -41.37 40.83
C PHE I 158 -19.89 -40.51 39.95
N PRO I 159 -19.39 -40.03 38.79
CA PRO I 159 -18.00 -40.22 38.37
C PRO I 159 -17.13 -39.02 38.76
N GLU I 160 -15.91 -38.98 38.25
CA GLU I 160 -15.09 -37.79 38.39
C GLU I 160 -15.68 -36.66 37.56
N PRO I 161 -15.39 -35.40 37.92
CA PRO I 161 -14.58 -35.01 39.07
C PRO I 161 -15.37 -34.35 40.20
N VAL I 162 -14.75 -34.20 41.38
CA VAL I 162 -15.26 -33.30 42.41
C VAL I 162 -14.27 -32.16 42.55
N THR I 163 -14.81 -31.00 42.91
CA THR I 163 -14.03 -29.80 43.20
C THR I 163 -14.14 -29.47 44.69
N VAL I 164 -13.01 -29.12 45.29
CA VAL I 164 -12.96 -28.72 46.69
C VAL I 164 -12.30 -27.35 46.80
N SER I 165 -12.95 -26.43 47.49
CA SER I 165 -12.36 -25.15 47.85
C SER I 165 -12.42 -24.98 49.37
N TRP I 166 -11.74 -23.95 49.85
CA TRP I 166 -11.68 -23.65 51.28
C TRP I 166 -12.12 -22.21 51.52
N ASN I 167 -13.03 -22.03 52.48
CA ASN I 167 -13.59 -20.71 52.80
C ASN I 167 -14.13 -20.04 51.54
N SER I 168 -14.90 -20.83 50.77
CA SER I 168 -15.54 -20.38 49.53
C SER I 168 -14.51 -19.88 48.52
N GLY I 169 -13.29 -20.42 48.58
CA GLY I 169 -12.22 -20.07 47.66
C GLY I 169 -11.25 -19.03 48.18
N ALA I 170 -11.60 -18.33 49.27
CA ALA I 170 -10.73 -17.27 49.77
C ALA I 170 -9.42 -17.80 50.35
N LEU I 171 -9.38 -19.06 50.76
CA LEU I 171 -8.19 -19.65 51.36
C LEU I 171 -7.58 -20.60 50.35
N THR I 172 -6.39 -20.26 49.85
CA THR I 172 -5.70 -21.06 48.85
C THR I 172 -4.29 -21.44 49.30
N SER I 173 -3.66 -20.58 50.09
CA SER I 173 -2.30 -20.87 50.55
C SER I 173 -2.31 -22.08 51.49
N GLY I 174 -1.41 -23.02 51.20
CA GLY I 174 -1.31 -24.23 52.01
C GLY I 174 -2.27 -25.32 51.66
N VAL I 175 -3.14 -25.11 50.68
CA VAL I 175 -4.15 -26.10 50.33
C VAL I 175 -3.51 -27.21 49.50
N HIS I 176 -3.84 -28.46 49.82
CA HIS I 176 -3.43 -29.60 49.02
C HIS I 176 -4.66 -30.46 48.78
N THR I 177 -5.16 -30.47 47.56
CA THR I 177 -6.23 -31.37 47.17
C THR I 177 -5.62 -32.54 46.42
N PHE I 178 -5.78 -33.71 46.97
CA PHE I 178 -5.07 -34.84 46.41
C PHE I 178 -5.83 -35.44 45.24
N PRO I 179 -5.12 -36.05 44.30
CA PRO I 179 -5.81 -36.75 43.20
C PRO I 179 -6.78 -37.80 43.74
N ALA I 180 -7.90 -37.94 43.04
CA ALA I 180 -8.89 -38.93 43.43
C ALA I 180 -8.30 -40.33 43.30
N VAL I 181 -8.83 -41.24 44.12
CA VAL I 181 -8.38 -42.62 44.13
C VAL I 181 -9.59 -43.52 43.92
N LEU I 182 -9.48 -44.45 42.98
CA LEU I 182 -10.56 -45.39 42.71
C LEU I 182 -10.50 -46.53 43.71
N GLN I 183 -11.64 -46.82 44.34
CA GLN I 183 -11.71 -47.86 45.36
C GLN I 183 -12.25 -49.16 44.76
N SER I 184 -12.15 -50.23 45.56
CA SER I 184 -12.62 -51.54 45.13
C SER I 184 -14.09 -51.51 44.76
N SER I 185 -14.87 -50.65 45.40
CA SER I 185 -16.30 -50.54 45.14
C SER I 185 -16.60 -49.92 43.79
N GLY I 186 -15.61 -49.32 43.13
CA GLY I 186 -15.84 -48.58 41.91
C GLY I 186 -16.13 -47.11 42.12
N LEU I 187 -16.19 -46.65 43.37
CA LEU I 187 -16.40 -45.25 43.66
C LEU I 187 -15.07 -44.57 44.01
N TYR I 188 -15.06 -43.25 43.84
CA TYR I 188 -13.88 -42.43 44.04
C TYR I 188 -13.86 -41.83 45.45
N SER I 189 -12.68 -41.40 45.84
CA SER I 189 -12.47 -40.81 47.15
C SER I 189 -11.20 -39.96 47.08
N LEU I 190 -11.26 -38.76 47.65
CA LEU I 190 -10.09 -37.90 47.72
C LEU I 190 -10.10 -37.14 49.03
N SER I 191 -8.98 -36.49 49.31
CA SER I 191 -8.81 -35.67 50.49
C SER I 191 -8.33 -34.30 50.08
N SER I 192 -8.75 -33.30 50.85
CA SER I 192 -8.24 -31.94 50.70
C SER I 192 -7.78 -31.48 52.07
N VAL I 193 -6.57 -30.92 52.14
CA VAL I 193 -6.01 -30.49 53.41
C VAL I 193 -5.53 -29.05 53.27
N VAL I 194 -5.39 -28.39 54.42
CA VAL I 194 -4.84 -27.05 54.48
C VAL I 194 -4.12 -26.92 55.82
N THR I 195 -2.97 -26.26 55.79
CA THR I 195 -2.19 -26.00 57.00
C THR I 195 -2.42 -24.55 57.45
N VAL I 196 -2.69 -24.38 58.73
CA VAL I 196 -2.97 -23.07 59.31
C VAL I 196 -2.19 -22.93 60.61
N PRO I 197 -1.99 -21.70 61.08
CA PRO I 197 -1.37 -21.51 62.40
C PRO I 197 -2.22 -22.13 63.51
N SER I 198 -1.55 -22.82 64.44
CA SER I 198 -2.28 -23.44 65.54
C SER I 198 -2.95 -22.40 66.42
N SER I 199 -2.36 -21.21 66.54
CA SER I 199 -2.92 -20.17 67.40
C SER I 199 -4.19 -19.56 66.82
N SER I 200 -4.49 -19.80 65.55
CA SER I 200 -5.69 -19.27 64.91
C SER I 200 -6.89 -20.20 65.02
N LEU I 201 -6.75 -21.34 65.68
CA LEU I 201 -7.80 -22.36 65.64
C LEU I 201 -9.06 -21.90 66.36
N GLY I 202 -8.92 -21.22 67.50
CA GLY I 202 -10.12 -20.82 68.21
C GLY I 202 -10.78 -19.55 67.73
N THR I 203 -10.18 -18.86 66.76
CA THR I 203 -10.71 -17.59 66.27
C THR I 203 -11.14 -17.67 64.81
N GLN I 204 -10.26 -18.12 63.91
CA GLN I 204 -10.59 -18.23 62.50
C GLN I 204 -11.38 -19.50 62.22
N THR I 205 -12.36 -19.41 61.34
CA THR I 205 -13.17 -20.55 60.93
C THR I 205 -12.69 -21.07 59.58
N TYR I 206 -12.62 -22.40 59.46
CA TYR I 206 -12.14 -23.04 58.24
C TYR I 206 -13.23 -23.97 57.71
N ILE I 207 -13.74 -23.66 56.51
CA ILE I 207 -14.81 -24.43 55.89
C ILE I 207 -14.33 -24.93 54.54
N CYS I 208 -14.47 -26.24 54.32
CA CYS I 208 -14.20 -26.81 53.00
C CYS I 208 -15.50 -26.92 52.22
N ASN I 209 -15.45 -26.53 50.95
CA ASN I 209 -16.62 -26.48 50.09
C ASN I 209 -16.47 -27.56 49.02
N VAL I 210 -17.28 -28.60 49.13
CA VAL I 210 -17.23 -29.74 48.22
C VAL I 210 -18.38 -29.63 47.22
N ASN I 211 -18.05 -29.70 45.93
CA ASN I 211 -19.04 -29.66 44.88
C ASN I 211 -18.86 -30.86 43.96
N HIS I 212 -19.94 -31.59 43.70
CA HIS I 212 -19.96 -32.72 42.76
C HIS I 212 -21.11 -32.47 41.80
N LYS I 213 -20.80 -31.83 40.68
CA LYS I 213 -21.84 -31.41 39.74
C LYS I 213 -22.65 -32.56 39.15
N PRO I 214 -22.08 -33.73 38.81
CA PRO I 214 -22.92 -34.79 38.22
C PRO I 214 -24.08 -35.21 39.11
N SER I 215 -23.88 -35.22 40.42
CA SER I 215 -24.92 -35.61 41.37
C SER I 215 -25.61 -34.43 42.03
N ASN I 216 -25.24 -33.22 41.63
CA ASN I 216 -25.86 -31.99 42.13
C ASN I 216 -25.66 -31.85 43.65
N THR I 217 -24.51 -32.31 44.14
CA THR I 217 -24.18 -32.32 45.58
C THR I 217 -23.19 -31.21 45.90
N LYS I 218 -23.60 -30.32 46.82
CA LYS I 218 -22.72 -29.31 47.40
C LYS I 218 -22.79 -29.45 48.90
N VAL I 219 -21.64 -29.51 49.55
CA VAL I 219 -21.56 -29.64 51.01
C VAL I 219 -20.55 -28.63 51.53
N ASP I 220 -20.89 -28.00 52.65
CA ASP I 220 -19.98 -27.08 53.33
C ASP I 220 -19.74 -27.59 54.75
N LYS I 221 -18.52 -28.01 55.03
CA LYS I 221 -18.18 -28.58 56.33
C LYS I 221 -17.21 -27.67 57.09
N LYS I 222 -17.58 -27.28 58.30
CA LYS I 222 -16.69 -26.54 59.18
C LYS I 222 -15.83 -27.54 59.94
N VAL I 223 -14.52 -27.35 59.89
CA VAL I 223 -13.58 -28.31 60.47
C VAL I 223 -13.10 -27.74 61.79
N GLU I 224 -13.33 -28.49 62.87
CA GLU I 224 -13.03 -28.05 64.22
C GLU I 224 -12.09 -29.02 64.91
N PRO I 225 -11.26 -28.54 65.84
CA PRO I 225 -10.40 -29.46 66.60
C PRO I 225 -11.22 -30.32 67.55
N LYS I 226 -10.79 -31.57 67.71
CA LYS I 226 -11.47 -32.50 68.61
C LYS I 226 -10.47 -33.34 69.39
N ASP J 6 1.76 -41.34 7.60
CA ASP J 6 1.65 -40.09 8.34
C ASP J 6 2.94 -39.77 9.10
N ILE J 7 3.11 -38.52 9.49
CA ILE J 7 4.34 -38.06 10.10
C ILE J 7 4.29 -38.34 11.60
N GLN J 8 5.34 -38.96 12.11
CA GLN J 8 5.45 -39.30 13.53
C GLN J 8 6.51 -38.45 14.21
N MET J 9 6.19 -37.95 15.40
CA MET J 9 7.08 -37.08 16.17
C MET J 9 7.74 -37.87 17.30
N THR J 10 9.07 -37.94 17.26
CA THR J 10 9.88 -38.56 18.30
C THR J 10 10.40 -37.46 19.21
N GLN J 11 9.86 -37.39 20.43
CA GLN J 11 10.25 -36.39 21.41
C GLN J 11 11.20 -37.00 22.43
N SER J 12 12.19 -36.21 22.86
CA SER J 12 13.19 -36.68 23.82
C SER J 12 13.72 -35.48 24.59
N PRO J 13 14.03 -35.63 25.88
CA PRO J 13 13.88 -36.89 26.63
C PRO J 13 12.45 -37.13 27.08
N SER J 14 12.17 -38.28 27.68
CA SER J 14 10.83 -38.52 28.20
C SER J 14 10.59 -37.73 29.48
N SER J 15 11.59 -37.66 30.35
CA SER J 15 11.49 -36.90 31.58
C SER J 15 12.89 -36.42 31.97
N LEU J 16 12.94 -35.27 32.62
CA LEU J 16 14.19 -34.72 33.09
C LEU J 16 13.98 -34.01 34.43
N SER J 17 15.06 -33.89 35.18
CA SER J 17 15.06 -33.24 36.49
C SER J 17 16.17 -32.20 36.48
N ALA J 18 15.80 -30.94 36.68
CA ALA J 18 16.75 -29.84 36.63
C ALA J 18 16.47 -28.87 37.76
N SER J 19 17.52 -28.14 38.16
CA SER J 19 17.41 -27.18 39.24
C SER J 19 16.91 -25.84 38.72
N VAL J 20 16.41 -25.01 39.65
CA VAL J 20 15.99 -23.66 39.29
C VAL J 20 17.19 -22.89 38.78
N GLY J 21 17.01 -22.20 37.65
CA GLY J 21 18.09 -21.46 37.02
C GLY J 21 18.83 -22.23 35.94
N ASP J 22 18.63 -23.54 35.84
CA ASP J 22 19.31 -24.33 34.83
C ASP J 22 18.68 -24.11 33.45
N ARG J 23 19.38 -24.61 32.43
CA ARG J 23 18.91 -24.56 31.05
C ARG J 23 18.33 -25.93 30.68
N VAL J 24 17.06 -25.96 30.31
CA VAL J 24 16.40 -27.19 29.90
C VAL J 24 16.32 -27.21 28.39
N THR J 25 16.70 -28.34 27.79
CA THR J 25 16.66 -28.51 26.35
C THR J 25 15.84 -29.74 26.02
N ILE J 26 14.77 -29.55 25.26
CA ILE J 26 13.93 -30.64 24.79
C ILE J 26 14.00 -30.65 23.28
N THR J 27 14.20 -31.83 22.70
CA THR J 27 14.28 -31.95 21.26
C THR J 27 13.11 -32.80 20.75
N CYS J 28 12.70 -32.51 19.52
CA CYS J 28 11.60 -33.19 18.86
C CYS J 28 11.95 -33.32 17.40
N ARG J 29 11.97 -34.54 16.87
CA ARG J 29 12.30 -34.72 15.46
C ARG J 29 11.25 -35.58 14.76
N ALA J 30 10.97 -35.22 13.51
CA ALA J 30 9.89 -35.78 12.72
C ALA J 30 10.40 -36.79 11.71
N SER J 31 9.57 -37.80 11.45
CA SER J 31 9.94 -38.86 10.51
C SER J 31 10.08 -38.35 9.09
N GLN J 32 9.47 -37.22 8.75
CA GLN J 32 9.73 -36.57 7.48
C GLN J 32 9.83 -35.07 7.68
N GLY J 33 10.23 -34.39 6.61
CA GLY J 33 10.38 -32.95 6.65
C GLY J 33 9.04 -32.26 6.85
N ILE J 34 9.02 -31.28 7.75
CA ILE J 34 7.78 -30.58 8.05
C ILE J 34 7.98 -29.08 7.95
N ARG J 35 8.98 -28.65 7.18
CA ARG J 35 9.32 -27.24 7.05
C ARG J 35 9.50 -26.61 8.43
N ASN J 36 8.58 -25.72 8.82
CA ASN J 36 8.54 -25.20 10.18
C ASN J 36 7.12 -25.27 10.75
N ASP J 37 6.35 -26.28 10.34
CA ASP J 37 4.97 -26.46 10.81
C ASP J 37 4.96 -27.16 12.16
N LEU J 38 5.62 -26.53 13.13
CA LEU J 38 5.86 -27.13 14.44
C LEU J 38 5.46 -26.15 15.53
N GLY J 39 4.79 -26.67 16.57
CA GLY J 39 4.46 -25.87 17.73
C GLY J 39 4.85 -26.59 19.00
N TRP J 40 5.12 -25.81 20.04
CA TRP J 40 5.52 -26.31 21.35
C TRP J 40 4.46 -25.92 22.38
N TYR J 41 4.06 -26.88 23.21
CA TYR J 41 2.98 -26.67 24.16
C TYR J 41 3.42 -27.09 25.55
N GLN J 42 2.90 -26.38 26.56
CA GLN J 42 3.16 -26.64 27.96
C GLN J 42 1.85 -26.96 28.65
N GLN J 43 1.80 -28.08 29.37
CA GLN J 43 0.59 -28.52 30.06
C GLN J 43 0.90 -28.75 31.54
N LYS J 44 0.35 -27.90 32.41
CA LYS J 44 0.47 -27.98 33.85
C LYS J 44 -0.67 -28.81 34.43
N PRO J 45 -0.51 -29.36 35.64
CA PRO J 45 -1.51 -30.27 36.19
C PRO J 45 -2.90 -29.66 36.20
N GLY J 46 -3.86 -30.42 35.68
CA GLY J 46 -5.25 -29.99 35.70
C GLY J 46 -5.60 -28.82 34.82
N LYS J 47 -4.75 -28.49 33.85
CA LYS J 47 -5.01 -27.39 32.94
C LYS J 47 -4.92 -27.86 31.50
N ALA J 48 -5.49 -27.07 30.60
CA ALA J 48 -5.34 -27.30 29.18
C ALA J 48 -3.93 -26.92 28.73
N PRO J 49 -3.45 -27.52 27.65
CA PRO J 49 -2.13 -27.11 27.12
C PRO J 49 -2.12 -25.63 26.76
N LYS J 50 -0.99 -25.00 27.00
CA LYS J 50 -0.78 -23.59 26.68
C LYS J 50 0.24 -23.50 25.56
N LEU J 51 -0.07 -22.69 24.54
CA LEU J 51 0.84 -22.50 23.42
C LEU J 51 2.05 -21.67 23.82
N LEU J 52 3.24 -22.19 23.56
CA LEU J 52 4.48 -21.48 23.84
C LEU J 52 5.11 -20.91 22.58
N ILE J 53 5.36 -21.75 21.59
CA ILE J 53 6.03 -21.38 20.35
C ILE J 53 5.25 -21.95 19.18
N TYR J 54 5.03 -21.12 18.17
CA TYR J 54 4.41 -21.56 16.92
C TYR J 54 5.36 -21.26 15.77
N ALA J 55 5.15 -21.95 14.65
CA ALA J 55 5.99 -21.80 13.48
C ALA J 55 7.47 -21.98 13.82
N ALA J 56 7.74 -22.99 14.66
CA ALA J 56 9.09 -23.44 15.02
C ALA J 56 9.86 -22.48 15.92
N SER J 57 9.79 -21.16 15.68
CA SER J 57 10.66 -20.25 16.42
C SER J 57 9.99 -18.96 16.88
N SER J 58 8.67 -18.82 16.71
CA SER J 58 7.98 -17.59 17.10
C SER J 58 7.41 -17.74 18.50
N LEU J 59 7.83 -16.87 19.40
CA LEU J 59 7.36 -16.90 20.78
C LEU J 59 5.97 -16.28 20.86
N GLN J 60 5.04 -16.98 21.51
CA GLN J 60 3.68 -16.50 21.66
C GLN J 60 3.64 -15.30 22.60
N SER J 61 2.68 -14.40 22.33
CA SER J 61 2.48 -13.22 23.16
C SER J 61 2.20 -13.62 24.59
N GLY J 62 2.85 -12.92 25.53
CA GLY J 62 2.67 -13.17 26.94
C GLY J 62 3.56 -14.25 27.51
N VAL J 63 4.09 -15.14 26.69
CA VAL J 63 4.96 -16.20 27.18
C VAL J 63 6.29 -15.59 27.62
N PRO J 64 6.82 -15.95 28.79
CA PRO J 64 8.09 -15.36 29.23
C PRO J 64 9.21 -15.64 28.23
N SER J 65 10.13 -14.67 28.15
CA SER J 65 11.19 -14.71 27.16
C SER J 65 12.20 -15.82 27.41
N ARG J 66 12.18 -16.46 28.58
CA ARG J 66 13.13 -17.55 28.81
C ARG J 66 12.79 -18.78 27.98
N PHE J 67 11.62 -18.82 27.36
CA PHE J 67 11.26 -19.86 26.40
C PHE J 67 11.67 -19.41 25.00
N SER J 68 12.17 -20.36 24.22
CA SER J 68 12.55 -20.08 22.84
C SER J 68 12.54 -21.38 22.06
N GLY J 69 12.16 -21.29 20.79
CA GLY J 69 12.14 -22.42 19.90
C GLY J 69 13.10 -22.20 18.74
N SER J 70 13.60 -23.31 18.21
CA SER J 70 14.54 -23.27 17.09
C SER J 70 14.44 -24.58 16.33
N GLY J 71 15.01 -24.59 15.13
CA GLY J 71 15.04 -25.78 14.31
C GLY J 71 14.32 -25.64 13.00
N SER J 72 14.66 -26.49 12.03
CA SER J 72 14.05 -26.42 10.71
C SER J 72 14.18 -27.78 10.04
N GLY J 73 13.16 -28.15 9.28
CA GLY J 73 13.21 -29.40 8.54
C GLY J 73 12.64 -30.56 9.31
N THR J 74 13.53 -31.30 9.99
CA THR J 74 13.13 -32.46 10.77
C THR J 74 13.52 -32.40 12.23
N ASP J 75 14.46 -31.53 12.63
CA ASP J 75 14.95 -31.48 14.00
C ASP J 75 14.63 -30.14 14.62
N PHE J 76 13.97 -30.16 15.78
CA PHE J 76 13.49 -28.95 16.45
C PHE J 76 13.88 -28.99 17.92
N THR J 77 14.00 -27.81 18.54
CA THR J 77 14.48 -27.68 19.90
C THR J 77 13.68 -26.64 20.68
N LEU J 78 13.15 -27.05 21.82
CA LEU J 78 12.59 -26.13 22.80
C LEU J 78 13.59 -25.91 23.92
N THR J 79 13.85 -24.65 24.24
CA THR J 79 14.85 -24.29 25.25
C THR J 79 14.23 -23.38 26.29
N ILE J 80 14.41 -23.74 27.57
CA ILE J 80 14.08 -22.88 28.69
C ILE J 80 15.39 -22.41 29.29
N SER J 81 15.72 -21.13 29.10
CA SER J 81 17.07 -20.66 29.40
C SER J 81 17.35 -20.66 30.90
N SER J 82 16.36 -20.28 31.72
CA SER J 82 16.55 -20.18 33.17
C SER J 82 15.32 -20.79 33.85
N LEU J 83 15.41 -22.07 34.18
CA LEU J 83 14.25 -22.82 34.65
C LEU J 83 13.72 -22.24 35.97
N GLN J 84 12.40 -22.09 36.05
CA GLN J 84 11.73 -21.52 37.20
C GLN J 84 10.79 -22.55 37.83
N PRO J 85 10.50 -22.42 39.13
CA PRO J 85 9.66 -23.45 39.79
C PRO J 85 8.31 -23.66 39.11
N GLU J 86 7.66 -22.58 38.64
CA GLU J 86 6.38 -22.71 37.98
C GLU J 86 6.46 -23.38 36.62
N ASP J 87 7.66 -23.56 36.07
CA ASP J 87 7.82 -24.21 34.77
C ASP J 87 7.67 -25.72 34.85
N PHE J 88 7.39 -26.27 36.03
CA PHE J 88 7.06 -27.68 36.16
C PHE J 88 5.83 -28.01 35.32
N ALA J 89 6.01 -28.89 34.34
CA ALA J 89 4.93 -29.23 33.41
C ALA J 89 5.39 -30.38 32.52
N THR J 90 4.47 -30.83 31.67
CA THR J 90 4.76 -31.73 30.57
C THR J 90 4.72 -30.92 29.28
N TYR J 91 5.77 -31.02 28.47
CA TYR J 91 5.90 -30.24 27.25
C TYR J 91 5.70 -31.12 26.03
N TYR J 92 5.01 -30.57 25.02
CA TYR J 92 4.62 -31.30 23.82
C TYR J 92 4.98 -30.51 22.57
N CYS J 93 5.51 -31.21 21.57
CA CYS J 93 5.59 -30.65 20.24
C CYS J 93 4.38 -31.09 19.43
N LEU J 94 4.01 -30.28 18.44
CA LEU J 94 2.88 -30.56 17.57
C LEU J 94 3.27 -30.20 16.14
N GLN J 95 2.98 -31.10 15.20
CA GLN J 95 3.18 -30.82 13.79
C GLN J 95 1.84 -30.77 13.07
N ASP J 96 1.74 -29.90 12.07
CA ASP J 96 0.56 -29.78 11.21
C ASP J 96 0.97 -29.64 9.76
N TYR J 97 1.99 -30.39 9.33
CA TYR J 97 2.48 -30.31 7.97
C TYR J 97 1.47 -30.76 6.92
N ASN J 98 1.12 -32.04 6.87
CA ASN J 98 0.21 -32.51 5.83
C ASN J 98 -1.23 -32.57 6.32
N TYR J 99 -1.66 -31.55 7.08
CA TYR J 99 -3.03 -31.36 7.54
C TYR J 99 -3.52 -32.47 8.46
N LEU J 100 -2.66 -33.41 8.84
CA LEU J 100 -2.94 -34.41 9.85
C LEU J 100 -2.02 -34.18 11.04
N LEU J 101 -2.60 -33.93 12.20
CA LEU J 101 -1.89 -33.37 13.33
C LEU J 101 -1.34 -34.50 14.19
N THR J 102 -0.14 -34.31 14.71
CA THR J 102 0.47 -35.30 15.59
C THR J 102 1.24 -34.60 16.70
N PHE J 103 1.09 -35.11 17.91
CA PHE J 103 1.83 -34.59 19.06
C PHE J 103 3.02 -35.50 19.34
N GLY J 104 4.04 -34.94 19.96
CA GLY J 104 5.10 -35.75 20.51
C GLY J 104 4.63 -36.50 21.74
N GLY J 105 5.46 -37.44 22.20
CA GLY J 105 5.10 -38.22 23.36
C GLY J 105 5.08 -37.43 24.65
N GLY J 106 5.73 -36.27 24.67
CA GLY J 106 5.75 -35.44 25.85
C GLY J 106 7.06 -35.57 26.62
N THR J 107 7.46 -34.48 27.27
CA THR J 107 8.63 -34.45 28.12
C THR J 107 8.23 -33.85 29.47
N LYS J 108 8.26 -34.69 30.52
CA LYS J 108 7.96 -34.21 31.87
C LYS J 108 9.19 -33.52 32.46
N VAL J 109 9.01 -32.28 32.93
CA VAL J 109 10.07 -31.48 33.51
C VAL J 109 9.80 -31.35 35.00
N GLU J 110 10.61 -32.02 35.80
CA GLU J 110 10.55 -31.96 37.24
C GLU J 110 11.63 -31.00 37.76
N ILE J 111 11.32 -30.32 38.84
CA ILE J 111 12.25 -29.37 39.45
C ILE J 111 13.02 -30.08 40.55
N LYS J 112 14.34 -29.93 40.53
CA LYS J 112 15.18 -30.44 41.62
C LYS J 112 15.48 -29.32 42.60
N ARG J 113 15.29 -29.60 43.88
CA ARG J 113 15.50 -28.64 44.96
C ARG J 113 16.17 -29.40 46.10
N THR J 114 16.45 -28.67 47.18
CA THR J 114 17.09 -29.29 48.32
C THR J 114 16.13 -30.27 49.01
N VAL J 115 16.71 -31.22 49.73
CA VAL J 115 15.91 -32.23 50.43
C VAL J 115 15.06 -31.55 51.49
N ALA J 116 13.78 -31.90 51.54
CA ALA J 116 12.88 -31.42 52.56
C ALA J 116 12.17 -32.62 53.17
N ALA J 117 12.23 -32.72 54.50
CA ALA J 117 11.57 -33.80 55.21
C ALA J 117 10.08 -33.50 55.33
N PRO J 118 9.24 -34.53 55.31
CA PRO J 118 7.80 -34.29 55.40
C PRO J 118 7.35 -34.00 56.82
N SER J 119 6.28 -33.21 56.91
CA SER J 119 5.54 -33.05 58.16
C SER J 119 4.43 -34.10 58.15
N VAL J 120 4.30 -34.81 59.26
CA VAL J 120 3.42 -35.97 59.33
C VAL J 120 2.26 -35.64 60.27
N PHE J 121 1.05 -35.92 59.81
CA PHE J 121 -0.16 -35.76 60.61
C PHE J 121 -1.03 -37.00 60.43
N ILE J 122 -1.70 -37.40 61.50
CA ILE J 122 -2.58 -38.55 61.49
C ILE J 122 -3.96 -38.10 61.95
N PHE J 123 -4.99 -38.56 61.25
CA PHE J 123 -6.36 -38.17 61.53
C PHE J 123 -7.19 -39.40 61.88
N PRO J 124 -7.85 -39.44 63.02
CA PRO J 124 -8.76 -40.55 63.30
C PRO J 124 -10.01 -40.42 62.46
N PRO J 125 -10.80 -41.49 62.33
CA PRO J 125 -12.05 -41.39 61.58
C PRO J 125 -13.01 -40.44 62.26
N SER J 126 -13.73 -39.66 61.46
CA SER J 126 -14.73 -38.77 61.99
C SER J 126 -15.87 -39.56 62.63
N ASP J 127 -16.54 -38.93 63.60
CA ASP J 127 -17.61 -39.62 64.30
C ASP J 127 -18.84 -39.81 63.42
N GLU J 128 -19.09 -38.90 62.48
CA GLU J 128 -20.23 -39.09 61.59
C GLU J 128 -19.97 -40.14 60.51
N GLN J 129 -18.69 -40.41 60.19
CA GLN J 129 -18.38 -41.56 59.35
C GLN J 129 -18.55 -42.86 60.14
N LEU J 130 -18.30 -42.83 61.44
CA LEU J 130 -18.47 -44.01 62.28
C LEU J 130 -19.93 -44.46 62.37
N LYS J 131 -20.88 -43.62 61.97
CA LYS J 131 -22.26 -44.07 61.87
C LYS J 131 -22.53 -44.91 60.63
N SER J 132 -21.67 -44.80 59.62
CA SER J 132 -21.89 -45.49 58.35
C SER J 132 -21.40 -46.94 58.35
N GLY J 133 -20.56 -47.33 59.30
CA GLY J 133 -20.07 -48.69 59.38
C GLY J 133 -18.66 -48.90 58.86
N THR J 134 -18.02 -47.86 58.31
CA THR J 134 -16.63 -47.95 57.89
C THR J 134 -15.85 -46.79 58.49
N ALA J 135 -14.57 -47.03 58.75
CA ALA J 135 -13.69 -46.03 59.35
C ALA J 135 -12.51 -45.79 58.41
N SER J 136 -12.19 -44.52 58.19
CA SER J 136 -11.07 -44.12 57.35
C SER J 136 -10.07 -43.36 58.21
N VAL J 137 -8.86 -43.91 58.33
CA VAL J 137 -7.75 -43.24 59.00
C VAL J 137 -6.86 -42.64 57.93
N VAL J 138 -6.54 -41.36 58.07
CA VAL J 138 -5.78 -40.62 57.08
C VAL J 138 -4.45 -40.19 57.68
N CYS J 139 -3.38 -40.38 56.92
CA CYS J 139 -2.05 -39.93 57.30
C CYS J 139 -1.56 -38.94 56.25
N LEU J 140 -1.12 -37.77 56.70
CA LEU J 140 -0.73 -36.69 55.82
C LEU J 140 0.79 -36.51 55.85
N LEU J 141 1.40 -36.50 54.67
CA LEU J 141 2.82 -36.19 54.50
C LEU J 141 2.90 -34.90 53.69
N ASN J 142 3.36 -33.83 54.32
CA ASN J 142 3.23 -32.49 53.76
C ASN J 142 4.58 -31.92 53.38
N ASN J 143 4.70 -31.49 52.12
CA ASN J 143 5.81 -30.67 51.61
C ASN J 143 7.17 -31.33 51.87
N PHE J 144 7.45 -32.36 51.06
CA PHE J 144 8.72 -33.06 51.11
C PHE J 144 9.30 -33.21 49.72
N TYR J 145 10.61 -33.46 49.67
CA TYR J 145 11.34 -33.71 48.43
C TYR J 145 12.55 -34.57 48.76
N PRO J 146 12.86 -35.59 47.94
CA PRO J 146 12.16 -35.96 46.70
C PRO J 146 10.85 -36.72 46.95
N ARG J 147 10.24 -37.19 45.87
CA ARG J 147 8.90 -37.77 45.93
C ARG J 147 8.87 -39.17 46.55
N GLU J 148 9.99 -39.90 46.49
CA GLU J 148 10.03 -41.24 47.05
C GLU J 148 9.79 -41.20 48.56
N ALA J 149 8.79 -41.95 49.01
CA ALA J 149 8.46 -42.03 50.42
C ALA J 149 7.60 -43.26 50.65
N LYS J 150 7.81 -43.91 51.80
CA LYS J 150 7.08 -45.13 52.16
C LYS J 150 6.28 -44.88 53.42
N VAL J 151 5.06 -45.42 53.46
CA VAL J 151 4.21 -45.35 54.64
C VAL J 151 3.69 -46.75 54.96
N GLN J 152 3.79 -47.13 56.22
CA GLN J 152 3.29 -48.40 56.72
C GLN J 152 2.34 -48.14 57.88
N TRP J 153 1.22 -48.86 57.89
CA TRP J 153 0.21 -48.77 58.93
C TRP J 153 0.36 -49.94 59.89
N LYS J 154 0.25 -49.64 61.18
CA LYS J 154 0.32 -50.66 62.23
C LYS J 154 -0.89 -50.53 63.13
N VAL J 155 -1.67 -51.60 63.21
CA VAL J 155 -2.85 -51.66 64.06
C VAL J 155 -2.49 -52.52 65.27
N ASP J 156 -2.31 -51.86 66.42
CA ASP J 156 -1.81 -52.51 67.63
C ASP J 156 -0.45 -53.15 67.35
N ASN J 157 0.41 -52.40 66.67
CA ASN J 157 1.72 -52.88 66.23
C ASN J 157 1.61 -54.17 65.42
N ALA J 158 0.69 -54.17 64.46
CA ALA J 158 0.56 -55.22 63.45
C ALA J 158 0.58 -54.56 62.08
N LEU J 159 1.51 -54.99 61.22
CA LEU J 159 1.62 -54.41 59.89
C LEU J 159 0.34 -54.65 59.09
N GLN J 160 0.01 -53.69 58.21
CA GLN J 160 -1.16 -53.78 57.35
C GLN J 160 -0.74 -53.83 55.89
N SER J 161 -1.54 -54.51 55.08
CA SER J 161 -1.30 -54.58 53.64
C SER J 161 -2.62 -54.80 52.92
N GLY J 162 -2.72 -54.25 51.72
CA GLY J 162 -3.89 -54.44 50.88
C GLY J 162 -5.13 -53.70 51.31
N ASN J 163 -5.08 -52.96 52.43
CA ASN J 163 -6.23 -52.22 52.93
C ASN J 163 -5.96 -50.72 52.94
N SER J 164 -4.99 -50.26 52.16
CA SER J 164 -4.62 -48.85 52.16
C SER J 164 -4.37 -48.39 50.73
N GLN J 165 -4.64 -47.11 50.48
CA GLN J 165 -4.33 -46.47 49.21
C GLN J 165 -3.75 -45.09 49.51
N GLU J 166 -2.80 -44.66 48.70
CA GLU J 166 -2.19 -43.35 48.87
C GLU J 166 -2.35 -42.53 47.59
N SER J 167 -2.05 -41.24 47.71
CA SER J 167 -2.22 -40.30 46.63
C SER J 167 -1.18 -39.20 46.79
N VAL J 168 -0.59 -38.76 45.68
CA VAL J 168 0.50 -37.80 45.70
C VAL J 168 0.11 -36.58 44.88
N THR J 169 0.28 -35.39 45.46
CA THR J 169 0.10 -34.17 44.70
C THR J 169 1.20 -34.04 43.66
N GLU J 170 0.97 -33.17 42.70
CA GLU J 170 2.05 -32.84 41.78
C GLU J 170 2.98 -31.83 42.44
N GLN J 171 4.13 -31.62 41.80
CA GLN J 171 5.12 -30.74 42.38
C GLN J 171 4.54 -29.34 42.53
N ASP J 172 4.68 -28.77 43.73
CA ASP J 172 4.16 -27.44 43.99
C ASP J 172 4.87 -26.41 43.13
N SER J 173 4.11 -25.52 42.50
CA SER J 173 4.68 -24.56 41.57
C SER J 173 5.50 -23.47 42.27
N LYS J 174 5.45 -23.38 43.60
CA LYS J 174 6.21 -22.38 44.34
C LYS J 174 7.45 -22.98 45.01
N ASP J 175 7.28 -23.99 45.86
CA ASP J 175 8.39 -24.56 46.62
C ASP J 175 8.89 -25.89 46.06
N SER J 176 8.26 -26.39 45.01
CA SER J 176 8.68 -27.60 44.29
C SER J 176 8.64 -28.85 45.14
N THR J 177 7.82 -28.89 46.19
CA THR J 177 7.75 -30.08 47.03
C THR J 177 6.52 -30.92 46.66
N TYR J 178 6.45 -32.11 47.27
CA TYR J 178 5.33 -33.02 47.09
C TYR J 178 4.58 -33.17 48.40
N SER J 179 3.33 -33.59 48.29
CA SER J 179 2.54 -33.99 49.44
C SER J 179 1.86 -35.32 49.15
N LEU J 180 1.69 -36.12 50.20
CA LEU J 180 1.14 -37.46 50.07
C LEU J 180 0.12 -37.66 51.17
N SER J 181 -0.96 -38.37 50.84
CA SER J 181 -1.96 -38.75 51.82
C SER J 181 -2.19 -40.24 51.70
N SER J 182 -2.18 -40.94 52.82
CA SER J 182 -2.44 -42.38 52.87
C SER J 182 -3.71 -42.63 53.69
N THR J 183 -4.64 -43.37 53.12
CA THR J 183 -5.92 -43.64 53.76
C THR J 183 -6.03 -45.14 54.05
N LEU J 184 -6.10 -45.48 55.33
CA LEU J 184 -6.34 -46.85 55.77
C LEU J 184 -7.83 -46.98 56.07
N THR J 185 -8.50 -47.90 55.37
CA THR J 185 -9.93 -48.08 55.53
C THR J 185 -10.20 -49.44 56.16
N LEU J 186 -10.88 -49.42 57.29
CA LEU J 186 -11.30 -50.63 57.98
C LEU J 186 -12.80 -50.54 58.20
N SER J 187 -13.41 -51.69 58.48
CA SER J 187 -14.80 -51.68 58.92
C SER J 187 -14.85 -51.18 60.36
N LYS J 188 -15.97 -50.55 60.72
CA LYS J 188 -16.12 -50.14 62.11
C LYS J 188 -16.01 -51.34 63.04
N ALA J 189 -16.41 -52.53 62.57
CA ALA J 189 -16.26 -53.74 63.37
C ALA J 189 -14.79 -54.01 63.69
N ASP J 190 -13.90 -53.75 62.72
CA ASP J 190 -12.48 -53.94 62.96
C ASP J 190 -11.81 -52.71 63.57
N TYR J 191 -12.36 -51.51 63.34
CA TYR J 191 -11.78 -50.33 63.97
C TYR J 191 -11.97 -50.39 65.48
N GLU J 192 -13.03 -51.04 65.94
CA GLU J 192 -13.34 -51.15 67.35
C GLU J 192 -12.77 -52.40 68.00
N LYS J 193 -12.06 -53.25 67.24
CA LYS J 193 -11.38 -54.38 67.83
C LYS J 193 -10.02 -54.01 68.41
N HIS J 194 -9.46 -52.87 68.00
CA HIS J 194 -8.11 -52.49 68.37
C HIS J 194 -8.11 -51.08 68.94
N LYS J 195 -6.96 -50.69 69.51
CA LYS J 195 -6.81 -49.40 70.17
C LYS J 195 -5.77 -48.51 69.49
N VAL J 196 -4.60 -49.06 69.17
CA VAL J 196 -3.46 -48.27 68.69
C VAL J 196 -3.46 -48.28 67.16
N TYR J 197 -3.48 -47.09 66.56
CA TYR J 197 -3.35 -46.93 65.12
C TYR J 197 -2.15 -46.02 64.84
N ALA J 198 -1.13 -46.57 64.18
CA ALA J 198 0.11 -45.85 63.96
C ALA J 198 0.41 -45.71 62.48
N CYS J 199 0.95 -44.54 62.11
CA CYS J 199 1.45 -44.27 60.78
C CYS J 199 2.93 -43.93 60.89
N GLU J 200 3.79 -44.72 60.23
CA GLU J 200 5.24 -44.52 60.31
C GLU J 200 5.81 -44.38 58.91
N VAL J 201 6.57 -43.31 58.67
CA VAL J 201 7.05 -42.97 57.33
C VAL J 201 8.58 -42.88 57.31
N THR J 202 9.16 -43.33 56.19
CA THR J 202 10.59 -43.23 55.96
C THR J 202 10.83 -42.37 54.73
N HIS J 203 11.76 -41.42 54.83
CA HIS J 203 12.06 -40.48 53.76
C HIS J 203 13.50 -40.04 53.89
N GLN J 204 14.08 -39.55 52.79
CA GLN J 204 15.48 -39.15 52.79
C GLN J 204 15.77 -38.08 53.83
N GLY J 205 14.84 -37.17 54.05
CA GLY J 205 15.10 -36.08 54.97
C GLY J 205 14.97 -36.42 56.43
N LEU J 206 14.62 -37.66 56.75
CA LEU J 206 14.47 -38.11 58.13
C LEU J 206 15.66 -38.99 58.48
N SER J 207 16.30 -38.70 59.61
CA SER J 207 17.44 -39.52 60.02
C SER J 207 17.01 -40.96 60.28
N SER J 208 15.76 -41.13 60.71
CA SER J 208 15.17 -42.44 60.96
C SER J 208 13.65 -42.25 61.00
N PRO J 209 12.88 -43.32 60.78
CA PRO J 209 11.43 -43.18 60.57
C PRO J 209 10.70 -42.38 61.66
N VAL J 210 9.74 -41.57 61.20
CA VAL J 210 8.89 -40.77 62.07
C VAL J 210 7.54 -41.46 62.20
N THR J 211 7.02 -41.53 63.43
CA THR J 211 5.77 -42.24 63.71
C THR J 211 4.78 -41.30 64.37
N LYS J 212 3.60 -41.15 63.77
CA LYS J 212 2.46 -40.51 64.39
C LYS J 212 1.39 -41.56 64.68
N SER J 213 0.76 -41.47 65.84
CA SER J 213 -0.22 -42.46 66.23
C SER J 213 -1.23 -41.83 67.19
N PHE J 214 -2.34 -42.53 67.39
CA PHE J 214 -3.36 -42.14 68.34
C PHE J 214 -4.00 -43.40 68.92
N ASN J 215 -4.78 -43.22 69.98
CA ASN J 215 -5.57 -44.28 70.57
C ASN J 215 -7.05 -43.93 70.44
N ARG J 216 -7.83 -44.91 69.98
CA ARG J 216 -9.27 -44.74 69.85
C ARG J 216 -9.88 -44.33 71.18
N GLY J 217 -10.45 -43.13 71.22
CA GLY J 217 -11.00 -42.58 72.43
C GLY J 217 -10.44 -41.22 72.78
N GLN K 6 -36.28 -2.66 7.38
CA GLN K 6 -35.65 -1.56 8.11
C GLN K 6 -36.33 -1.29 9.46
N LEU K 7 -36.48 -0.01 9.78
CA LEU K 7 -36.83 0.41 11.14
C LEU K 7 -38.26 0.02 11.52
N GLN K 8 -38.40 -0.57 12.70
CA GLN K 8 -39.67 -1.01 13.25
C GLN K 8 -39.80 -0.49 14.69
N LEU K 9 -41.00 -0.05 15.06
CA LEU K 9 -41.26 0.48 16.39
C LEU K 9 -42.29 -0.35 17.12
N GLN K 10 -41.94 -0.85 18.30
CA GLN K 10 -42.83 -1.64 19.14
C GLN K 10 -42.97 -0.92 20.47
N GLU K 11 -44.20 -0.55 20.83
CA GLU K 11 -44.43 0.09 22.12
C GLU K 11 -45.22 -0.82 23.04
N SER K 12 -44.98 -0.64 24.34
CA SER K 12 -45.59 -1.46 25.36
C SER K 12 -45.73 -0.60 26.62
N GLY K 13 -46.58 -1.05 27.52
CA GLY K 13 -46.89 -0.31 28.71
C GLY K 13 -48.34 -0.47 29.09
N PRO K 14 -48.66 -0.22 30.36
CA PRO K 14 -50.03 -0.45 30.81
C PRO K 14 -51.02 0.46 30.12
N GLY K 15 -52.18 -0.08 29.77
CA GLY K 15 -53.27 0.67 29.20
C GLY K 15 -54.23 1.24 30.23
N LEU K 16 -53.97 1.03 31.51
CA LEU K 16 -54.82 1.52 32.58
C LEU K 16 -53.95 2.18 33.64
N VAL K 17 -54.20 3.47 33.90
CA VAL K 17 -53.47 4.23 34.90
C VAL K 17 -54.49 4.94 35.79
N LYS K 18 -54.35 4.81 37.09
CA LYS K 18 -55.27 5.50 38.00
C LYS K 18 -54.97 6.99 38.06
N PRO K 19 -55.99 7.81 38.35
CA PRO K 19 -55.78 9.26 38.40
C PRO K 19 -54.72 9.65 39.41
N SER K 20 -54.06 10.77 39.12
CA SER K 20 -52.99 11.42 39.86
C SER K 20 -51.67 10.66 39.75
N GLU K 21 -51.67 9.42 39.23
CA GLU K 21 -50.43 8.66 39.14
C GLU K 21 -49.71 8.98 37.83
N THR K 22 -48.66 8.22 37.51
CA THR K 22 -47.77 8.50 36.38
C THR K 22 -47.96 7.46 35.28
N LEU K 23 -48.23 7.94 34.08
CA LEU K 23 -48.28 7.10 32.90
C LEU K 23 -46.87 6.81 32.41
N SER K 24 -46.61 5.55 32.05
CA SER K 24 -45.31 5.14 31.57
C SER K 24 -45.46 4.23 30.36
N LEU K 25 -44.73 4.55 29.29
CA LEU K 25 -44.73 3.76 28.06
C LEU K 25 -43.32 3.70 27.51
N THR K 26 -43.02 2.59 26.84
CA THR K 26 -41.70 2.34 26.27
C THR K 26 -41.84 1.94 24.80
N CYS K 27 -40.92 2.43 23.97
CA CYS K 27 -40.87 2.13 22.55
C CYS K 27 -39.57 1.39 22.26
N THR K 28 -39.68 0.17 21.73
CA THR K 28 -38.51 -0.63 21.39
C THR K 28 -38.30 -0.60 19.87
N VAL K 29 -37.07 -0.28 19.47
CA VAL K 29 -36.72 -0.07 18.07
C VAL K 29 -36.04 -1.33 17.52
N SER K 30 -36.59 -1.87 16.43
CA SER K 30 -36.01 -2.99 15.71
C SER K 30 -35.64 -2.58 14.29
N GLY K 31 -34.80 -3.38 13.66
CA GLY K 31 -34.36 -3.10 12.31
C GLY K 31 -33.42 -1.92 12.17
N GLY K 32 -32.87 -1.44 13.27
CA GLY K 32 -31.95 -0.30 13.23
C GLY K 32 -31.64 0.15 14.62
N SER K 33 -30.65 1.02 14.71
CA SER K 33 -30.13 1.50 15.99
C SER K 33 -30.75 2.84 16.36
N ILE K 34 -31.18 2.96 17.61
CA ILE K 34 -31.67 4.23 18.11
C ILE K 34 -30.54 5.24 18.23
N SER K 35 -29.29 4.78 18.19
CA SER K 35 -28.13 5.66 18.29
C SER K 35 -27.74 6.18 16.91
N SER K 36 -28.68 6.88 16.29
CA SER K 36 -28.49 7.49 14.98
C SER K 36 -28.50 9.00 15.12
N SER K 37 -27.49 9.65 14.54
CA SER K 37 -27.38 11.10 14.58
C SER K 37 -28.35 11.78 13.63
N SER K 38 -29.11 11.02 12.85
CA SER K 38 -30.00 11.58 11.83
C SER K 38 -31.46 11.60 12.26
N TYR K 39 -31.79 11.19 13.49
CA TYR K 39 -33.18 11.01 13.86
C TYR K 39 -33.44 11.55 15.26
N TYR K 40 -34.66 12.04 15.45
CA TYR K 40 -35.26 12.27 16.76
C TYR K 40 -36.30 11.20 17.05
N TRP K 41 -36.73 11.13 18.30
CA TRP K 41 -37.67 10.10 18.74
C TRP K 41 -38.77 10.78 19.55
N GLY K 42 -40.00 10.74 19.03
CA GLY K 42 -41.05 11.54 19.60
C GLY K 42 -42.25 10.76 20.08
N TRP K 43 -43.08 11.41 20.89
CA TRP K 43 -44.32 10.85 21.38
C TRP K 43 -45.48 11.74 20.95
N ILE K 44 -46.51 11.11 20.42
CA ILE K 44 -47.73 11.79 20.01
C ILE K 44 -48.89 11.06 20.67
N ARG K 45 -49.90 11.82 21.11
CA ARG K 45 -51.09 11.22 21.69
C ARG K 45 -52.31 11.75 20.96
N GLN K 46 -53.40 11.00 21.08
CA GLN K 46 -54.66 11.31 20.40
C GLN K 46 -55.80 10.91 21.33
N PRO K 47 -56.44 11.88 21.98
CA PRO K 47 -57.61 11.55 22.78
C PRO K 47 -58.67 10.92 21.91
N PRO K 48 -59.47 10.00 22.46
CA PRO K 48 -60.47 9.30 21.64
C PRO K 48 -61.46 10.28 21.02
N GLY K 49 -61.57 10.21 19.69
CA GLY K 49 -62.46 11.08 18.95
C GLY K 49 -61.96 12.49 18.72
N LYS K 50 -60.69 12.75 18.97
CA LYS K 50 -60.12 14.08 18.79
C LYS K 50 -58.90 14.04 17.89
N GLY K 51 -58.11 15.12 17.86
CA GLY K 51 -56.98 15.22 16.96
C GLY K 51 -55.67 14.74 17.57
N LEU K 52 -54.59 15.02 16.85
CA LEU K 52 -53.26 14.59 17.24
C LEU K 52 -52.52 15.71 17.95
N GLU K 53 -51.85 15.36 19.05
CA GLU K 53 -51.09 16.32 19.85
C GLU K 53 -49.69 15.78 20.05
N TRP K 54 -48.69 16.58 19.67
CA TRP K 54 -47.30 16.22 19.92
C TRP K 54 -46.96 16.43 21.38
N ILE K 55 -46.34 15.41 21.99
CA ILE K 55 -45.95 15.48 23.39
C ILE K 55 -44.50 15.95 23.54
N GLY K 56 -43.58 15.32 22.84
CA GLY K 56 -42.19 15.72 22.92
C GLY K 56 -41.32 14.81 22.07
N SER K 57 -40.08 15.22 21.90
CA SER K 57 -39.10 14.49 21.12
C SER K 57 -37.78 14.43 21.88
N ILE K 58 -36.95 13.45 21.55
CA ILE K 58 -35.66 13.27 22.20
C ILE K 58 -34.61 12.91 21.15
N TYR K 59 -33.40 13.44 21.32
CA TYR K 59 -32.25 13.07 20.52
C TYR K 59 -31.51 11.94 21.22
N TYR K 60 -30.79 11.13 20.45
CA TYR K 60 -30.13 9.96 21.03
C TYR K 60 -29.08 10.35 22.06
N SER K 61 -28.54 11.56 21.98
CA SER K 61 -27.61 12.04 22.99
C SER K 61 -28.30 12.35 24.31
N GLY K 62 -29.61 12.64 24.29
CA GLY K 62 -30.36 13.00 25.47
C GLY K 62 -31.03 14.36 25.39
N SER K 63 -30.72 15.16 24.38
CA SER K 63 -31.39 16.45 24.21
C SER K 63 -32.87 16.25 23.94
N THR K 64 -33.71 17.05 24.59
CA THR K 64 -35.16 16.89 24.50
C THR K 64 -35.83 18.20 24.10
N TYR K 65 -36.95 18.06 23.41
CA TYR K 65 -37.89 19.15 23.17
C TYR K 65 -39.27 18.69 23.59
N TYR K 66 -39.91 19.46 24.47
CA TYR K 66 -41.22 19.11 25.01
C TYR K 66 -42.28 20.09 24.51
N ASN K 67 -43.51 19.62 24.47
CA ASN K 67 -44.65 20.49 24.23
C ASN K 67 -44.79 21.43 25.43
N PRO K 68 -44.75 22.75 25.24
CA PRO K 68 -44.80 23.66 26.41
C PRO K 68 -46.07 23.52 27.22
N SER K 69 -47.13 22.94 26.66
CA SER K 69 -48.35 22.67 27.40
C SER K 69 -48.22 21.48 28.34
N LEU K 70 -47.14 20.70 28.23
CA LEU K 70 -46.94 19.52 29.06
C LEU K 70 -45.56 19.43 29.68
N LYS K 71 -44.74 20.48 29.60
CA LYS K 71 -43.35 20.37 30.06
C LYS K 71 -43.27 20.05 31.55
N SER K 72 -44.20 20.57 32.34
CA SER K 72 -44.17 20.36 33.79
C SER K 72 -44.46 18.91 34.16
N ARG K 73 -45.07 18.14 33.26
CA ARG K 73 -45.53 16.80 33.56
C ARG K 73 -44.87 15.72 32.73
N VAL K 74 -43.97 16.06 31.82
CA VAL K 74 -43.45 15.11 30.84
C VAL K 74 -41.95 14.91 31.03
N THR K 75 -41.53 13.65 30.97
CA THR K 75 -40.13 13.27 30.87
C THR K 75 -39.98 12.23 29.79
N ILE K 76 -39.05 12.44 28.87
CA ILE K 76 -38.74 11.46 27.83
C ILE K 76 -37.28 11.07 28.00
N SER K 77 -37.03 9.77 28.15
CA SER K 77 -35.70 9.23 28.36
C SER K 77 -35.36 8.26 27.23
N VAL K 78 -34.07 7.95 27.11
CA VAL K 78 -33.58 7.02 26.10
C VAL K 78 -32.59 6.05 26.74
N ASP K 79 -32.64 4.79 26.29
CA ASP K 79 -31.72 3.73 26.73
C ASP K 79 -31.11 3.13 25.47
N THR K 80 -29.95 3.66 25.06
CA THR K 80 -29.32 3.21 23.83
C THR K 80 -28.83 1.77 23.94
N SER K 81 -28.49 1.32 25.15
CA SER K 81 -28.03 -0.06 25.31
C SER K 81 -29.12 -1.07 25.02
N LYS K 82 -30.38 -0.73 25.30
CA LYS K 82 -31.49 -1.61 25.03
C LYS K 82 -32.34 -1.15 23.84
N ASN K 83 -31.91 -0.08 23.16
CA ASN K 83 -32.57 0.42 21.94
C ASN K 83 -34.00 0.83 22.22
N GLN K 84 -34.21 1.55 23.32
CA GLN K 84 -35.52 2.01 23.73
C GLN K 84 -35.50 3.49 24.06
N PHE K 85 -36.68 4.10 23.97
CA PHE K 85 -36.94 5.40 24.57
C PHE K 85 -38.34 5.34 25.17
N SER K 86 -38.53 6.10 26.25
CA SER K 86 -39.72 5.96 27.07
C SER K 86 -40.37 7.32 27.31
N LEU K 87 -41.61 7.27 27.80
CA LEU K 87 -42.38 8.45 28.14
C LEU K 87 -42.97 8.27 29.53
N LYS K 88 -42.80 9.29 30.37
CA LYS K 88 -43.44 9.34 31.68
C LYS K 88 -44.24 10.63 31.77
N LEU K 89 -45.51 10.52 32.13
CA LEU K 89 -46.43 11.65 32.26
C LEU K 89 -46.97 11.70 33.68
N SER K 90 -46.68 12.79 34.38
CA SER K 90 -47.00 12.90 35.80
C SER K 90 -48.42 13.40 36.02
N SER K 91 -48.95 13.10 37.20
CA SER K 91 -50.24 13.62 37.66
C SER K 91 -51.32 13.54 36.59
N VAL K 92 -51.51 12.35 36.03
CA VAL K 92 -52.46 12.20 34.93
C VAL K 92 -53.88 12.37 35.45
N THR K 93 -54.75 12.88 34.58
CA THR K 93 -56.16 13.06 34.85
C THR K 93 -56.95 12.39 33.72
N ALA K 94 -58.28 12.42 33.83
CA ALA K 94 -59.13 11.84 32.79
C ALA K 94 -58.90 12.48 31.43
N ALA K 95 -58.42 13.73 31.41
CA ALA K 95 -58.08 14.40 30.16
C ALA K 95 -56.88 13.77 29.45
N ASP K 96 -56.16 12.87 30.11
CA ASP K 96 -55.02 12.18 29.51
C ASP K 96 -55.39 10.84 28.90
N THR K 97 -56.64 10.40 28.99
CA THR K 97 -57.08 9.23 28.26
C THR K 97 -56.90 9.44 26.77
N ALA K 98 -56.07 8.62 26.15
CA ALA K 98 -55.71 8.81 24.75
C ALA K 98 -55.01 7.56 24.24
N VAL K 99 -54.84 7.52 22.92
CA VAL K 99 -53.93 6.57 22.28
C VAL K 99 -52.60 7.26 22.10
N TYR K 100 -51.54 6.64 22.61
CA TYR K 100 -50.20 7.21 22.59
C TYR K 100 -49.36 6.50 21.54
N TYR K 101 -48.67 7.28 20.73
CA TYR K 101 -47.82 6.77 19.66
C TYR K 101 -46.38 7.19 19.89
N CYS K 102 -45.46 6.29 19.58
CA CYS K 102 -44.07 6.69 19.39
C CYS K 102 -43.78 6.69 17.89
N ALA K 103 -42.86 7.58 17.49
CA ALA K 103 -42.53 7.68 16.08
C ALA K 103 -41.11 8.19 15.94
N ARG K 104 -40.51 7.87 14.81
CA ARG K 104 -39.20 8.39 14.45
C ARG K 104 -39.39 9.73 13.74
N GLU K 105 -38.63 10.74 14.14
CA GLU K 105 -38.82 12.09 13.67
C GLU K 105 -37.58 12.57 12.92
N ILE K 106 -37.80 13.27 11.81
CA ILE K 106 -36.78 14.07 11.16
C ILE K 106 -37.22 15.52 11.24
N THR K 107 -36.37 16.37 11.82
CA THR K 107 -36.74 17.74 12.08
C THR K 107 -36.82 18.55 10.78
N MET K 108 -37.44 19.72 10.89
CA MET K 108 -37.53 20.72 9.82
C MET K 108 -38.41 20.30 8.65
N ILE K 109 -38.57 19.00 8.40
CA ILE K 109 -39.39 18.54 7.28
C ILE K 109 -40.70 17.94 7.72
N ALA K 110 -41.01 17.96 9.02
CA ALA K 110 -42.27 17.46 9.56
C ALA K 110 -42.48 15.98 9.22
N TRP K 111 -41.45 15.18 9.50
CA TRP K 111 -41.40 13.76 9.15
C TRP K 111 -41.62 12.93 10.40
N PHE K 112 -42.66 12.10 10.37
CA PHE K 112 -42.93 11.09 11.40
C PHE K 112 -43.10 9.76 10.67
N ASP K 113 -42.05 8.95 10.66
CA ASP K 113 -42.08 7.68 9.97
C ASP K 113 -40.87 6.84 10.40
N PRO K 114 -41.08 5.61 10.89
CA PRO K 114 -42.40 5.02 11.08
C PRO K 114 -43.01 5.31 12.44
N TRP K 115 -44.17 4.70 12.69
CA TRP K 115 -44.88 4.86 13.94
C TRP K 115 -45.00 3.52 14.64
N GLY K 116 -45.17 3.56 15.95
CA GLY K 116 -45.62 2.39 16.68
C GLY K 116 -47.08 2.12 16.40
N GLN K 117 -47.56 0.98 16.89
CA GLN K 117 -48.96 0.63 16.65
C GLN K 117 -49.93 1.52 17.42
N GLY K 118 -49.47 2.18 18.49
CA GLY K 118 -50.32 3.02 19.31
C GLY K 118 -50.88 2.24 20.48
N THR K 119 -50.79 2.81 21.68
CA THR K 119 -51.32 2.18 22.88
C THR K 119 -52.37 3.10 23.49
N LEU K 120 -53.59 2.59 23.66
CA LEU K 120 -54.63 3.33 24.35
C LEU K 120 -54.44 3.24 25.86
N VAL K 121 -54.34 4.40 26.51
CA VAL K 121 -54.20 4.47 27.97
C VAL K 121 -55.44 5.15 28.52
N THR K 122 -56.17 4.44 29.36
CA THR K 122 -57.38 4.96 30.01
C THR K 122 -57.03 5.36 31.43
N VAL K 123 -57.30 6.62 31.78
CA VAL K 123 -57.06 7.12 33.13
C VAL K 123 -58.35 6.92 33.92
N SER K 124 -58.34 5.97 34.85
CA SER K 124 -59.54 5.65 35.60
C SER K 124 -59.14 4.81 36.82
N SER K 125 -59.85 5.02 37.92
CA SER K 125 -59.69 4.19 39.11
C SER K 125 -60.49 2.90 39.02
N ALA K 126 -61.25 2.72 37.94
CA ALA K 126 -62.10 1.57 37.76
C ALA K 126 -61.25 0.31 37.57
N SER K 127 -61.89 -0.85 37.71
CA SER K 127 -61.20 -2.12 37.63
C SER K 127 -61.05 -2.62 36.20
N THR K 128 -59.97 -3.36 35.98
CA THR K 128 -59.82 -4.08 34.73
C THR K 128 -60.69 -5.32 34.84
N LYS K 129 -61.42 -5.63 33.76
CA LYS K 129 -62.29 -6.79 33.79
C LYS K 129 -62.21 -7.47 32.45
N GLY K 130 -62.05 -8.79 32.45
CA GLY K 130 -61.97 -9.54 31.22
C GLY K 130 -63.35 -9.77 30.66
N PRO K 131 -63.44 -9.92 29.34
CA PRO K 131 -64.74 -10.02 28.69
C PRO K 131 -65.29 -11.43 28.68
N SER K 132 -66.62 -11.51 28.59
CA SER K 132 -67.30 -12.75 28.28
C SER K 132 -67.63 -12.78 26.79
N VAL K 133 -67.44 -13.94 26.17
CA VAL K 133 -67.62 -14.08 24.73
C VAL K 133 -68.73 -15.09 24.50
N PHE K 134 -69.77 -14.69 23.78
CA PHE K 134 -70.89 -15.55 23.49
C PHE K 134 -71.09 -15.66 21.98
N PRO K 135 -71.50 -16.83 21.49
CA PRO K 135 -71.69 -17.00 20.04
C PRO K 135 -72.99 -16.36 19.57
N LEU K 136 -72.91 -15.72 18.42
CA LEU K 136 -74.08 -15.26 17.68
C LEU K 136 -74.42 -16.33 16.65
N ALA K 137 -75.28 -17.27 17.05
CA ALA K 137 -75.54 -18.45 16.22
C ALA K 137 -76.29 -18.06 14.96
N PRO K 138 -75.87 -18.54 13.79
CA PRO K 138 -76.59 -18.21 12.54
C PRO K 138 -77.91 -18.98 12.44
N SER K 139 -78.97 -18.26 12.08
CA SER K 139 -80.28 -18.88 11.88
C SER K 139 -80.84 -18.48 10.52
N GLY K 146 -77.84 -16.76 -0.89
CA GLY K 146 -77.77 -17.82 0.12
C GLY K 146 -76.59 -17.67 1.05
N THR K 147 -76.52 -16.54 1.75
CA THR K 147 -75.43 -16.26 2.68
C THR K 147 -75.98 -16.17 4.10
N ALA K 148 -75.14 -16.55 5.06
CA ALA K 148 -75.51 -16.56 6.46
C ALA K 148 -74.57 -15.65 7.23
N ALA K 149 -75.05 -15.16 8.36
CA ALA K 149 -74.28 -14.30 9.24
C ALA K 149 -74.07 -14.98 10.59
N LEU K 150 -72.86 -14.88 11.11
CA LEU K 150 -72.54 -15.40 12.43
C LEU K 150 -71.54 -14.47 13.09
N GLY K 151 -71.43 -14.57 14.41
CA GLY K 151 -70.52 -13.68 15.09
C GLY K 151 -70.31 -14.01 16.55
N CYS K 152 -69.64 -13.08 17.24
CA CYS K 152 -69.33 -13.20 18.65
C CYS K 152 -69.76 -11.94 19.38
N LEU K 153 -70.30 -12.10 20.57
CA LEU K 153 -70.66 -10.98 21.44
C LEU K 153 -69.64 -10.92 22.57
N VAL K 154 -68.84 -9.85 22.58
CA VAL K 154 -67.80 -9.63 23.57
C VAL K 154 -68.36 -8.65 24.60
N LYS K 155 -68.77 -9.16 25.76
CA LYS K 155 -69.59 -8.39 26.69
C LYS K 155 -68.87 -8.18 28.02
N ASP K 156 -69.02 -6.97 28.57
CA ASP K 156 -68.68 -6.62 29.96
C ASP K 156 -67.17 -6.73 30.21
N TYR K 157 -66.45 -5.78 29.62
CA TYR K 157 -65.01 -5.70 29.83
C TYR K 157 -64.60 -4.26 30.08
N PHE K 158 -63.42 -4.09 30.68
CA PHE K 158 -62.86 -2.77 30.96
C PHE K 158 -61.37 -2.93 31.18
N PRO K 159 -60.52 -2.05 30.63
CA PRO K 159 -60.97 -1.01 29.72
C PRO K 159 -60.86 -1.45 28.27
N GLU K 160 -61.04 -0.49 27.37
CA GLU K 160 -60.76 -0.70 25.97
C GLU K 160 -59.26 -0.84 25.77
N PRO K 161 -58.82 -1.51 24.68
CA PRO K 161 -59.65 -2.14 23.66
C PRO K 161 -59.66 -3.66 23.69
N VAL K 162 -60.57 -4.27 22.93
CA VAL K 162 -60.45 -5.68 22.59
C VAL K 162 -60.19 -5.78 21.09
N THR K 163 -59.45 -6.81 20.71
CA THR K 163 -59.19 -7.13 19.32
C THR K 163 -59.91 -8.43 19.00
N VAL K 164 -60.58 -8.49 17.86
CA VAL K 164 -61.25 -9.70 17.41
C VAL K 164 -60.72 -10.06 16.04
N SER K 165 -60.29 -11.31 15.89
CA SER K 165 -59.94 -11.89 14.61
C SER K 165 -60.76 -13.16 14.41
N TRP K 166 -60.70 -13.70 13.20
CA TRP K 166 -61.46 -14.90 12.87
C TRP K 166 -60.51 -15.95 12.31
N ASN K 167 -60.60 -17.16 12.84
CA ASN K 167 -59.71 -18.26 12.47
C ASN K 167 -58.26 -17.82 12.54
N SER K 168 -57.93 -17.16 13.65
CA SER K 168 -56.58 -16.66 13.94
C SER K 168 -56.10 -15.68 12.88
N GLY K 169 -57.03 -15.00 12.23
CA GLY K 169 -56.67 -14.05 11.19
C GLY K 169 -56.82 -14.55 9.77
N ALA K 170 -57.04 -15.86 9.57
CA ALA K 170 -57.14 -16.41 8.22
C ALA K 170 -58.40 -15.95 7.49
N LEU K 171 -59.43 -15.54 8.22
CA LEU K 171 -60.69 -15.07 7.66
C LEU K 171 -60.77 -13.57 7.92
N THR K 172 -60.73 -12.77 6.86
CA THR K 172 -60.79 -11.32 6.97
C THR K 172 -61.90 -10.73 6.10
N SER K 173 -62.17 -11.35 4.96
CA SER K 173 -63.22 -10.83 4.07
C SER K 173 -64.59 -10.98 4.71
N GLY K 174 -65.38 -9.91 4.67
CA GLY K 174 -66.71 -9.89 5.23
C GLY K 174 -66.79 -9.64 6.72
N VAL K 175 -65.65 -9.48 7.40
CA VAL K 175 -65.65 -9.30 8.84
C VAL K 175 -66.03 -7.86 9.17
N HIS K 176 -66.92 -7.69 10.15
CA HIS K 176 -67.27 -6.38 10.68
C HIS K 176 -67.18 -6.44 12.21
N THR K 177 -66.19 -5.76 12.77
CA THR K 177 -66.08 -5.61 14.21
C THR K 177 -66.61 -4.24 14.59
N PHE K 178 -67.69 -4.21 15.36
CA PHE K 178 -68.33 -2.94 15.61
C PHE K 178 -67.64 -2.19 16.74
N PRO K 179 -67.67 -0.85 16.71
CA PRO K 179 -67.09 -0.07 17.82
C PRO K 179 -67.69 -0.49 19.15
N ALA K 180 -66.85 -0.48 20.18
CA ALA K 180 -67.32 -0.82 21.51
C ALA K 180 -68.38 0.17 21.95
N VAL K 181 -69.26 -0.29 22.83
CA VAL K 181 -70.38 0.49 23.33
C VAL K 181 -70.31 0.46 24.85
N LEU K 182 -70.41 1.64 25.47
CA LEU K 182 -70.40 1.73 26.92
C LEU K 182 -71.77 1.41 27.48
N GLN K 183 -71.83 0.50 28.45
CA GLN K 183 -73.10 0.07 29.04
C GLN K 183 -73.36 0.81 30.34
N SER K 184 -74.60 0.68 30.82
CA SER K 184 -74.98 1.33 32.07
C SER K 184 -74.11 0.90 33.23
N SER K 185 -73.59 -0.33 33.19
CA SER K 185 -72.75 -0.87 34.25
C SER K 185 -71.38 -0.22 34.33
N GLY K 186 -70.97 0.54 33.32
CA GLY K 186 -69.62 1.06 33.26
C GLY K 186 -68.65 0.15 32.53
N LEU K 187 -69.10 -1.01 32.07
CA LEU K 187 -68.31 -1.93 31.28
C LEU K 187 -68.67 -1.78 29.81
N TYR K 188 -67.74 -2.20 28.95
CA TYR K 188 -67.89 -2.07 27.51
C TYR K 188 -68.41 -3.37 26.90
N SER K 189 -68.89 -3.25 25.67
CA SER K 189 -69.44 -4.40 24.97
C SER K 189 -69.40 -4.12 23.46
N LEU K 190 -68.99 -5.12 22.70
CA LEU K 190 -69.04 -5.02 21.24
C LEU K 190 -69.38 -6.39 20.66
N SER K 191 -69.67 -6.39 19.36
CA SER K 191 -69.90 -7.61 18.62
C SER K 191 -69.08 -7.56 17.34
N SER K 192 -68.67 -8.74 16.88
CA SER K 192 -68.00 -8.91 15.59
C SER K 192 -68.79 -9.95 14.81
N VAL K 193 -69.06 -9.64 13.54
CA VAL K 193 -69.85 -10.52 12.68
C VAL K 193 -69.09 -10.78 11.39
N VAL K 194 -69.48 -11.86 10.72
CA VAL K 194 -68.91 -12.22 9.42
C VAL K 194 -69.98 -12.94 8.61
N THR K 195 -70.00 -12.67 7.31
CA THR K 195 -70.92 -13.33 6.40
C THR K 195 -70.20 -14.46 5.68
N VAL K 196 -70.83 -15.63 5.66
CA VAL K 196 -70.27 -16.83 5.04
C VAL K 196 -71.35 -17.52 4.23
N PRO K 197 -70.95 -18.38 3.30
CA PRO K 197 -71.95 -19.17 2.56
C PRO K 197 -72.75 -20.07 3.50
N SER K 198 -74.05 -20.17 3.26
CA SER K 198 -74.90 -21.00 4.11
C SER K 198 -74.49 -22.47 4.06
N SER K 199 -73.96 -22.92 2.91
CA SER K 199 -73.57 -24.33 2.78
C SER K 199 -72.31 -24.68 3.57
N SER K 200 -71.54 -23.68 4.00
CA SER K 200 -70.32 -23.95 4.75
C SER K 200 -70.56 -24.05 6.24
N LEU K 201 -71.81 -23.87 6.69
CA LEU K 201 -72.08 -23.78 8.11
C LEU K 201 -71.85 -25.13 8.79
N GLY K 202 -72.27 -26.21 8.15
CA GLY K 202 -72.12 -27.57 8.64
C GLY K 202 -70.82 -28.25 8.29
N THR K 203 -69.96 -27.59 7.50
CA THR K 203 -68.71 -28.20 7.07
C THR K 203 -67.48 -27.46 7.61
N GLN K 204 -67.36 -26.18 7.33
CA GLN K 204 -66.23 -25.37 7.75
C GLN K 204 -66.44 -24.82 9.16
N THR K 205 -65.36 -24.75 9.94
CA THR K 205 -65.41 -24.27 11.31
C THR K 205 -65.00 -22.80 11.40
N TYR K 206 -65.75 -22.03 12.19
CA TYR K 206 -65.54 -20.60 12.34
C TYR K 206 -65.28 -20.29 13.82
N ILE K 207 -64.08 -19.82 14.13
CA ILE K 207 -63.69 -19.49 15.49
C ILE K 207 -63.29 -18.02 15.54
N CYS K 208 -63.86 -17.28 16.48
CA CYS K 208 -63.48 -15.91 16.74
C CYS K 208 -62.45 -15.87 17.87
N ASN K 209 -61.42 -15.06 17.68
CA ASN K 209 -60.31 -14.93 18.62
C ASN K 209 -60.39 -13.56 19.27
N VAL K 210 -60.73 -13.53 20.55
CA VAL K 210 -60.90 -12.28 21.30
C VAL K 210 -59.68 -12.05 22.19
N ASN K 211 -59.07 -10.87 22.07
CA ASN K 211 -57.91 -10.48 22.85
C ASN K 211 -58.21 -9.21 23.61
N HIS K 212 -57.94 -9.23 24.92
CA HIS K 212 -58.09 -8.05 25.79
C HIS K 212 -56.79 -7.92 26.57
N LYS K 213 -55.83 -7.17 26.00
CA LYS K 213 -54.52 -7.05 26.63
C LYS K 213 -54.55 -6.42 28.02
N PRO K 214 -55.39 -5.44 28.35
CA PRO K 214 -55.40 -4.92 29.73
C PRO K 214 -55.61 -5.99 30.78
N SER K 215 -56.43 -7.00 30.48
CA SER K 215 -56.68 -8.11 31.40
C SER K 215 -55.89 -9.36 31.03
N ASN K 216 -55.05 -9.27 30.00
CA ASN K 216 -54.21 -10.38 29.56
C ASN K 216 -55.05 -11.60 29.17
N THR K 217 -56.24 -11.36 28.64
CA THR K 217 -57.16 -12.45 28.31
C THR K 217 -57.16 -12.75 26.82
N LYS K 218 -57.23 -14.03 26.48
CA LYS K 218 -57.33 -14.49 25.11
C LYS K 218 -58.32 -15.65 25.07
N VAL K 219 -59.39 -15.49 24.31
CA VAL K 219 -60.46 -16.48 24.22
C VAL K 219 -60.67 -16.85 22.76
N ASP K 220 -60.89 -18.14 22.52
CA ASP K 220 -61.27 -18.64 21.20
C ASP K 220 -62.60 -19.36 21.36
N LYS K 221 -63.66 -18.78 20.80
CA LYS K 221 -65.00 -19.33 20.91
C LYS K 221 -65.41 -19.79 19.51
N LYS K 222 -65.78 -21.06 19.39
CA LYS K 222 -66.20 -21.61 18.11
C LYS K 222 -67.69 -21.38 17.90
N VAL K 223 -68.05 -20.80 16.76
CA VAL K 223 -69.43 -20.44 16.48
C VAL K 223 -70.01 -21.45 15.48
N GLU K 224 -71.00 -22.20 15.93
CA GLU K 224 -71.70 -23.21 15.15
C GLU K 224 -73.20 -22.98 15.20
N PRO K 225 -73.93 -23.38 14.16
CA PRO K 225 -75.39 -23.28 14.22
C PRO K 225 -75.96 -24.26 15.23
N LYS K 226 -77.12 -23.89 15.78
CA LYS K 226 -77.75 -24.66 16.84
C LYS K 226 -78.32 -25.99 16.34
N ASP L 6 -45.79 29.17 19.21
CA ASP L 6 -47.25 29.22 19.36
C ASP L 6 -47.92 29.37 17.99
N ILE L 7 -47.41 28.62 17.01
CA ILE L 7 -47.93 28.67 15.65
C ILE L 7 -49.18 27.81 15.55
N GLN L 8 -50.20 28.37 14.91
CA GLN L 8 -51.53 27.79 14.78
C GLN L 8 -51.77 27.29 13.37
N MET L 9 -52.26 26.05 13.24
CA MET L 9 -52.61 25.47 11.95
C MET L 9 -54.13 25.38 11.85
N THR L 10 -54.72 26.12 10.92
CA THR L 10 -56.16 26.09 10.66
C THR L 10 -56.42 25.22 9.43
N GLN L 11 -57.00 24.04 9.65
CA GLN L 11 -57.26 23.09 8.58
C GLN L 11 -58.71 23.20 8.09
N SER L 12 -58.89 23.03 6.78
CA SER L 12 -60.20 23.20 6.19
C SER L 12 -60.35 22.34 4.95
N PRO L 13 -61.53 21.74 4.72
CA PRO L 13 -62.71 21.78 5.58
C PRO L 13 -62.62 20.79 6.73
N SER L 14 -63.59 20.80 7.65
CA SER L 14 -63.59 19.80 8.72
C SER L 14 -63.96 18.43 8.19
N SER L 15 -64.93 18.36 7.29
CA SER L 15 -65.35 17.11 6.67
C SER L 15 -65.88 17.42 5.29
N LEU L 16 -65.71 16.47 4.38
CA LEU L 16 -66.22 16.60 3.02
C LEU L 16 -66.67 15.23 2.54
N SER L 17 -67.57 15.25 1.55
CA SER L 17 -68.11 14.03 0.95
C SER L 17 -67.93 14.11 -0.55
N ALA L 18 -67.19 13.15 -1.11
CA ALA L 18 -66.88 13.16 -2.54
C ALA L 18 -67.03 11.76 -3.11
N SER L 19 -67.27 11.70 -4.42
CA SER L 19 -67.45 10.45 -5.15
C SER L 19 -66.09 9.88 -5.58
N VAL L 20 -66.11 8.59 -5.90
CA VAL L 20 -64.90 7.94 -6.40
C VAL L 20 -64.51 8.58 -7.73
N GLY L 21 -63.22 8.94 -7.85
CA GLY L 21 -62.71 9.60 -9.03
C GLY L 21 -62.66 11.11 -8.95
N ASP L 22 -63.34 11.71 -7.97
CA ASP L 22 -63.37 13.14 -7.83
C ASP L 22 -62.04 13.67 -7.30
N ARG L 23 -61.92 15.00 -7.31
CA ARG L 23 -60.76 15.69 -6.79
C ARG L 23 -61.09 16.21 -5.39
N VAL L 24 -60.31 15.81 -4.40
CA VAL L 24 -60.45 16.32 -3.04
C VAL L 24 -59.35 17.34 -2.80
N THR L 25 -59.71 18.49 -2.25
CA THR L 25 -58.75 19.55 -1.93
C THR L 25 -58.92 19.91 -0.47
N ILE L 26 -57.85 19.75 0.30
CA ILE L 26 -57.82 20.10 1.72
C ILE L 26 -56.73 21.16 1.90
N THR L 27 -57.06 22.26 2.60
CA THR L 27 -56.10 23.33 2.83
C THR L 27 -55.79 23.45 4.31
N CYS L 28 -54.58 23.92 4.60
CA CYS L 28 -54.10 24.11 5.95
C CYS L 28 -53.32 25.41 5.96
N ARG L 29 -53.62 26.25 6.95
CA ARG L 29 -53.26 27.67 6.92
C ARG L 29 -52.61 28.03 8.24
N ALA L 30 -51.32 28.38 8.19
CA ALA L 30 -50.53 28.63 9.39
C ALA L 30 -50.71 30.07 9.88
N SER L 31 -50.67 30.24 11.21
CA SER L 31 -50.89 31.58 11.77
C SER L 31 -49.78 32.55 11.41
N GLN L 32 -48.56 32.04 11.20
CA GLN L 32 -47.51 32.83 10.58
C GLN L 32 -46.64 31.89 9.76
N GLY L 33 -45.68 32.47 9.03
CA GLY L 33 -44.89 31.71 8.08
C GLY L 33 -44.08 30.61 8.75
N ILE L 34 -44.07 29.43 8.11
CA ILE L 34 -43.36 28.27 8.63
C ILE L 34 -42.45 27.72 7.53
N ARG L 35 -42.17 28.55 6.51
CA ARG L 35 -41.30 28.21 5.39
C ARG L 35 -41.91 27.01 4.68
N ASN L 36 -41.25 25.85 4.63
CA ASN L 36 -41.85 24.64 4.09
C ASN L 36 -41.85 23.51 5.10
N ASP L 37 -41.91 23.85 6.40
CA ASP L 37 -41.87 22.85 7.46
C ASP L 37 -43.27 22.28 7.73
N LEU L 38 -43.81 21.64 6.70
CA LEU L 38 -45.18 21.16 6.73
C LEU L 38 -45.21 19.69 6.30
N GLY L 39 -46.01 18.90 7.01
CA GLY L 39 -46.21 17.51 6.65
C GLY L 39 -47.69 17.17 6.62
N TRP L 40 -48.03 16.20 5.78
CA TRP L 40 -49.41 15.74 5.63
C TRP L 40 -49.52 14.28 6.04
N TYR L 41 -50.51 13.98 6.86
CA TYR L 41 -50.68 12.63 7.41
C TYR L 41 -52.10 12.15 7.16
N GLN L 42 -52.23 10.84 6.95
CA GLN L 42 -53.52 10.17 6.71
C GLN L 42 -53.74 9.12 7.79
N GLN L 43 -54.91 9.14 8.42
CA GLN L 43 -55.23 8.21 9.50
C GLN L 43 -56.51 7.46 9.18
N LYS L 44 -56.41 6.16 8.95
CA LYS L 44 -57.53 5.27 8.72
C LYS L 44 -58.02 4.69 10.05
N PRO L 45 -59.26 4.20 10.11
CA PRO L 45 -59.85 3.83 11.41
C PRO L 45 -58.98 2.85 12.19
N GLY L 46 -58.76 3.19 13.47
CA GLY L 46 -58.05 2.33 14.40
C GLY L 46 -56.58 2.11 14.15
N LYS L 47 -55.95 2.90 13.29
CA LYS L 47 -54.56 2.69 12.93
C LYS L 47 -53.78 3.98 13.12
N ALA L 48 -52.45 3.85 13.09
CA ALA L 48 -51.60 4.99 13.33
C ALA L 48 -51.61 5.91 12.11
N PRO L 49 -51.34 7.20 12.30
CA PRO L 49 -51.23 8.10 11.14
C PRO L 49 -50.12 7.66 10.20
N LYS L 50 -50.37 7.82 8.91
CA LYS L 50 -49.42 7.47 7.87
C LYS L 50 -48.92 8.76 7.21
N LEU L 51 -47.61 8.86 7.04
CA LEU L 51 -47.04 10.04 6.39
C LEU L 51 -47.30 9.98 4.89
N LEU L 52 -47.88 11.06 4.35
CA LEU L 52 -48.12 11.18 2.92
C LEU L 52 -47.13 12.14 2.26
N ILE L 53 -47.03 13.36 2.78
CA ILE L 53 -46.16 14.38 2.22
C ILE L 53 -45.36 15.01 3.35
N TYR L 54 -44.06 15.17 3.13
CA TYR L 54 -43.19 15.89 4.04
C TYR L 54 -42.54 17.05 3.29
N ALA L 55 -42.05 18.03 4.07
CA ALA L 55 -41.41 19.22 3.52
C ALA L 55 -42.31 19.91 2.49
N ALA L 56 -43.61 20.00 2.83
CA ALA L 56 -44.63 20.71 2.08
C ALA L 56 -45.03 20.02 0.77
N SER L 57 -44.06 19.47 0.04
CA SER L 57 -44.37 18.99 -1.31
C SER L 57 -43.72 17.65 -1.68
N SER L 58 -43.05 16.98 -0.76
CA SER L 58 -42.35 15.73 -1.10
C SER L 58 -43.21 14.52 -0.80
N LEU L 59 -43.47 13.73 -1.83
CA LEU L 59 -44.28 12.52 -1.70
C LEU L 59 -43.45 11.43 -1.05
N GLN L 60 -44.00 10.79 -0.02
CA GLN L 60 -43.31 9.70 0.66
C GLN L 60 -43.26 8.45 -0.23
N SER L 61 -42.20 7.66 -0.07
CA SER L 61 -42.06 6.43 -0.81
C SER L 61 -43.25 5.51 -0.56
N GLY L 62 -43.76 4.91 -1.64
CA GLY L 62 -44.91 4.02 -1.56
C GLY L 62 -46.26 4.69 -1.64
N VAL L 63 -46.35 5.99 -1.35
CA VAL L 63 -47.63 6.70 -1.43
C VAL L 63 -48.04 6.83 -2.90
N PRO L 64 -49.30 6.57 -3.25
CA PRO L 64 -49.72 6.69 -4.65
C PRO L 64 -49.56 8.13 -5.16
N SER L 65 -49.29 8.23 -6.46
CA SER L 65 -49.01 9.53 -7.06
C SER L 65 -50.22 10.44 -7.10
N ARG L 66 -51.43 9.93 -6.83
CA ARG L 66 -52.60 10.80 -6.81
C ARG L 66 -52.59 11.77 -5.63
N PHE L 67 -51.74 11.53 -4.63
CA PHE L 67 -51.54 12.49 -3.55
C PHE L 67 -50.42 13.44 -3.94
N SER L 68 -50.60 14.72 -3.61
CA SER L 68 -49.58 15.72 -3.90
C SER L 68 -49.80 16.89 -2.95
N GLY L 69 -48.71 17.51 -2.51
CA GLY L 69 -48.78 18.68 -1.66
C GLY L 69 -48.15 19.88 -2.35
N SER L 70 -48.62 21.07 -1.99
CA SER L 70 -48.09 22.29 -2.57
C SER L 70 -48.23 23.41 -1.55
N GLY L 71 -47.51 24.50 -1.81
CA GLY L 71 -47.61 25.67 -0.96
C GLY L 71 -46.32 26.03 -0.25
N SER L 72 -46.23 27.28 0.19
CA SER L 72 -45.06 27.77 0.89
C SER L 72 -45.45 28.97 1.74
N GLY L 73 -44.85 29.08 2.91
CA GLY L 73 -45.13 30.19 3.80
C GLY L 73 -46.23 29.91 4.81
N THR L 74 -47.46 30.30 4.45
CA THR L 74 -48.62 30.13 5.32
C THR L 74 -49.73 29.31 4.70
N ASP L 75 -49.73 29.10 3.39
CA ASP L 75 -50.82 28.44 2.67
C ASP L 75 -50.32 27.13 2.08
N PHE L 76 -50.97 26.04 2.44
CA PHE L 76 -50.59 24.71 1.96
C PHE L 76 -51.85 23.96 1.50
N THR L 77 -51.65 23.03 0.57
CA THR L 77 -52.76 22.29 -0.03
C THR L 77 -52.38 20.84 -0.21
N LEU L 78 -53.23 19.95 0.33
CA LEU L 78 -53.17 18.53 0.05
C LEU L 78 -54.23 18.20 -0.99
N THR L 79 -53.84 17.52 -2.06
CA THR L 79 -54.74 17.22 -3.15
C THR L 79 -54.75 15.73 -3.43
N ILE L 80 -55.94 15.16 -3.49
CA ILE L 80 -56.14 13.81 -3.98
C ILE L 80 -56.80 13.94 -5.33
N SER L 81 -56.04 13.64 -6.39
CA SER L 81 -56.51 13.95 -7.74
C SER L 81 -57.69 13.06 -8.15
N SER L 82 -57.68 11.79 -7.76
CA SER L 82 -58.72 10.84 -8.13
C SER L 82 -59.05 10.00 -6.90
N LEU L 83 -60.09 10.42 -6.17
CA LEU L 83 -60.43 9.81 -4.89
C LEU L 83 -60.81 8.34 -5.07
N GLN L 84 -60.27 7.50 -4.18
CA GLN L 84 -60.51 6.07 -4.23
C GLN L 84 -61.20 5.62 -2.95
N PRO L 85 -61.95 4.51 -2.99
CA PRO L 85 -62.65 4.06 -1.78
C PRO L 85 -61.72 3.88 -0.59
N GLU L 86 -60.51 3.36 -0.81
CA GLU L 86 -59.55 3.17 0.28
C GLU L 86 -59.01 4.48 0.82
N ASP L 87 -59.27 5.61 0.17
CA ASP L 87 -58.81 6.90 0.65
C ASP L 87 -59.69 7.46 1.76
N PHE L 88 -60.77 6.76 2.13
CA PHE L 88 -61.56 7.16 3.28
C PHE L 88 -60.67 7.18 4.52
N ALA L 89 -60.52 8.35 5.12
CA ALA L 89 -59.64 8.52 6.28
C ALA L 89 -59.83 9.95 6.78
N THR L 90 -59.13 10.26 7.87
CA THR L 90 -58.97 11.62 8.37
C THR L 90 -57.55 12.09 8.08
N TYR L 91 -57.42 13.26 7.47
CA TYR L 91 -56.12 13.79 7.06
C TYR L 91 -55.73 14.96 7.95
N TYR L 92 -54.43 15.02 8.28
CA TYR L 92 -53.89 16.00 9.22
C TYR L 92 -52.67 16.68 8.61
N CYS L 93 -52.56 17.99 8.79
CA CYS L 93 -51.30 18.68 8.54
C CYS L 93 -50.51 18.79 9.84
N LEU L 94 -49.20 18.88 9.71
CA LEU L 94 -48.31 19.02 10.84
C LEU L 94 -47.22 20.03 10.49
N GLN L 95 -46.98 20.97 11.41
CA GLN L 95 -45.86 21.89 11.26
C GLN L 95 -44.84 21.64 12.35
N ASP L 96 -43.57 21.77 11.98
CA ASP L 96 -42.50 21.72 12.96
C ASP L 96 -41.49 22.82 12.71
N TYR L 97 -41.95 23.95 12.22
CA TYR L 97 -41.11 25.13 12.29
C TYR L 97 -40.85 25.34 13.79
N ASN L 98 -39.82 26.09 14.07
CA ASN L 98 -39.23 26.35 15.38
C ASN L 98 -39.40 25.19 16.41
N TYR L 99 -39.02 23.94 16.05
CA TYR L 99 -38.96 22.76 16.97
C TYR L 99 -40.15 22.69 17.93
N LEU L 100 -41.30 23.19 17.48
CA LEU L 100 -42.53 23.20 18.26
C LEU L 100 -43.64 22.75 17.33
N LEU L 101 -44.17 21.56 17.57
CA LEU L 101 -45.04 20.91 16.61
C LEU L 101 -46.51 21.09 17.00
N THR L 102 -47.35 21.32 15.99
CA THR L 102 -48.79 21.42 16.14
C THR L 102 -49.44 20.80 14.92
N PHE L 103 -50.54 20.08 15.14
CA PHE L 103 -51.30 19.47 14.07
C PHE L 103 -52.52 20.32 13.72
N GLY L 104 -52.99 20.16 12.49
CA GLY L 104 -54.27 20.72 12.11
C GLY L 104 -55.42 19.97 12.78
N GLY L 105 -56.60 20.57 12.70
CA GLY L 105 -57.78 20.00 13.34
C GLY L 105 -58.25 18.72 12.69
N GLY L 106 -57.83 18.45 11.46
CA GLY L 106 -58.20 17.22 10.80
C GLY L 106 -59.34 17.42 9.82
N THR L 107 -59.30 16.63 8.74
CA THR L 107 -60.34 16.66 7.72
C THR L 107 -60.83 15.25 7.52
N LYS L 108 -62.11 15.00 7.83
CA LYS L 108 -62.69 13.67 7.63
C LYS L 108 -63.24 13.59 6.21
N VAL L 109 -62.65 12.72 5.39
CA VAL L 109 -63.05 12.54 4.01
C VAL L 109 -63.96 11.32 3.93
N GLU L 110 -65.19 11.53 3.47
CA GLU L 110 -66.16 10.46 3.27
C GLU L 110 -66.38 10.22 1.78
N ILE L 111 -66.73 8.99 1.45
CA ILE L 111 -67.00 8.57 0.07
C ILE L 111 -68.50 8.64 -0.15
N LYS L 112 -68.92 9.27 -1.24
CA LYS L 112 -70.32 9.26 -1.63
C LYS L 112 -70.49 8.18 -2.69
N ARG L 113 -71.46 7.30 -2.49
CA ARG L 113 -71.68 6.19 -3.39
C ARG L 113 -73.18 6.02 -3.60
N THR L 114 -73.53 5.05 -4.43
CA THR L 114 -74.93 4.81 -4.72
C THR L 114 -75.62 4.19 -3.50
N VAL L 115 -76.95 4.33 -3.47
CA VAL L 115 -77.74 3.79 -2.37
C VAL L 115 -77.63 2.28 -2.36
N ALA L 116 -77.41 1.70 -1.19
CA ALA L 116 -77.39 0.26 -1.01
C ALA L 116 -78.29 -0.10 0.15
N ALA L 117 -79.20 -1.05 -0.08
CA ALA L 117 -80.10 -1.46 0.99
C ALA L 117 -79.39 -2.44 1.93
N PRO L 118 -79.71 -2.39 3.23
CA PRO L 118 -79.05 -3.28 4.18
C PRO L 118 -79.60 -4.70 4.14
N SER L 119 -78.72 -5.65 4.45
CA SER L 119 -79.12 -7.02 4.76
C SER L 119 -79.32 -7.15 6.26
N VAL L 120 -80.43 -7.76 6.66
CA VAL L 120 -80.84 -7.80 8.06
C VAL L 120 -80.78 -9.22 8.57
N PHE L 121 -80.16 -9.38 9.75
CA PHE L 121 -80.08 -10.65 10.45
C PHE L 121 -80.41 -10.41 11.92
N ILE L 122 -81.01 -11.41 12.56
CA ILE L 122 -81.33 -11.34 13.98
C ILE L 122 -80.74 -12.57 14.67
N PHE L 123 -80.15 -12.35 15.84
CA PHE L 123 -79.48 -13.38 16.61
C PHE L 123 -80.14 -13.54 17.98
N PRO L 124 -80.60 -14.74 18.34
CA PRO L 124 -81.17 -14.95 19.68
C PRO L 124 -80.06 -15.00 20.72
N PRO L 125 -80.39 -14.85 22.01
CA PRO L 125 -79.37 -15.00 23.05
C PRO L 125 -78.84 -16.43 23.11
N SER L 126 -77.54 -16.56 23.29
CA SER L 126 -76.92 -17.87 23.43
C SER L 126 -77.34 -18.54 24.72
N ASP L 127 -77.28 -19.88 24.72
CA ASP L 127 -77.66 -20.62 25.93
C ASP L 127 -76.63 -20.42 27.04
N GLU L 128 -75.36 -20.21 26.69
CA GLU L 128 -74.35 -19.96 27.70
C GLU L 128 -74.56 -18.61 28.37
N GLN L 129 -74.95 -17.58 27.60
CA GLN L 129 -75.36 -16.33 28.22
C GLN L 129 -76.68 -16.49 28.97
N LEU L 130 -77.57 -17.37 28.49
CA LEU L 130 -78.82 -17.59 29.21
C LEU L 130 -78.62 -18.24 30.58
N LYS L 131 -77.39 -18.58 30.95
CA LYS L 131 -77.07 -19.06 32.29
C LYS L 131 -76.48 -17.96 33.18
N SER L 132 -76.30 -16.75 32.65
CA SER L 132 -75.73 -15.66 33.43
C SER L 132 -76.78 -14.75 34.05
N GLY L 133 -78.03 -14.81 33.59
CA GLY L 133 -79.10 -13.99 34.12
C GLY L 133 -79.49 -12.79 33.27
N THR L 134 -78.79 -12.54 32.16
CA THR L 134 -79.15 -11.48 31.23
C THR L 134 -79.17 -12.06 29.82
N ALA L 135 -80.04 -11.51 28.98
CA ALA L 135 -80.19 -11.97 27.60
C ALA L 135 -79.93 -10.82 26.64
N SER L 136 -79.13 -11.10 25.60
CA SER L 136 -78.79 -10.12 24.59
C SER L 136 -79.30 -10.58 23.23
N VAL L 137 -80.21 -9.82 22.65
CA VAL L 137 -80.70 -10.03 21.29
C VAL L 137 -79.99 -9.03 20.38
N VAL L 138 -79.43 -9.53 19.29
CA VAL L 138 -78.61 -8.72 18.39
C VAL L 138 -79.28 -8.65 17.03
N CYS L 139 -79.30 -7.46 16.45
CA CYS L 139 -79.80 -7.23 15.10
C CYS L 139 -78.68 -6.63 14.25
N LEU L 140 -78.43 -7.24 13.09
CA LEU L 140 -77.34 -6.85 12.22
C LEU L 140 -77.86 -6.22 10.93
N LEU L 141 -77.35 -5.04 10.60
CA LEU L 141 -77.62 -4.36 9.32
C LEU L 141 -76.29 -4.30 8.56
N ASN L 142 -76.21 -5.01 7.44
CA ASN L 142 -74.94 -5.27 6.78
C ASN L 142 -74.85 -4.55 5.45
N ASN L 143 -73.79 -3.75 5.28
CA ASN L 143 -73.40 -3.16 3.99
C ASN L 143 -74.53 -2.36 3.36
N PHE L 144 -74.79 -1.16 3.89
CA PHE L 144 -75.79 -0.27 3.36
C PHE L 144 -75.21 1.13 3.20
N TYR L 145 -75.89 1.95 2.40
CA TYR L 145 -75.54 3.36 2.20
C TYR L 145 -76.80 4.07 1.77
N PRO L 146 -77.07 5.29 2.28
CA PRO L 146 -76.25 6.06 3.20
C PRO L 146 -76.31 5.58 4.64
N ARG L 147 -75.66 6.34 5.52
CA ARG L 147 -75.46 5.93 6.90
C ARG L 147 -76.74 5.95 7.72
N GLU L 148 -77.74 6.72 7.30
CA GLU L 148 -78.96 6.85 8.10
C GLU L 148 -79.78 5.57 8.03
N ALA L 149 -80.26 5.14 9.18
CA ALA L 149 -81.06 3.91 9.29
C ALA L 149 -81.69 3.89 10.67
N LYS L 150 -82.85 3.23 10.76
CA LYS L 150 -83.58 3.14 12.02
C LYS L 150 -83.92 1.68 12.29
N VAL L 151 -83.66 1.25 13.52
CA VAL L 151 -83.99 -0.09 13.98
C VAL L 151 -84.98 0.02 15.12
N GLN L 152 -86.06 -0.74 15.05
CA GLN L 152 -87.06 -0.75 16.11
C GLN L 152 -87.26 -2.16 16.61
N TRP L 153 -87.37 -2.31 17.93
CA TRP L 153 -87.59 -3.61 18.55
C TRP L 153 -89.05 -3.76 18.96
N LYS L 154 -89.61 -4.93 18.65
CA LYS L 154 -90.96 -5.30 19.08
C LYS L 154 -90.90 -6.67 19.71
N VAL L 155 -91.23 -6.75 21.00
CA VAL L 155 -91.30 -8.00 21.74
C VAL L 155 -92.79 -8.29 21.93
N ASP L 156 -93.29 -9.28 21.19
CA ASP L 156 -94.72 -9.57 21.14
C ASP L 156 -95.49 -8.34 20.68
N ASN L 157 -94.97 -7.68 19.64
CA ASN L 157 -95.54 -6.44 19.10
C ASN L 157 -95.71 -5.38 20.20
N ALA L 158 -94.69 -5.24 21.02
CA ALA L 158 -94.61 -4.18 22.02
C ALA L 158 -93.30 -3.43 21.79
N LEU L 159 -93.41 -2.17 21.39
CA LEU L 159 -92.23 -1.39 21.07
C LEU L 159 -91.40 -1.15 22.33
N GLN L 160 -90.08 -1.19 22.16
CA GLN L 160 -89.14 -1.09 23.26
C GLN L 160 -88.47 0.28 23.24
N SER L 161 -88.04 0.72 24.42
CA SER L 161 -87.29 1.97 24.51
C SER L 161 -86.35 1.89 25.71
N GLY L 162 -85.19 2.53 25.57
CA GLY L 162 -84.24 2.62 26.66
C GLY L 162 -83.51 1.34 26.99
N ASN L 163 -83.79 0.23 26.31
CA ASN L 163 -83.14 -1.04 26.60
C ASN L 163 -82.33 -1.55 25.40
N SER L 164 -81.96 -0.69 24.46
CA SER L 164 -81.19 -1.10 23.31
C SER L 164 -80.13 -0.04 23.01
N GLN L 165 -79.01 -0.48 22.44
CA GLN L 165 -77.96 0.42 22.02
C GLN L 165 -77.48 0.01 20.63
N GLU L 166 -77.00 0.99 19.87
CA GLU L 166 -76.54 0.76 18.50
C GLU L 166 -75.05 1.05 18.38
N SER L 167 -74.48 0.54 17.29
CA SER L 167 -73.10 0.80 16.94
C SER L 167 -72.98 0.72 15.42
N VAL L 168 -72.23 1.64 14.84
CA VAL L 168 -72.09 1.73 13.39
C VAL L 168 -70.61 1.61 13.05
N THR L 169 -70.29 0.73 12.13
CA THR L 169 -68.92 0.69 11.65
C THR L 169 -68.63 1.95 10.86
N GLU L 170 -67.35 2.23 10.66
CA GLU L 170 -67.06 3.30 9.74
C GLU L 170 -67.09 2.77 8.31
N GLN L 171 -66.99 3.69 7.36
CA GLN L 171 -67.17 3.35 5.96
C GLN L 171 -66.15 2.30 5.53
N ASP L 172 -66.66 1.24 4.90
CA ASP L 172 -65.82 0.14 4.45
C ASP L 172 -64.88 0.62 3.35
N SER L 173 -63.60 0.24 3.47
CA SER L 173 -62.60 0.71 2.52
C SER L 173 -62.74 0.10 1.13
N LYS L 174 -63.57 -0.93 0.96
CA LYS L 174 -63.81 -1.55 -0.34
C LYS L 174 -65.07 -1.01 -1.00
N ASP L 175 -66.23 -1.21 -0.37
CA ASP L 175 -67.51 -0.85 -0.97
C ASP L 175 -68.09 0.45 -0.43
N SER L 176 -67.42 1.09 0.52
CA SER L 176 -67.84 2.40 1.03
C SER L 176 -69.21 2.35 1.69
N THR L 177 -69.61 1.18 2.20
CA THR L 177 -70.89 1.04 2.89
C THR L 177 -70.68 1.06 4.40
N TYR L 178 -71.80 1.11 5.11
CA TYR L 178 -71.83 1.04 6.56
C TYR L 178 -72.46 -0.25 7.02
N SER L 179 -72.16 -0.65 8.24
CA SER L 179 -72.84 -1.75 8.91
C SER L 179 -73.23 -1.28 10.30
N LEU L 180 -74.36 -1.79 10.78
CA LEU L 180 -74.91 -1.37 12.06
C LEU L 180 -75.37 -2.58 12.85
N SER L 181 -75.16 -2.53 14.17
CA SER L 181 -75.62 -3.57 15.08
C SER L 181 -76.42 -2.94 16.22
N SER L 182 -77.59 -3.51 16.51
CA SER L 182 -78.43 -3.08 17.62
C SER L 182 -78.56 -4.22 18.62
N THR L 183 -78.27 -3.94 19.89
CA THR L 183 -78.30 -4.94 20.95
C THR L 183 -79.40 -4.61 21.94
N LEU L 184 -80.41 -5.47 22.01
CA LEU L 184 -81.48 -5.37 22.98
C LEU L 184 -81.16 -6.29 24.16
N THR L 185 -81.07 -5.72 25.36
CA THR L 185 -80.68 -6.47 26.56
C THR L 185 -81.86 -6.56 27.52
N LEU L 186 -82.24 -7.78 27.89
CA LEU L 186 -83.26 -8.04 28.89
C LEU L 186 -82.72 -8.96 29.96
N SER L 187 -83.44 -9.02 31.09
CA SER L 187 -83.12 -9.99 32.13
C SER L 187 -83.57 -11.38 31.71
N LYS L 188 -83.00 -12.38 32.37
CA LYS L 188 -83.38 -13.77 32.10
C LYS L 188 -84.88 -13.96 32.31
N ALA L 189 -85.43 -13.33 33.35
CA ALA L 189 -86.85 -13.52 33.66
C ALA L 189 -87.74 -12.95 32.57
N ASP L 190 -87.35 -11.82 31.96
CA ASP L 190 -88.21 -11.23 30.95
C ASP L 190 -88.00 -11.82 29.57
N TYR L 191 -86.80 -12.32 29.28
CA TYR L 191 -86.60 -12.94 27.98
C TYR L 191 -87.44 -14.21 27.84
N GLU L 192 -87.73 -14.88 28.96
CA GLU L 192 -88.46 -16.13 28.92
C GLU L 192 -89.96 -15.94 28.97
N LYS L 193 -90.45 -14.75 29.31
CA LYS L 193 -91.88 -14.52 29.44
C LYS L 193 -92.56 -14.24 28.11
N HIS L 194 -91.80 -13.91 27.07
CA HIS L 194 -92.38 -13.58 25.77
C HIS L 194 -91.89 -14.57 24.71
N LYS L 195 -92.57 -14.54 23.57
CA LYS L 195 -92.35 -15.52 22.50
C LYS L 195 -91.74 -14.91 21.24
N VAL L 196 -92.31 -13.82 20.74
CA VAL L 196 -91.90 -13.24 19.46
C VAL L 196 -90.92 -12.09 19.71
N TYR L 197 -89.76 -12.17 19.07
CA TYR L 197 -88.78 -11.10 19.11
C TYR L 197 -88.51 -10.65 17.69
N ALA L 198 -88.85 -9.41 17.38
CA ALA L 198 -88.77 -8.88 16.03
C ALA L 198 -87.82 -7.69 15.98
N CYS L 199 -87.08 -7.59 14.89
CA CYS L 199 -86.25 -6.44 14.58
C CYS L 199 -86.73 -5.85 13.26
N GLU L 200 -87.13 -4.58 13.28
CA GLU L 200 -87.68 -3.94 12.09
C GLU L 200 -86.84 -2.72 11.73
N VAL L 201 -86.35 -2.67 10.50
CA VAL L 201 -85.45 -1.62 10.05
C VAL L 201 -86.04 -0.92 8.83
N THR L 202 -85.85 0.40 8.79
CA THR L 202 -86.21 1.23 7.66
C THR L 202 -84.96 1.93 7.12
N HIS L 203 -84.81 1.93 5.80
CA HIS L 203 -83.65 2.53 5.15
C HIS L 203 -84.07 3.06 3.78
N GLN L 204 -83.29 4.03 3.28
CA GLN L 204 -83.61 4.68 2.02
C GLN L 204 -83.71 3.68 0.88
N GLY L 205 -82.90 2.63 0.91
CA GLY L 205 -82.84 1.60 -0.12
C GLY L 205 -83.89 0.51 -0.01
N LEU L 206 -84.77 0.57 0.97
CA LEU L 206 -85.81 -0.44 1.17
C LEU L 206 -87.15 0.13 0.72
N SER L 207 -87.88 -0.64 -0.10
CA SER L 207 -89.20 -0.22 -0.55
C SER L 207 -90.18 -0.10 0.61
N SER L 208 -89.98 -0.90 1.66
CA SER L 208 -90.83 -0.87 2.84
C SER L 208 -90.06 -1.51 4.00
N PRO L 209 -90.44 -1.23 5.24
CA PRO L 209 -89.64 -1.71 6.38
C PRO L 209 -89.42 -3.22 6.33
N VAL L 210 -88.19 -3.63 6.64
CA VAL L 210 -87.81 -5.03 6.64
C VAL L 210 -87.80 -5.52 8.09
N THR L 211 -88.41 -6.69 8.33
CA THR L 211 -88.50 -7.26 9.66
C THR L 211 -87.92 -8.67 9.64
N LYS L 212 -86.91 -8.91 10.47
CA LYS L 212 -86.43 -10.26 10.75
C LYS L 212 -86.79 -10.59 12.19
N SER L 213 -87.24 -11.82 12.42
CA SER L 213 -87.73 -12.17 13.75
C SER L 213 -87.52 -13.66 13.99
N PHE L 214 -87.68 -14.03 15.27
CA PHE L 214 -87.61 -15.43 15.68
C PHE L 214 -88.58 -15.64 16.84
N ASN L 215 -88.82 -16.91 17.16
CA ASN L 215 -89.65 -17.32 18.28
C ASN L 215 -88.78 -18.04 19.29
N ARG L 216 -88.91 -17.67 20.56
CA ARG L 216 -88.10 -18.30 21.59
C ARG L 216 -88.42 -19.80 21.62
N GLY L 217 -87.38 -20.61 21.50
CA GLY L 217 -87.53 -22.06 21.45
C GLY L 217 -87.72 -22.66 20.06
N GLU L 218 -88.58 -22.05 19.25
CA GLU L 218 -88.85 -22.55 17.91
C GLU L 218 -87.64 -22.40 17.00
N GLN M 6 66.08 -18.94 21.66
CA GLN M 6 65.05 -19.12 20.63
C GLN M 6 65.50 -20.07 19.52
N LEU M 7 64.67 -21.05 19.20
CA LEU M 7 65.00 -21.95 18.11
C LEU M 7 64.84 -21.23 16.78
N GLN M 8 65.86 -21.32 15.94
CA GLN M 8 65.89 -20.63 14.66
C GLN M 8 66.26 -21.59 13.53
N LEU M 9 65.61 -21.39 12.39
CA LEU M 9 65.82 -22.20 11.20
C LEU M 9 66.41 -21.29 10.13
N GLN M 10 67.65 -21.53 9.75
CA GLN M 10 68.34 -20.73 8.74
C GLN M 10 68.58 -21.63 7.53
N GLU M 11 67.92 -21.32 6.43
CA GLU M 11 68.06 -22.12 5.23
C GLU M 11 69.00 -21.46 4.24
N SER M 12 69.64 -22.29 3.43
CA SER M 12 70.64 -21.81 2.48
C SER M 12 70.58 -22.68 1.24
N GLY M 13 71.13 -22.16 0.15
CA GLY M 13 71.11 -22.84 -1.12
C GLY M 13 70.91 -21.90 -2.29
N PRO M 14 71.31 -22.34 -3.47
CA PRO M 14 71.22 -21.47 -4.65
C PRO M 14 69.78 -21.14 -5.00
N GLY M 15 69.56 -19.89 -5.41
CA GLY M 15 68.28 -19.44 -5.90
C GLY M 15 68.05 -19.64 -7.37
N LEU M 16 69.01 -20.22 -8.09
CA LEU M 16 68.89 -20.47 -9.53
C LEU M 16 69.33 -21.89 -9.83
N VAL M 17 68.45 -22.67 -10.43
CA VAL M 17 68.72 -24.06 -10.79
C VAL M 17 68.32 -24.26 -12.25
N LYS M 18 69.19 -24.87 -13.06
CA LYS M 18 68.82 -25.08 -14.45
C LYS M 18 67.81 -26.22 -14.56
N PRO M 19 66.96 -26.19 -15.60
CA PRO M 19 65.98 -27.26 -15.79
C PRO M 19 66.65 -28.61 -15.91
N SER M 20 65.94 -29.65 -15.45
CA SER M 20 66.39 -31.04 -15.46
C SER M 20 67.46 -31.30 -14.40
N GLU M 21 67.99 -30.24 -13.80
CA GLU M 21 69.02 -30.39 -12.78
C GLU M 21 68.35 -30.62 -11.42
N THR M 22 69.15 -30.67 -10.36
CA THR M 22 68.66 -31.03 -9.04
C THR M 22 68.69 -29.81 -8.12
N LEU M 23 67.54 -29.47 -7.55
CA LEU M 23 67.43 -28.41 -6.55
C LEU M 23 67.87 -28.94 -5.19
N SER M 24 68.71 -28.17 -4.50
CA SER M 24 69.23 -28.60 -3.21
C SER M 24 69.18 -27.44 -2.22
N LEU M 25 68.63 -27.70 -1.04
CA LEU M 25 68.53 -26.71 0.02
C LEU M 25 68.80 -27.38 1.35
N THR M 26 69.38 -26.61 2.27
CA THR M 26 69.74 -27.09 3.59
C THR M 26 69.18 -26.15 4.64
N CYS M 27 68.65 -26.71 5.73
CA CYS M 27 68.13 -25.95 6.85
C CYS M 27 68.96 -26.26 8.08
N THR M 28 69.56 -25.22 8.67
CA THR M 28 70.37 -25.37 9.87
C THR M 28 69.58 -24.91 11.08
N VAL M 29 69.55 -25.76 12.11
CA VAL M 29 68.78 -25.51 13.34
C VAL M 29 69.73 -24.96 14.39
N SER M 30 69.44 -23.76 14.89
CA SER M 30 70.18 -23.19 16.01
C SER M 30 69.23 -22.94 17.18
N GLY M 31 69.80 -22.77 18.35
CA GLY M 31 68.98 -22.54 19.54
C GLY M 31 68.25 -23.77 20.05
N GLY M 32 68.62 -24.95 19.58
CA GLY M 32 67.97 -26.18 20.01
C GLY M 32 68.50 -27.34 19.21
N SER M 33 68.17 -28.55 19.68
CA SER M 33 68.68 -29.77 19.07
C SER M 33 67.64 -30.37 18.14
N ILE M 34 68.09 -30.75 16.95
CA ILE M 34 67.23 -31.44 15.99
C ILE M 34 66.92 -32.86 16.45
N SER M 35 67.66 -33.39 17.42
CA SER M 35 67.48 -34.75 17.92
C SER M 35 66.45 -34.79 19.06
N SER M 36 65.23 -34.39 18.72
CA SER M 36 64.10 -34.42 19.65
C SER M 36 63.05 -35.40 19.16
N SER M 37 62.57 -36.26 20.07
CA SER M 37 61.55 -37.23 19.70
C SER M 37 60.18 -36.60 19.53
N SER M 38 60.05 -35.30 19.80
CA SER M 38 58.75 -34.64 19.77
C SER M 38 58.50 -33.88 18.48
N TYR M 39 59.44 -33.92 17.53
CA TYR M 39 59.34 -33.06 16.37
C TYR M 39 59.66 -33.81 15.08
N TYR M 40 59.00 -33.40 14.02
CA TYR M 40 59.43 -33.69 12.65
C TYR M 40 59.98 -32.41 12.03
N TRP M 41 60.65 -32.56 10.90
CA TRP M 41 61.31 -31.44 10.25
C TRP M 41 60.92 -31.46 8.78
N GLY M 42 60.19 -30.43 8.36
CA GLY M 42 59.57 -30.47 7.05
C GLY M 42 59.94 -29.34 6.11
N TRP M 43 59.65 -29.56 4.84
CA TRP M 43 59.86 -28.57 3.79
C TRP M 43 58.50 -28.25 3.17
N ILE M 44 58.23 -26.95 2.99
CA ILE M 44 57.04 -26.47 2.33
C ILE M 44 57.47 -25.47 1.26
N ARG M 45 56.77 -25.49 0.12
CA ARG M 45 57.08 -24.54 -0.94
C ARG M 45 55.84 -23.76 -1.35
N GLN M 46 56.09 -22.61 -1.97
CA GLN M 46 55.03 -21.69 -2.38
C GLN M 46 55.43 -21.04 -3.70
N PRO M 47 54.84 -21.46 -4.82
CA PRO M 47 55.11 -20.81 -6.09
C PRO M 47 54.67 -19.34 -6.03
N PRO M 48 55.35 -18.47 -6.78
CA PRO M 48 55.03 -17.03 -6.70
C PRO M 48 53.58 -16.77 -7.05
N GLY M 49 52.87 -16.12 -6.14
CA GLY M 49 51.47 -15.80 -6.34
C GLY M 49 50.50 -16.94 -6.15
N LYS M 50 50.94 -18.06 -5.61
CA LYS M 50 50.09 -19.24 -5.43
C LYS M 50 50.11 -19.68 -3.97
N GLY M 51 49.54 -20.85 -3.71
CA GLY M 51 49.39 -21.37 -2.37
C GLY M 51 50.56 -22.20 -1.89
N LEU M 52 50.36 -22.86 -0.75
CA LEU M 52 51.39 -23.62 -0.08
C LEU M 52 51.29 -25.12 -0.39
N GLU M 53 52.44 -25.73 -0.62
CA GLU M 53 52.50 -27.16 -0.89
C GLU M 53 53.52 -27.78 0.05
N TRP M 54 53.09 -28.77 0.82
CA TRP M 54 53.98 -29.54 1.67
C TRP M 54 54.77 -30.53 0.81
N ILE M 55 56.08 -30.55 0.99
CA ILE M 55 56.94 -31.46 0.23
C ILE M 55 57.17 -32.75 1.00
N GLY M 56 57.62 -32.64 2.24
CA GLY M 56 57.86 -33.81 3.05
C GLY M 56 58.40 -33.42 4.41
N SER M 57 58.47 -34.41 5.29
CA SER M 57 58.99 -34.23 6.64
C SER M 57 59.94 -35.38 6.95
N ILE M 58 60.85 -35.14 7.90
CA ILE M 58 61.82 -36.15 8.29
C ILE M 58 61.99 -36.14 9.81
N TYR M 59 62.12 -37.33 10.37
CA TYR M 59 62.38 -37.56 11.79
C TYR M 59 63.89 -37.67 12.00
N TYR M 60 64.34 -37.36 13.22
CA TYR M 60 65.78 -37.36 13.48
C TYR M 60 66.41 -38.73 13.30
N SER M 61 65.64 -39.80 13.42
CA SER M 61 66.17 -41.14 13.15
C SER M 61 66.37 -41.39 11.66
N GLY M 62 65.68 -40.65 10.79
CA GLY M 62 65.76 -40.85 9.36
C GLY M 62 64.44 -41.17 8.70
N SER M 63 63.40 -41.48 9.48
CA SER M 63 62.08 -41.77 8.92
C SER M 63 61.54 -40.55 8.19
N THR M 64 60.95 -40.79 7.02
CA THR M 64 60.44 -39.72 6.18
C THR M 64 58.97 -39.95 5.83
N TYR M 65 58.27 -38.83 5.60
CA TYR M 65 56.96 -38.82 4.96
C TYR M 65 57.04 -37.84 3.81
N TYR M 66 56.69 -38.28 2.61
CA TYR M 66 56.78 -37.45 1.41
C TYR M 66 55.40 -37.16 0.87
N ASN M 67 55.28 -36.04 0.19
CA ASN M 67 54.09 -35.76 -0.59
C ASN M 67 54.05 -36.75 -1.76
N PRO M 68 53.00 -37.57 -1.88
CA PRO M 68 52.99 -38.57 -2.96
C PRO M 68 53.05 -37.97 -4.36
N SER M 69 52.74 -36.69 -4.51
CA SER M 69 52.86 -36.05 -5.82
C SER M 69 54.30 -35.72 -6.17
N LEU M 70 55.24 -35.87 -5.22
CA LEU M 70 56.65 -35.59 -5.46
C LEU M 70 57.55 -36.74 -5.00
N LYS M 71 56.95 -37.89 -4.67
CA LYS M 71 57.69 -38.99 -4.06
C LYS M 71 58.82 -39.49 -4.96
N SER M 72 58.60 -39.49 -6.27
CA SER M 72 59.59 -39.99 -7.23
C SER M 72 60.80 -39.09 -7.39
N ARG M 73 60.68 -37.81 -7.02
CA ARG M 73 61.72 -36.82 -7.30
C ARG M 73 62.34 -36.19 -6.07
N VAL M 74 61.95 -36.59 -4.87
CA VAL M 74 62.33 -35.88 -3.64
C VAL M 74 63.16 -36.79 -2.76
N THR M 75 64.20 -36.21 -2.16
CA THR M 75 64.94 -36.84 -1.07
C THR M 75 65.11 -35.81 0.04
N ILE M 76 64.77 -36.19 1.27
CA ILE M 76 64.99 -35.37 2.45
C ILE M 76 65.90 -36.14 3.39
N SER M 77 67.02 -35.53 3.77
CA SER M 77 67.99 -36.14 4.65
C SER M 77 68.16 -35.30 5.91
N VAL M 78 68.76 -35.90 6.94
CA VAL M 78 69.04 -35.22 8.19
C VAL M 78 70.46 -35.54 8.64
N ASP M 79 71.14 -34.55 9.21
CA ASP M 79 72.49 -34.70 9.74
C ASP M 79 72.44 -34.19 11.18
N THR M 80 72.21 -35.10 12.12
CA THR M 80 72.08 -34.69 13.51
C THR M 80 73.39 -34.17 14.09
N SER M 81 74.53 -34.67 13.61
CA SER M 81 75.82 -34.18 14.11
C SER M 81 76.07 -32.75 13.69
N LYS M 82 75.45 -32.30 12.60
CA LYS M 82 75.56 -30.93 12.13
C LYS M 82 74.30 -30.12 12.37
N ASN M 83 73.30 -30.71 13.02
CA ASN M 83 72.02 -30.06 13.33
C ASN M 83 71.36 -29.49 12.08
N GLN M 84 71.35 -30.29 11.02
CA GLN M 84 70.76 -29.86 9.75
C GLN M 84 69.83 -30.94 9.21
N PHE M 85 68.91 -30.49 8.35
CA PHE M 85 68.18 -31.38 7.47
C PHE M 85 68.08 -30.70 6.11
N SER M 86 68.08 -31.51 5.05
CA SER M 86 68.26 -31.01 3.70
C SER M 86 67.14 -31.52 2.81
N LEU M 87 67.03 -30.87 1.64
CA LEU M 87 66.04 -31.20 0.63
C LEU M 87 66.73 -31.35 -0.71
N LYS M 88 66.36 -32.39 -1.46
CA LYS M 88 66.81 -32.56 -2.84
C LYS M 88 65.62 -32.83 -3.74
N LEU M 89 65.49 -32.03 -4.79
CA LEU M 89 64.42 -32.18 -5.77
C LEU M 89 65.06 -32.35 -7.14
N SER M 90 64.89 -33.53 -7.73
CA SER M 90 65.53 -33.88 -8.99
C SER M 90 64.65 -33.51 -10.18
N SER M 91 65.28 -33.46 -11.36
CA SER M 91 64.59 -33.25 -12.64
C SER M 91 63.63 -32.07 -12.56
N VAL M 92 64.14 -30.94 -12.10
CA VAL M 92 63.29 -29.78 -11.85
C VAL M 92 62.80 -29.18 -13.15
N THR M 93 61.61 -28.59 -13.10
CA THR M 93 61.02 -27.86 -14.21
C THR M 93 60.64 -26.47 -13.72
N ALA M 94 60.19 -25.63 -14.65
CA ALA M 94 59.75 -24.29 -14.27
C ALA M 94 58.60 -24.32 -13.28
N ALA M 95 57.82 -25.41 -13.26
CA ALA M 95 56.76 -25.55 -12.27
C ALA M 95 57.30 -25.73 -10.86
N ASP M 96 58.61 -25.90 -10.70
CA ASP M 96 59.24 -26.01 -9.39
C ASP M 96 59.78 -24.68 -8.90
N THR M 97 59.70 -23.63 -9.71
CA THR M 97 60.03 -22.29 -9.25
C THR M 97 59.08 -21.89 -8.13
N ALA M 98 59.64 -21.64 -6.95
CA ALA M 98 58.83 -21.37 -5.76
C ALA M 98 59.74 -20.86 -4.68
N VAL M 99 59.13 -20.34 -3.62
CA VAL M 99 59.83 -20.04 -2.38
C VAL M 99 59.73 -21.26 -1.49
N TYR M 100 60.88 -21.77 -1.03
CA TYR M 100 60.93 -23.00 -0.24
C TYR M 100 61.17 -22.66 1.22
N TYR M 101 60.40 -23.29 2.10
CA TYR M 101 60.46 -23.08 3.53
C TYR M 101 60.82 -24.38 4.24
N CYS M 102 61.61 -24.28 5.30
CA CYS M 102 61.72 -25.35 6.28
C CYS M 102 60.98 -24.95 7.55
N ALA M 103 60.47 -25.94 8.27
CA ALA M 103 59.73 -25.66 9.50
C ALA M 103 59.82 -26.85 10.45
N ARG M 104 59.67 -26.56 11.74
CA ARG M 104 59.60 -27.60 12.76
C ARG M 104 58.15 -28.00 12.95
N GLU M 105 57.89 -29.31 12.97
CA GLU M 105 56.53 -29.86 12.94
C GLU M 105 56.25 -30.70 14.18
N ILE M 106 55.03 -30.57 14.70
CA ILE M 106 54.47 -31.53 15.65
C ILE M 106 53.30 -32.22 14.96
N THR M 107 53.34 -33.55 14.92
CA THR M 107 52.36 -34.30 14.14
C THR M 107 50.98 -34.25 14.78
N MET M 108 49.99 -34.64 13.98
CA MET M 108 48.58 -34.79 14.36
C MET M 108 47.89 -33.45 14.60
N ILE M 109 48.59 -32.44 15.12
CA ILE M 109 47.95 -31.18 15.48
C ILE M 109 48.16 -30.11 14.41
N ALA M 110 48.78 -30.45 13.28
CA ALA M 110 48.99 -29.52 12.17
C ALA M 110 49.78 -28.29 12.63
N TRP M 111 50.90 -28.54 13.30
CA TRP M 111 51.74 -27.52 13.90
C TRP M 111 53.01 -27.34 13.08
N PHE M 112 53.22 -26.14 12.56
CA PHE M 112 54.44 -25.74 11.88
C PHE M 112 54.95 -24.47 12.55
N ASP M 113 55.95 -24.63 13.42
CA ASP M 113 56.50 -23.51 14.19
C ASP M 113 57.84 -23.90 14.80
N PRO M 114 58.92 -23.14 14.53
CA PRO M 114 58.96 -21.97 13.64
C PRO M 114 59.30 -22.30 12.20
N TRP M 115 59.44 -21.27 11.38
CA TRP M 115 59.76 -21.42 9.97
C TRP M 115 61.08 -20.73 9.66
N GLY M 116 61.74 -21.17 8.59
CA GLY M 116 62.82 -20.39 8.01
C GLY M 116 62.28 -19.19 7.28
N GLN M 117 63.19 -18.31 6.84
CA GLN M 117 62.73 -17.09 6.18
C GLN M 117 62.23 -17.35 4.76
N GLY M 118 62.56 -18.51 4.18
CA GLY M 118 62.15 -18.79 2.82
C GLY M 118 63.23 -18.43 1.82
N THR M 119 63.49 -19.34 0.88
CA THR M 119 64.43 -19.11 -0.21
C THR M 119 63.68 -19.20 -1.52
N LEU M 120 63.74 -18.16 -2.33
CA LEU M 120 63.18 -18.23 -3.68
C LEU M 120 64.17 -18.99 -4.55
N VAL M 121 63.69 -20.06 -5.19
CA VAL M 121 64.48 -20.83 -6.13
C VAL M 121 63.82 -20.69 -7.49
N THR M 122 64.57 -20.17 -8.45
CA THR M 122 64.09 -19.98 -9.81
C THR M 122 64.68 -21.08 -10.69
N VAL M 123 63.81 -21.84 -11.35
CA VAL M 123 64.24 -22.86 -12.30
C VAL M 123 64.24 -22.23 -13.69
N SER M 124 65.43 -22.07 -14.27
CA SER M 124 65.57 -21.37 -15.53
C SER M 124 66.91 -21.69 -16.16
N SER M 125 66.93 -21.78 -17.49
CA SER M 125 68.17 -21.93 -18.24
C SER M 125 68.86 -20.58 -18.46
N ALA M 126 68.22 -19.49 -18.08
CA ALA M 126 68.76 -18.17 -18.35
C ALA M 126 69.97 -17.89 -17.47
N SER M 127 70.78 -16.92 -17.90
CA SER M 127 71.95 -16.52 -17.15
C SER M 127 71.59 -15.46 -16.12
N THR M 128 72.38 -15.42 -15.04
CA THR M 128 72.21 -14.42 -14.00
C THR M 128 72.75 -13.07 -14.45
N LYS M 129 72.05 -12.01 -14.07
CA LYS M 129 72.47 -10.66 -14.44
C LYS M 129 72.27 -9.74 -13.25
N GLY M 130 73.29 -8.95 -12.92
CA GLY M 130 73.21 -8.02 -11.82
C GLY M 130 72.53 -6.73 -12.19
N PRO M 131 71.93 -6.08 -11.20
CA PRO M 131 71.16 -4.85 -11.44
C PRO M 131 72.01 -3.60 -11.42
N SER M 132 71.51 -2.57 -12.10
CA SER M 132 72.02 -1.21 -12.00
C SER M 132 71.17 -0.42 -11.02
N VAL M 133 71.82 0.40 -10.20
CA VAL M 133 71.15 1.15 -9.15
C VAL M 133 71.33 2.64 -9.43
N PHE M 134 70.22 3.36 -9.56
CA PHE M 134 70.26 4.78 -9.83
C PHE M 134 69.49 5.53 -8.76
N PRO M 135 69.96 6.72 -8.38
CA PRO M 135 69.25 7.48 -7.35
C PRO M 135 68.02 8.15 -7.91
N LEU M 136 66.94 8.09 -7.15
CA LEU M 136 65.75 8.88 -7.42
C LEU M 136 65.89 10.15 -6.59
N ALA M 137 66.49 11.18 -7.20
CA ALA M 137 66.87 12.36 -6.47
C ALA M 137 65.62 13.08 -5.96
N PRO M 138 65.62 13.53 -4.70
CA PRO M 138 64.45 14.25 -4.19
C PRO M 138 64.33 15.60 -4.87
N SER M 139 63.12 15.92 -5.31
CA SER M 139 62.85 17.15 -6.03
C SER M 139 61.74 17.95 -5.36
N GLY M 146 56.81 20.31 3.33
CA GLY M 146 57.33 19.85 4.62
C GLY M 146 58.10 18.55 4.55
N THR M 147 57.59 17.57 3.80
CA THR M 147 58.23 16.28 3.65
C THR M 147 58.65 16.07 2.20
N ALA M 148 59.74 15.32 2.02
CA ALA M 148 60.31 15.05 0.70
C ALA M 148 60.41 13.56 0.46
N ALA M 149 60.40 13.17 -0.81
CA ALA M 149 60.49 11.78 -1.21
C ALA M 149 61.77 11.53 -1.99
N LEU M 150 62.43 10.41 -1.69
CA LEU M 150 63.64 10.01 -2.40
C LEU M 150 63.66 8.49 -2.48
N GLY M 151 64.48 7.97 -3.38
CA GLY M 151 64.54 6.53 -3.52
C GLY M 151 65.64 6.05 -4.45
N CYS M 152 65.59 4.75 -4.72
CA CYS M 152 66.54 4.07 -5.60
C CYS M 152 65.77 3.30 -6.66
N LEU M 153 66.28 3.33 -7.89
CA LEU M 153 65.72 2.57 -8.99
C LEU M 153 66.67 1.42 -9.29
N VAL M 154 66.21 0.19 -9.05
CA VAL M 154 66.99 -1.02 -9.27
C VAL M 154 66.55 -1.62 -10.59
N LYS M 155 67.38 -1.50 -11.63
CA LYS M 155 66.95 -1.77 -13.00
C LYS M 155 67.73 -2.94 -13.60
N ASP M 156 67.00 -3.80 -14.34
CA ASP M 156 67.56 -4.78 -15.27
C ASP M 156 68.39 -5.84 -14.54
N TYR M 157 67.69 -6.74 -13.85
CA TYR M 157 68.35 -7.84 -13.18
C TYR M 157 67.59 -9.14 -13.43
N PHE M 158 68.28 -10.25 -13.18
CA PHE M 158 67.71 -11.59 -13.28
C PHE M 158 68.57 -12.58 -12.52
N PRO M 159 67.99 -13.48 -11.72
CA PRO M 159 66.56 -13.51 -11.43
C PRO M 159 66.21 -12.78 -10.15
N GLU M 160 64.95 -12.92 -9.71
CA GLU M 160 64.55 -12.42 -8.41
C GLU M 160 65.22 -13.24 -7.30
N PRO M 161 65.33 -12.68 -6.09
CA PRO M 161 64.90 -11.34 -5.67
C PRO M 161 66.06 -10.38 -5.42
N VAL M 162 65.74 -9.09 -5.28
CA VAL M 162 66.70 -8.13 -4.75
C VAL M 162 66.21 -7.69 -3.39
N THR M 163 67.17 -7.34 -2.53
CA THR M 163 66.92 -6.82 -1.20
C THR M 163 67.28 -5.34 -1.18
N VAL M 164 66.41 -4.52 -0.61
CA VAL M 164 66.67 -3.09 -0.46
C VAL M 164 66.51 -2.73 1.01
N SER M 165 67.52 -2.08 1.57
CA SER M 165 67.46 -1.49 2.90
C SER M 165 67.80 -0.02 2.78
N TRP M 166 67.59 0.72 3.86
CA TRP M 166 67.94 2.13 3.90
C TRP M 166 68.80 2.39 5.11
N ASN M 167 69.92 3.08 4.90
CA ASN M 167 70.88 3.38 5.96
C ASN M 167 71.25 2.13 6.74
N SER M 168 71.54 1.05 5.99
CA SER M 168 71.96 -0.23 6.56
C SER M 168 70.94 -0.80 7.54
N GLY M 169 69.67 -0.47 7.32
CA GLY M 169 68.58 -0.94 8.16
C GLY M 169 68.09 0.03 9.21
N ALA M 170 68.84 1.12 9.46
CA ALA M 170 68.44 2.07 10.49
C ALA M 170 67.21 2.88 10.08
N LEU M 171 66.93 3.01 8.79
CA LEU M 171 65.79 3.76 8.31
C LEU M 171 64.76 2.78 7.75
N THR M 172 63.61 2.68 8.42
CA THR M 172 62.56 1.76 8.00
C THR M 172 61.23 2.49 7.88
N SER M 173 61.00 3.50 8.71
CA SER M 173 59.73 4.22 8.68
C SER M 173 59.60 5.01 7.39
N GLY M 174 58.45 4.88 6.73
CA GLY M 174 58.20 5.56 5.48
C GLY M 174 58.73 4.85 4.25
N VAL M 175 59.37 3.70 4.41
CA VAL M 175 59.97 2.99 3.28
C VAL M 175 58.90 2.23 2.51
N HIS M 176 58.96 2.32 1.18
CA HIS M 176 58.14 1.52 0.29
C HIS M 176 59.04 0.90 -0.77
N THR M 177 59.23 -0.42 -0.69
CA THR M 177 59.92 -1.16 -1.72
C THR M 177 58.89 -1.85 -2.60
N PHE M 178 58.84 -1.46 -3.86
CA PHE M 178 57.74 -1.92 -4.69
C PHE M 178 58.00 -3.30 -5.27
N PRO M 179 56.95 -4.06 -5.57
CA PRO M 179 57.12 -5.34 -6.25
C PRO M 179 57.87 -5.20 -7.56
N ALA M 180 58.70 -6.20 -7.86
CA ALA M 180 59.44 -6.18 -9.11
C ALA M 180 58.50 -6.22 -10.31
N VAL M 181 58.96 -5.68 -11.42
CA VAL M 181 58.17 -5.60 -12.64
C VAL M 181 58.98 -6.23 -13.76
N LEU M 182 58.36 -7.17 -14.47
CA LEU M 182 58.98 -7.85 -15.59
C LEU M 182 58.86 -7.02 -16.85
N GLN M 183 59.97 -6.80 -17.53
CA GLN M 183 59.99 -5.99 -18.74
C GLN M 183 59.98 -6.88 -19.98
N SER M 184 59.74 -6.26 -21.14
CA SER M 184 59.68 -7.01 -22.39
C SER M 184 60.99 -7.75 -22.65
N SER M 185 62.11 -7.24 -22.15
CA SER M 185 63.39 -7.90 -22.33
C SER M 185 63.51 -9.19 -21.54
N GLY M 186 62.60 -9.43 -20.61
CA GLY M 186 62.69 -10.57 -19.72
C GLY M 186 63.43 -10.28 -18.42
N LEU M 187 63.95 -9.08 -18.25
CA LEU M 187 64.65 -8.70 -17.04
C LEU M 187 63.72 -7.94 -16.11
N TYR M 188 64.07 -7.97 -14.83
CA TYR M 188 63.27 -7.39 -13.76
C TYR M 188 63.76 -6.00 -13.41
N SER M 189 62.89 -5.24 -12.77
CA SER M 189 63.19 -3.88 -12.36
C SER M 189 62.25 -3.49 -11.22
N LEU M 190 62.80 -2.85 -10.20
CA LEU M 190 61.98 -2.31 -9.13
C LEU M 190 62.56 -1.00 -8.64
N SER M 191 61.78 -0.31 -7.84
CA SER M 191 62.20 0.92 -7.19
C SER M 191 61.85 0.84 -5.71
N SER M 192 62.67 1.48 -4.90
CA SER M 192 62.41 1.62 -3.48
C SER M 192 62.44 3.10 -3.13
N VAL M 193 61.41 3.57 -2.42
CA VAL M 193 61.32 4.97 -2.05
C VAL M 193 61.06 5.08 -0.56
N VAL M 194 61.39 6.25 -0.02
CA VAL M 194 61.13 6.57 1.39
C VAL M 194 60.90 8.07 1.50
N THR M 195 59.95 8.46 2.33
CA THR M 195 59.65 9.86 2.57
C THR M 195 60.31 10.34 3.86
N VAL M 196 60.97 11.49 3.79
CA VAL M 196 61.71 12.06 4.91
C VAL M 196 61.38 13.54 5.01
N PRO M 197 61.62 14.14 6.18
CA PRO M 197 61.45 15.59 6.31
C PRO M 197 62.41 16.36 5.41
N SER M 198 61.90 17.43 4.79
CA SER M 198 62.70 18.23 3.89
C SER M 198 63.89 18.88 4.60
N SER M 199 63.75 19.13 5.91
CA SER M 199 64.81 19.80 6.65
C SER M 199 66.05 18.92 6.83
N SER M 200 65.92 17.61 6.63
CA SER M 200 67.04 16.70 6.77
C SER M 200 67.79 16.44 5.47
N LEU M 201 67.37 17.04 4.36
CA LEU M 201 67.92 16.66 3.06
C LEU M 201 69.39 17.07 2.91
N GLY M 202 69.74 18.28 3.36
CA GLY M 202 71.10 18.73 3.20
C GLY M 202 72.07 18.32 4.28
N THR M 203 71.59 17.65 5.33
CA THR M 203 72.44 17.23 6.44
C THR M 203 72.50 15.72 6.60
N GLN M 204 71.35 15.05 6.67
CA GLN M 204 71.32 13.60 6.85
C GLN M 204 71.61 12.90 5.54
N THR M 205 72.36 11.80 5.63
CA THR M 205 72.74 11.03 4.45
C THR M 205 71.80 9.84 4.29
N TYR M 206 71.38 9.60 3.05
CA TYR M 206 70.44 8.53 2.72
C TYR M 206 71.10 7.59 1.73
N ILE M 207 71.35 6.36 2.15
CA ILE M 207 71.97 5.34 1.32
C ILE M 207 71.04 4.13 1.28
N CYS M 208 70.71 3.67 0.08
CA CYS M 208 69.96 2.44 -0.10
C CYS M 208 70.93 1.29 -0.34
N ASN M 209 70.67 0.15 0.28
CA ASN M 209 71.53 -1.03 0.22
C ASN M 209 70.83 -2.09 -0.61
N VAL M 210 71.32 -2.31 -1.83
CA VAL M 210 70.71 -3.26 -2.76
C VAL M 210 71.55 -4.53 -2.78
N ASN M 211 70.89 -5.67 -2.58
CA ASN M 211 71.56 -6.97 -2.58
C ASN M 211 70.88 -7.88 -3.59
N HIS M 212 71.67 -8.46 -4.50
CA HIS M 212 71.15 -9.42 -5.49
C HIS M 212 72.08 -10.64 -5.45
N LYS M 213 71.84 -11.54 -4.50
CA LYS M 213 72.76 -12.65 -4.28
C LYS M 213 72.84 -13.66 -5.42
N PRO M 214 71.82 -13.82 -6.29
CA PRO M 214 72.04 -14.67 -7.48
C PRO M 214 73.20 -14.21 -8.35
N SER M 215 73.41 -12.89 -8.47
CA SER M 215 74.54 -12.36 -9.23
C SER M 215 75.68 -11.92 -8.33
N ASN M 216 75.52 -12.10 -7.01
CA ASN M 216 76.55 -11.75 -6.02
C ASN M 216 76.88 -10.26 -6.06
N THR M 217 75.88 -9.41 -6.32
CA THR M 217 76.04 -7.97 -6.41
C THR M 217 75.49 -7.32 -5.14
N LYS M 218 76.31 -6.48 -4.50
CA LYS M 218 75.87 -5.70 -3.34
C LYS M 218 76.42 -4.29 -3.50
N VAL M 219 75.53 -3.33 -3.73
CA VAL M 219 75.91 -1.94 -3.94
C VAL M 219 75.15 -1.05 -2.96
N ASP M 220 75.81 -0.01 -2.48
CA ASP M 220 75.22 0.99 -1.60
C ASP M 220 75.28 2.31 -2.34
N LYS M 221 74.11 2.86 -2.68
CA LYS M 221 74.01 4.08 -3.46
C LYS M 221 73.53 5.22 -2.57
N LYS M 222 74.31 6.29 -2.53
CA LYS M 222 74.00 7.49 -1.77
C LYS M 222 73.12 8.42 -2.59
N VAL M 223 71.99 8.81 -2.03
CA VAL M 223 71.00 9.64 -2.70
C VAL M 223 71.08 11.05 -2.13
N GLU M 224 71.34 12.01 -3.01
CA GLU M 224 71.51 13.42 -2.71
C GLU M 224 70.54 14.23 -3.56
N PRO M 225 70.13 15.40 -3.10
CA PRO M 225 69.29 16.27 -3.93
C PRO M 225 70.06 16.83 -5.13
N LYS M 226 69.34 17.06 -6.21
CA LYS M 226 69.92 17.47 -7.48
C LYS M 226 70.81 18.71 -7.36
N ASP N 6 44.56 -37.37 -2.75
CA ASP N 6 44.85 -36.64 -1.52
C ASP N 6 43.55 -36.28 -0.80
N ILE N 7 43.67 -35.86 0.45
CA ILE N 7 42.58 -35.13 1.11
C ILE N 7 42.64 -33.69 0.64
N GLN N 8 41.50 -33.17 0.20
CA GLN N 8 41.42 -31.85 -0.40
C GLN N 8 40.76 -30.90 0.58
N MET N 9 41.36 -29.72 0.75
CA MET N 9 40.84 -28.68 1.61
C MET N 9 40.29 -27.58 0.71
N THR N 10 38.99 -27.37 0.77
CA THR N 10 38.35 -26.30 0.01
C THR N 10 38.16 -25.10 0.93
N GLN N 11 38.95 -24.07 0.71
CA GLN N 11 38.91 -22.86 1.52
C GLN N 11 38.09 -21.79 0.82
N SER N 12 37.31 -21.04 1.59
CA SER N 12 36.42 -20.06 1.02
C SER N 12 36.20 -18.95 2.02
N PRO N 13 36.07 -17.68 1.57
CA PRO N 13 36.15 -17.23 0.17
C PRO N 13 37.60 -17.06 -0.31
N SER N 14 37.79 -16.71 -1.59
CA SER N 14 39.14 -16.47 -2.09
C SER N 14 39.71 -15.18 -1.54
N SER N 15 38.89 -14.14 -1.47
CA SER N 15 39.28 -12.86 -0.91
C SER N 15 38.04 -12.19 -0.34
N LEU N 16 38.23 -11.40 0.71
CA LEU N 16 37.15 -10.65 1.30
C LEU N 16 37.67 -9.28 1.75
N SER N 17 36.74 -8.35 1.87
CA SER N 17 37.04 -6.97 2.24
C SER N 17 36.17 -6.60 3.43
N ALA N 18 36.80 -6.25 4.55
CA ALA N 18 36.07 -5.94 5.77
C ALA N 18 36.67 -4.72 6.43
N SER N 19 35.85 -4.02 7.21
CA SER N 19 36.27 -2.82 7.92
C SER N 19 36.88 -3.17 9.27
N VAL N 20 37.67 -2.23 9.79
CA VAL N 20 38.29 -2.41 11.10
C VAL N 20 37.22 -2.52 12.17
N GLY N 21 37.35 -3.52 13.04
CA GLY N 21 36.40 -3.81 14.09
C GLY N 21 35.37 -4.86 13.74
N ASP N 22 35.22 -5.19 12.46
CA ASP N 22 34.25 -6.18 12.03
C ASP N 22 34.73 -7.59 12.35
N ARG N 23 33.82 -8.55 12.18
CA ARG N 23 34.11 -9.97 12.35
C ARG N 23 34.32 -10.63 10.99
N VAL N 24 35.49 -11.23 10.81
CA VAL N 24 35.86 -11.94 9.60
C VAL N 24 35.69 -13.44 9.84
N THR N 25 35.05 -14.13 8.89
CA THR N 25 34.82 -15.57 8.98
C THR N 25 35.35 -16.24 7.71
N ILE N 26 36.29 -17.16 7.89
CA ILE N 26 36.87 -17.96 6.82
C ILE N 26 36.56 -19.42 7.08
N THR N 27 36.09 -20.13 6.06
CA THR N 27 35.74 -21.53 6.21
C THR N 27 36.65 -22.41 5.34
N CYS N 28 36.83 -23.65 5.80
CA CYS N 28 37.67 -24.62 5.12
C CYS N 28 37.01 -25.99 5.27
N ARG N 29 36.83 -26.68 4.13
CA ARG N 29 36.10 -27.94 4.10
C ARG N 29 37.01 -29.06 3.61
N ALA N 30 37.04 -30.16 4.36
CA ALA N 30 37.86 -31.31 4.01
C ALA N 30 37.03 -32.33 3.23
N SER N 31 37.69 -33.02 2.29
CA SER N 31 36.98 -33.98 1.44
C SER N 31 36.50 -35.21 2.21
N GLN N 32 37.12 -35.53 3.33
CA GLN N 32 36.62 -36.52 4.27
C GLN N 32 36.92 -36.05 5.69
N GLY N 33 36.35 -36.76 6.67
CA GLY N 33 36.53 -36.35 8.04
C GLY N 33 38.00 -36.42 8.46
N ILE N 34 38.45 -35.38 9.16
CA ILE N 34 39.83 -35.28 9.61
C ILE N 34 39.83 -34.97 11.10
N ARG N 35 38.75 -35.36 11.79
CA ARG N 35 38.57 -35.08 13.20
C ARG N 35 38.85 -33.62 13.53
N ASN N 36 39.94 -33.34 14.24
CA ASN N 36 40.35 -31.98 14.53
C ASN N 36 41.83 -31.75 14.17
N ASP N 37 42.33 -32.49 13.18
CA ASP N 37 43.72 -32.37 12.76
C ASP N 37 43.89 -31.22 11.76
N LEU N 38 43.55 -30.03 12.23
CA LEU N 38 43.47 -28.85 11.39
C LEU N 38 44.27 -27.71 12.05
N GLY N 39 45.00 -26.97 11.22
CA GLY N 39 45.70 -25.79 11.69
C GLY N 39 45.43 -24.60 10.78
N TRP N 40 45.48 -23.41 11.38
CA TRP N 40 45.24 -22.16 10.67
C TRP N 40 46.50 -21.30 10.68
N TYR N 41 46.87 -20.77 9.49
CA TYR N 41 48.11 -20.03 9.30
C TYR N 41 47.84 -18.68 8.65
N GLN N 42 48.63 -17.69 9.04
CA GLN N 42 48.53 -16.33 8.53
C GLN N 42 49.84 -15.97 7.86
N GLN N 43 49.78 -15.46 6.62
CA GLN N 43 50.97 -15.10 5.88
C GLN N 43 50.87 -13.64 5.44
N LYS N 44 51.70 -12.79 6.02
CA LYS N 44 51.77 -11.39 5.65
C LYS N 44 52.80 -11.22 4.53
N PRO N 45 52.69 -10.13 3.75
CA PRO N 45 53.51 -10.00 2.55
C PRO N 45 55.00 -10.19 2.83
N GLY N 46 55.64 -11.02 2.00
CA GLY N 46 57.06 -11.25 2.06
C GLY N 46 57.57 -11.99 3.27
N LYS N 47 56.69 -12.59 4.05
CA LYS N 47 57.07 -13.28 5.28
C LYS N 47 56.54 -14.70 5.24
N ALA N 48 57.12 -15.55 6.09
CA ALA N 48 56.69 -16.93 6.15
C ALA N 48 55.34 -17.02 6.85
N PRO N 49 54.56 -18.08 6.57
CA PRO N 49 53.30 -18.25 7.27
C PRO N 49 53.54 -18.38 8.77
N LYS N 50 52.63 -17.79 9.55
CA LYS N 50 52.70 -17.80 11.00
C LYS N 50 51.55 -18.65 11.55
N LEU N 51 51.85 -19.53 12.50
CA LEU N 51 50.84 -20.40 13.09
C LEU N 51 49.93 -19.59 14.02
N LEU N 52 48.62 -19.69 13.78
CA LEU N 52 47.62 -19.05 14.62
C LEU N 52 46.87 -20.03 15.51
N ILE N 53 46.32 -21.08 14.91
CA ILE N 53 45.52 -22.06 15.63
C ILE N 53 45.96 -23.45 15.18
N TYR N 54 46.17 -24.35 16.15
CA TYR N 54 46.47 -25.75 15.88
C TYR N 54 45.42 -26.62 16.55
N ALA N 55 45.34 -27.87 16.08
CA ALA N 55 44.35 -28.83 16.56
C ALA N 55 42.94 -28.23 16.49
N ALA N 56 42.68 -27.53 15.37
CA ALA N 56 41.38 -26.97 15.02
C ALA N 56 40.99 -25.76 15.87
N SER N 57 41.25 -25.81 17.18
CA SER N 57 40.70 -24.77 18.04
C SER N 57 41.66 -24.25 19.12
N SER N 58 42.92 -24.69 19.13
CA SER N 58 43.86 -24.30 20.17
C SER N 58 44.65 -23.07 19.72
N LEU N 59 44.56 -21.98 20.50
CA LEU N 59 45.24 -20.74 20.16
C LEU N 59 46.71 -20.81 20.54
N GLN N 60 47.57 -20.46 19.59
CA GLN N 60 49.01 -20.45 19.81
C GLN N 60 49.41 -19.30 20.74
N SER N 61 50.46 -19.54 21.53
CA SER N 61 50.97 -18.52 22.44
C SER N 61 51.32 -17.25 21.69
N GLY N 62 50.95 -16.11 22.27
CA GLY N 62 51.23 -14.81 21.69
C GLY N 62 50.21 -14.31 20.69
N VAL N 63 49.42 -15.19 20.09
CA VAL N 63 48.40 -14.77 19.13
C VAL N 63 47.27 -14.07 19.87
N PRO N 64 46.79 -12.93 19.38
CA PRO N 64 45.69 -12.23 20.08
C PRO N 64 44.42 -13.06 20.15
N SER N 65 43.66 -12.86 21.23
CA SER N 65 42.47 -13.67 21.47
C SER N 65 41.36 -13.42 20.46
N ARG N 66 41.47 -12.40 19.62
CA ARG N 66 40.45 -12.18 18.59
C ARG N 66 40.47 -13.24 17.50
N PHE N 67 41.51 -14.07 17.44
CA PHE N 67 41.54 -15.22 16.54
C PHE N 67 40.98 -16.44 17.26
N SER N 68 40.19 -17.23 16.54
CA SER N 68 39.66 -18.46 17.12
C SER N 68 39.28 -19.42 16.00
N GLY N 69 39.48 -20.70 16.25
CA GLY N 69 39.12 -21.73 15.30
C GLY N 69 38.08 -22.65 15.90
N SER N 70 37.26 -23.23 15.03
CA SER N 70 36.20 -24.11 15.49
C SER N 70 35.88 -25.11 14.39
N GLY N 71 35.17 -26.16 14.78
CA GLY N 71 34.74 -27.15 13.82
C GLY N 71 35.36 -28.50 14.08
N SER N 72 34.74 -29.55 13.55
CA SER N 72 35.25 -30.89 13.72
C SER N 72 34.73 -31.73 12.57
N GLY N 73 35.55 -32.66 12.10
CA GLY N 73 35.13 -33.53 11.02
C GLY N 73 35.53 -33.03 9.65
N THR N 74 34.61 -32.33 8.97
CA THR N 74 34.86 -31.84 7.62
C THR N 74 34.73 -30.32 7.48
N ASP N 75 34.08 -29.63 8.40
CA ASP N 75 33.82 -28.20 8.29
C ASP N 75 34.53 -27.47 9.42
N PHE N 76 35.38 -26.51 9.05
CA PHE N 76 36.17 -25.74 10.00
C PHE N 76 36.02 -24.26 9.72
N THR N 77 36.21 -23.45 10.77
CA THR N 77 35.97 -22.02 10.71
C THR N 77 37.06 -21.26 11.45
N LEU N 78 37.69 -20.31 10.76
CA LEU N 78 38.57 -19.32 11.37
C LEU N 78 37.82 -18.01 11.51
N THR N 79 37.81 -17.45 12.72
CA THR N 79 37.07 -16.22 13.00
C THR N 79 38.01 -15.20 13.62
N ILE N 80 38.01 -13.99 13.07
CA ILE N 80 38.69 -12.85 13.67
C ILE N 80 37.60 -11.92 14.21
N SER N 81 37.48 -11.84 15.54
CA SER N 81 36.32 -11.19 16.15
C SER N 81 36.30 -9.67 15.94
N SER N 82 37.47 -9.03 15.98
CA SER N 82 37.53 -7.58 15.85
C SER N 82 38.72 -7.26 14.95
N LEU N 83 38.43 -7.11 13.65
CA LEU N 83 39.49 -6.99 12.66
C LEU N 83 40.34 -5.74 12.89
N GLN N 84 41.65 -5.90 12.78
CA GLN N 84 42.63 -4.86 12.97
C GLN N 84 43.42 -4.64 11.67
N PRO N 85 43.98 -3.45 11.48
CA PRO N 85 44.74 -3.20 10.23
C PRO N 85 45.86 -4.18 9.99
N GLU N 86 46.58 -4.58 11.05
CA GLU N 86 47.68 -5.53 10.93
C GLU N 86 47.24 -6.94 10.57
N ASP N 87 45.94 -7.22 10.61
CA ASP N 87 45.44 -8.53 10.23
C ASP N 87 45.35 -8.71 8.72
N PHE N 88 45.69 -7.69 7.94
CA PHE N 88 45.78 -7.85 6.49
C PHE N 88 46.81 -8.93 6.15
N ALA N 89 46.35 -10.01 5.51
CA ALA N 89 47.20 -11.14 5.18
C ALA N 89 46.37 -12.12 4.35
N THR N 90 47.03 -13.20 3.94
CA THR N 90 46.37 -14.36 3.37
C THR N 90 46.40 -15.49 4.40
N TYR N 91 45.24 -16.10 4.65
CA TYR N 91 45.09 -17.14 5.66
C TYR N 91 44.93 -18.49 5.00
N TYR N 92 45.54 -19.51 5.60
CA TYR N 92 45.59 -20.87 5.05
C TYR N 92 45.17 -21.88 6.11
N CYS N 93 44.36 -22.87 5.71
CA CYS N 93 44.15 -24.04 6.56
C CYS N 93 45.11 -25.16 6.16
N LEU N 94 45.39 -26.04 7.12
CA LEU N 94 46.28 -27.18 6.92
C LEU N 94 45.73 -28.39 7.63
N GLN N 95 45.69 -29.55 6.95
CA GLN N 95 45.30 -30.80 7.59
C GLN N 95 46.47 -31.77 7.61
N ASP N 96 46.57 -32.57 8.69
CA ASP N 96 47.60 -33.60 8.80
C ASP N 96 47.01 -34.89 9.35
N TYR N 97 45.79 -35.21 8.90
CA TYR N 97 45.09 -36.39 9.37
C TYR N 97 45.77 -37.69 8.95
N ASN N 98 46.04 -37.84 7.65
CA ASN N 98 46.63 -39.08 7.14
C ASN N 98 48.15 -39.04 7.05
N TYR N 99 48.82 -38.28 7.93
CA TYR N 99 50.26 -38.06 7.88
C TYR N 99 50.72 -37.47 6.55
N LEU N 100 49.78 -37.13 5.68
CA LEU N 100 50.10 -36.54 4.38
C LEU N 100 49.38 -35.20 4.31
N LEU N 101 50.14 -34.12 4.28
CA LEU N 101 49.60 -32.79 4.56
C LEU N 101 49.17 -32.11 3.27
N THR N 102 48.09 -31.35 3.37
CA THR N 102 47.56 -30.57 2.27
C THR N 102 47.03 -29.24 2.82
N PHE N 103 47.30 -28.16 2.10
CA PHE N 103 46.85 -26.83 2.46
C PHE N 103 45.60 -26.45 1.68
N GLY N 104 44.81 -25.55 2.27
CA GLY N 104 43.76 -24.90 1.51
C GLY N 104 44.34 -23.89 0.54
N GLY N 105 43.49 -23.44 -0.38
CA GLY N 105 43.94 -22.50 -1.39
C GLY N 105 44.23 -21.11 -0.86
N GLY N 106 43.72 -20.77 0.31
CA GLY N 106 43.99 -19.48 0.90
C GLY N 106 42.84 -18.49 0.75
N THR N 107 42.74 -17.59 1.72
CA THR N 107 41.78 -16.50 1.72
C THR N 107 42.53 -15.20 2.00
N LYS N 108 42.46 -14.26 1.07
CA LYS N 108 43.10 -12.95 1.24
C LYS N 108 42.14 -12.01 1.95
N VAL N 109 42.59 -11.42 3.06
CA VAL N 109 41.78 -10.49 3.84
C VAL N 109 42.27 -9.08 3.55
N GLU N 110 41.44 -8.28 2.89
CA GLU N 110 41.72 -6.87 2.63
C GLU N 110 40.92 -6.00 3.59
N ILE N 111 41.47 -4.84 3.93
CA ILE N 111 40.88 -3.96 4.92
C ILE N 111 40.17 -2.82 4.20
N LYS N 112 38.93 -2.55 4.59
CA LYS N 112 38.17 -1.44 4.03
C LYS N 112 38.28 -0.26 4.99
N ARG N 113 38.66 0.89 4.45
CA ARG N 113 38.89 2.09 5.24
C ARG N 113 38.38 3.28 4.45
N THR N 114 38.51 4.48 5.03
CA THR N 114 38.07 5.68 4.36
C THR N 114 38.98 6.02 3.19
N VAL N 115 38.44 6.81 2.25
CA VAL N 115 39.20 7.22 1.08
C VAL N 115 40.37 8.11 1.48
N ALA N 116 41.55 7.83 0.93
CA ALA N 116 42.74 8.66 1.14
C ALA N 116 43.31 9.03 -0.22
N ALA N 117 43.55 10.31 -0.42
CA ALA N 117 44.10 10.80 -1.68
C ALA N 117 45.61 10.57 -1.75
N PRO N 118 46.15 10.31 -2.93
CA PRO N 118 47.58 10.08 -3.05
C PRO N 118 48.40 11.37 -3.04
N SER N 119 49.63 11.25 -2.52
CA SER N 119 50.66 12.27 -2.70
C SER N 119 51.50 11.89 -3.91
N VAL N 120 51.75 12.85 -4.78
CA VAL N 120 52.39 12.60 -6.07
C VAL N 120 53.76 13.24 -6.10
N PHE N 121 54.77 12.47 -6.51
CA PHE N 121 56.13 12.94 -6.71
C PHE N 121 56.63 12.45 -8.05
N ILE N 122 57.46 13.27 -8.71
CA ILE N 122 58.05 12.90 -9.99
C ILE N 122 59.57 13.03 -9.90
N PHE N 123 60.27 12.05 -10.45
CA PHE N 123 61.72 11.96 -10.36
C PHE N 123 62.34 12.01 -11.76
N PRO N 124 63.24 12.94 -12.04
CA PRO N 124 63.91 12.94 -13.35
C PRO N 124 64.92 11.81 -13.43
N PRO N 125 65.35 11.44 -14.63
CA PRO N 125 66.37 10.39 -14.74
C PRO N 125 67.70 10.84 -14.14
N SER N 126 68.35 9.92 -13.44
CA SER N 126 69.66 10.20 -12.87
C SER N 126 70.68 10.42 -13.97
N ASP N 127 71.73 11.18 -13.65
CA ASP N 127 72.74 11.46 -14.66
C ASP N 127 73.58 10.22 -14.97
N GLU N 128 73.70 9.31 -14.01
CA GLU N 128 74.45 8.08 -14.26
C GLU N 128 73.72 7.19 -15.26
N GLN N 129 72.39 7.13 -15.18
CA GLN N 129 71.63 6.39 -16.18
C GLN N 129 71.67 7.07 -17.54
N LEU N 130 71.77 8.40 -17.58
CA LEU N 130 71.86 9.09 -18.86
C LEU N 130 73.14 8.76 -19.62
N LYS N 131 74.12 8.13 -18.97
CA LYS N 131 75.28 7.62 -19.66
C LYS N 131 75.06 6.23 -20.25
N SER N 132 73.91 5.60 -19.99
CA SER N 132 73.66 4.24 -20.45
C SER N 132 72.86 4.18 -21.74
N GLY N 133 72.21 5.28 -22.13
CA GLY N 133 71.43 5.30 -23.36
C GLY N 133 69.93 5.18 -23.15
N THR N 134 69.46 5.00 -21.92
CA THR N 134 68.05 4.99 -21.60
C THR N 134 67.79 5.95 -20.44
N ALA N 135 66.60 6.52 -20.43
CA ALA N 135 66.18 7.45 -19.38
C ALA N 135 64.90 6.92 -18.75
N SER N 136 64.86 6.89 -17.42
CA SER N 136 63.71 6.40 -16.68
C SER N 136 63.13 7.52 -15.83
N VAL N 137 61.88 7.90 -16.11
CA VAL N 137 61.14 8.85 -15.30
C VAL N 137 60.21 8.07 -14.38
N VAL N 138 60.22 8.41 -13.10
CA VAL N 138 59.45 7.69 -12.09
C VAL N 138 58.42 8.64 -11.50
N CYS N 139 57.19 8.14 -11.35
CA CYS N 139 56.12 8.88 -10.70
C CYS N 139 55.63 8.06 -9.51
N LEU N 140 55.57 8.70 -8.34
CA LEU N 140 55.22 8.02 -7.09
C LEU N 140 53.86 8.50 -6.62
N LEU N 141 52.97 7.55 -6.34
CA LEU N 141 51.67 7.85 -5.72
C LEU N 141 51.71 7.21 -4.34
N ASN N 142 51.68 8.05 -3.30
CA ASN N 142 52.02 7.62 -1.95
C ASN N 142 50.78 7.63 -1.06
N ASN N 143 50.51 6.49 -0.44
CA ASN N 143 49.53 6.34 0.63
C ASN N 143 48.14 6.80 0.22
N PHE N 144 47.46 6.01 -0.60
CA PHE N 144 46.11 6.31 -1.04
C PHE N 144 45.20 5.10 -0.84
N TYR N 145 43.89 5.35 -0.86
CA TYR N 145 42.89 4.31 -0.79
C TYR N 145 41.62 4.82 -1.47
N PRO N 146 40.93 4.00 -2.28
CA PRO N 146 41.22 2.59 -2.59
C PRO N 146 42.36 2.41 -3.58
N ARG N 147 42.55 1.16 -4.02
CA ARG N 147 43.70 0.78 -4.83
C ARG N 147 43.62 1.32 -6.26
N GLU N 148 42.41 1.58 -6.74
CA GLU N 148 42.21 1.95 -8.14
C GLU N 148 42.72 3.37 -8.39
N ALA N 149 43.65 3.50 -9.34
CA ALA N 149 44.18 4.79 -9.74
C ALA N 149 44.67 4.69 -11.17
N LYS N 150 44.72 5.84 -11.84
CA LYS N 150 45.18 5.91 -13.22
C LYS N 150 46.25 6.98 -13.33
N VAL N 151 47.39 6.61 -13.91
CA VAL N 151 48.52 7.50 -14.13
C VAL N 151 48.67 7.75 -15.63
N GLN N 152 48.82 9.01 -16.01
CA GLN N 152 48.97 9.36 -17.41
C GLN N 152 50.28 10.13 -17.59
N TRP N 153 51.03 9.78 -18.63
CA TRP N 153 52.29 10.44 -18.93
C TRP N 153 52.14 11.36 -20.15
N LYS N 154 52.69 12.57 -20.05
CA LYS N 154 52.72 13.53 -21.13
C LYS N 154 54.15 14.05 -21.32
N VAL N 155 54.70 13.83 -22.51
CA VAL N 155 56.02 14.34 -22.88
C VAL N 155 55.78 15.51 -23.82
N ASP N 156 55.98 16.73 -23.33
CA ASP N 156 55.64 17.96 -24.06
C ASP N 156 54.16 17.97 -24.46
N ASN N 157 53.30 17.63 -23.49
CA ASN N 157 51.86 17.49 -23.68
C ASN N 157 51.54 16.50 -24.80
N ALA N 158 52.24 15.37 -24.78
CA ALA N 158 51.97 14.26 -25.68
C ALA N 158 51.75 13.00 -24.86
N LEU N 159 50.55 12.45 -24.95
CA LEU N 159 50.17 11.31 -24.14
C LEU N 159 50.93 10.06 -24.57
N GLN N 160 51.46 9.32 -23.60
CA GLN N 160 52.32 8.18 -23.86
C GLN N 160 51.58 6.89 -23.56
N SER N 161 51.96 5.83 -24.27
CA SER N 161 51.42 4.49 -24.05
C SER N 161 52.46 3.46 -24.43
N GLY N 162 52.43 2.32 -23.74
CA GLY N 162 53.32 1.23 -24.03
C GLY N 162 54.75 1.43 -23.61
N ASN N 163 55.08 2.58 -23.02
CA ASN N 163 56.43 2.88 -22.57
C ASN N 163 56.50 3.07 -21.06
N SER N 164 55.49 2.56 -20.33
CA SER N 164 55.46 2.68 -18.88
C SER N 164 54.93 1.39 -18.27
N GLN N 165 55.37 1.11 -17.04
CA GLN N 165 54.83 0.00 -16.27
C GLN N 165 54.61 0.47 -14.84
N GLU N 166 53.67 -0.18 -14.16
CA GLU N 166 53.27 0.23 -12.82
C GLU N 166 53.48 -0.91 -11.83
N SER N 167 53.58 -0.53 -10.55
CA SER N 167 53.74 -1.48 -9.46
C SER N 167 53.04 -0.91 -8.24
N VAL N 168 52.34 -1.76 -7.50
CA VAL N 168 51.54 -1.35 -6.35
C VAL N 168 52.00 -2.14 -5.14
N THR N 169 52.28 -1.45 -4.04
CA THR N 169 52.56 -2.15 -2.80
C THR N 169 51.29 -2.84 -2.30
N GLU N 170 51.47 -3.77 -1.38
CA GLU N 170 50.31 -4.34 -0.74
C GLU N 170 49.85 -3.42 0.38
N GLN N 171 48.67 -3.72 0.91
CA GLN N 171 48.05 -2.83 1.90
C GLN N 171 48.95 -2.69 3.11
N ASP N 172 49.18 -1.44 3.52
CA ASP N 172 50.05 -1.14 4.65
C ASP N 172 49.46 -1.66 5.96
N SER N 173 50.31 -2.29 6.77
CA SER N 173 49.86 -2.92 8.01
C SER N 173 49.44 -1.91 9.07
N LYS N 174 49.71 -0.62 8.86
CA LYS N 174 49.32 0.42 9.81
C LYS N 174 48.18 1.29 9.31
N ASP N 175 48.29 1.90 8.13
CA ASP N 175 47.26 2.80 7.65
C ASP N 175 46.35 2.18 6.58
N SER N 176 46.61 0.94 6.17
CA SER N 176 45.78 0.20 5.22
C SER N 176 45.71 0.89 3.86
N THR N 177 46.70 1.69 3.50
CA THR N 177 46.73 2.35 2.22
C THR N 177 47.65 1.61 1.25
N TYR N 178 47.62 2.05 0.01
CA TYR N 178 48.46 1.54 -1.05
C TYR N 178 49.43 2.63 -1.49
N SER N 179 50.51 2.22 -2.12
CA SER N 179 51.42 3.12 -2.79
C SER N 179 51.69 2.57 -4.18
N LEU N 180 51.89 3.48 -5.13
CA LEU N 180 52.05 3.09 -6.53
C LEU N 180 53.22 3.83 -7.14
N SER N 181 53.98 3.13 -7.99
CA SER N 181 55.06 3.71 -8.75
C SER N 181 54.88 3.36 -10.22
N SER N 182 54.97 4.37 -11.08
CA SER N 182 54.91 4.20 -12.52
C SER N 182 56.24 4.66 -13.10
N THR N 183 56.85 3.80 -13.92
CA THR N 183 58.17 4.07 -14.48
C THR N 183 58.03 4.24 -15.99
N LEU N 184 58.33 5.45 -16.47
CA LEU N 184 58.37 5.75 -17.89
C LEU N 184 59.80 5.59 -18.38
N THR N 185 60.02 4.70 -19.34
CA THR N 185 61.34 4.41 -19.88
C THR N 185 61.41 4.91 -21.31
N LEU N 186 62.37 5.78 -21.59
CA LEU N 186 62.61 6.31 -22.91
C LEU N 186 64.06 6.07 -23.27
N SER N 187 64.37 6.16 -24.57
CA SER N 187 65.77 6.17 -24.97
C SER N 187 66.39 7.53 -24.66
N LYS N 188 67.69 7.52 -24.36
CA LYS N 188 68.36 8.77 -24.03
C LYS N 188 68.27 9.74 -25.19
N ALA N 189 68.43 9.24 -26.42
CA ALA N 189 68.27 10.09 -27.60
C ALA N 189 66.91 10.76 -27.63
N ASP N 190 65.87 10.07 -27.18
CA ASP N 190 64.53 10.63 -27.20
C ASP N 190 64.25 11.48 -25.96
N TYR N 191 64.91 11.18 -24.85
CA TYR N 191 64.70 11.97 -23.64
C TYR N 191 65.19 13.40 -23.81
N GLU N 192 66.17 13.62 -24.69
CA GLU N 192 66.72 14.96 -24.83
C GLU N 192 66.00 15.79 -25.87
N LYS N 193 65.15 15.18 -26.70
CA LYS N 193 64.41 15.91 -27.72
C LYS N 193 63.28 16.74 -27.13
N HIS N 194 62.89 16.49 -25.88
CA HIS N 194 61.73 17.12 -25.25
C HIS N 194 62.14 17.80 -23.95
N LYS N 195 61.25 18.68 -23.48
CA LYS N 195 61.53 19.58 -22.37
C LYS N 195 60.73 19.25 -21.12
N VAL N 196 59.40 19.20 -21.24
CA VAL N 196 58.51 19.04 -20.09
C VAL N 196 58.02 17.60 -20.02
N TYR N 197 58.19 16.98 -18.86
CA TYR N 197 57.74 15.62 -18.60
C TYR N 197 56.73 15.68 -17.46
N ALA N 198 55.51 15.26 -17.74
CA ALA N 198 54.40 15.41 -16.80
C ALA N 198 53.82 14.06 -16.41
N CYS N 199 53.43 13.95 -15.14
CA CYS N 199 52.72 12.80 -14.59
C CYS N 199 51.35 13.25 -14.09
N GLU N 200 50.30 12.61 -14.58
CA GLU N 200 48.93 13.00 -14.24
C GLU N 200 48.23 11.83 -13.57
N VAL N 201 47.66 12.07 -12.39
CA VAL N 201 47.00 11.01 -11.63
C VAL N 201 45.56 11.43 -11.38
N THR N 202 44.64 10.47 -11.52
CA THR N 202 43.24 10.66 -11.16
C THR N 202 42.89 9.60 -10.14
N HIS N 203 42.24 10.02 -9.05
CA HIS N 203 41.89 9.09 -7.99
C HIS N 203 40.64 9.59 -7.31
N GLN N 204 39.93 8.67 -6.65
CA GLN N 204 38.67 9.02 -6.01
C GLN N 204 38.85 10.12 -4.99
N GLY N 205 39.99 10.16 -4.29
CA GLY N 205 40.22 11.15 -3.26
C GLY N 205 40.65 12.52 -3.75
N LEU N 206 40.81 12.70 -5.06
CA LEU N 206 41.18 13.97 -5.64
C LEU N 206 39.95 14.53 -6.35
N SER N 207 39.62 15.79 -6.07
CA SER N 207 38.47 16.42 -6.70
C SER N 207 38.61 16.47 -8.22
N SER N 208 39.85 16.59 -8.70
CA SER N 208 40.15 16.63 -10.13
C SER N 208 41.62 16.28 -10.31
N PRO N 209 42.03 15.87 -11.51
CA PRO N 209 43.37 15.32 -11.70
C PRO N 209 44.51 16.22 -11.20
N VAL N 210 45.50 15.57 -10.57
CA VAL N 210 46.71 16.21 -10.07
C VAL N 210 47.84 15.92 -11.05
N THR N 211 48.62 16.95 -11.38
CA THR N 211 49.72 16.83 -12.34
C THR N 211 51.01 17.31 -11.69
N LYS N 212 52.02 16.44 -11.69
CA LYS N 212 53.39 16.80 -11.36
C LYS N 212 54.26 16.71 -12.59
N SER N 213 55.17 17.66 -12.75
CA SER N 213 56.02 17.72 -13.94
C SER N 213 57.34 18.39 -13.61
N PHE N 214 58.29 18.26 -14.52
CA PHE N 214 59.56 18.95 -14.41
C PHE N 214 60.04 19.32 -15.80
N ASN N 215 61.05 20.19 -15.85
CA ASN N 215 61.71 20.57 -17.10
C ASN N 215 63.17 20.14 -17.04
N ARG N 216 63.61 19.45 -18.09
CA ARG N 216 64.95 18.89 -18.13
C ARG N 216 66.00 19.98 -17.97
N GLY N 217 66.86 19.83 -16.95
CA GLY N 217 67.76 20.89 -16.57
C GLY N 217 67.37 21.49 -15.23
N GLU N 218 67.11 22.79 -15.22
CA GLU N 218 66.64 23.49 -14.01
C GLU N 218 67.62 23.31 -12.85
N GLN O 6 -19.25 24.19 7.99
CA GLN O 6 -19.97 24.42 6.74
C GLN O 6 -19.26 23.69 5.59
N LEU O 7 -20.03 22.87 4.89
CA LEU O 7 -19.49 22.04 3.82
C LEU O 7 -18.97 22.90 2.68
N GLN O 8 -17.75 22.61 2.23
CA GLN O 8 -17.12 23.31 1.12
C GLN O 8 -16.51 22.28 0.18
N LEU O 9 -16.54 22.58 -1.11
CA LEU O 9 -16.03 21.67 -2.14
C LEU O 9 -14.88 22.33 -2.87
N GLN O 10 -13.71 21.70 -2.85
CA GLN O 10 -12.53 22.19 -3.54
C GLN O 10 -12.09 21.16 -4.55
N GLU O 11 -12.13 21.51 -5.83
CA GLU O 11 -11.81 20.59 -6.90
C GLU O 11 -10.43 20.88 -7.46
N SER O 12 -9.81 19.84 -8.01
CA SER O 12 -8.44 19.93 -8.50
C SER O 12 -8.28 19.04 -9.73
N GLY O 13 -7.25 19.34 -10.51
CA GLY O 13 -7.01 18.65 -11.76
C GLY O 13 -6.50 19.57 -12.84
N PRO O 14 -5.85 18.99 -13.85
CA PRO O 14 -5.26 19.82 -14.92
C PRO O 14 -6.31 20.52 -15.75
N GLY O 15 -6.02 21.75 -16.14
CA GLY O 15 -6.88 22.49 -17.03
C GLY O 15 -6.59 22.29 -18.50
N LEU O 16 -5.60 21.47 -18.85
CA LEU O 16 -5.24 21.21 -20.25
C LEU O 16 -5.07 19.71 -20.44
N VAL O 17 -5.84 19.13 -21.35
CA VAL O 17 -5.81 17.71 -21.64
C VAL O 17 -5.70 17.52 -23.15
N LYS O 18 -4.79 16.66 -23.58
CA LYS O 18 -4.61 16.41 -25.00
C LYS O 18 -5.76 15.57 -25.54
N PRO O 19 -6.08 15.71 -26.83
CA PRO O 19 -7.18 14.91 -27.41
C PRO O 19 -6.92 13.42 -27.27
N SER O 20 -8.01 12.67 -27.15
CA SER O 20 -8.03 11.21 -27.03
C SER O 20 -7.55 10.75 -25.66
N GLU O 21 -6.97 11.65 -24.87
CA GLU O 21 -6.50 11.30 -23.54
C GLU O 21 -7.67 11.37 -22.57
N THR O 22 -7.39 11.18 -21.28
CA THR O 22 -8.44 11.08 -20.27
C THR O 22 -8.41 12.32 -19.38
N LEU O 23 -9.56 12.99 -19.28
CA LEU O 23 -9.74 14.09 -18.35
C LEU O 23 -9.98 13.54 -16.96
N SER O 24 -9.29 14.08 -15.96
CA SER O 24 -9.40 13.60 -14.60
C SER O 24 -9.53 14.77 -13.64
N LEU O 25 -10.52 14.70 -12.75
CA LEU O 25 -10.77 15.73 -11.75
C LEU O 25 -11.17 15.09 -10.43
N THR O 26 -10.79 15.76 -9.34
CA THR O 26 -11.08 15.28 -7.99
C THR O 26 -11.71 16.41 -7.19
N CYS O 27 -12.71 16.07 -6.39
CA CYS O 27 -13.40 17.01 -5.53
C CYS O 27 -13.16 16.59 -4.09
N THR O 28 -12.56 17.49 -3.30
CA THR O 28 -12.26 17.22 -1.90
C THR O 28 -13.27 17.94 -1.01
N VAL O 29 -13.88 17.18 -0.10
CA VAL O 29 -14.94 17.68 0.77
C VAL O 29 -14.34 18.04 2.11
N SER O 30 -14.46 19.31 2.50
CA SER O 30 -14.07 19.77 3.82
C SER O 30 -15.29 20.31 4.55
N GLY O 31 -15.18 20.40 5.88
CA GLY O 31 -16.28 20.87 6.68
C GLY O 31 -17.45 19.92 6.80
N GLY O 32 -17.26 18.65 6.44
CA GLY O 32 -18.32 17.66 6.52
C GLY O 32 -17.85 16.36 5.93
N SER O 33 -18.64 15.32 6.16
CA SER O 33 -18.30 13.96 5.75
C SER O 33 -18.97 13.61 4.43
N ILE O 34 -18.20 13.03 3.51
CA ILE O 34 -18.79 12.52 2.28
C ILE O 34 -19.63 11.28 2.56
N SER O 35 -19.45 10.66 3.72
CA SER O 35 -20.19 9.46 4.10
C SER O 35 -21.50 9.83 4.79
N SER O 36 -22.35 10.54 4.04
CA SER O 36 -23.66 10.93 4.51
C SER O 36 -24.71 10.20 3.68
N SER O 37 -25.66 9.57 4.35
CA SER O 37 -26.70 8.82 3.67
C SER O 37 -27.77 9.72 3.05
N SER O 38 -27.69 11.03 3.25
CA SER O 38 -28.72 11.95 2.76
C SER O 38 -28.31 12.69 1.49
N TYR O 39 -27.14 12.40 0.94
CA TYR O 39 -26.61 13.18 -0.17
C TYR O 39 -26.01 12.29 -1.23
N TYR O 40 -26.11 12.74 -2.46
CA TYR O 40 -25.31 12.25 -3.58
C TYR O 40 -24.28 13.32 -3.92
N TRP O 41 -23.29 12.93 -4.74
CA TRP O 41 -22.18 13.79 -5.07
C TRP O 41 -21.99 13.76 -6.58
N GLY O 42 -22.21 14.90 -7.23
CA GLY O 42 -22.34 14.96 -8.67
C GLY O 42 -21.34 15.88 -9.34
N TRP O 43 -21.23 15.68 -10.66
CA TRP O 43 -20.41 16.49 -11.54
C TRP O 43 -21.30 17.13 -12.59
N ILE O 44 -21.11 18.42 -12.82
CA ILE O 44 -21.83 19.17 -13.86
C ILE O 44 -20.79 19.92 -14.67
N ARG O 45 -21.00 20.02 -15.98
CA ARG O 45 -20.08 20.76 -16.82
C ARG O 45 -20.83 21.82 -17.62
N GLN O 46 -20.07 22.81 -18.08
CA GLN O 46 -20.64 23.95 -18.79
C GLN O 46 -19.63 24.39 -19.84
N PRO O 47 -19.88 24.09 -21.12
CA PRO O 47 -18.99 24.58 -22.17
C PRO O 47 -18.99 26.09 -22.18
N PRO O 48 -17.88 26.71 -22.60
CA PRO O 48 -17.78 28.18 -22.55
C PRO O 48 -18.86 28.85 -23.38
N GLY O 49 -19.62 29.73 -22.73
CA GLY O 49 -20.70 30.45 -23.36
C GLY O 49 -21.98 29.68 -23.54
N LYS O 50 -22.08 28.46 -22.98
CA LYS O 50 -23.26 27.65 -23.16
C LYS O 50 -23.88 27.28 -21.82
N GLY O 51 -24.77 26.28 -21.82
CA GLY O 51 -25.55 25.93 -20.65
C GLY O 51 -24.94 24.82 -19.83
N LEU O 52 -25.74 24.32 -18.89
CA LEU O 52 -25.29 23.32 -17.91
C LEU O 52 -25.67 21.91 -18.33
N GLU O 53 -24.74 20.97 -18.14
CA GLU O 53 -24.97 19.56 -18.45
C GLU O 53 -24.55 18.71 -17.27
N TRP O 54 -25.47 17.91 -16.75
CA TRP O 54 -25.16 16.98 -15.68
C TRP O 54 -24.39 15.78 -16.23
N ILE O 55 -23.30 15.43 -15.58
CA ILE O 55 -22.47 14.29 -16.00
C ILE O 55 -22.88 13.02 -15.27
N GLY O 56 -22.92 13.06 -13.95
CA GLY O 56 -23.31 11.90 -13.17
C GLY O 56 -23.22 12.22 -11.70
N SER O 57 -23.75 11.31 -10.91
CA SER O 57 -23.71 11.43 -9.46
C SER O 57 -23.32 10.09 -8.86
N ILE O 58 -22.80 10.15 -7.63
CA ILE O 58 -22.38 8.94 -6.92
C ILE O 58 -22.81 9.06 -5.47
N TYR O 59 -23.24 7.94 -4.91
CA TYR O 59 -23.55 7.79 -3.51
C TYR O 59 -22.30 7.32 -2.77
N TYR O 60 -22.24 7.60 -1.47
CA TYR O 60 -21.04 7.21 -0.72
C TYR O 60 -20.82 5.70 -0.70
N SER O 61 -21.87 4.90 -0.88
CA SER O 61 -21.70 3.45 -0.97
C SER O 61 -21.03 3.03 -2.28
N GLY O 62 -21.14 3.84 -3.32
CA GLY O 62 -20.55 3.54 -4.61
C GLY O 62 -21.54 3.43 -5.76
N SER O 63 -22.84 3.36 -5.49
CA SER O 63 -23.81 3.32 -6.58
C SER O 63 -23.75 4.62 -7.38
N THR O 64 -23.82 4.49 -8.69
CA THR O 64 -23.67 5.64 -9.59
C THR O 64 -24.90 5.79 -10.46
N TYR O 65 -25.17 7.04 -10.85
CA TYR O 65 -26.15 7.39 -11.86
C TYR O 65 -25.47 8.30 -12.85
N TYR O 66 -25.49 7.94 -14.13
CA TYR O 66 -24.80 8.67 -15.17
C TYR O 66 -25.76 9.31 -16.16
N ASN O 67 -25.30 10.39 -16.77
CA ASN O 67 -25.98 10.95 -17.92
C ASN O 67 -25.85 9.94 -19.06
N PRO O 68 -26.94 9.41 -19.61
CA PRO O 68 -26.82 8.39 -20.66
C PRO O 68 -26.15 8.88 -21.94
N SER O 69 -26.03 10.18 -22.18
CA SER O 69 -25.31 10.64 -23.35
C SER O 69 -23.79 10.53 -23.21
N LEU O 70 -23.29 10.24 -22.01
CA LEU O 70 -21.86 10.12 -21.75
C LEU O 70 -21.47 8.86 -20.98
N LYS O 71 -22.41 7.92 -20.82
CA LYS O 71 -22.17 6.81 -19.90
C LYS O 71 -20.98 5.95 -20.29
N SER O 72 -20.76 5.76 -21.59
CA SER O 72 -19.66 4.90 -22.04
C SER O 72 -18.29 5.49 -21.76
N ARG O 73 -18.22 6.80 -21.52
CA ARG O 73 -16.96 7.51 -21.43
C ARG O 73 -16.68 8.05 -20.04
N VAL O 74 -17.59 7.84 -19.09
CA VAL O 74 -17.53 8.50 -17.79
C VAL O 74 -17.36 7.45 -16.71
N THR O 75 -16.48 7.73 -15.75
CA THR O 75 -16.40 6.96 -14.52
C THR O 75 -16.35 7.94 -13.37
N ILE O 76 -17.21 7.71 -12.38
CA ILE O 76 -17.23 8.50 -11.16
C ILE O 76 -16.97 7.55 -10.00
N SER O 77 -15.97 7.86 -9.19
CA SER O 77 -15.65 7.04 -8.04
C SER O 77 -15.74 7.91 -6.79
N VAL O 78 -15.80 7.26 -5.64
CA VAL O 78 -15.86 7.94 -4.35
C VAL O 78 -14.82 7.31 -3.44
N ASP O 79 -14.16 8.14 -2.64
CA ASP O 79 -13.13 7.68 -1.72
C ASP O 79 -13.47 8.22 -0.34
N THR O 80 -14.22 7.43 0.43
CA THR O 80 -14.67 7.87 1.74
C THR O 80 -13.53 8.02 2.74
N SER O 81 -12.45 7.23 2.60
CA SER O 81 -11.35 7.36 3.54
C SER O 81 -10.60 8.68 3.36
N LYS O 82 -10.56 9.21 2.13
CA LYS O 82 -9.92 10.48 1.86
C LYS O 82 -10.91 11.62 1.66
N ASN O 83 -12.21 11.35 1.83
CA ASN O 83 -13.28 12.34 1.71
C ASN O 83 -13.28 13.03 0.35
N GLN O 84 -13.12 12.24 -0.71
CA GLN O 84 -13.07 12.74 -2.06
C GLN O 84 -14.00 11.93 -2.95
N PHE O 85 -14.39 12.53 -4.06
CA PHE O 85 -14.96 11.80 -5.17
C PHE O 85 -14.39 12.38 -6.45
N SER O 86 -14.24 11.53 -7.47
CA SER O 86 -13.47 11.88 -8.65
C SER O 86 -14.29 11.64 -9.91
N LEU O 87 -13.80 12.21 -11.01
CA LEU O 87 -14.41 12.10 -12.32
C LEU O 87 -13.33 11.70 -13.33
N LYS O 88 -13.68 10.81 -14.25
CA LYS O 88 -12.80 10.47 -15.36
C LYS O 88 -13.59 10.42 -16.66
N LEU O 89 -13.12 11.15 -17.67
CA LEU O 89 -13.76 11.21 -18.97
C LEU O 89 -12.75 10.75 -20.02
N SER O 90 -13.03 9.65 -20.69
CA SER O 90 -12.08 9.07 -21.61
C SER O 90 -12.24 9.63 -23.03
N SER O 91 -11.19 9.48 -23.83
CA SER O 91 -11.19 9.84 -25.25
C SER O 91 -11.78 11.23 -25.47
N VAL O 92 -11.23 12.22 -24.75
CA VAL O 92 -11.80 13.55 -24.79
C VAL O 92 -11.54 14.18 -26.15
N THR O 93 -12.46 15.05 -26.57
CA THR O 93 -12.39 15.82 -27.79
C THR O 93 -12.57 17.30 -27.45
N ALA O 94 -12.44 18.15 -28.46
CA ALA O 94 -12.62 19.59 -28.24
C ALA O 94 -14.01 19.90 -27.72
N ALA O 95 -14.99 19.05 -28.02
CA ALA O 95 -16.35 19.25 -27.50
C ALA O 95 -16.42 19.03 -26.00
N ASP O 96 -15.37 18.53 -25.37
CA ASP O 96 -15.35 18.33 -23.93
C ASP O 96 -14.72 19.50 -23.18
N THR O 97 -14.20 20.51 -23.90
CA THR O 97 -13.76 21.74 -23.26
C THR O 97 -14.91 22.42 -22.56
N ALA O 98 -14.77 22.59 -21.24
CA ALA O 98 -15.85 23.13 -20.42
C ALA O 98 -15.30 23.48 -19.05
N VAL O 99 -16.11 24.19 -18.28
CA VAL O 99 -15.87 24.36 -16.85
C VAL O 99 -16.60 23.22 -16.15
N TYR O 100 -15.88 22.45 -15.34
CA TYR O 100 -16.44 21.30 -14.64
C TYR O 100 -16.64 21.66 -13.18
N TYR O 101 -17.82 21.34 -12.65
CA TYR O 101 -18.20 21.63 -11.28
C TYR O 101 -18.51 20.33 -10.54
N CYS O 102 -18.15 20.28 -9.27
CA CYS O 102 -18.72 19.28 -8.37
C CYS O 102 -19.74 19.94 -7.45
N ALA O 103 -20.72 19.16 -7.03
CA ALA O 103 -21.77 19.71 -6.16
C ALA O 103 -22.33 18.59 -5.29
N ARG O 104 -22.88 18.99 -4.15
CA ARG O 104 -23.59 18.07 -3.28
C ARG O 104 -25.07 18.07 -3.69
N GLU O 105 -25.63 16.86 -3.81
CA GLU O 105 -26.95 16.66 -4.40
C GLU O 105 -27.92 16.03 -3.41
N ILE O 106 -29.18 16.48 -3.46
CA ILE O 106 -30.30 15.75 -2.87
C ILE O 106 -31.22 15.35 -4.01
N THR O 107 -31.53 14.06 -4.11
CA THR O 107 -32.30 13.58 -5.25
C THR O 107 -33.76 14.01 -5.15
N MET O 108 -34.45 13.90 -6.30
CA MET O 108 -35.89 14.11 -6.47
C MET O 108 -36.28 15.58 -6.44
N ILE O 109 -35.62 16.40 -5.61
CA ILE O 109 -35.98 17.81 -5.51
C ILE O 109 -35.08 18.73 -6.33
N ALA O 110 -34.15 18.16 -7.12
CA ALA O 110 -33.24 18.93 -7.97
C ALA O 110 -32.40 19.91 -7.15
N TRP O 111 -31.74 19.37 -6.12
CA TRP O 111 -30.95 20.16 -5.17
C TRP O 111 -29.47 19.97 -5.47
N PHE O 112 -28.79 21.07 -5.77
CA PHE O 112 -27.33 21.08 -5.91
C PHE O 112 -26.81 22.21 -5.03
N ASP O 113 -26.27 21.85 -3.86
CA ASP O 113 -25.77 22.81 -2.88
C ASP O 113 -24.89 22.13 -1.84
N PRO O 114 -23.63 22.56 -1.64
CA PRO O 114 -23.00 23.63 -2.42
C PRO O 114 -22.26 23.13 -3.66
N TRP O 115 -21.55 24.03 -4.34
CA TRP O 115 -20.79 23.72 -5.54
C TRP O 115 -19.30 23.98 -5.31
N GLY O 116 -18.48 23.30 -6.10
CA GLY O 116 -17.10 23.69 -6.22
C GLY O 116 -16.95 24.96 -7.03
N GLN O 117 -15.74 25.52 -6.99
CA GLN O 117 -15.50 26.78 -7.66
C GLN O 117 -15.38 26.65 -9.17
N GLY O 118 -15.39 25.42 -9.71
CA GLY O 118 -15.31 25.21 -11.13
C GLY O 118 -13.89 25.21 -11.67
N THR O 119 -13.57 24.21 -12.49
CA THR O 119 -12.28 24.11 -13.16
C THR O 119 -12.51 24.13 -14.66
N LEU O 120 -11.90 25.08 -15.35
CA LEU O 120 -11.93 25.10 -16.81
C LEU O 120 -10.92 24.11 -17.33
N VAL O 121 -11.37 23.16 -18.15
CA VAL O 121 -10.51 22.17 -18.79
C VAL O 121 -10.55 22.41 -20.28
N THR O 122 -9.39 22.69 -20.87
CA THR O 122 -9.26 22.91 -22.30
C THR O 122 -8.71 21.65 -22.94
N VAL O 123 -9.45 21.09 -23.89
CA VAL O 123 -8.98 19.93 -24.63
C VAL O 123 -8.30 20.43 -25.90
N SER O 124 -6.98 20.27 -25.95
CA SER O 124 -6.18 20.78 -27.05
C SER O 124 -4.82 20.09 -27.05
N SER O 125 -4.29 19.84 -28.24
CA SER O 125 -2.94 19.31 -28.35
C SER O 125 -1.88 20.40 -28.30
N ALA O 126 -2.29 21.66 -28.26
CA ALA O 126 -1.35 22.77 -28.30
C ALA O 126 -0.53 22.83 -27.01
N SER O 127 0.60 23.51 -27.10
CA SER O 127 1.52 23.65 -25.98
C SER O 127 1.08 24.80 -25.09
N THR O 128 1.46 24.72 -23.83
CA THR O 128 1.20 25.78 -22.87
C THR O 128 2.15 26.95 -23.08
N LYS O 129 1.63 28.17 -22.94
CA LYS O 129 2.47 29.35 -23.09
C LYS O 129 2.10 30.36 -22.01
N GLY O 130 3.11 30.83 -21.28
CA GLY O 130 2.90 31.77 -20.21
C GLY O 130 2.80 33.19 -20.71
N PRO O 131 2.09 34.03 -19.96
CA PRO O 131 1.85 35.40 -20.41
C PRO O 131 2.95 36.38 -20.01
N SER O 132 3.02 37.46 -20.77
CA SER O 132 3.80 38.64 -20.40
C SER O 132 2.89 39.66 -19.73
N VAL O 133 3.39 40.31 -18.68
CA VAL O 133 2.61 41.25 -17.89
C VAL O 133 3.24 42.63 -18.00
N PHE O 134 2.48 43.58 -18.49
CA PHE O 134 2.96 44.93 -18.66
C PHE O 134 2.08 45.91 -17.90
N PRO O 135 2.66 46.94 -17.29
CA PRO O 135 1.86 47.89 -16.52
C PRO O 135 1.13 48.88 -17.41
N LEU O 136 -0.12 49.15 -17.05
CA LEU O 136 -0.87 50.26 -17.61
C LEU O 136 -0.71 51.42 -16.63
N ALA O 137 0.32 52.23 -16.86
CA ALA O 137 0.70 53.28 -15.92
C ALA O 137 -0.39 54.34 -15.83
N PRO O 138 -0.73 54.81 -14.63
CA PRO O 138 -1.73 55.88 -14.53
C PRO O 138 -1.15 57.19 -15.08
N SER O 139 -1.93 57.83 -15.94
CA SER O 139 -1.50 59.05 -16.59
C SER O 139 -2.48 60.19 -16.37
N GLY O 146 -9.08 63.98 -9.79
CA GLY O 146 -9.43 63.39 -8.51
C GLY O 146 -9.21 61.88 -8.44
N THR O 147 -9.60 61.17 -9.49
CA THR O 147 -9.45 59.72 -9.53
C THR O 147 -8.51 59.33 -10.67
N ALA O 148 -7.75 58.26 -10.46
CA ALA O 148 -6.80 57.78 -11.43
C ALA O 148 -7.10 56.33 -11.77
N ALA O 149 -6.74 55.92 -12.98
CA ALA O 149 -6.92 54.55 -13.44
C ALA O 149 -5.55 53.97 -13.74
N LEU O 150 -5.32 52.73 -13.31
CA LEU O 150 -4.08 52.02 -13.60
C LEU O 150 -4.43 50.55 -13.78
N GLY O 151 -3.52 49.80 -14.40
CA GLY O 151 -3.84 48.41 -14.62
C GLY O 151 -2.68 47.60 -15.15
N CYS O 152 -3.02 46.37 -15.55
CA CYS O 152 -2.06 45.40 -16.08
C CYS O 152 -2.55 44.87 -17.42
N LEU O 153 -1.61 44.68 -18.34
CA LEU O 153 -1.90 44.03 -19.61
C LEU O 153 -1.26 42.65 -19.57
N VAL O 154 -2.10 41.61 -19.57
CA VAL O 154 -1.63 40.22 -19.52
C VAL O 154 -1.71 39.67 -20.93
N LYS O 155 -0.56 39.56 -21.60
CA LYS O 155 -0.53 39.34 -23.05
C LYS O 155 0.11 38.01 -23.41
N ASP O 156 -0.49 37.36 -24.43
CA ASP O 156 0.10 36.23 -25.17
C ASP O 156 0.30 34.99 -24.30
N TYR O 157 -0.83 34.36 -23.95
CA TYR O 157 -0.79 33.11 -23.20
C TYR O 157 -1.77 32.12 -23.80
N PHE O 158 -1.58 30.84 -23.44
CA PHE O 158 -2.42 29.73 -23.84
C PHE O 158 -2.22 28.55 -22.90
N PRO O 159 -3.29 27.88 -22.45
CA PRO O 159 -4.67 28.30 -22.71
C PRO O 159 -5.22 29.17 -21.61
N GLU O 160 -6.53 29.41 -21.65
CA GLU O 160 -7.21 30.05 -20.54
C GLU O 160 -7.23 29.11 -19.33
N PRO O 161 -7.40 29.64 -18.12
CA PRO O 161 -7.56 31.06 -17.77
C PRO O 161 -6.36 31.66 -17.05
N VAL O 162 -6.32 32.99 -16.94
CA VAL O 162 -5.42 33.66 -16.02
C VAL O 162 -6.26 34.31 -14.92
N THR O 163 -5.67 34.38 -13.73
CA THR O 163 -6.28 35.00 -12.58
C THR O 163 -5.56 36.31 -12.30
N VAL O 164 -6.32 37.37 -12.03
CA VAL O 164 -5.74 38.65 -11.64
C VAL O 164 -6.37 39.10 -10.34
N SER O 165 -5.53 39.41 -9.36
CA SER O 165 -5.95 40.07 -8.14
C SER O 165 -5.11 41.33 -7.96
N TRP O 166 -5.48 42.16 -6.98
CA TRP O 166 -4.77 43.39 -6.72
C TRP O 166 -4.39 43.46 -5.25
N ASN O 167 -3.12 43.79 -4.98
CA ASN O 167 -2.57 43.85 -3.64
C ASN O 167 -2.81 42.55 -2.89
N SER O 168 -2.53 41.43 -3.56
CA SER O 168 -2.67 40.09 -2.99
C SER O 168 -4.10 39.80 -2.53
N GLY O 169 -5.07 40.46 -3.17
CA GLY O 169 -6.47 40.30 -2.84
C GLY O 169 -7.05 41.38 -1.96
N ALA O 170 -6.21 42.23 -1.36
CA ALA O 170 -6.68 43.28 -0.46
C ALA O 170 -7.45 44.38 -1.16
N LEU O 171 -7.25 44.58 -2.46
CA LEU O 171 -7.92 45.64 -3.22
C LEU O 171 -8.93 45.02 -4.17
N THR O 172 -10.22 45.30 -3.95
CA THR O 172 -11.25 44.75 -4.81
C THR O 172 -12.20 45.81 -5.38
N SER O 173 -12.47 46.86 -4.61
CA SER O 173 -13.39 47.90 -5.08
C SER O 173 -12.79 48.69 -6.23
N GLY O 174 -13.57 48.87 -7.29
CA GLY O 174 -13.14 49.56 -8.48
C GLY O 174 -12.39 48.72 -9.49
N VAL O 175 -12.15 47.45 -9.19
CA VAL O 175 -11.39 46.58 -10.08
C VAL O 175 -12.30 46.07 -11.19
N HIS O 176 -11.79 46.11 -12.42
CA HIS O 176 -12.47 45.51 -13.57
C HIS O 176 -11.45 44.63 -14.31
N THR O 177 -11.64 43.32 -14.25
CA THR O 177 -10.84 42.39 -15.05
C THR O 177 -11.65 41.97 -16.27
N PHE O 178 -11.14 42.31 -17.44
CA PHE O 178 -11.89 42.16 -18.66
C PHE O 178 -11.81 40.74 -19.23
N PRO O 179 -12.83 40.29 -19.95
CA PRO O 179 -12.76 38.98 -20.62
C PRO O 179 -11.58 38.87 -21.56
N ALA O 180 -10.98 37.68 -21.60
CA ALA O 180 -9.85 37.43 -22.48
C ALA O 180 -10.26 37.60 -23.93
N VAL O 181 -9.27 37.94 -24.76
CA VAL O 181 -9.48 38.17 -26.18
C VAL O 181 -8.51 37.29 -26.96
N LEU O 182 -9.05 36.55 -27.92
CA LEU O 182 -8.24 35.70 -28.78
C LEU O 182 -7.67 36.51 -29.94
N GLN O 183 -6.37 36.41 -30.15
CA GLN O 183 -5.69 37.13 -31.22
C GLN O 183 -5.47 36.20 -32.41
N SER O 184 -5.10 36.83 -33.55
CA SER O 184 -4.87 36.07 -34.77
C SER O 184 -3.83 34.99 -34.58
N SER O 185 -2.86 35.20 -33.68
CA SER O 185 -1.81 34.23 -33.43
C SER O 185 -2.33 32.97 -32.74
N GLY O 186 -3.56 33.00 -32.22
CA GLY O 186 -4.09 31.91 -31.45
C GLY O 186 -3.86 32.03 -29.95
N LEU O 187 -3.18 33.07 -29.50
CA LEU O 187 -2.91 33.29 -28.09
C LEU O 187 -3.92 34.29 -27.50
N TYR O 188 -4.06 34.20 -26.18
CA TYR O 188 -5.03 34.98 -25.43
C TYR O 188 -4.38 36.23 -24.83
N SER O 189 -5.23 37.20 -24.49
CA SER O 189 -4.75 38.43 -23.90
C SER O 189 -5.90 39.11 -23.18
N LEU O 190 -5.61 39.63 -21.98
CA LEU O 190 -6.58 40.42 -21.24
C LEU O 190 -5.88 41.54 -20.50
N SER O 191 -6.69 42.46 -19.99
CA SER O 191 -6.23 43.56 -19.17
C SER O 191 -7.08 43.63 -17.92
N SER O 192 -6.46 44.09 -16.83
CA SER O 192 -7.17 44.35 -15.59
C SER O 192 -6.86 45.78 -15.16
N VAL O 193 -7.91 46.53 -14.81
CA VAL O 193 -7.76 47.93 -14.45
C VAL O 193 -8.41 48.15 -13.09
N VAL O 194 -8.00 49.23 -12.44
CA VAL O 194 -8.56 49.63 -11.15
C VAL O 194 -8.51 51.15 -11.05
N THR O 195 -9.55 51.75 -10.48
CA THR O 195 -9.59 53.19 -10.25
C THR O 195 -9.28 53.45 -8.78
N VAL O 196 -8.37 54.38 -8.53
CA VAL O 196 -7.95 54.73 -7.19
C VAL O 196 -7.89 56.24 -7.06
N PRO O 197 -7.91 56.76 -5.84
CA PRO O 197 -7.73 58.20 -5.67
C PRO O 197 -6.33 58.62 -6.13
N SER O 198 -6.28 59.75 -6.84
CA SER O 198 -4.99 60.23 -7.34
C SER O 198 -4.02 60.55 -6.22
N SER O 199 -4.53 60.93 -5.05
CA SER O 199 -3.67 61.30 -3.92
C SER O 199 -2.94 60.11 -3.33
N SER O 200 -3.37 58.88 -3.64
CA SER O 200 -2.74 57.69 -3.10
C SER O 200 -1.62 57.17 -3.99
N LEU O 201 -1.34 57.81 -5.12
CA LEU O 201 -0.35 57.28 -6.06
C LEU O 201 1.06 57.36 -5.47
N GLY O 202 1.36 58.45 -4.77
CA GLY O 202 2.66 58.61 -4.17
C GLY O 202 2.83 57.96 -2.82
N THR O 203 1.77 57.36 -2.28
CA THR O 203 1.83 56.71 -0.97
C THR O 203 1.55 55.21 -1.02
N GLN O 204 0.39 54.80 -1.54
CA GLN O 204 0.03 53.38 -1.61
C GLN O 204 0.60 52.70 -2.86
N THR O 205 0.89 51.40 -2.72
CA THR O 205 1.33 50.58 -3.83
C THR O 205 0.20 49.79 -4.47
N TYR O 206 0.28 49.69 -5.78
CA TYR O 206 -0.68 48.93 -6.55
C TYR O 206 0.10 47.88 -7.33
N ILE O 207 -0.11 46.62 -6.96
CA ILE O 207 0.53 45.48 -7.59
C ILE O 207 -0.58 44.55 -8.06
N CYS O 208 -0.53 44.16 -9.33
CA CYS O 208 -1.43 43.14 -9.83
C CYS O 208 -0.73 41.79 -9.78
N ASN O 209 -1.47 40.77 -9.35
CA ASN O 209 -0.96 39.41 -9.19
C ASN O 209 -1.59 38.55 -10.26
N VAL O 210 -0.78 38.14 -11.25
CA VAL O 210 -1.24 37.32 -12.36
C VAL O 210 -0.80 35.88 -12.15
N ASN O 211 -1.76 34.96 -12.25
CA ASN O 211 -1.52 33.53 -12.11
C ASN O 211 -2.04 32.82 -13.34
N HIS O 212 -1.20 31.98 -13.96
CA HIS O 212 -1.57 31.17 -15.11
C HIS O 212 -1.19 29.74 -14.79
N LYS O 213 -2.11 29.02 -14.14
CA LYS O 213 -1.81 27.67 -13.68
C LYS O 213 -1.37 26.70 -14.78
N PRO O 214 -1.95 26.70 -15.98
CA PRO O 214 -1.45 25.79 -17.03
C PRO O 214 0.04 25.91 -17.29
N SER O 215 0.61 27.10 -17.18
CA SER O 215 2.03 27.30 -17.38
C SER O 215 2.82 27.42 -16.08
N ASN O 216 2.17 27.30 -14.92
CA ASN O 216 2.85 27.43 -13.63
C ASN O 216 3.53 28.78 -13.48
N THR O 217 2.97 29.83 -14.09
CA THR O 217 3.59 31.14 -14.02
C THR O 217 2.80 32.03 -13.08
N LYS O 218 3.50 32.69 -12.16
CA LYS O 218 2.89 33.60 -11.20
C LYS O 218 3.74 34.87 -11.18
N VAL O 219 3.22 35.95 -11.74
CA VAL O 219 3.95 37.20 -11.91
C VAL O 219 3.26 38.29 -11.11
N ASP O 220 4.07 39.12 -10.44
CA ASP O 220 3.58 40.28 -9.70
C ASP O 220 4.23 41.54 -10.26
N LYS O 221 3.43 42.41 -10.87
CA LYS O 221 3.92 43.64 -11.47
C LYS O 221 3.45 44.84 -10.67
N LYS O 222 4.40 45.66 -10.24
CA LYS O 222 4.10 46.89 -9.50
C LYS O 222 3.83 48.02 -10.50
N VAL O 223 2.74 48.74 -10.31
CA VAL O 223 2.32 49.78 -11.26
C VAL O 223 2.69 51.14 -10.68
N GLU O 224 3.51 51.91 -11.42
CA GLU O 224 4.03 53.19 -11.05
C GLU O 224 3.67 54.26 -12.08
N PRO O 225 3.49 55.51 -11.65
CA PRO O 225 3.28 56.59 -12.63
C PRO O 225 4.56 56.87 -13.41
N LYS O 226 4.42 56.90 -14.73
CA LYS O 226 5.55 57.21 -15.61
C LYS O 226 5.45 58.62 -16.16
N ASP P 6 -35.15 11.65 -23.88
CA ASP P 6 -35.01 12.21 -22.55
C ASP P 6 -35.97 13.38 -22.37
N ILE P 7 -36.22 13.75 -21.12
CA ILE P 7 -37.12 14.86 -20.85
C ILE P 7 -36.38 16.17 -21.09
N GLN P 8 -36.98 17.05 -21.88
CA GLN P 8 -36.36 18.31 -22.27
C GLN P 8 -37.06 19.47 -21.57
N MET P 9 -36.28 20.41 -21.08
CA MET P 9 -36.79 21.63 -20.43
C MET P 9 -36.65 22.79 -21.40
N THR P 10 -37.77 23.38 -21.80
CA THR P 10 -37.77 24.54 -22.66
C THR P 10 -37.93 25.78 -21.78
N GLN P 11 -36.85 26.54 -21.64
CA GLN P 11 -36.82 27.73 -20.81
C GLN P 11 -37.01 28.97 -21.69
N SER P 12 -37.78 29.93 -21.18
CA SER P 12 -38.09 31.11 -21.95
C SER P 12 -38.32 32.27 -20.99
N PRO P 13 -37.92 33.50 -21.36
CA PRO P 13 -37.22 33.85 -22.61
C PRO P 13 -35.72 33.57 -22.55
N SER P 14 -35.02 33.76 -23.67
CA SER P 14 -33.56 33.61 -23.65
C SER P 14 -32.91 34.75 -22.89
N SER P 15 -33.42 35.96 -23.06
CA SER P 15 -32.92 37.12 -22.36
C SER P 15 -34.06 38.11 -22.17
N LEU P 16 -33.99 38.87 -21.09
CA LEU P 16 -34.97 39.92 -20.83
C LEU P 16 -34.28 41.09 -20.17
N SER P 17 -34.89 42.25 -20.29
CA SER P 17 -34.37 43.48 -19.73
C SER P 17 -35.46 44.10 -18.87
N ALA P 18 -35.18 44.28 -17.59
CA ALA P 18 -36.17 44.81 -16.66
C ALA P 18 -35.54 45.82 -15.70
N SER P 19 -36.38 46.72 -15.21
CA SER P 19 -35.95 47.78 -14.31
C SER P 19 -35.98 47.33 -12.86
N VAL P 20 -35.22 48.05 -12.02
CA VAL P 20 -35.22 47.78 -10.59
C VAL P 20 -36.62 48.00 -10.03
N GLY P 21 -37.11 47.03 -9.27
CA GLY P 21 -38.46 47.06 -8.74
C GLY P 21 -39.48 46.31 -9.57
N ASP P 22 -39.14 45.94 -10.80
CA ASP P 22 -40.10 45.23 -11.63
C ASP P 22 -40.28 43.79 -11.17
N ARG P 23 -41.30 43.15 -11.71
CA ARG P 23 -41.59 41.75 -11.48
C ARG P 23 -41.12 40.97 -12.70
N VAL P 24 -40.15 40.09 -12.51
CA VAL P 24 -39.56 39.28 -13.56
C VAL P 24 -40.16 37.88 -13.49
N THR P 25 -40.57 37.36 -14.65
CA THR P 25 -41.17 36.03 -14.73
C THR P 25 -40.41 35.21 -15.75
N ILE P 26 -39.85 34.09 -15.32
CA ILE P 26 -39.18 33.15 -16.20
C ILE P 26 -39.96 31.84 -16.15
N THR P 27 -40.26 31.27 -17.32
CA THR P 27 -41.01 30.04 -17.38
C THR P 27 -40.16 28.93 -17.99
N CYS P 28 -40.47 27.71 -17.57
CA CYS P 28 -39.74 26.53 -18.02
C CYS P 28 -40.78 25.44 -18.20
N ARG P 29 -40.71 24.76 -19.35
CA ARG P 29 -41.72 23.78 -19.75
C ARG P 29 -41.05 22.42 -19.98
N ALA P 30 -41.58 21.38 -19.36
CA ALA P 30 -41.04 20.04 -19.49
C ALA P 30 -41.78 19.29 -20.62
N SER P 31 -41.03 18.47 -21.36
CA SER P 31 -41.62 17.77 -22.50
C SER P 31 -42.64 16.72 -22.07
N GLN P 32 -42.54 16.22 -20.83
CA GLN P 32 -43.59 15.41 -20.26
C GLN P 32 -43.66 15.74 -18.77
N GLY P 33 -44.67 15.20 -18.08
CA GLY P 33 -44.86 15.54 -16.68
C GLY P 33 -43.71 15.08 -15.81
N ILE P 34 -43.30 15.95 -14.87
CA ILE P 34 -42.19 15.66 -13.96
C ILE P 34 -42.56 15.97 -12.52
N ARG P 35 -43.85 15.91 -12.19
CA ARG P 35 -44.33 16.28 -10.86
C ARG P 35 -43.78 17.63 -10.42
N ASN P 36 -43.00 17.66 -9.33
CA ASN P 36 -42.38 18.90 -8.88
C ASN P 36 -40.88 18.74 -8.73
N ASP P 37 -40.28 17.87 -9.54
CA ASP P 37 -38.84 17.60 -9.48
C ASP P 37 -38.08 18.66 -10.29
N LEU P 38 -38.24 19.91 -9.85
CA LEU P 38 -37.72 21.07 -10.56
C LEU P 38 -36.96 21.97 -9.58
N GLY P 39 -35.83 22.48 -10.03
CA GLY P 39 -35.06 23.43 -9.25
C GLY P 39 -34.66 24.63 -10.09
N TRP P 40 -34.50 25.77 -9.41
CA TRP P 40 -34.13 27.02 -10.06
C TRP P 40 -32.79 27.49 -9.54
N TYR P 41 -31.90 27.87 -10.46
CA TYR P 41 -30.54 28.22 -10.13
C TYR P 41 -30.18 29.59 -10.70
N GLN P 42 -29.33 30.30 -9.99
CA GLN P 42 -28.87 31.62 -10.40
C GLN P 42 -27.35 31.58 -10.54
N GLN P 43 -26.85 32.03 -11.70
CA GLN P 43 -25.42 32.01 -11.98
C GLN P 43 -24.95 33.41 -12.31
N LYS P 44 -24.15 33.98 -11.43
CA LYS P 44 -23.57 35.30 -11.63
C LYS P 44 -22.22 35.15 -12.34
N PRO P 45 -21.75 36.20 -13.01
CA PRO P 45 -20.56 36.06 -13.87
C PRO P 45 -19.38 35.41 -13.16
N GLY P 46 -18.79 34.41 -13.82
CA GLY P 46 -17.62 33.73 -13.32
C GLY P 46 -17.81 32.88 -12.09
N LYS P 47 -19.04 32.66 -11.64
CA LYS P 47 -19.28 31.90 -10.42
C LYS P 47 -20.09 30.65 -10.73
N ALA P 48 -20.14 29.76 -9.76
CA ALA P 48 -20.92 28.54 -9.94
C ALA P 48 -22.40 28.85 -9.76
N PRO P 49 -23.27 28.05 -10.38
CA PRO P 49 -24.71 28.25 -10.17
C PRO P 49 -25.05 28.13 -8.69
N LYS P 50 -25.98 29.00 -8.25
CA LYS P 50 -26.46 29.03 -6.87
C LYS P 50 -27.91 28.57 -6.83
N LEU P 51 -28.21 27.69 -5.90
CA LEU P 51 -29.57 27.18 -5.76
C LEU P 51 -30.47 28.25 -5.16
N LEU P 52 -31.60 28.50 -5.81
CA LEU P 52 -32.60 29.45 -5.33
C LEU P 52 -33.83 28.74 -4.78
N ILE P 53 -34.43 27.86 -5.58
CA ILE P 53 -35.65 27.15 -5.23
C ILE P 53 -35.47 25.69 -5.63
N TYR P 54 -35.88 24.79 -4.74
CA TYR P 54 -35.92 23.37 -5.03
C TYR P 54 -37.34 22.87 -4.86
N ALA P 55 -37.61 21.71 -5.47
CA ALA P 55 -38.94 21.10 -5.45
C ALA P 55 -39.98 22.09 -5.94
N ALA P 56 -39.64 22.79 -7.03
CA ALA P 56 -40.53 23.68 -7.76
C ALA P 56 -40.85 24.96 -7.01
N SER P 57 -41.09 24.88 -5.70
CA SER P 57 -41.60 26.05 -4.99
C SER P 57 -41.00 26.26 -3.61
N SER P 58 -40.02 25.46 -3.18
CA SER P 58 -39.45 25.60 -1.84
C SER P 58 -38.24 26.52 -1.89
N LEU P 59 -38.29 27.60 -1.10
CA LEU P 59 -37.22 28.57 -1.07
C LEU P 59 -36.04 28.07 -0.23
N GLN P 60 -34.84 28.13 -0.80
CA GLN P 60 -33.62 27.75 -0.10
C GLN P 60 -33.30 28.76 1.00
N SER P 61 -32.72 28.25 2.10
CA SER P 61 -32.31 29.14 3.19
C SER P 61 -31.33 30.20 2.71
N GLY P 62 -31.53 31.42 3.19
CA GLY P 62 -30.70 32.54 2.83
C GLY P 62 -31.13 33.28 1.58
N VAL P 63 -31.88 32.63 0.71
CA VAL P 63 -32.36 33.29 -0.51
C VAL P 63 -33.41 34.34 -0.13
N PRO P 64 -33.36 35.55 -0.70
CA PRO P 64 -34.37 36.56 -0.37
C PRO P 64 -35.78 36.14 -0.76
N SER P 65 -36.75 36.59 0.03
CA SER P 65 -38.14 36.19 -0.15
C SER P 65 -38.76 36.70 -1.44
N ARG P 66 -38.10 37.60 -2.16
CA ARG P 66 -38.63 38.09 -3.43
C ARG P 66 -38.55 37.03 -4.54
N PHE P 67 -37.82 35.94 -4.34
CA PHE P 67 -37.83 34.81 -5.25
C PHE P 67 -38.91 33.82 -4.86
N SER P 68 -39.59 33.25 -5.85
CA SER P 68 -40.63 32.26 -5.60
C SER P 68 -40.83 31.43 -6.86
N GLY P 69 -41.10 30.15 -6.66
CA GLY P 69 -41.38 29.24 -7.76
C GLY P 69 -42.76 28.63 -7.64
N SER P 70 -43.32 28.26 -8.78
CA SER P 70 -44.65 27.65 -8.78
C SER P 70 -44.77 26.70 -9.97
N GLY P 71 -45.75 25.82 -9.89
CA GLY P 71 -46.02 24.90 -10.97
C GLY P 71 -45.81 23.44 -10.61
N SER P 72 -46.45 22.57 -11.39
CA SER P 72 -46.38 21.13 -11.22
C SER P 72 -46.75 20.49 -12.55
N GLY P 73 -46.09 19.39 -12.88
CA GLY P 73 -46.36 18.70 -14.11
C GLY P 73 -45.43 19.11 -15.24
N THR P 74 -45.86 20.06 -16.07
CA THR P 74 -45.07 20.50 -17.20
C THR P 74 -44.77 21.99 -17.22
N ASP P 75 -45.50 22.82 -16.47
CA ASP P 75 -45.35 24.28 -16.53
C ASP P 75 -44.84 24.79 -15.19
N PHE P 76 -43.70 25.47 -15.21
CA PHE P 76 -43.07 25.99 -14.01
C PHE P 76 -42.68 27.44 -14.22
N THR P 77 -42.63 28.19 -13.12
CA THR P 77 -42.42 29.62 -13.19
C THR P 77 -41.51 30.08 -12.06
N LEU P 78 -40.43 30.76 -12.41
CA LEU P 78 -39.63 31.49 -11.44
C LEU P 78 -39.98 32.96 -11.51
N THR P 79 -40.28 33.56 -10.37
CA THR P 79 -40.71 34.96 -10.29
C THR P 79 -39.81 35.71 -9.34
N ILE P 80 -39.28 36.84 -9.80
CA ILE P 80 -38.56 37.79 -8.96
C ILE P 80 -39.48 38.97 -8.77
N SER P 81 -40.01 39.12 -7.55
CA SER P 81 -41.11 40.06 -7.33
C SER P 81 -40.65 41.50 -7.44
N SER P 82 -39.43 41.81 -6.97
CA SER P 82 -38.90 43.18 -6.97
C SER P 82 -37.43 43.13 -7.40
N LEU P 83 -37.20 43.34 -8.69
CA LEU P 83 -35.86 43.15 -9.26
C LEU P 83 -34.87 44.12 -8.64
N GLN P 84 -33.70 43.61 -8.27
CA GLN P 84 -32.63 44.37 -7.66
C GLN P 84 -31.38 44.32 -8.54
N PRO P 85 -30.50 45.31 -8.43
CA PRO P 85 -29.29 45.30 -9.27
C PRO P 85 -28.45 44.04 -9.14
N GLU P 86 -28.32 43.49 -7.93
CA GLU P 86 -27.52 42.28 -7.73
C GLU P 86 -28.15 41.04 -8.36
N ASP P 87 -29.39 41.12 -8.82
CA ASP P 87 -30.07 40.00 -9.46
C ASP P 87 -29.66 39.80 -10.92
N PHE P 88 -28.78 40.64 -11.46
CA PHE P 88 -28.25 40.39 -12.79
C PHE P 88 -27.52 39.06 -12.80
N ALA P 89 -27.99 38.14 -13.63
CA ALA P 89 -27.42 36.80 -13.70
C ALA P 89 -28.10 36.07 -14.85
N THR P 90 -27.64 34.85 -15.07
CA THR P 90 -28.31 33.89 -15.94
C THR P 90 -28.99 32.88 -15.05
N TYR P 91 -30.27 32.62 -15.30
CA TYR P 91 -31.07 31.73 -14.49
C TYR P 91 -31.33 30.43 -15.24
N TYR P 92 -31.32 29.33 -14.50
CA TYR P 92 -31.46 28.00 -15.06
C TYR P 92 -32.52 27.22 -14.29
N CYS P 93 -33.37 26.50 -15.02
CA CYS P 93 -34.18 25.46 -14.40
C CYS P 93 -33.46 24.13 -14.54
N LEU P 94 -33.76 23.22 -13.61
CA LEU P 94 -33.22 21.87 -13.62
C LEU P 94 -34.31 20.89 -13.21
N GLN P 95 -34.47 19.81 -13.98
CA GLN P 95 -35.37 18.74 -13.59
C GLN P 95 -34.54 17.50 -13.31
N ASP P 96 -34.96 16.71 -12.32
CA ASP P 96 -34.25 15.47 -12.01
C ASP P 96 -35.23 14.32 -11.85
N TYR P 97 -36.28 14.33 -12.66
CA TYR P 97 -37.24 13.24 -12.66
C TYR P 97 -36.61 11.97 -13.21
N ASN P 98 -36.96 10.83 -12.60
CA ASN P 98 -36.41 9.53 -12.98
C ASN P 98 -34.89 9.45 -12.86
N TYR P 99 -34.30 10.25 -11.97
CA TYR P 99 -32.84 10.30 -11.80
C TYR P 99 -32.13 10.54 -13.12
N LEU P 100 -32.76 11.26 -14.04
CA LEU P 100 -32.12 11.66 -15.29
C LEU P 100 -32.26 13.18 -15.40
N LEU P 101 -31.15 13.89 -15.32
CA LEU P 101 -31.18 15.34 -15.14
C LEU P 101 -30.95 16.08 -16.46
N THR P 102 -31.68 17.17 -16.65
CA THR P 102 -31.53 18.05 -17.80
C THR P 102 -31.79 19.48 -17.34
N PHE P 103 -30.99 20.40 -17.86
CA PHE P 103 -31.13 21.81 -17.55
C PHE P 103 -31.86 22.52 -18.69
N GLY P 104 -32.53 23.61 -18.34
CA GLY P 104 -33.02 24.50 -19.36
C GLY P 104 -31.87 25.29 -19.98
N GLY P 105 -32.18 25.94 -21.10
CA GLY P 105 -31.19 26.68 -21.86
C GLY P 105 -30.67 27.92 -21.16
N GLY P 106 -31.35 28.41 -20.15
CA GLY P 106 -30.91 29.56 -19.39
C GLY P 106 -31.62 30.84 -19.81
N THR P 107 -31.80 31.75 -18.85
CA THR P 107 -32.41 33.05 -19.10
C THR P 107 -31.49 34.12 -18.55
N LYS P 108 -31.01 35.00 -19.43
CA LYS P 108 -30.17 36.13 -19.01
C LYS P 108 -31.06 37.31 -18.61
N VAL P 109 -30.89 37.78 -17.37
CA VAL P 109 -31.69 38.88 -16.84
C VAL P 109 -30.80 40.12 -16.75
N GLU P 110 -31.06 41.11 -17.62
CA GLU P 110 -30.33 42.36 -17.64
C GLU P 110 -31.14 43.45 -16.93
N ILE P 111 -30.43 44.39 -16.30
CA ILE P 111 -31.04 45.47 -15.55
C ILE P 111 -31.07 46.71 -16.44
N LYS P 112 -32.24 47.34 -16.54
CA LYS P 112 -32.40 48.57 -17.31
C LYS P 112 -32.33 49.74 -16.34
N ARG P 113 -31.46 50.70 -16.63
CA ARG P 113 -31.23 51.83 -15.74
C ARG P 113 -31.02 53.09 -16.56
N THR P 114 -30.79 54.20 -15.87
CA THR P 114 -30.58 55.48 -16.52
C THR P 114 -29.25 55.51 -17.26
N VAL P 115 -29.16 56.42 -18.23
CA VAL P 115 -27.96 56.56 -19.04
C VAL P 115 -26.81 57.05 -18.17
N ALA P 116 -25.64 56.42 -18.31
CA ALA P 116 -24.43 56.84 -17.63
C ALA P 116 -23.32 56.98 -18.65
N ALA P 117 -22.66 58.15 -18.65
CA ALA P 117 -21.55 58.38 -19.58
C ALA P 117 -20.27 57.73 -19.08
N PRO P 118 -19.43 57.24 -19.98
CA PRO P 118 -18.19 56.59 -19.54
C PRO P 118 -17.11 57.59 -19.16
N SER P 119 -16.26 57.17 -18.24
CA SER P 119 -14.99 57.84 -17.97
C SER P 119 -13.91 57.20 -18.83
N VAL P 120 -13.13 58.02 -19.52
CA VAL P 120 -12.21 57.54 -20.54
C VAL P 120 -10.78 57.76 -20.09
N PHE P 121 -9.96 56.71 -20.20
CA PHE P 121 -8.54 56.76 -19.87
C PHE P 121 -7.75 56.11 -20.99
N ILE P 122 -6.56 56.64 -21.25
CA ILE P 122 -5.67 56.11 -22.27
C ILE P 122 -4.33 55.78 -21.64
N PHE P 123 -3.77 54.62 -22.00
CA PHE P 123 -2.54 54.13 -21.41
C PHE P 123 -1.47 53.96 -22.50
N PRO P 124 -0.30 54.57 -22.35
CA PRO P 124 0.76 54.39 -23.32
C PRO P 124 1.38 53.00 -23.18
N PRO P 125 2.12 52.54 -24.20
CA PRO P 125 2.82 51.27 -24.06
C PRO P 125 3.90 51.35 -23.00
N SER P 126 4.02 50.29 -22.20
CA SER P 126 5.09 50.24 -21.22
C SER P 126 6.45 50.17 -21.91
N ASP P 127 7.48 50.62 -21.20
CA ASP P 127 8.81 50.59 -21.79
C ASP P 127 9.34 49.16 -21.92
N GLU P 128 8.97 48.27 -20.99
CA GLU P 128 9.44 46.89 -21.09
C GLU P 128 8.75 46.14 -22.22
N GLN P 129 7.53 46.53 -22.60
CA GLN P 129 6.94 45.93 -23.79
C GLN P 129 7.61 46.43 -25.06
N LEU P 130 8.07 47.69 -25.07
CA LEU P 130 8.76 48.19 -26.25
C LEU P 130 10.10 47.51 -26.49
N LYS P 131 10.58 46.70 -25.53
CA LYS P 131 11.72 45.83 -25.79
C LYS P 131 11.35 44.62 -26.64
N SER P 132 10.06 44.35 -26.83
CA SER P 132 9.62 43.12 -27.48
C SER P 132 9.31 43.26 -28.96
N GLY P 133 9.16 44.49 -29.46
CA GLY P 133 8.90 44.70 -30.87
C GLY P 133 7.45 45.01 -31.21
N THR P 134 6.55 45.00 -30.22
CA THR P 134 5.18 45.40 -30.42
C THR P 134 4.79 46.40 -29.34
N ALA P 135 3.87 47.30 -29.69
CA ALA P 135 3.39 48.33 -28.79
C ALA P 135 1.88 48.17 -28.63
N SER P 136 1.40 48.23 -27.38
CA SER P 136 -0.02 48.11 -27.09
C SER P 136 -0.50 49.40 -26.43
N VAL P 137 -1.42 50.09 -27.10
CA VAL P 137 -2.10 51.24 -26.54
C VAL P 137 -3.48 50.79 -26.08
N VAL P 138 -3.83 51.11 -24.83
CA VAL P 138 -5.06 50.62 -24.23
C VAL P 138 -5.95 51.82 -23.90
N CYS P 139 -7.23 51.69 -24.23
CA CYS P 139 -8.22 52.70 -23.91
C CYS P 139 -9.30 52.11 -23.02
N LEU P 140 -9.60 52.78 -21.91
CA LEU P 140 -10.55 52.30 -20.91
C LEU P 140 -11.79 53.19 -20.91
N LEU P 141 -12.96 52.57 -21.01
CA LEU P 141 -14.25 53.23 -20.82
C LEU P 141 -14.89 52.65 -19.57
N ASN P 142 -15.06 53.47 -18.55
CA ASN P 142 -15.39 52.98 -17.21
C ASN P 142 -16.80 53.39 -16.81
N ASN P 143 -17.60 52.37 -16.44
CA ASN P 143 -18.89 52.52 -15.77
C ASN P 143 -19.87 53.39 -16.58
N PHE P 144 -20.39 52.80 -17.66
CA PHE P 144 -21.35 53.47 -18.53
C PHE P 144 -22.55 52.58 -18.79
N TYR P 145 -23.64 53.20 -19.24
CA TYR P 145 -24.87 52.52 -19.64
C TYR P 145 -25.60 53.43 -20.62
N PRO P 146 -26.16 52.88 -21.71
CA PRO P 146 -26.22 51.46 -22.07
C PRO P 146 -24.91 50.91 -22.63
N ARG P 147 -24.97 49.67 -23.11
CA ARG P 147 -23.76 48.94 -23.47
C ARG P 147 -23.14 49.47 -24.75
N GLU P 148 -23.95 50.02 -25.66
CA GLU P 148 -23.47 50.45 -26.96
C GLU P 148 -22.54 51.65 -26.83
N ALA P 149 -21.35 51.53 -27.41
CA ALA P 149 -20.35 52.60 -27.39
C ALA P 149 -19.37 52.34 -28.52
N LYS P 150 -18.90 53.41 -29.14
CA LYS P 150 -17.93 53.28 -30.23
C LYS P 150 -16.60 53.91 -29.81
N VAL P 151 -15.51 53.21 -30.14
CA VAL P 151 -14.16 53.67 -29.85
C VAL P 151 -13.41 53.77 -31.17
N GLN P 152 -12.76 54.91 -31.39
CA GLN P 152 -11.96 55.15 -32.58
C GLN P 152 -10.53 55.51 -32.19
N TRP P 153 -9.56 54.94 -32.90
CA TRP P 153 -8.15 55.22 -32.65
C TRP P 153 -7.60 56.18 -33.70
N LYS P 154 -6.81 57.13 -33.25
CA LYS P 154 -6.18 58.12 -34.11
C LYS P 154 -4.69 58.12 -33.87
N VAL P 155 -3.92 57.79 -34.90
CA VAL P 155 -2.47 57.88 -34.86
C VAL P 155 -2.07 59.05 -35.75
N ASP P 156 -1.70 60.17 -35.13
CA ASP P 156 -1.47 61.44 -35.85
C ASP P 156 -2.69 61.82 -36.68
N ASN P 157 -3.86 61.70 -36.06
CA ASN P 157 -5.16 61.95 -36.69
C ASN P 157 -5.33 61.12 -37.97
N ALA P 158 -4.99 59.84 -37.88
CA ALA P 158 -5.25 58.88 -38.95
C ALA P 158 -6.04 57.73 -38.37
N LEU P 159 -7.29 57.59 -38.81
CA LEU P 159 -8.18 56.63 -38.19
C LEU P 159 -7.71 55.21 -38.48
N GLN P 160 -7.79 54.35 -37.46
CA GLN P 160 -7.23 53.01 -37.51
C GLN P 160 -8.35 51.99 -37.63
N SER P 161 -8.04 50.86 -38.27
CA SER P 161 -8.98 49.76 -38.39
C SER P 161 -8.19 48.46 -38.47
N GLY P 162 -8.79 47.40 -37.94
CA GLY P 162 -8.22 46.07 -38.01
C GLY P 162 -7.05 45.81 -37.10
N ASN P 163 -6.60 46.80 -36.33
CA ASN P 163 -5.47 46.64 -35.43
C ASN P 163 -5.88 46.82 -33.97
N SER P 164 -7.17 46.68 -33.67
CA SER P 164 -7.66 46.85 -32.30
C SER P 164 -8.70 45.78 -31.99
N GLN P 165 -8.80 45.43 -30.70
CA GLN P 165 -9.84 44.53 -30.22
C GLN P 165 -10.39 45.09 -28.92
N GLU P 166 -11.65 44.76 -28.64
CA GLU P 166 -12.37 45.30 -27.51
C GLU P 166 -12.89 44.18 -26.63
N SER P 167 -13.02 44.50 -25.34
CA SER P 167 -13.59 43.57 -24.37
C SER P 167 -14.48 44.36 -23.44
N VAL P 168 -15.63 43.79 -23.10
CA VAL P 168 -16.64 44.44 -22.29
C VAL P 168 -16.92 43.58 -21.07
N THR P 169 -16.89 44.18 -19.89
CA THR P 169 -17.29 43.47 -18.69
C THR P 169 -18.79 43.20 -18.69
N GLU P 170 -19.22 42.32 -17.80
CA GLU P 170 -20.64 42.11 -17.60
C GLU P 170 -21.20 43.22 -16.71
N GLN P 171 -22.53 43.25 -16.62
CA GLN P 171 -23.19 44.32 -15.89
C GLN P 171 -22.76 44.29 -14.43
N ASP P 172 -22.39 45.44 -13.90
CA ASP P 172 -21.95 45.51 -12.52
C ASP P 172 -23.09 45.19 -11.56
N SER P 173 -22.78 44.37 -10.54
CA SER P 173 -23.81 43.92 -9.61
C SER P 173 -24.33 45.03 -8.70
N LYS P 174 -23.70 46.20 -8.68
CA LYS P 174 -24.14 47.29 -7.82
C LYS P 174 -24.73 48.47 -8.58
N ASP P 175 -24.05 48.97 -9.61
CA ASP P 175 -24.56 50.11 -10.37
C ASP P 175 -25.09 49.73 -11.76
N SER P 176 -24.99 48.45 -12.14
CA SER P 176 -25.56 47.94 -13.41
C SER P 176 -24.93 48.57 -14.64
N THR P 177 -23.69 49.05 -14.52
CA THR P 177 -23.02 49.64 -15.66
C THR P 177 -22.07 48.64 -16.30
N TYR P 178 -21.51 49.05 -17.42
CA TYR P 178 -20.53 48.29 -18.18
C TYR P 178 -19.20 49.03 -18.18
N SER P 179 -18.14 48.28 -18.44
CA SER P 179 -16.84 48.86 -18.71
C SER P 179 -16.27 48.18 -19.94
N LEU P 180 -15.46 48.93 -20.69
CA LEU P 180 -14.91 48.46 -21.95
C LEU P 180 -13.44 48.81 -22.03
N SER P 181 -12.65 47.91 -22.61
CA SER P 181 -11.24 48.19 -22.87
C SER P 181 -10.98 47.91 -24.34
N SER P 182 -10.30 48.85 -25.00
CA SER P 182 -9.88 48.68 -26.38
C SER P 182 -8.36 48.71 -26.43
N THR P 183 -7.78 47.70 -27.06
CA THR P 183 -6.34 47.58 -27.15
C THR P 183 -5.92 47.75 -28.61
N LEU P 184 -5.16 48.78 -28.88
CA LEU P 184 -4.57 49.01 -30.20
C LEU P 184 -3.14 48.48 -30.17
N THR P 185 -2.84 47.53 -31.05
CA THR P 185 -1.52 46.91 -31.10
C THR P 185 -0.84 47.33 -32.40
N LEU P 186 0.34 47.91 -32.28
CA LEU P 186 1.15 48.32 -33.42
C LEU P 186 2.52 47.67 -33.29
N SER P 187 3.25 47.65 -34.41
CA SER P 187 4.64 47.24 -34.33
C SER P 187 5.46 48.36 -33.69
N LYS P 188 6.50 47.98 -32.95
CA LYS P 188 7.36 48.99 -32.35
C LYS P 188 7.87 49.95 -33.42
N ALA P 189 8.32 49.41 -34.55
CA ALA P 189 8.84 50.25 -35.62
C ALA P 189 7.82 51.28 -36.06
N ASP P 190 6.54 50.91 -36.08
CA ASP P 190 5.50 51.83 -36.52
C ASP P 190 5.02 52.74 -35.40
N TYR P 191 5.14 52.30 -34.14
CA TYR P 191 4.79 53.16 -33.02
C TYR P 191 5.72 54.35 -32.90
N GLU P 192 6.97 54.20 -33.35
CA GLU P 192 7.97 55.25 -33.20
C GLU P 192 7.99 56.21 -34.38
N LYS P 193 7.20 55.94 -35.42
CA LYS P 193 7.10 56.84 -36.56
C LYS P 193 6.17 58.01 -36.30
N HIS P 194 5.33 57.93 -35.28
CA HIS P 194 4.27 58.90 -35.05
C HIS P 194 4.35 59.45 -33.63
N LYS P 195 3.61 60.53 -33.40
CA LYS P 195 3.71 61.29 -32.16
C LYS P 195 2.43 61.27 -31.35
N VAL P 196 1.28 61.56 -31.96
CA VAL P 196 0.02 61.72 -31.25
C VAL P 196 -0.79 60.44 -31.37
N TYR P 197 -1.19 59.88 -30.23
CA TYR P 197 -2.05 58.70 -30.16
C TYR P 197 -3.30 59.06 -29.38
N ALA P 198 -4.44 59.00 -30.06
CA ALA P 198 -5.71 59.45 -29.50
C ALA P 198 -6.71 58.33 -29.45
N CYS P 199 -7.53 58.32 -28.39
CA CYS P 199 -8.67 57.45 -28.27
C CYS P 199 -9.93 58.31 -28.18
N GLU P 200 -10.86 58.12 -29.11
CA GLU P 200 -12.05 58.95 -29.20
C GLU P 200 -13.28 58.07 -29.07
N VAL P 201 -14.16 58.41 -28.12
CA VAL P 201 -15.32 57.58 -27.79
C VAL P 201 -16.59 58.40 -27.96
N THR P 202 -17.62 57.76 -28.52
CA THR P 202 -18.95 58.32 -28.62
C THR P 202 -19.90 57.38 -27.89
N HIS P 203 -20.78 57.95 -27.09
CA HIS P 203 -21.72 57.18 -26.29
C HIS P 203 -22.99 58.02 -26.10
N GLN P 204 -24.09 57.33 -25.82
CA GLN P 204 -25.36 58.03 -25.64
C GLN P 204 -25.28 59.11 -24.57
N GLY P 205 -24.50 58.88 -23.51
CA GLY P 205 -24.39 59.79 -22.40
C GLY P 205 -23.46 60.98 -22.58
N LEU P 206 -22.77 61.09 -23.72
CA LEU P 206 -21.86 62.19 -23.97
C LEU P 206 -22.50 63.15 -24.98
N SER P 207 -22.50 64.43 -24.65
CA SER P 207 -23.05 65.44 -25.54
C SER P 207 -22.30 65.49 -26.87
N SER P 208 -21.02 65.13 -26.86
CA SER P 208 -20.19 65.12 -28.04
C SER P 208 -18.99 64.22 -27.77
N PRO P 209 -18.33 63.72 -28.82
CA PRO P 209 -17.26 62.73 -28.62
C PRO P 209 -16.19 63.23 -27.65
N VAL P 210 -15.75 62.32 -26.78
CA VAL P 210 -14.69 62.59 -25.82
C VAL P 210 -13.40 61.97 -26.36
N THR P 211 -12.31 62.72 -26.32
CA THR P 211 -11.03 62.27 -26.85
C THR P 211 -9.97 62.37 -25.75
N LYS P 212 -9.32 61.24 -25.46
CA LYS P 212 -8.14 61.20 -24.63
C LYS P 212 -6.94 60.85 -25.49
N SER P 213 -5.81 61.51 -25.26
CA SER P 213 -4.66 61.33 -26.11
C SER P 213 -3.38 61.59 -25.32
N PHE P 214 -2.26 61.17 -25.91
CA PHE P 214 -0.93 61.43 -25.36
C PHE P 214 0.04 61.61 -26.51
N ASN P 215 1.23 62.09 -26.18
CA ASN P 215 2.32 62.22 -27.14
C ASN P 215 3.44 61.28 -26.73
N ARG P 216 3.94 60.50 -27.68
CA ARG P 216 4.99 59.54 -27.39
C ARG P 216 6.19 60.26 -26.78
N GLY P 217 6.57 59.84 -25.58
CA GLY P 217 7.57 60.55 -24.81
C GLY P 217 6.99 61.10 -23.52
N GLU P 218 6.97 62.43 -23.40
CA GLU P 218 6.43 63.08 -22.21
C GLU P 218 7.07 62.59 -20.92
N GLN Q 6 -68.46 46.12 -40.44
CA GLN Q 6 -67.17 46.62 -40.91
C GLN Q 6 -67.04 48.12 -40.62
N LEU Q 7 -67.32 48.49 -39.36
CA LEU Q 7 -67.07 49.83 -38.86
C LEU Q 7 -65.61 50.21 -39.11
N GLN Q 8 -65.40 51.41 -39.66
CA GLN Q 8 -64.07 51.92 -39.95
C GLN Q 8 -63.94 53.33 -39.43
N LEU Q 9 -62.75 53.67 -38.94
CA LEU Q 9 -62.46 54.98 -38.38
C LEU Q 9 -61.40 55.65 -39.25
N GLN Q 10 -61.71 56.83 -39.75
CA GLN Q 10 -60.82 57.60 -40.60
C GLN Q 10 -60.57 58.94 -39.93
N GLU Q 11 -59.34 59.18 -39.53
CA GLU Q 11 -59.01 60.45 -38.91
C GLU Q 11 -58.31 61.37 -39.90
N SER Q 12 -58.50 62.67 -39.71
CA SER Q 12 -57.97 63.67 -40.61
C SER Q 12 -57.62 64.92 -39.82
N GLY Q 13 -56.77 65.74 -40.41
CA GLY Q 13 -56.26 66.93 -39.76
C GLY Q 13 -54.81 67.15 -40.11
N PRO Q 14 -54.34 68.39 -39.97
CA PRO Q 14 -52.96 68.71 -40.36
C PRO Q 14 -51.95 67.96 -39.52
N GLY Q 15 -50.89 67.50 -40.17
CA GLY Q 15 -49.80 66.87 -39.46
C GLY Q 15 -48.74 67.82 -38.95
N LEU Q 16 -48.93 69.12 -39.14
CA LEU Q 16 -47.98 70.14 -38.71
C LEU Q 16 -48.73 71.25 -38.00
N VAL Q 17 -48.36 71.49 -36.74
CA VAL Q 17 -48.99 72.50 -35.89
C VAL Q 17 -47.89 73.37 -35.28
N LYS Q 18 -48.04 74.69 -35.40
CA LYS Q 18 -47.03 75.57 -34.83
C LYS Q 18 -47.16 75.62 -33.31
N PRO Q 19 -46.05 75.87 -32.60
CA PRO Q 19 -46.11 75.92 -31.14
C PRO Q 19 -47.08 76.99 -30.66
N SER Q 20 -47.67 76.72 -29.49
CA SER Q 20 -48.61 77.61 -28.79
C SER Q 20 -49.99 77.64 -29.46
N GLU Q 21 -50.10 77.11 -30.67
CA GLU Q 21 -51.39 77.06 -31.35
C GLU Q 21 -52.14 75.78 -30.95
N THR Q 22 -53.26 75.52 -31.63
CA THR Q 22 -54.18 74.46 -31.25
C THR Q 22 -54.10 73.32 -32.25
N LEU Q 23 -53.85 72.12 -31.75
CA LEU Q 23 -53.91 70.90 -32.54
C LEU Q 23 -55.38 70.47 -32.69
N SER Q 24 -55.78 70.15 -33.91
CA SER Q 24 -57.16 69.77 -34.17
C SER Q 24 -57.21 68.56 -35.10
N LEU Q 25 -57.97 67.55 -34.70
CA LEU Q 25 -58.14 66.31 -35.48
C LEU Q 25 -59.58 65.85 -35.40
N THR Q 26 -60.05 65.22 -36.48
CA THR Q 26 -61.43 64.74 -36.58
C THR Q 26 -61.44 63.28 -36.99
N CYS Q 27 -62.32 62.49 -36.38
CA CYS Q 27 -62.47 61.07 -36.68
C CYS Q 27 -63.86 60.85 -37.26
N THR Q 28 -63.91 60.31 -38.48
CA THR Q 28 -65.18 60.03 -39.14
C THR Q 28 -65.49 58.54 -39.07
N VAL Q 29 -66.69 58.21 -38.63
CA VAL Q 29 -67.12 56.83 -38.41
C VAL Q 29 -67.96 56.37 -39.60
N SER Q 30 -67.52 55.31 -40.27
CA SER Q 30 -68.30 54.68 -41.33
C SER Q 30 -68.60 53.24 -40.97
N GLY Q 31 -69.59 52.67 -41.65
CA GLY Q 31 -70.00 51.31 -41.39
C GLY Q 31 -70.76 51.10 -40.10
N GLY Q 32 -71.26 52.17 -39.49
CA GLY Q 32 -71.99 52.08 -38.25
C GLY Q 32 -72.29 53.47 -37.75
N SER Q 33 -73.15 53.54 -36.74
CA SER Q 33 -73.59 54.82 -36.20
C SER Q 33 -72.81 55.15 -34.93
N ILE Q 34 -72.34 56.39 -34.86
CA ILE Q 34 -71.68 56.87 -33.65
C ILE Q 34 -72.69 57.03 -32.51
N SER Q 35 -73.98 57.03 -32.83
CA SER Q 35 -75.04 57.22 -31.84
C SER Q 35 -75.49 55.89 -31.24
N SER Q 36 -74.54 55.20 -30.60
CA SER Q 36 -74.81 53.95 -29.92
C SER Q 36 -74.60 54.11 -28.43
N SER Q 37 -75.56 53.64 -27.64
CA SER Q 37 -75.42 53.75 -26.20
C SER Q 37 -74.42 52.77 -25.61
N SER Q 38 -73.83 51.91 -26.44
CA SER Q 38 -72.91 50.88 -25.96
C SER Q 38 -71.45 51.25 -26.15
N TYR Q 39 -71.16 52.46 -26.65
CA TYR Q 39 -69.80 52.81 -26.99
C TYR Q 39 -69.46 54.21 -26.53
N TYR Q 40 -68.19 54.38 -26.16
CA TYR Q 40 -67.55 55.68 -26.07
C TYR Q 40 -66.60 55.82 -27.25
N TRP Q 41 -66.13 57.05 -27.47
CA TRP Q 41 -65.29 57.35 -28.62
C TRP Q 41 -64.10 58.14 -28.10
N GLY Q 42 -62.91 57.55 -28.19
CA GLY Q 42 -61.78 58.09 -27.49
C GLY Q 42 -60.59 58.45 -28.35
N TRP Q 43 -59.68 59.24 -27.78
CA TRP Q 43 -58.44 59.61 -28.42
C TRP Q 43 -57.29 59.11 -27.57
N ILE Q 44 -56.31 58.49 -28.22
CA ILE Q 44 -55.09 58.02 -27.59
C ILE Q 44 -53.92 58.56 -28.42
N ARG Q 45 -52.84 58.95 -27.77
CA ARG Q 45 -51.67 59.43 -28.50
C ARG Q 45 -50.42 58.67 -28.09
N GLN Q 46 -49.42 58.72 -28.96
CA GLN Q 46 -48.17 57.99 -28.78
C GLN Q 46 -47.01 58.82 -29.30
N PRO Q 47 -46.22 59.42 -28.42
CA PRO Q 47 -45.03 60.14 -28.87
C PRO Q 47 -44.07 59.17 -29.54
N PRO Q 48 -43.29 59.65 -30.52
CA PRO Q 48 -42.39 58.76 -31.27
C PRO Q 48 -41.41 58.06 -30.35
N GLY Q 49 -41.41 56.74 -30.41
CA GLY Q 49 -40.55 55.91 -29.59
C GLY Q 49 -40.98 55.75 -28.15
N LYS Q 50 -42.19 56.18 -27.80
CA LYS Q 50 -42.66 56.15 -26.43
C LYS Q 50 -43.92 55.28 -26.34
N GLY Q 51 -44.54 55.28 -25.17
CA GLY Q 51 -45.71 54.47 -24.92
C GLY Q 51 -47.01 55.18 -25.28
N LEU Q 52 -48.11 54.58 -24.87
CA LEU Q 52 -49.44 55.05 -25.20
C LEU Q 52 -50.02 55.88 -24.06
N GLU Q 53 -50.67 56.99 -24.41
CA GLU Q 53 -51.32 57.87 -23.46
C GLU Q 53 -52.75 58.12 -23.91
N TRP Q 54 -53.71 57.78 -23.05
CA TRP Q 54 -55.12 58.06 -23.31
C TRP Q 54 -55.37 59.54 -23.05
N ILE Q 55 -56.03 60.21 -23.99
CA ILE Q 55 -56.36 61.63 -23.85
C ILE Q 55 -57.74 61.84 -23.27
N GLY Q 56 -58.76 61.21 -23.86
CA GLY Q 56 -60.11 61.34 -23.35
C GLY Q 56 -61.08 60.58 -24.23
N SER Q 57 -62.30 60.44 -23.71
CA SER Q 57 -63.37 59.75 -24.42
C SER Q 57 -64.64 60.58 -24.35
N ILE Q 58 -65.55 60.36 -25.30
CA ILE Q 58 -66.79 61.12 -25.39
C ILE Q 58 -67.94 60.16 -25.73
N TYR Q 59 -69.08 60.41 -25.10
CA TYR Q 59 -70.33 59.72 -25.37
C TYR Q 59 -71.13 60.47 -26.42
N TYR Q 60 -71.99 59.74 -27.13
CA TYR Q 60 -72.74 60.38 -28.21
C TYR Q 60 -73.65 61.49 -27.69
N SER Q 61 -74.04 61.45 -26.41
CA SER Q 61 -74.79 62.54 -25.81
C SER Q 61 -73.94 63.78 -25.55
N GLY Q 62 -72.63 63.62 -25.42
CA GLY Q 62 -71.74 64.73 -25.14
C GLY Q 62 -70.94 64.59 -23.85
N SER Q 63 -71.27 63.61 -23.00
CA SER Q 63 -70.52 63.39 -21.78
C SER Q 63 -69.08 63.02 -22.12
N THR Q 64 -68.14 63.59 -21.36
CA THR Q 64 -66.72 63.37 -21.61
C THR Q 64 -66.01 62.88 -20.36
N TYR Q 65 -64.95 62.13 -20.58
CA TYR Q 65 -63.95 61.80 -19.56
C TYR Q 65 -62.60 62.17 -20.12
N TYR Q 66 -61.86 62.99 -19.41
CA TYR Q 66 -60.56 63.45 -19.87
C TYR Q 66 -59.46 62.89 -18.99
N ASN Q 67 -58.28 62.76 -19.58
CA ASN Q 67 -57.09 62.47 -18.80
C ASN Q 67 -56.79 63.68 -17.92
N PRO Q 68 -56.77 63.54 -16.60
CA PRO Q 68 -56.55 64.72 -15.75
C PRO Q 68 -55.22 65.41 -15.98
N SER Q 69 -54.24 64.74 -16.61
CA SER Q 69 -52.98 65.40 -16.92
C SER Q 69 -53.08 66.34 -18.12
N LEU Q 70 -54.20 66.31 -18.84
CA LEU Q 70 -54.40 67.18 -20.00
C LEU Q 70 -55.74 67.92 -19.94
N LYS Q 71 -56.42 67.88 -18.80
CA LYS Q 71 -57.79 68.39 -18.73
C LYS Q 71 -57.85 69.87 -19.06
N SER Q 72 -56.83 70.64 -18.68
CA SER Q 72 -56.82 72.08 -18.90
C SER Q 72 -56.64 72.45 -20.37
N ARG Q 73 -56.15 71.54 -21.21
CA ARG Q 73 -55.76 71.85 -22.57
C ARG Q 73 -56.56 71.09 -23.63
N VAL Q 74 -57.51 70.25 -23.25
CA VAL Q 74 -58.14 69.32 -24.17
C VAL Q 74 -59.62 69.60 -24.26
N THR Q 75 -60.14 69.54 -25.48
CA THR Q 75 -61.58 69.52 -25.74
C THR Q 75 -61.88 68.40 -26.73
N ILE Q 76 -62.87 67.57 -26.40
CA ILE Q 76 -63.36 66.54 -27.29
C ILE Q 76 -64.83 66.79 -27.54
N SER Q 77 -65.21 66.88 -28.82
CA SER Q 77 -66.58 67.12 -29.22
C SER Q 77 -67.08 65.98 -30.10
N VAL Q 78 -68.40 65.88 -30.24
CA VAL Q 78 -69.05 64.87 -31.06
C VAL Q 78 -70.11 65.54 -31.94
N ASP Q 79 -70.21 65.09 -33.18
CA ASP Q 79 -71.19 65.59 -34.15
C ASP Q 79 -71.95 64.39 -34.70
N THR Q 80 -73.07 64.05 -34.08
CA THR Q 80 -73.81 62.85 -34.46
C THR Q 80 -74.42 62.96 -35.85
N SER Q 81 -74.76 64.17 -36.30
CA SER Q 81 -75.35 64.32 -37.63
C SER Q 81 -74.35 64.00 -38.73
N LYS Q 82 -73.06 64.22 -38.48
CA LYS Q 82 -72.02 63.93 -39.45
C LYS Q 82 -71.26 62.65 -39.10
N ASN Q 83 -71.62 61.97 -38.01
CA ASN Q 83 -70.98 60.73 -37.57
C ASN Q 83 -69.48 60.93 -37.33
N GLN Q 84 -69.11 62.04 -36.71
CA GLN Q 84 -67.71 62.32 -36.44
C GLN Q 84 -67.53 62.77 -35.00
N PHE Q 85 -66.31 62.63 -34.50
CA PHE Q 85 -65.90 63.24 -33.25
C PHE Q 85 -64.48 63.77 -33.39
N SER Q 86 -64.20 64.87 -32.68
CA SER Q 86 -62.99 65.64 -32.88
C SER Q 86 -62.24 65.84 -31.57
N LEU Q 87 -60.99 66.26 -31.72
CA LEU Q 87 -60.08 66.53 -30.62
C LEU Q 87 -59.44 67.90 -30.82
N LYS Q 88 -59.29 68.65 -29.73
CA LYS Q 88 -58.62 69.94 -29.76
C LYS Q 88 -57.65 70.02 -28.58
N LEU Q 89 -56.36 70.20 -28.89
CA LEU Q 89 -55.31 70.35 -27.88
C LEU Q 89 -54.70 71.74 -28.00
N SER Q 90 -54.84 72.53 -26.95
CA SER Q 90 -54.41 73.93 -26.97
C SER Q 90 -52.95 74.06 -26.52
N SER Q 91 -52.36 75.21 -26.87
CA SER Q 91 -51.03 75.60 -26.40
C SER Q 91 -50.03 74.46 -26.56
N VAL Q 92 -49.95 73.92 -27.78
CA VAL Q 92 -49.12 72.75 -28.01
C VAL Q 92 -47.64 73.11 -27.89
N THR Q 93 -46.85 72.14 -27.45
CA THR Q 93 -45.41 72.25 -27.35
C THR Q 93 -44.79 71.07 -28.11
N ALA Q 94 -43.46 71.06 -28.21
CA ALA Q 94 -42.80 69.93 -28.86
C ALA Q 94 -43.10 68.62 -28.17
N ALA Q 95 -43.45 68.65 -26.88
CA ALA Q 95 -43.84 67.47 -26.15
C ALA Q 95 -45.17 66.90 -26.60
N ASP Q 96 -45.91 67.62 -27.44
CA ASP Q 96 -47.17 67.14 -27.99
C ASP Q 96 -47.01 66.49 -29.36
N THR Q 97 -45.81 66.50 -29.91
CA THR Q 97 -45.54 65.75 -31.13
C THR Q 97 -45.75 64.26 -30.87
N ALA Q 98 -46.69 63.67 -31.61
CA ALA Q 98 -47.07 62.28 -31.38
C ALA Q 98 -47.90 61.80 -32.55
N VAL Q 99 -48.12 60.49 -32.59
CA VAL Q 99 -49.11 59.90 -33.46
C VAL Q 99 -50.42 59.80 -32.66
N TYR Q 100 -51.48 60.36 -33.21
CA TYR Q 100 -52.76 60.42 -32.53
C TYR Q 100 -53.71 59.39 -33.13
N TYR Q 101 -54.39 58.65 -32.27
CA TYR Q 101 -55.33 57.62 -32.68
C TYR Q 101 -56.73 57.94 -32.16
N CYS Q 102 -57.73 57.64 -32.96
CA CYS Q 102 -59.09 57.51 -32.46
C CYS Q 102 -59.45 56.03 -32.42
N ALA Q 103 -60.31 55.68 -31.47
CA ALA Q 103 -60.73 54.31 -31.33
C ALA Q 103 -62.12 54.27 -30.71
N ARG Q 104 -62.84 53.18 -30.99
CA ARG Q 104 -64.13 52.94 -30.37
C ARG Q 104 -63.92 52.18 -29.07
N GLU Q 105 -64.56 52.65 -28.00
CA GLU Q 105 -64.31 52.14 -26.65
C GLU Q 105 -65.57 51.49 -26.09
N ILE Q 106 -65.37 50.39 -25.37
CA ILE Q 106 -66.38 49.83 -24.47
C ILE Q 106 -65.81 49.93 -23.06
N THR Q 107 -66.55 50.58 -22.17
CA THR Q 107 -66.05 50.86 -20.83
C THR Q 107 -65.96 49.58 -20.01
N MET Q 108 -65.27 49.71 -18.87
CA MET Q 108 -65.11 48.65 -17.87
C MET Q 108 -64.19 47.53 -18.31
N ILE Q 109 -64.29 47.09 -19.56
CA ILE Q 109 -63.54 45.91 -20.00
C ILE Q 109 -62.24 46.29 -20.70
N ALA Q 110 -61.88 47.57 -20.73
CA ALA Q 110 -60.63 48.05 -21.33
C ALA Q 110 -60.56 47.68 -22.80
N TRP Q 111 -61.63 48.01 -23.52
CA TRP Q 111 -61.80 47.65 -24.93
C TRP Q 111 -61.62 48.88 -25.80
N PHE Q 112 -60.67 48.81 -26.73
CA PHE Q 112 -60.49 49.82 -27.78
C PHE Q 112 -60.46 49.07 -29.12
N ASP Q 113 -61.58 49.10 -29.85
CA ASP Q 113 -61.66 48.36 -31.09
C ASP Q 113 -62.84 48.80 -31.95
N PRO Q 114 -62.62 49.20 -33.21
CA PRO Q 114 -61.31 49.28 -33.87
C PRO Q 114 -60.62 50.63 -33.67
N TRP Q 115 -59.49 50.81 -34.33
CA TRP Q 115 -58.72 52.04 -34.25
C TRP Q 115 -58.62 52.68 -35.63
N GLY Q 116 -58.42 54.00 -35.65
CA GLY Q 116 -58.02 54.68 -36.87
C GLY Q 116 -56.59 54.37 -37.25
N GLN Q 117 -56.18 54.84 -38.42
CA GLN Q 117 -54.84 54.52 -38.91
C GLN Q 117 -53.76 55.25 -38.13
N GLY Q 118 -54.11 56.32 -37.43
CA GLY Q 118 -53.11 57.12 -36.74
C GLY Q 118 -52.62 58.27 -37.57
N THR Q 119 -52.58 59.46 -37.00
CA THR Q 119 -52.06 60.65 -37.68
C THR Q 119 -50.86 61.16 -36.88
N LEU Q 120 -49.71 61.26 -37.55
CA LEU Q 120 -48.55 61.88 -36.92
C LEU Q 120 -48.70 63.40 -36.99
N VAL Q 121 -48.64 64.05 -35.82
CA VAL Q 121 -48.70 65.51 -35.75
C VAL Q 121 -47.37 66.00 -35.20
N THR Q 122 -46.69 66.84 -35.97
CA THR Q 122 -45.42 67.41 -35.57
C THR Q 122 -45.67 68.84 -35.13
N VAL Q 123 -45.26 69.16 -33.89
CA VAL Q 123 -45.35 70.52 -33.38
C VAL Q 123 -44.03 71.21 -33.70
N SER Q 124 -44.07 72.18 -34.61
CA SER Q 124 -42.87 72.85 -35.09
C SER Q 124 -43.28 74.12 -35.81
N SER Q 125 -42.45 75.16 -35.68
CA SER Q 125 -42.68 76.38 -36.44
C SER Q 125 -42.12 76.32 -37.85
N ALA Q 126 -41.42 75.24 -38.22
CA ALA Q 126 -40.80 75.14 -39.52
C ALA Q 126 -41.85 74.97 -40.63
N SER Q 127 -41.43 75.28 -41.85
CA SER Q 127 -42.29 75.19 -43.01
C SER Q 127 -42.23 73.78 -43.61
N THR Q 128 -43.29 73.42 -44.31
CA THR Q 128 -43.35 72.12 -44.99
C THR Q 128 -42.41 72.13 -46.20
N LYS Q 129 -41.70 71.03 -46.41
CA LYS Q 129 -40.75 70.95 -47.50
C LYS Q 129 -40.83 69.58 -48.14
N GLY Q 130 -40.91 69.56 -49.47
CA GLY Q 130 -41.01 68.33 -50.22
C GLY Q 130 -39.66 67.67 -50.46
N PRO Q 131 -39.67 66.37 -50.67
CA PRO Q 131 -38.42 65.61 -50.83
C PRO Q 131 -37.91 65.59 -52.26
N SER Q 132 -36.60 65.39 -52.38
CA SER Q 132 -35.96 65.02 -53.63
C SER Q 132 -35.76 63.51 -53.62
N VAL Q 133 -36.02 62.88 -54.77
CA VAL Q 133 -35.95 61.43 -54.89
C VAL Q 133 -34.88 61.10 -55.93
N PHE Q 134 -33.92 60.28 -55.53
CA PHE Q 134 -32.84 59.86 -56.41
C PHE Q 134 -32.79 58.34 -56.49
N PRO Q 135 -32.47 57.79 -57.66
CA PRO Q 135 -32.43 56.33 -57.80
C PRO Q 135 -31.14 55.73 -57.24
N LEU Q 136 -31.29 54.61 -56.54
CA LEU Q 136 -30.16 53.78 -56.13
C LEU Q 136 -29.99 52.70 -57.20
N ALA Q 137 -29.17 53.00 -58.19
CA ALA Q 137 -29.08 52.16 -59.38
C ALA Q 137 -28.50 50.80 -59.03
N PRO Q 138 -29.09 49.71 -59.56
CA PRO Q 138 -28.54 48.37 -59.31
C PRO Q 138 -27.22 48.17 -60.03
N SER Q 139 -26.27 47.58 -59.30
CA SER Q 139 -24.92 47.35 -59.82
C SER Q 139 -24.59 45.85 -59.74
N GLY Q 146 -27.13 36.19 -58.16
CA GLY Q 146 -28.46 35.74 -58.52
C GLY Q 146 -29.52 36.81 -58.37
N THR Q 147 -29.45 37.56 -57.27
CA THR Q 147 -30.39 38.62 -56.99
C THR Q 147 -29.67 39.97 -56.95
N ALA Q 148 -30.40 41.01 -57.32
CA ALA Q 148 -29.88 42.37 -57.39
C ALA Q 148 -30.72 43.28 -56.49
N ALA Q 149 -30.12 44.37 -56.05
CA ALA Q 149 -30.78 45.33 -55.19
C ALA Q 149 -30.87 46.67 -55.89
N LEU Q 150 -32.03 47.32 -55.76
CA LEU Q 150 -32.21 48.67 -56.28
C LEU Q 150 -33.11 49.44 -55.32
N GLY Q 151 -33.08 50.76 -55.42
CA GLY Q 151 -33.89 51.53 -54.51
C GLY Q 151 -33.95 53.02 -54.82
N CYS Q 152 -34.56 53.76 -53.89
CA CYS Q 152 -34.77 55.19 -53.99
C CYS Q 152 -34.26 55.88 -52.73
N LEU Q 153 -33.64 57.04 -52.91
CA LEU Q 153 -33.20 57.88 -51.80
C LEU Q 153 -34.12 59.10 -51.73
N VAL Q 154 -34.92 59.18 -50.67
CA VAL Q 154 -35.88 60.26 -50.46
C VAL Q 154 -35.25 61.23 -49.47
N LYS Q 155 -34.77 62.37 -49.99
CA LYS Q 155 -33.85 63.23 -49.26
C LYS Q 155 -34.45 64.62 -48.99
N ASP Q 156 -34.24 65.10 -47.77
CA ASP Q 156 -34.44 66.51 -47.38
C ASP Q 156 -35.91 66.93 -47.53
N TYR Q 157 -36.71 66.44 -46.60
CA TYR Q 157 -38.13 66.76 -46.53
C TYR Q 157 -38.51 67.06 -45.08
N PHE Q 158 -39.66 67.72 -44.92
CA PHE Q 158 -40.18 68.04 -43.60
C PHE Q 158 -41.67 68.34 -43.69
N PRO Q 159 -42.49 67.83 -42.77
CA PRO Q 159 -42.07 66.91 -41.71
C PRO Q 159 -42.33 65.47 -42.13
N GLU Q 160 -42.22 64.56 -41.18
CA GLU Q 160 -42.66 63.20 -41.42
C GLU Q 160 -44.19 63.16 -41.58
N PRO Q 161 -44.72 62.15 -42.26
CA PRO Q 161 -44.02 61.03 -42.91
C PRO Q 161 -44.04 61.10 -44.44
N VAL Q 162 -43.24 60.24 -45.07
CA VAL Q 162 -43.38 59.95 -46.49
C VAL Q 162 -43.87 58.53 -46.64
N THR Q 163 -44.60 58.30 -47.72
CA THR Q 163 -45.08 56.99 -48.10
C THR Q 163 -44.27 56.56 -49.31
N VAL Q 164 -43.78 55.33 -49.29
CA VAL Q 164 -43.06 54.77 -50.43
C VAL Q 164 -43.69 53.43 -50.78
N SER Q 165 -44.08 53.28 -52.05
CA SER Q 165 -44.51 52.02 -52.61
C SER Q 165 -43.68 51.76 -53.86
N TRP Q 166 -43.81 50.56 -54.40
CA TRP Q 166 -43.04 50.18 -55.58
C TRP Q 166 -44.00 49.68 -56.65
N ASN Q 167 -43.84 50.23 -57.86
CA ASN Q 167 -44.68 49.90 -59.00
C ASN Q 167 -46.16 50.03 -58.64
N SER Q 168 -46.49 51.17 -58.02
CA SER Q 168 -47.85 51.52 -57.63
C SER Q 168 -48.48 50.48 -56.70
N GLY Q 169 -47.65 49.78 -55.91
CA GLY Q 169 -48.13 48.80 -54.97
C GLY Q 169 -48.03 47.36 -55.43
N ALA Q 170 -47.79 47.12 -56.72
CA ALA Q 170 -47.73 45.76 -57.23
C ALA Q 170 -46.49 45.00 -56.74
N LEU Q 171 -45.43 45.71 -56.35
CA LEU Q 171 -44.19 45.08 -55.94
C LEU Q 171 -44.05 45.24 -54.42
N THR Q 172 -44.15 44.13 -53.70
CA THR Q 172 -44.07 44.22 -52.24
C THR Q 172 -43.03 43.28 -51.63
N SER Q 173 -42.86 42.09 -52.18
CA SER Q 173 -41.91 41.14 -51.61
C SER Q 173 -40.47 41.63 -51.79
N GLY Q 174 -39.70 41.58 -50.71
CA GLY Q 174 -38.34 42.04 -50.73
C GLY Q 174 -38.16 43.52 -50.49
N VAL Q 175 -39.25 44.26 -50.33
CA VAL Q 175 -39.16 45.70 -50.13
C VAL Q 175 -38.79 45.99 -48.69
N HIS Q 176 -37.84 46.91 -48.49
CA HIS Q 176 -37.48 47.41 -47.16
C HIS Q 176 -37.44 48.93 -47.24
N THR Q 177 -38.40 49.58 -46.58
CA THR Q 177 -38.38 51.03 -46.45
C THR Q 177 -37.82 51.36 -45.07
N PHE Q 178 -36.69 52.06 -45.05
CA PHE Q 178 -35.99 52.24 -43.79
C PHE Q 178 -36.60 53.40 -42.99
N PRO Q 179 -36.47 53.35 -41.66
CA PRO Q 179 -36.90 54.48 -40.84
C PRO Q 179 -36.20 55.77 -41.25
N ALA Q 180 -36.95 56.87 -41.20
CA ALA Q 180 -36.36 58.16 -41.53
C ALA Q 180 -35.27 58.52 -40.54
N VAL Q 181 -34.33 59.34 -41.00
CA VAL Q 181 -33.20 59.76 -40.18
C VAL Q 181 -33.15 61.27 -40.16
N LEU Q 182 -33.04 61.85 -38.97
CA LEU Q 182 -33.01 63.29 -38.80
C LEU Q 182 -31.62 63.81 -39.15
N GLN Q 183 -31.58 64.85 -39.97
CA GLN Q 183 -30.34 65.45 -40.40
C GLN Q 183 -30.02 66.64 -39.50
N SER Q 184 -28.77 67.10 -39.57
CA SER Q 184 -28.35 68.22 -38.74
C SER Q 184 -29.18 69.47 -39.00
N SER Q 185 -29.66 69.64 -40.23
CA SER Q 185 -30.47 70.77 -40.63
C SER Q 185 -31.89 70.73 -40.07
N GLY Q 186 -32.31 69.61 -39.49
CA GLY Q 186 -33.69 69.47 -39.07
C GLY Q 186 -34.62 68.84 -40.10
N LEU Q 187 -34.10 68.48 -41.27
CA LEU Q 187 -34.88 67.82 -42.31
C LEU Q 187 -34.69 66.31 -42.22
N TYR Q 188 -35.65 65.58 -42.76
CA TYR Q 188 -35.67 64.13 -42.73
C TYR Q 188 -35.16 63.56 -44.06
N SER Q 189 -34.74 62.30 -44.00
CA SER Q 189 -34.23 61.62 -45.19
C SER Q 189 -34.32 60.12 -44.95
N LEU Q 190 -34.77 59.36 -45.96
CA LEU Q 190 -34.80 57.90 -45.88
C LEU Q 190 -34.50 57.29 -47.23
N SER Q 191 -34.30 55.98 -47.23
CA SER Q 191 -34.11 55.21 -48.45
C SER Q 191 -35.03 54.00 -48.42
N SER Q 192 -35.48 53.59 -49.60
CA SER Q 192 -36.26 52.38 -49.78
C SER Q 192 -35.56 51.50 -50.80
N VAL Q 193 -35.40 50.21 -50.46
CA VAL Q 193 -34.70 49.27 -51.33
C VAL Q 193 -35.60 48.06 -51.55
N VAL Q 194 -35.30 47.34 -52.62
CA VAL Q 194 -35.99 46.10 -52.94
C VAL Q 194 -35.02 45.20 -53.69
N THR Q 195 -35.06 43.91 -53.39
CA THR Q 195 -34.23 42.92 -54.05
C THR Q 195 -35.07 42.16 -55.08
N VAL Q 196 -34.53 42.03 -56.29
CA VAL Q 196 -35.21 41.38 -57.41
C VAL Q 196 -34.23 40.44 -58.09
N PRO Q 197 -34.73 39.49 -58.87
CA PRO Q 197 -33.83 38.65 -59.67
C PRO Q 197 -33.05 39.48 -60.68
N SER Q 198 -31.76 39.16 -60.82
CA SER Q 198 -30.92 39.91 -61.75
C SER Q 198 -31.42 39.76 -63.19
N SER Q 199 -32.07 38.63 -63.50
CA SER Q 199 -32.52 38.40 -64.87
C SER Q 199 -33.67 39.31 -65.26
N SER Q 200 -34.35 39.93 -64.29
CA SER Q 200 -35.47 40.81 -64.57
C SER Q 200 -35.08 42.26 -64.78
N LEU Q 201 -33.79 42.58 -64.73
CA LEU Q 201 -33.37 43.98 -64.73
C LEU Q 201 -33.63 44.65 -66.08
N GLY Q 202 -33.40 43.94 -67.18
CA GLY Q 202 -33.58 44.52 -68.49
C GLY Q 202 -34.99 44.44 -69.05
N THR Q 203 -35.91 43.79 -68.33
CA THR Q 203 -37.30 43.65 -68.80
C THR Q 203 -38.28 44.35 -67.88
N GLN Q 204 -38.21 44.09 -66.58
CA GLN Q 204 -39.13 44.74 -65.65
C GLN Q 204 -38.65 46.14 -65.35
N THR Q 205 -39.60 47.07 -65.28
CA THR Q 205 -39.31 48.45 -64.93
C THR Q 205 -39.67 48.64 -63.47
N TYR Q 206 -38.81 49.37 -62.75
CA TYR Q 206 -38.96 49.56 -61.32
C TYR Q 206 -39.12 51.04 -61.03
N ILE Q 207 -40.30 51.42 -60.54
CA ILE Q 207 -40.63 52.79 -60.19
C ILE Q 207 -41.01 52.81 -58.73
N CYS Q 208 -40.37 53.68 -57.96
CA CYS Q 208 -40.78 53.92 -56.59
C CYS Q 208 -41.70 55.14 -56.56
N ASN Q 209 -42.77 55.03 -55.78
CA ASN Q 209 -43.78 56.07 -55.71
C ASN Q 209 -43.67 56.73 -54.33
N VAL Q 210 -43.15 57.95 -54.31
CA VAL Q 210 -42.94 58.68 -53.07
C VAL Q 210 -44.04 59.72 -52.93
N ASN Q 211 -44.72 59.71 -51.80
CA ASN Q 211 -45.82 60.61 -51.51
C ASN Q 211 -45.54 61.32 -50.20
N HIS Q 212 -45.62 62.65 -50.22
CA HIS Q 212 -45.40 63.47 -49.02
C HIS Q 212 -46.61 64.40 -48.90
N LYS Q 213 -47.65 63.88 -48.23
CA LYS Q 213 -48.90 64.62 -48.09
C LYS Q 213 -48.75 66.01 -47.48
N PRO Q 214 -47.89 66.26 -46.49
CA PRO Q 214 -47.79 67.63 -45.96
C PRO Q 214 -47.44 68.68 -47.01
N SER Q 215 -46.60 68.34 -47.98
CA SER Q 215 -46.25 69.25 -49.06
C SER Q 215 -47.02 68.95 -50.34
N ASN Q 216 -47.90 67.95 -50.32
CA ASN Q 216 -48.73 67.58 -51.48
C ASN Q 216 -47.85 67.19 -52.67
N THR Q 217 -46.74 66.52 -52.38
CA THR Q 217 -45.77 66.11 -53.39
C THR Q 217 -45.92 64.62 -53.67
N LYS Q 218 -46.01 64.27 -54.94
CA LYS Q 218 -46.01 62.88 -55.40
C LYS Q 218 -44.97 62.76 -56.50
N VAL Q 219 -43.98 61.90 -56.28
CA VAL Q 219 -42.92 61.68 -57.26
C VAL Q 219 -42.91 60.20 -57.61
N ASP Q 220 -42.76 59.91 -58.90
CA ASP Q 220 -42.57 58.55 -59.39
C ASP Q 220 -41.21 58.54 -60.08
N LYS Q 221 -40.24 57.86 -59.47
CA LYS Q 221 -38.88 57.80 -60.00
C LYS Q 221 -38.61 56.39 -60.49
N LYS Q 222 -38.23 56.28 -61.76
CA LYS Q 222 -37.90 55.00 -62.35
C LYS Q 222 -36.44 54.68 -62.11
N VAL Q 223 -36.17 53.49 -61.58
CA VAL Q 223 -34.82 53.09 -61.20
C VAL Q 223 -34.28 52.18 -62.29
N GLU Q 224 -33.18 52.57 -62.92
CA GLU Q 224 -32.68 51.78 -64.02
C GLU Q 224 -31.23 51.36 -63.77
N PRO Q 225 -30.80 50.21 -64.30
CA PRO Q 225 -29.39 49.83 -64.15
C PRO Q 225 -28.49 50.76 -64.95
N LYS Q 226 -27.37 51.13 -64.34
CA LYS Q 226 -26.41 52.04 -64.98
C LYS Q 226 -25.00 51.45 -64.99
N ASP R 6 -53.09 59.15 -10.33
CA ASP R 6 -53.57 58.18 -11.29
C ASP R 6 -53.33 56.77 -10.75
N ILE R 7 -53.93 55.78 -11.39
CA ILE R 7 -53.57 54.39 -11.17
C ILE R 7 -52.43 54.05 -12.13
N GLN R 8 -51.37 53.48 -11.60
CA GLN R 8 -50.19 53.19 -12.39
C GLN R 8 -50.11 51.70 -12.68
N MET R 9 -49.82 51.37 -13.93
CA MET R 9 -49.59 50.01 -14.37
C MET R 9 -48.10 49.87 -14.58
N THR R 10 -47.49 48.98 -13.81
CA THR R 10 -46.07 48.69 -13.97
C THR R 10 -45.95 47.43 -14.82
N GLN R 11 -45.50 47.61 -16.05
CA GLN R 11 -45.39 46.52 -17.00
C GLN R 11 -43.94 46.01 -17.04
N SER R 12 -43.78 44.71 -17.14
CA SER R 12 -42.46 44.12 -17.05
C SER R 12 -42.43 42.83 -17.85
N PRO R 13 -41.31 42.52 -18.52
CA PRO R 13 -40.09 43.32 -18.64
C PRO R 13 -40.20 44.40 -19.74
N SER R 14 -39.16 45.23 -19.90
CA SER R 14 -39.17 46.22 -20.98
C SER R 14 -38.99 45.55 -22.34
N SER R 15 -38.12 44.56 -22.40
CA SER R 15 -37.88 43.83 -23.63
C SER R 15 -37.47 42.40 -23.29
N LEU R 16 -37.82 41.47 -24.18
CA LEU R 16 -37.42 40.08 -24.03
C LEU R 16 -37.13 39.49 -25.39
N SER R 17 -36.34 38.44 -25.38
CA SER R 17 -35.95 37.73 -26.60
C SER R 17 -36.27 36.26 -26.40
N ALA R 18 -37.10 35.71 -27.28
CA ALA R 18 -37.55 34.32 -27.16
C ALA R 18 -37.53 33.66 -28.53
N SER R 19 -37.38 32.34 -28.52
CA SER R 19 -37.33 31.55 -29.75
C SER R 19 -38.73 31.16 -30.20
N VAL R 20 -38.84 30.82 -31.49
CA VAL R 20 -40.11 30.36 -32.02
C VAL R 20 -40.51 29.07 -31.31
N GLY R 21 -41.76 29.01 -30.87
CA GLY R 21 -42.28 27.88 -30.13
C GLY R 21 -42.22 28.01 -28.63
N ASP R 22 -41.48 28.99 -28.11
CA ASP R 22 -41.36 29.20 -26.68
C ASP R 22 -42.63 29.85 -26.13
N ARG R 23 -42.71 29.89 -24.79
CA ARG R 23 -43.79 30.56 -24.09
C ARG R 23 -43.32 31.90 -23.55
N VAL R 24 -43.99 32.97 -23.95
CA VAL R 24 -43.68 34.32 -23.52
C VAL R 24 -44.66 34.73 -22.43
N THR R 25 -44.13 35.28 -21.33
CA THR R 25 -44.96 35.73 -20.22
C THR R 25 -44.64 37.19 -19.93
N ILE R 26 -45.67 38.05 -20.04
CA ILE R 26 -45.58 39.46 -19.74
C ILE R 26 -46.49 39.75 -18.55
N THR R 27 -45.98 40.49 -17.58
CA THR R 27 -46.76 40.82 -16.39
C THR R 27 -46.99 42.32 -16.30
N CYS R 28 -48.09 42.69 -15.67
CA CYS R 28 -48.50 44.07 -15.51
C CYS R 28 -49.09 44.21 -14.12
N ARG R 29 -48.56 45.13 -13.32
CA ARG R 29 -48.97 45.31 -11.94
C ARG R 29 -49.67 46.66 -11.78
N ALA R 30 -50.82 46.66 -11.11
CA ALA R 30 -51.58 47.88 -10.86
C ALA R 30 -51.26 48.42 -9.47
N SER R 31 -51.24 49.74 -9.33
CA SER R 31 -50.88 50.37 -8.05
C SER R 31 -51.95 50.14 -6.99
N GLN R 32 -53.19 49.88 -7.39
CA GLN R 32 -54.22 49.40 -6.49
C GLN R 32 -55.09 48.38 -7.22
N GLY R 33 -55.97 47.73 -6.47
CA GLY R 33 -56.80 46.70 -7.07
C GLY R 33 -57.72 47.30 -8.13
N ILE R 34 -57.83 46.61 -9.26
CA ILE R 34 -58.63 47.08 -10.38
C ILE R 34 -59.59 45.99 -10.87
N ARG R 35 -59.91 45.03 -10.00
CA ARG R 35 -60.82 43.94 -10.31
C ARG R 35 -60.27 43.19 -11.52
N ASN R 36 -60.97 43.13 -12.65
CA ASN R 36 -60.44 42.58 -13.88
C ASN R 36 -60.57 43.55 -15.05
N ASP R 37 -60.53 44.85 -14.77
CA ASP R 37 -60.68 45.87 -15.81
C ASP R 37 -59.36 46.12 -16.52
N LEU R 38 -58.86 45.08 -17.18
CA LEU R 38 -57.54 45.07 -17.79
C LEU R 38 -57.67 44.59 -19.24
N GLY R 39 -56.95 45.25 -20.13
CA GLY R 39 -56.89 44.82 -21.52
C GLY R 39 -55.45 44.76 -22.02
N TRP R 40 -55.21 43.84 -22.94
CA TRP R 40 -53.89 43.62 -23.53
C TRP R 40 -53.91 43.99 -25.01
N TYR R 41 -52.91 44.74 -25.44
CA TYR R 41 -52.82 45.24 -26.81
C TYR R 41 -51.48 44.90 -27.42
N GLN R 42 -51.50 44.66 -28.73
CA GLN R 42 -50.31 44.34 -29.51
C GLN R 42 -50.14 45.40 -30.58
N GLN R 43 -48.94 45.97 -30.69
CA GLN R 43 -48.66 46.99 -31.69
C GLN R 43 -47.48 46.55 -32.54
N LYS R 44 -47.73 46.27 -33.80
CA LYS R 44 -46.69 45.93 -34.74
C LYS R 44 -46.20 47.21 -35.43
N PRO R 45 -44.97 47.20 -35.95
CA PRO R 45 -44.38 48.45 -36.46
C PRO R 45 -45.27 49.18 -37.46
N GLY R 46 -45.44 50.48 -37.24
CA GLY R 46 -46.19 51.32 -38.15
C GLY R 46 -47.67 51.05 -38.17
N LYS R 47 -48.21 50.38 -37.16
CA LYS R 47 -49.63 50.06 -37.11
C LYS R 47 -50.21 50.53 -35.78
N ALA R 48 -51.53 50.57 -35.73
CA ALA R 48 -52.22 50.88 -34.50
C ALA R 48 -52.20 49.68 -33.57
N PRO R 49 -52.33 49.89 -32.27
CA PRO R 49 -52.44 48.75 -31.36
C PRO R 49 -53.65 47.90 -31.72
N LYS R 50 -53.51 46.59 -31.56
CA LYS R 50 -54.58 45.64 -31.81
C LYS R 50 -55.03 45.04 -30.48
N LEU R 51 -56.34 44.97 -30.27
CA LEU R 51 -56.86 44.39 -29.03
C LEU R 51 -56.68 42.87 -29.05
N LEU R 52 -56.07 42.35 -27.99
CA LEU R 52 -55.89 40.92 -27.83
C LEU R 52 -56.81 40.31 -26.79
N ILE R 53 -56.79 40.85 -25.57
CA ILE R 53 -57.59 40.33 -24.47
C ILE R 53 -58.25 41.50 -23.77
N TYR R 54 -59.53 41.35 -23.46
CA TYR R 54 -60.27 42.33 -22.68
C TYR R 54 -60.79 41.66 -21.42
N ALA R 55 -61.13 42.49 -20.44
CA ALA R 55 -61.64 42.03 -19.15
C ALA R 55 -60.68 41.01 -18.52
N ALA R 56 -59.39 41.29 -18.64
CA ALA R 56 -58.29 40.53 -18.03
C ALA R 56 -58.04 39.17 -18.68
N SER R 57 -59.10 38.44 -19.05
CA SER R 57 -58.89 37.08 -19.50
C SER R 57 -59.74 36.67 -20.71
N SER R 58 -60.48 37.59 -21.32
CA SER R 58 -61.35 37.25 -22.44
C SER R 58 -60.63 37.48 -23.76
N LEU R 59 -60.51 36.42 -24.56
CA LEU R 59 -59.83 36.48 -25.84
C LEU R 59 -60.74 37.12 -26.88
N GLN R 60 -60.20 38.11 -27.59
CA GLN R 60 -60.92 38.78 -28.66
C GLN R 60 -61.13 37.83 -29.83
N SER R 61 -62.28 37.97 -30.49
CA SER R 61 -62.58 37.15 -31.66
C SER R 61 -61.52 37.36 -32.74
N GLY R 62 -61.11 36.27 -33.37
CA GLY R 62 -60.10 36.31 -34.40
C GLY R 62 -58.68 36.21 -33.90
N VAL R 63 -58.43 36.53 -32.64
CA VAL R 63 -57.07 36.42 -32.09
C VAL R 63 -56.74 34.95 -31.90
N PRO R 64 -55.53 34.51 -32.28
CA PRO R 64 -55.16 33.10 -32.09
C PRO R 64 -55.21 32.69 -30.63
N SER R 65 -55.54 31.42 -30.40
CA SER R 65 -55.72 30.90 -29.05
C SER R 65 -54.42 30.83 -28.26
N ARG R 66 -53.26 31.01 -28.90
CA ARG R 66 -52.00 30.98 -28.16
C ARG R 66 -51.83 32.20 -27.26
N PHE R 67 -52.66 33.23 -27.42
CA PHE R 67 -52.69 34.36 -26.50
C PHE R 67 -53.69 34.09 -25.39
N SER R 68 -53.32 34.45 -24.17
CA SER R 68 -54.24 34.31 -23.04
C SER R 68 -53.80 35.26 -21.94
N GLY R 69 -54.78 35.82 -21.25
CA GLY R 69 -54.52 36.70 -20.12
C GLY R 69 -55.13 36.13 -18.86
N SER R 70 -54.53 36.47 -17.72
CA SER R 70 -55.03 35.98 -16.46
C SER R 70 -54.68 36.98 -15.37
N GLY R 71 -55.35 36.82 -14.23
CA GLY R 71 -55.08 37.65 -13.09
C GLY R 71 -56.27 38.48 -12.68
N SER R 72 -56.27 38.93 -11.43
CA SER R 72 -57.33 39.74 -10.88
C SER R 72 -56.75 40.54 -9.72
N GLY R 73 -57.23 41.77 -9.57
CA GLY R 73 -56.74 42.62 -8.49
C GLY R 73 -55.62 43.54 -8.89
N THR R 74 -54.38 43.14 -8.64
CA THR R 74 -53.22 43.98 -8.96
C THR R 74 -52.21 43.31 -9.87
N ASP R 75 -52.25 41.99 -10.03
CA ASP R 75 -51.25 41.25 -10.81
C ASP R 75 -51.94 40.63 -12.01
N PHE R 76 -51.44 40.95 -13.20
CA PHE R 76 -51.99 40.46 -14.45
C PHE R 76 -50.89 39.89 -15.32
N THR R 77 -51.25 38.92 -16.16
CA THR R 77 -50.28 38.16 -16.94
C THR R 77 -50.80 37.95 -18.34
N LEU R 78 -50.01 38.35 -19.33
CA LEU R 78 -50.24 38.00 -20.72
C LEU R 78 -49.30 36.86 -21.08
N THR R 79 -49.87 35.80 -21.68
CA THR R 79 -49.09 34.61 -22.04
C THR R 79 -49.28 34.29 -23.51
N ILE R 80 -48.17 34.13 -24.23
CA ILE R 80 -48.17 33.62 -25.60
C ILE R 80 -47.60 32.21 -25.53
N SER R 81 -48.45 31.20 -25.75
CA SER R 81 -48.07 29.81 -25.47
C SER R 81 -47.03 29.29 -26.46
N SER R 82 -47.12 29.68 -27.72
CA SER R 82 -46.20 29.16 -28.75
C SER R 82 -45.81 30.32 -29.65
N LEU R 83 -44.68 30.95 -29.33
CA LEU R 83 -44.31 32.18 -30.00
C LEU R 83 -44.07 31.94 -31.50
N GLN R 84 -44.60 32.84 -32.31
CA GLN R 84 -44.49 32.78 -33.76
C GLN R 84 -43.75 34.01 -34.26
N PRO R 85 -43.12 33.93 -35.45
CA PRO R 85 -42.41 35.12 -35.95
C PRO R 85 -43.29 36.34 -36.09
N GLU R 86 -44.55 36.17 -36.50
CA GLU R 86 -45.44 37.31 -36.67
C GLU R 86 -45.84 37.96 -35.34
N ASP R 87 -45.53 37.32 -34.21
CA ASP R 87 -45.82 37.88 -32.90
C ASP R 87 -44.80 38.93 -32.45
N PHE R 88 -43.79 39.22 -33.26
CA PHE R 88 -42.89 40.34 -32.94
C PHE R 88 -43.67 41.65 -32.89
N ALA R 89 -43.67 42.28 -31.72
CA ALA R 89 -44.42 43.51 -31.52
C ALA R 89 -44.07 44.05 -30.14
N THR R 90 -44.65 45.20 -29.82
CA THR R 90 -44.66 45.75 -28.47
C THR R 90 -46.06 45.55 -27.91
N TYR R 91 -46.13 45.00 -26.70
CA TYR R 91 -47.39 44.69 -26.05
C TYR R 91 -47.63 45.68 -24.92
N TYR R 92 -48.90 46.06 -24.74
CA TYR R 92 -49.29 47.06 -23.76
C TYR R 92 -50.47 46.54 -22.94
N CYS R 93 -50.45 46.76 -21.63
CA CYS R 93 -51.66 46.58 -20.83
C CYS R 93 -52.39 47.91 -20.69
N LEU R 94 -53.69 47.83 -20.45
CA LEU R 94 -54.55 48.99 -20.26
C LEU R 94 -55.53 48.71 -19.14
N GLN R 95 -55.68 49.64 -18.20
CA GLN R 95 -56.70 49.56 -17.16
C GLN R 95 -57.72 50.69 -17.34
N ASP R 96 -58.98 50.40 -17.04
CA ASP R 96 -60.05 51.41 -17.10
C ASP R 96 -60.95 51.26 -15.88
N TYR R 97 -60.35 51.00 -14.72
CA TYR R 97 -61.10 50.78 -13.49
C TYR R 97 -61.87 52.00 -13.03
N ASN R 98 -61.23 53.17 -13.00
CA ASN R 98 -61.84 54.38 -12.47
C ASN R 98 -62.30 55.33 -13.57
N TYR R 99 -62.65 54.81 -14.75
CA TYR R 99 -63.02 55.64 -15.89
C TYR R 99 -61.89 56.59 -16.30
N LEU R 100 -60.72 56.47 -15.67
CA LEU R 100 -59.57 57.29 -16.02
C LEU R 100 -58.47 56.31 -16.42
N LEU R 101 -58.11 56.28 -17.70
CA LEU R 101 -57.36 55.16 -18.27
C LEU R 101 -55.88 55.43 -18.26
N THR R 102 -55.11 54.36 -18.03
CA THR R 102 -53.65 54.41 -18.04
C THR R 102 -53.12 53.12 -18.65
N PHE R 103 -52.08 53.25 -19.45
CA PHE R 103 -51.39 52.13 -20.09
C PHE R 103 -50.14 51.76 -19.32
N GLY R 104 -49.73 50.50 -19.47
CA GLY R 104 -48.41 50.13 -19.06
C GLY R 104 -47.38 50.69 -20.02
N GLY R 105 -46.11 50.65 -19.60
CA GLY R 105 -45.03 51.18 -20.43
C GLY R 105 -44.74 50.37 -21.67
N GLY R 106 -45.16 49.12 -21.72
CA GLY R 106 -44.95 48.28 -22.89
C GLY R 106 -43.84 47.27 -22.72
N THR R 107 -43.97 46.13 -23.43
CA THR R 107 -42.96 45.08 -23.47
C THR R 107 -42.65 44.77 -24.92
N LYS R 108 -41.41 45.01 -25.33
CA LYS R 108 -40.96 44.67 -26.67
C LYS R 108 -40.57 43.20 -26.72
N VAL R 109 -41.23 42.44 -27.59
CA VAL R 109 -40.95 41.03 -27.78
C VAL R 109 -40.16 40.86 -29.07
N GLU R 110 -38.92 40.39 -28.96
CA GLU R 110 -38.05 40.16 -30.10
C GLU R 110 -37.91 38.67 -30.33
N ILE R 111 -37.84 38.27 -31.59
CA ILE R 111 -37.74 36.86 -31.95
C ILE R 111 -36.27 36.48 -32.04
N LYS R 112 -35.89 35.39 -31.38
CA LYS R 112 -34.55 34.86 -31.47
C LYS R 112 -34.52 33.74 -32.51
N ARG R 113 -33.58 33.81 -33.43
CA ARG R 113 -33.46 32.84 -34.51
C ARG R 113 -31.98 32.55 -34.75
N THR R 114 -31.71 31.67 -35.70
CA THR R 114 -30.34 31.32 -36.02
C THR R 114 -29.63 32.49 -36.68
N VAL R 115 -28.30 32.48 -36.61
CA VAL R 115 -27.49 33.54 -37.18
C VAL R 115 -27.66 33.55 -38.70
N ALA R 116 -27.85 34.74 -39.26
CA ALA R 116 -27.94 34.93 -40.69
C ALA R 116 -26.98 36.03 -41.11
N ALA R 117 -26.12 35.72 -42.06
CA ALA R 117 -25.15 36.72 -42.52
C ALA R 117 -25.80 37.69 -43.50
N PRO R 118 -25.37 38.95 -43.50
CA PRO R 118 -25.96 39.93 -44.40
C PRO R 118 -25.45 39.80 -45.82
N SER R 119 -26.31 40.15 -46.77
CA SER R 119 -25.91 40.39 -48.14
C SER R 119 -25.62 41.87 -48.30
N VAL R 120 -24.49 42.20 -48.92
CA VAL R 120 -23.99 43.58 -48.94
C VAL R 120 -24.03 44.12 -50.36
N PHE R 121 -24.57 45.33 -50.51
CA PHE R 121 -24.63 46.05 -51.78
C PHE R 121 -24.17 47.48 -51.56
N ILE R 122 -23.51 48.05 -52.58
CA ILE R 122 -23.08 49.44 -52.53
C ILE R 122 -23.62 50.16 -53.75
N PHE R 123 -24.10 51.39 -53.54
CA PHE R 123 -24.74 52.19 -54.59
C PHE R 123 -23.97 53.48 -54.81
N PRO R 124 -23.52 53.78 -56.02
CA PRO R 124 -22.85 55.05 -56.28
C PRO R 124 -23.87 56.18 -56.30
N PRO R 125 -23.42 57.43 -56.16
CA PRO R 125 -24.37 58.54 -56.22
C PRO R 125 -25.01 58.63 -57.59
N SER R 126 -26.31 58.93 -57.59
CA SER R 126 -27.02 59.09 -58.85
C SER R 126 -26.50 60.34 -59.58
N ASP R 127 -26.63 60.32 -60.90
CA ASP R 127 -26.17 61.43 -61.70
C ASP R 127 -27.05 62.66 -61.50
N GLU R 128 -28.33 62.46 -61.17
CA GLU R 128 -29.22 63.58 -60.91
C GLU R 128 -28.85 64.29 -59.60
N GLN R 129 -28.42 63.53 -58.59
CA GLN R 129 -28.02 64.17 -57.34
C GLN R 129 -26.69 64.90 -57.45
N LEU R 130 -25.79 64.43 -58.30
CA LEU R 130 -24.51 65.12 -58.45
C LEU R 130 -24.65 66.52 -59.03
N LYS R 131 -25.80 66.86 -59.61
CA LYS R 131 -26.05 68.21 -60.09
C LYS R 131 -26.63 69.11 -59.02
N SER R 132 -26.98 68.57 -57.86
CA SER R 132 -27.37 69.38 -56.72
C SER R 132 -26.19 69.81 -55.87
N GLY R 133 -25.02 69.19 -56.05
CA GLY R 133 -23.85 69.55 -55.29
C GLY R 133 -23.49 68.60 -54.16
N THR R 134 -24.27 67.54 -53.95
CA THR R 134 -23.96 66.56 -52.92
C THR R 134 -23.97 65.16 -53.52
N ALA R 135 -23.16 64.28 -52.94
CA ALA R 135 -23.07 62.89 -53.36
C ALA R 135 -23.41 62.00 -52.17
N SER R 136 -24.31 61.05 -52.38
CA SER R 136 -24.72 60.12 -51.33
C SER R 136 -24.38 58.72 -51.77
N VAL R 137 -23.49 58.05 -51.03
CA VAL R 137 -23.18 56.66 -51.25
C VAL R 137 -23.92 55.82 -50.20
N VAL R 138 -24.61 54.79 -50.66
CA VAL R 138 -25.44 53.97 -49.79
C VAL R 138 -24.86 52.55 -49.75
N CYS R 139 -24.80 51.98 -48.55
CA CYS R 139 -24.40 50.60 -48.36
C CYS R 139 -25.56 49.87 -47.72
N LEU R 140 -25.98 48.77 -48.33
CA LEU R 140 -27.15 48.02 -47.89
C LEU R 140 -26.71 46.67 -47.31
N LEU R 141 -27.20 46.38 -46.11
CA LEU R 141 -27.00 45.09 -45.45
C LEU R 141 -28.38 44.44 -45.34
N ASN R 142 -28.57 43.33 -46.06
CA ASN R 142 -29.90 42.76 -46.26
C ASN R 142 -30.07 41.45 -45.52
N ASN R 143 -31.10 41.39 -44.68
CA ASN R 143 -31.60 40.16 -44.05
C ASN R 143 -30.52 39.43 -43.25
N PHE R 144 -30.18 39.97 -42.09
CA PHE R 144 -29.18 39.37 -41.21
C PHE R 144 -29.75 39.27 -39.80
N TYR R 145 -29.09 38.43 -39.00
CA TYR R 145 -29.39 38.25 -37.59
C TYR R 145 -28.11 37.76 -36.92
N PRO R 146 -27.77 38.27 -35.73
CA PRO R 146 -28.49 39.26 -34.91
C PRO R 146 -28.33 40.69 -35.39
N ARG R 147 -28.87 41.63 -34.59
CA ARG R 147 -28.96 43.03 -35.02
C ARG R 147 -27.61 43.72 -35.03
N GLU R 148 -26.69 43.29 -34.16
CA GLU R 148 -25.38 43.93 -34.09
C GLU R 148 -24.64 43.82 -35.41
N ALA R 149 -24.20 44.94 -35.94
CA ALA R 149 -23.46 44.97 -37.18
C ALA R 149 -22.68 46.26 -37.26
N LYS R 150 -21.45 46.18 -37.77
CA LYS R 150 -20.57 47.32 -37.93
C LYS R 150 -20.36 47.61 -39.41
N VAL R 151 -20.60 48.85 -39.83
CA VAL R 151 -20.31 49.32 -41.18
C VAL R 151 -19.24 50.39 -41.11
N GLN R 152 -18.19 50.22 -41.91
CA GLN R 152 -17.07 51.14 -42.01
C GLN R 152 -16.90 51.59 -43.45
N TRP R 153 -16.71 52.90 -43.62
CA TRP R 153 -16.50 53.48 -44.94
C TRP R 153 -15.03 53.81 -45.15
N LYS R 154 -14.53 53.48 -46.35
CA LYS R 154 -13.16 53.78 -46.74
C LYS R 154 -13.18 54.50 -48.07
N VAL R 155 -12.69 55.73 -48.09
CA VAL R 155 -12.59 56.55 -49.30
C VAL R 155 -11.12 56.61 -49.69
N ASP R 156 -10.75 55.92 -50.76
CA ASP R 156 -9.35 55.73 -51.13
C ASP R 156 -8.58 55.06 -49.99
N ASN R 157 -9.21 54.04 -49.41
CA ASN R 157 -8.67 53.27 -48.29
C ASN R 157 -8.27 54.18 -47.12
N ALA R 158 -9.16 55.13 -46.81
CA ALA R 158 -9.05 55.98 -45.63
C ALA R 158 -10.36 55.89 -44.87
N LEU R 159 -10.29 55.46 -43.61
CA LEU R 159 -11.51 55.27 -42.82
C LEU R 159 -12.22 56.60 -42.57
N GLN R 160 -13.55 56.55 -42.58
CA GLN R 160 -14.38 57.74 -42.47
C GLN R 160 -15.10 57.78 -41.13
N SER R 161 -15.37 59.01 -40.65
CA SER R 161 -16.12 59.21 -39.42
C SER R 161 -16.88 60.53 -39.51
N GLY R 162 -18.05 60.56 -38.89
CA GLY R 162 -18.87 61.76 -38.81
C GLY R 162 -19.58 62.14 -40.08
N ASN R 163 -19.42 61.39 -41.17
CA ASN R 163 -20.05 61.72 -42.43
C ASN R 163 -21.01 60.63 -42.88
N SER R 164 -21.46 59.77 -41.96
CA SER R 164 -22.37 58.69 -42.31
C SER R 164 -23.44 58.53 -41.24
N GLN R 165 -24.61 58.03 -41.67
CA GLN R 165 -25.75 57.75 -40.81
C GLN R 165 -26.30 56.38 -41.16
N GLU R 166 -26.74 55.66 -40.13
CA GLU R 166 -27.31 54.33 -40.33
C GLU R 166 -28.79 54.32 -39.97
N SER R 167 -29.50 53.37 -40.58
CA SER R 167 -30.90 53.12 -40.27
C SER R 167 -31.14 51.62 -40.34
N VAL R 168 -31.90 51.10 -39.39
CA VAL R 168 -32.15 49.67 -39.28
C VAL R 168 -33.65 49.44 -39.32
N THR R 169 -34.09 48.50 -40.15
CA THR R 169 -35.49 48.14 -40.11
C THR R 169 -35.80 47.43 -38.80
N GLU R 170 -37.08 47.33 -38.50
CA GLU R 170 -37.44 46.48 -37.38
C GLU R 170 -37.50 45.03 -37.85
N GLN R 171 -37.62 44.11 -36.90
CA GLN R 171 -37.52 42.69 -37.24
C GLN R 171 -38.61 42.30 -38.22
N ASP R 172 -38.21 41.59 -39.28
CA ASP R 172 -39.16 41.13 -40.28
C ASP R 172 -40.13 40.13 -39.66
N SER R 173 -41.42 40.30 -39.92
CA SER R 173 -42.42 39.44 -39.30
C SER R 173 -42.44 38.03 -39.89
N LYS R 174 -41.64 37.72 -40.91
CA LYS R 174 -41.65 36.40 -41.52
C LYS R 174 -40.36 35.62 -41.27
N ASP R 175 -39.20 36.21 -41.56
CA ASP R 175 -37.93 35.52 -41.33
C ASP R 175 -37.17 36.04 -40.12
N SER R 176 -37.69 37.04 -39.42
CA SER R 176 -37.12 37.54 -38.16
C SER R 176 -35.73 38.14 -38.34
N THR R 177 -35.41 38.63 -39.53
CA THR R 177 -34.10 39.23 -39.78
C THR R 177 -34.20 40.75 -39.76
N TYR R 178 -33.03 41.38 -39.83
CA TYR R 178 -32.92 42.83 -39.90
C TYR R 178 -32.31 43.24 -41.23
N SER R 179 -32.53 44.50 -41.60
CA SER R 179 -31.84 45.12 -42.71
C SER R 179 -31.32 46.47 -42.25
N LEU R 180 -30.17 46.85 -42.79
CA LEU R 180 -29.47 48.07 -42.39
C LEU R 180 -29.00 48.81 -43.62
N SER R 181 -29.08 50.13 -43.57
CA SER R 181 -28.53 51.00 -44.62
C SER R 181 -27.64 52.05 -43.98
N SER R 182 -26.45 52.25 -44.54
CA SER R 182 -25.55 53.32 -44.12
C SER R 182 -25.33 54.26 -45.29
N THR R 183 -25.54 55.56 -45.07
CA THR R 183 -25.45 56.56 -46.13
C THR R 183 -24.28 57.49 -45.84
N LEU R 184 -23.27 57.47 -46.71
CA LEU R 184 -22.14 58.38 -46.66
C LEU R 184 -22.43 59.55 -47.60
N THR R 185 -22.50 60.76 -47.04
CA THR R 185 -22.86 61.95 -47.81
C THR R 185 -21.68 62.90 -47.91
N LEU R 186 -21.29 63.22 -49.13
CA LEU R 186 -20.25 64.21 -49.39
C LEU R 186 -20.77 65.22 -50.38
N SER R 187 -20.08 66.35 -50.44
CA SER R 187 -20.33 67.30 -51.52
C SER R 187 -19.71 66.78 -52.81
N LYS R 188 -20.22 67.27 -53.94
CA LYS R 188 -19.66 66.84 -55.23
C LYS R 188 -18.18 67.17 -55.31
N ALA R 189 -17.79 68.33 -54.77
CA ALA R 189 -16.39 68.74 -54.84
C ALA R 189 -15.47 67.68 -54.24
N ASP R 190 -15.93 67.05 -53.15
CA ASP R 190 -15.11 66.03 -52.50
C ASP R 190 -15.31 64.65 -53.11
N TYR R 191 -16.50 64.37 -53.67
CA TYR R 191 -16.72 63.07 -54.30
C TYR R 191 -15.83 62.89 -55.52
N GLU R 192 -15.46 63.98 -56.18
CA GLU R 192 -14.69 63.92 -57.41
C GLU R 192 -13.19 63.96 -57.15
N LYS R 193 -12.77 64.15 -55.89
CA LYS R 193 -11.36 64.11 -55.54
C LYS R 193 -10.83 62.70 -55.39
N HIS R 194 -11.70 61.72 -55.19
CA HIS R 194 -11.28 60.35 -54.89
C HIS R 194 -11.89 59.38 -55.90
N LYS R 195 -11.28 58.20 -56.00
CA LYS R 195 -11.66 57.21 -56.99
C LYS R 195 -12.36 56.00 -56.39
N VAL R 196 -11.83 55.44 -55.31
CA VAL R 196 -12.32 54.20 -54.73
C VAL R 196 -13.20 54.53 -53.53
N TYR R 197 -14.43 54.01 -53.53
CA TYR R 197 -15.34 54.13 -52.40
C TYR R 197 -15.72 52.72 -51.96
N ALA R 198 -15.35 52.37 -50.72
CA ALA R 198 -15.51 51.02 -50.21
C ALA R 198 -16.42 51.01 -49.00
N CYS R 199 -17.22 49.96 -48.89
CA CYS R 199 -18.07 49.68 -47.74
C CYS R 199 -17.65 48.36 -47.13
N GLU R 200 -17.30 48.37 -45.85
CA GLU R 200 -16.80 47.19 -45.16
C GLU R 200 -17.72 46.85 -43.99
N VAL R 201 -18.21 45.61 -43.94
CA VAL R 201 -19.14 45.20 -42.89
C VAL R 201 -18.55 44.00 -42.16
N THR R 202 -18.70 44.01 -40.83
CA THR R 202 -18.34 42.89 -39.99
C THR R 202 -19.59 42.45 -39.25
N HIS R 203 -19.84 41.15 -39.25
CA HIS R 203 -21.03 40.61 -38.62
C HIS R 203 -20.73 39.19 -38.15
N GLN R 204 -21.51 38.75 -37.15
CA GLN R 204 -21.27 37.44 -36.55
C GLN R 204 -21.36 36.32 -37.59
N GLY R 205 -22.20 36.47 -38.60
CA GLY R 205 -22.39 35.43 -39.60
C GLY R 205 -21.34 35.38 -40.68
N LEU R 206 -20.36 36.28 -40.66
CA LEU R 206 -19.29 36.31 -41.65
C LEU R 206 -18.01 35.81 -41.03
N SER R 207 -17.33 34.88 -41.70
CA SER R 207 -16.06 34.36 -41.19
C SER R 207 -15.00 35.46 -41.10
N SER R 208 -15.10 36.47 -41.96
CA SER R 208 -14.17 37.60 -41.97
C SER R 208 -14.85 38.76 -42.67
N PRO R 209 -14.41 39.99 -42.43
CA PRO R 209 -15.13 41.16 -42.95
C PRO R 209 -15.34 41.11 -44.46
N VAL R 210 -16.53 41.54 -44.88
CA VAL R 210 -16.90 41.62 -46.29
C VAL R 210 -16.82 43.07 -46.74
N THR R 211 -16.19 43.31 -47.89
CA THR R 211 -16.01 44.66 -48.42
C THR R 211 -16.60 44.70 -49.83
N LYS R 212 -17.53 45.63 -50.06
CA LYS R 212 -18.01 45.97 -51.38
C LYS R 212 -17.55 47.38 -51.73
N SER R 213 -17.13 47.58 -52.97
CA SER R 213 -16.58 48.86 -53.38
C SER R 213 -16.82 49.10 -54.86
N PHE R 214 -16.62 50.34 -55.28
CA PHE R 214 -16.69 50.72 -56.67
C PHE R 214 -15.67 51.82 -56.92
N ASN R 215 -15.41 52.09 -58.19
CA ASN R 215 -14.54 53.19 -58.60
C ASN R 215 -15.38 54.23 -59.34
N ARG R 216 -15.19 55.49 -58.97
CA ARG R 216 -15.96 56.57 -59.57
C ARG R 216 -15.74 56.60 -61.08
N GLY R 217 -16.84 56.56 -61.83
CA GLY R 217 -16.77 56.53 -63.27
C GLY R 217 -16.94 55.13 -63.84
N GLU R 218 -16.02 54.24 -63.49
CA GLU R 218 -16.03 52.87 -63.98
C GLU R 218 -17.30 52.14 -63.55
#